data_2DMG
#
_entry.id   2DMG
#
_entity_poly.entity_id   1
_entity_poly.type   'polypeptide(L)'
_entity_poly.pdbx_seq_one_letter_code
;GSSGSSGSPLGQIQLTIRHSSQRNKLIVVVHACRNLIAFSEDGSDPYVRMYLLPDKRRSGRRKTHVSKKTLNPVFDQSFD
FSVSLPEVQRRTLDVAVKNSGGFLSKDKGLLGKVLVALASEELAKGWTQWYDLTEDSGPSSG
;
_entity_poly.pdbx_strand_id   A
#
# COMPACT_ATOMS: atom_id res chain seq x y z
N GLY A 1 -17.00 10.86 -18.98
CA GLY A 1 -17.10 10.83 -17.53
C GLY A 1 -18.53 10.83 -17.05
N SER A 2 -18.78 10.16 -15.93
CA SER A 2 -20.12 10.08 -15.36
C SER A 2 -20.12 10.48 -13.89
N SER A 3 -21.14 11.23 -13.50
CA SER A 3 -21.25 11.69 -12.11
C SER A 3 -21.57 10.53 -11.18
N GLY A 4 -20.73 10.34 -10.17
CA GLY A 4 -20.94 9.25 -9.23
C GLY A 4 -20.49 9.62 -7.83
N SER A 5 -19.80 8.68 -7.16
CA SER A 5 -19.31 8.91 -5.81
C SER A 5 -18.56 10.25 -5.71
N SER A 6 -18.55 10.82 -4.51
CA SER A 6 -17.88 12.10 -4.29
C SER A 6 -16.85 11.97 -3.17
N GLY A 7 -15.58 11.81 -3.55
CA GLY A 7 -14.52 11.68 -2.57
C GLY A 7 -13.85 10.32 -2.62
N SER A 8 -13.32 9.89 -1.48
CA SER A 8 -12.64 8.60 -1.38
C SER A 8 -13.34 7.70 -0.37
N PRO A 9 -14.41 7.02 -0.82
CA PRO A 9 -15.18 6.10 0.03
C PRO A 9 -14.40 4.85 0.38
N LEU A 10 -13.53 4.42 -0.54
CA LEU A 10 -12.73 3.22 -0.32
C LEU A 10 -11.81 3.40 0.88
N GLY A 11 -11.12 4.54 0.93
CA GLY A 11 -10.21 4.81 2.03
C GLY A 11 -8.88 5.37 1.55
N GLN A 12 -8.02 5.70 2.51
CA GLN A 12 -6.71 6.26 2.18
C GLN A 12 -5.61 5.60 3.00
N ILE A 13 -4.38 6.08 2.84
CA ILE A 13 -3.26 5.53 3.58
C ILE A 13 -2.02 6.41 3.42
N GLN A 14 -1.25 6.55 4.50
CA GLN A 14 -0.05 7.36 4.49
C GLN A 14 1.20 6.49 4.58
N LEU A 15 2.05 6.59 3.56
CA LEU A 15 3.29 5.80 3.52
C LEU A 15 4.48 6.69 3.17
N THR A 16 5.48 6.70 4.05
CA THR A 16 6.68 7.49 3.83
C THR A 16 7.72 6.72 3.02
N ILE A 17 7.86 7.08 1.75
CA ILE A 17 8.82 6.41 0.88
C ILE A 17 10.12 7.22 0.77
N ARG A 18 11.24 6.55 1.05
CA ARG A 18 12.55 7.21 0.99
C ARG A 18 13.64 6.20 0.65
N HIS A 19 14.18 6.31 -0.56
CA HIS A 19 15.23 5.41 -1.01
C HIS A 19 16.59 6.09 -0.96
N SER A 20 17.48 5.57 -0.13
CA SER A 20 18.83 6.13 0.02
C SER A 20 19.76 5.60 -1.06
N SER A 21 20.54 6.51 -1.64
CA SER A 21 21.48 6.14 -2.70
C SER A 21 22.73 5.50 -2.12
N GLN A 22 23.13 5.97 -0.93
CA GLN A 22 24.32 5.45 -0.26
C GLN A 22 24.09 4.00 0.17
N ARG A 23 22.97 3.76 0.83
CA ARG A 23 22.64 2.41 1.31
C ARG A 23 21.94 1.61 0.22
N ASN A 24 21.54 2.28 -0.85
CA ASN A 24 20.85 1.63 -1.95
C ASN A 24 19.73 0.74 -1.45
N LYS A 25 18.89 1.28 -0.56
CA LYS A 25 17.78 0.53 0.01
C LYS A 25 16.48 1.33 -0.10
N LEU A 26 15.36 0.62 -0.06
CA LEU A 26 14.05 1.26 -0.15
C LEU A 26 13.30 1.15 1.18
N ILE A 27 13.20 2.26 1.89
CA ILE A 27 12.50 2.29 3.18
C ILE A 27 11.07 2.75 3.00
N VAL A 28 10.14 1.99 3.58
CA VAL A 28 8.72 2.32 3.48
C VAL A 28 8.03 2.14 4.84
N VAL A 29 7.55 3.24 5.41
CA VAL A 29 6.88 3.21 6.70
C VAL A 29 5.37 3.25 6.53
N VAL A 30 4.67 2.41 7.28
CA VAL A 30 3.21 2.35 7.21
C VAL A 30 2.58 2.92 8.46
N HIS A 31 2.47 4.24 8.50
CA HIS A 31 1.87 4.93 9.65
C HIS A 31 0.57 4.25 10.07
N ALA A 32 -0.49 4.47 9.29
CA ALA A 32 -1.79 3.88 9.57
C ALA A 32 -2.78 4.18 8.46
N CYS A 33 -3.94 3.52 8.52
CA CYS A 33 -4.98 3.72 7.52
C CYS A 33 -6.27 4.22 8.16
N ARG A 34 -7.09 4.91 7.37
CA ARG A 34 -8.35 5.45 7.87
C ARG A 34 -9.43 5.37 6.79
N ASN A 35 -10.68 5.53 7.20
CA ASN A 35 -11.81 5.48 6.28
C ASN A 35 -11.81 4.16 5.50
N LEU A 36 -11.59 3.06 6.20
CA LEU A 36 -11.56 1.74 5.58
C LEU A 36 -12.90 1.03 5.76
N ILE A 37 -13.78 1.16 4.78
CA ILE A 37 -15.09 0.53 4.84
C ILE A 37 -14.97 -0.96 5.15
N ALA A 38 -15.89 -1.46 5.97
CA ALA A 38 -15.89 -2.87 6.35
C ALA A 38 -16.99 -3.63 5.62
N PHE A 39 -16.62 -4.75 4.99
CA PHE A 39 -17.57 -5.57 4.27
C PHE A 39 -18.75 -5.96 5.15
N SER A 40 -18.56 -5.85 6.47
CA SER A 40 -19.60 -6.20 7.42
C SER A 40 -19.40 -5.44 8.74
N GLU A 41 -20.42 -4.69 9.14
CA GLU A 41 -20.36 -3.91 10.37
C GLU A 41 -19.80 -4.76 11.52
N ASP A 42 -20.20 -6.03 11.55
CA ASP A 42 -19.75 -6.94 12.59
C ASP A 42 -18.28 -6.70 12.93
N GLY A 43 -17.45 -6.60 11.89
CA GLY A 43 -16.03 -6.37 12.10
C GLY A 43 -15.19 -6.89 10.95
N SER A 44 -14.26 -6.07 10.48
CA SER A 44 -13.39 -6.44 9.37
C SER A 44 -11.93 -6.48 9.82
N ASP A 45 -11.10 -7.20 9.07
CA ASP A 45 -9.68 -7.30 9.38
C ASP A 45 -8.83 -6.69 8.27
N PRO A 46 -8.69 -5.36 8.30
CA PRO A 46 -7.90 -4.62 7.30
C PRO A 46 -6.40 -4.89 7.44
N TYR A 47 -5.70 -4.87 6.32
CA TYR A 47 -4.26 -5.11 6.31
C TYR A 47 -3.63 -4.55 5.04
N VAL A 48 -2.41 -4.03 5.18
CA VAL A 48 -1.68 -3.46 4.05
C VAL A 48 -0.76 -4.48 3.41
N ARG A 49 -0.70 -4.46 2.08
CA ARG A 49 0.14 -5.40 1.35
C ARG A 49 1.15 -4.65 0.47
N MET A 50 2.43 -4.95 0.65
CA MET A 50 3.49 -4.31 -0.12
C MET A 50 4.16 -5.31 -1.05
N TYR A 51 4.20 -4.98 -2.34
CA TYR A 51 4.81 -5.85 -3.34
C TYR A 51 5.71 -5.05 -4.28
N LEU A 52 6.91 -5.56 -4.51
CA LEU A 52 7.87 -4.89 -5.39
C LEU A 52 7.69 -5.35 -6.83
N LEU A 53 6.87 -4.62 -7.58
CA LEU A 53 6.61 -4.93 -8.98
C LEU A 53 7.84 -4.68 -9.84
N PRO A 54 7.93 -5.39 -10.97
CA PRO A 54 6.91 -6.36 -11.39
C PRO A 54 6.91 -7.59 -10.49
N ASP A 55 8.10 -8.06 -10.13
CA ASP A 55 8.23 -9.24 -9.28
C ASP A 55 7.11 -9.28 -8.23
N LYS A 56 6.32 -10.35 -8.27
CA LYS A 56 5.22 -10.52 -7.33
C LYS A 56 5.36 -11.82 -6.55
N ARG A 57 6.54 -12.42 -6.63
CA ARG A 57 6.82 -13.67 -5.92
C ARG A 57 6.09 -13.70 -4.57
N ARG A 58 5.49 -14.84 -4.26
CA ARG A 58 4.76 -15.00 -3.01
C ARG A 58 5.72 -15.41 -1.88
N SER A 59 6.99 -15.04 -2.02
CA SER A 59 8.00 -15.37 -1.02
C SER A 59 8.42 -14.14 -0.23
N GLY A 60 8.70 -13.06 -0.96
CA GLY A 60 9.12 -11.83 -0.32
C GLY A 60 7.95 -10.98 0.12
N ARG A 61 6.77 -11.59 0.17
CA ARG A 61 5.56 -10.88 0.58
C ARG A 61 5.77 -10.17 1.92
N ARG A 62 5.68 -8.85 1.90
CA ARG A 62 5.86 -8.05 3.11
C ARG A 62 4.59 -7.27 3.45
N LYS A 63 3.94 -7.67 4.53
CA LYS A 63 2.71 -7.01 4.96
C LYS A 63 2.76 -6.71 6.46
N THR A 64 1.84 -5.86 6.91
CA THR A 64 1.77 -5.49 8.32
C THR A 64 0.75 -6.33 9.07
N HIS A 65 0.74 -6.22 10.40
CA HIS A 65 -0.18 -6.97 11.22
C HIS A 65 -1.62 -6.76 10.75
N VAL A 66 -2.50 -7.72 11.06
CA VAL A 66 -3.89 -7.64 10.68
C VAL A 66 -4.78 -7.32 11.88
N SER A 67 -5.21 -6.07 11.97
CA SER A 67 -6.06 -5.63 13.08
C SER A 67 -7.47 -6.22 12.94
N LYS A 68 -8.06 -6.56 14.08
CA LYS A 68 -9.40 -7.14 14.10
C LYS A 68 -10.37 -6.24 14.85
N LYS A 69 -11.61 -6.18 14.39
CA LYS A 69 -12.64 -5.37 15.03
C LYS A 69 -12.22 -3.89 15.04
N THR A 70 -11.81 -3.39 13.88
CA THR A 70 -11.39 -2.00 13.75
C THR A 70 -11.32 -1.57 12.29
N LEU A 71 -11.62 -0.31 12.03
CA LEU A 71 -11.59 0.22 10.67
C LEU A 71 -10.34 1.05 10.44
N ASN A 72 -9.82 1.65 11.51
CA ASN A 72 -8.62 2.47 11.42
C ASN A 72 -7.44 1.78 12.10
N PRO A 73 -6.82 0.85 11.38
CA PRO A 73 -5.66 0.09 11.89
C PRO A 73 -4.42 0.96 12.03
N VAL A 74 -3.54 0.60 12.96
CA VAL A 74 -2.31 1.34 13.19
C VAL A 74 -1.12 0.39 13.38
N PHE A 75 -0.12 0.54 12.52
CA PHE A 75 1.07 -0.30 12.59
C PHE A 75 2.31 0.54 12.85
N ASP A 76 2.36 1.72 12.22
CA ASP A 76 3.49 2.62 12.38
C ASP A 76 4.82 1.86 12.25
N GLN A 77 4.82 0.81 11.43
CA GLN A 77 6.01 0.00 11.23
C GLN A 77 6.84 0.53 10.05
N SER A 78 8.07 0.06 9.95
CA SER A 78 8.96 0.50 8.87
C SER A 78 9.62 -0.71 8.20
N PHE A 79 9.50 -0.79 6.88
CA PHE A 79 10.07 -1.88 6.12
C PHE A 79 11.26 -1.40 5.28
N ASP A 80 12.01 -2.35 4.74
CA ASP A 80 13.18 -2.02 3.92
C ASP A 80 13.42 -3.10 2.87
N PHE A 81 13.98 -2.70 1.73
CA PHE A 81 14.26 -3.63 0.64
C PHE A 81 15.55 -3.24 -0.08
N SER A 82 16.51 -4.16 -0.12
CA SER A 82 17.78 -3.91 -0.78
C SER A 82 17.60 -3.84 -2.29
N VAL A 83 17.37 -2.64 -2.80
CA VAL A 83 17.18 -2.43 -4.23
C VAL A 83 17.80 -1.12 -4.69
N SER A 84 18.52 -1.16 -5.80
CA SER A 84 19.18 0.03 -6.34
C SER A 84 18.15 0.97 -6.97
N LEU A 85 18.42 2.26 -6.90
CA LEU A 85 17.53 3.27 -7.48
C LEU A 85 17.25 2.98 -8.94
N PRO A 86 18.31 2.62 -9.69
CA PRO A 86 18.19 2.31 -11.11
C PRO A 86 17.06 1.34 -11.42
N GLU A 87 16.81 0.41 -10.49
CA GLU A 87 15.75 -0.58 -10.66
C GLU A 87 14.44 -0.05 -10.09
N VAL A 88 14.42 0.19 -8.78
CA VAL A 88 13.24 0.68 -8.11
C VAL A 88 12.57 1.80 -8.92
N GLN A 89 13.36 2.48 -9.74
CA GLN A 89 12.85 3.56 -10.57
C GLN A 89 11.80 3.04 -11.56
N ARG A 90 12.20 2.08 -12.38
CA ARG A 90 11.29 1.50 -13.37
C ARG A 90 10.30 0.54 -12.71
N ARG A 91 10.46 0.35 -11.40
CA ARG A 91 9.57 -0.53 -10.65
C ARG A 91 8.47 0.25 -9.96
N THR A 92 7.52 -0.47 -9.35
CA THR A 92 6.41 0.16 -8.66
C THR A 92 6.11 -0.56 -7.35
N LEU A 93 5.55 0.18 -6.40
CA LEU A 93 5.21 -0.39 -5.09
C LEU A 93 3.71 -0.63 -4.99
N ASP A 94 3.30 -1.88 -5.24
CA ASP A 94 1.89 -2.24 -5.16
C ASP A 94 1.40 -2.24 -3.72
N VAL A 95 0.63 -1.21 -3.36
CA VAL A 95 0.11 -1.08 -2.01
C VAL A 95 -1.41 -1.21 -2.01
N ALA A 96 -1.91 -2.38 -1.62
CA ALA A 96 -3.34 -2.62 -1.56
C ALA A 96 -3.79 -2.96 -0.14
N VAL A 97 -4.87 -2.32 0.29
CA VAL A 97 -5.40 -2.56 1.63
C VAL A 97 -6.71 -3.34 1.58
N LYS A 98 -6.62 -4.64 1.80
CA LYS A 98 -7.80 -5.50 1.78
C LYS A 98 -8.09 -6.06 3.17
N ASN A 99 -9.18 -6.80 3.28
CA ASN A 99 -9.58 -7.40 4.56
C ASN A 99 -9.39 -8.91 4.53
N SER A 100 -8.68 -9.42 5.54
CA SER A 100 -8.43 -10.86 5.63
C SER A 100 -9.64 -11.59 6.21
N GLY A 101 -10.82 -11.29 5.68
CA GLY A 101 -12.04 -11.92 6.14
C GLY A 101 -12.38 -13.16 5.35
N GLY A 102 -11.52 -14.17 5.43
CA GLY A 102 -11.76 -15.40 4.70
C GLY A 102 -12.67 -16.35 5.46
N PHE A 103 -13.69 -15.80 6.11
CA PHE A 103 -14.63 -16.60 6.87
C PHE A 103 -16.02 -16.57 6.24
N LEU A 104 -16.39 -17.67 5.59
CA LEU A 104 -17.70 -17.76 4.94
C LEU A 104 -17.83 -16.70 3.84
N SER A 105 -16.77 -16.52 3.07
CA SER A 105 -16.78 -15.55 1.98
C SER A 105 -16.22 -16.15 0.70
N LYS A 106 -15.03 -16.74 0.80
CA LYS A 106 -14.39 -17.36 -0.35
C LYS A 106 -13.91 -16.31 -1.35
N ASP A 107 -13.42 -15.18 -0.82
CA ASP A 107 -12.93 -14.09 -1.66
C ASP A 107 -12.05 -13.15 -0.85
N LYS A 108 -11.19 -12.41 -1.56
CA LYS A 108 -10.29 -11.46 -0.91
C LYS A 108 -11.00 -10.15 -0.62
N GLY A 109 -12.05 -9.87 -1.37
CA GLY A 109 -12.80 -8.64 -1.17
C GLY A 109 -11.91 -7.41 -1.14
N LEU A 110 -11.53 -6.92 -2.31
CA LEU A 110 -10.67 -5.75 -2.39
C LEU A 110 -11.42 -4.49 -1.95
N LEU A 111 -10.93 -3.88 -0.87
CA LEU A 111 -11.55 -2.67 -0.33
C LEU A 111 -10.97 -1.43 -1.01
N GLY A 112 -9.65 -1.41 -1.17
CA GLY A 112 -8.99 -0.27 -1.80
C GLY A 112 -7.52 -0.52 -2.06
N LYS A 113 -7.01 0.06 -3.15
CA LYS A 113 -5.61 -0.11 -3.50
C LYS A 113 -5.10 1.09 -4.29
N VAL A 114 -3.83 1.42 -4.12
CA VAL A 114 -3.22 2.54 -4.81
C VAL A 114 -1.79 2.23 -5.23
N LEU A 115 -1.40 2.70 -6.42
CA LEU A 115 -0.06 2.46 -6.93
C LEU A 115 0.79 3.73 -6.81
N VAL A 116 2.08 3.55 -6.54
CA VAL A 116 3.00 4.67 -6.41
C VAL A 116 4.21 4.50 -7.32
N ALA A 117 4.56 5.56 -8.04
CA ALA A 117 5.71 5.54 -8.94
C ALA A 117 6.99 5.93 -8.22
N LEU A 118 7.90 4.98 -8.08
CA LEU A 118 9.17 5.23 -7.40
C LEU A 118 10.21 5.75 -8.39
N ALA A 119 9.74 6.33 -9.49
CA ALA A 119 10.64 6.87 -10.51
C ALA A 119 10.99 8.33 -10.21
N SER A 120 10.96 8.69 -8.94
CA SER A 120 11.26 10.05 -8.53
C SER A 120 12.72 10.17 -8.08
N GLU A 121 13.27 11.38 -8.17
CA GLU A 121 14.65 11.62 -7.78
C GLU A 121 14.73 12.11 -6.34
N GLU A 122 13.63 12.69 -5.85
CA GLU A 122 13.58 13.20 -4.49
C GLU A 122 13.25 12.09 -3.50
N LEU A 123 13.78 10.89 -3.75
CA LEU A 123 13.54 9.75 -2.89
C LEU A 123 14.52 9.73 -1.72
N ALA A 124 15.76 10.14 -1.99
CA ALA A 124 16.79 10.17 -0.96
C ALA A 124 16.30 10.90 0.28
N LYS A 125 15.63 12.03 0.07
CA LYS A 125 15.10 12.82 1.17
C LYS A 125 13.86 12.17 1.78
N GLY A 126 12.93 11.79 0.90
CA GLY A 126 11.71 11.16 1.37
C GLY A 126 10.56 12.13 1.52
N TRP A 127 9.34 11.64 1.35
CA TRP A 127 8.16 12.49 1.46
C TRP A 127 7.02 11.74 2.16
N THR A 128 6.02 12.49 2.62
CA THR A 128 4.87 11.90 3.29
C THR A 128 3.57 12.45 2.75
N GLN A 129 2.66 11.57 2.35
CA GLN A 129 1.37 11.98 1.81
C GLN A 129 0.35 10.84 1.92
N TRP A 130 -0.92 11.19 1.81
CA TRP A 130 -1.99 10.21 1.89
C TRP A 130 -2.41 9.74 0.50
N TYR A 131 -2.11 8.49 0.17
CA TYR A 131 -2.45 7.94 -1.13
C TYR A 131 -3.90 7.46 -1.15
N ASP A 132 -4.77 8.27 -1.75
CA ASP A 132 -6.18 7.93 -1.84
C ASP A 132 -6.39 6.63 -2.61
N LEU A 133 -6.84 5.60 -1.89
CA LEU A 133 -7.07 4.30 -2.51
C LEU A 133 -8.14 4.38 -3.59
N THR A 134 -7.99 3.58 -4.63
CA THR A 134 -8.93 3.56 -5.74
C THR A 134 -9.28 2.14 -6.15
N GLU A 135 -10.25 2.00 -7.05
CA GLU A 135 -10.67 0.69 -7.53
C GLU A 135 -9.58 0.04 -8.37
N ASP A 136 -9.73 -1.25 -8.64
CA ASP A 136 -8.76 -1.99 -9.43
C ASP A 136 -8.57 -1.36 -10.80
N SER A 137 -9.68 -0.99 -11.44
CA SER A 137 -9.65 -0.37 -12.75
C SER A 137 -8.50 0.64 -12.85
N GLY A 138 -7.40 0.20 -13.47
CA GLY A 138 -6.24 1.08 -13.62
C GLY A 138 -5.12 0.42 -14.39
N PRO A 139 -4.24 1.24 -14.98
CA PRO A 139 -3.10 0.76 -15.76
C PRO A 139 -2.04 0.10 -14.89
N SER A 140 -1.53 -1.04 -15.33
CA SER A 140 -0.51 -1.78 -14.59
C SER A 140 0.84 -1.68 -15.29
N SER A 141 1.50 -0.54 -15.12
CA SER A 141 2.80 -0.32 -15.75
C SER A 141 3.92 -0.88 -14.86
N GLY A 142 3.99 -2.21 -14.79
CA GLY A 142 5.02 -2.85 -13.99
C GLY A 142 6.31 -3.06 -14.75
N GLY A 1 -14.89 28.84 -6.30
CA GLY A 1 -16.05 29.42 -5.65
C GLY A 1 -16.80 28.41 -4.82
N SER A 2 -17.69 27.66 -5.45
CA SER A 2 -18.49 26.66 -4.75
C SER A 2 -17.61 25.78 -3.86
N SER A 3 -18.24 24.92 -3.06
CA SER A 3 -17.51 24.03 -2.17
C SER A 3 -17.36 22.65 -2.79
N GLY A 4 -16.12 22.17 -2.84
CA GLY A 4 -15.86 20.86 -3.42
C GLY A 4 -15.36 19.87 -2.39
N SER A 5 -16.28 19.25 -1.65
CA SER A 5 -15.92 18.29 -0.63
C SER A 5 -15.38 17.00 -1.26
N SER A 6 -14.07 16.97 -1.50
CA SER A 6 -13.43 15.81 -2.10
C SER A 6 -12.99 14.82 -1.02
N GLY A 7 -13.40 13.56 -1.18
CA GLY A 7 -13.04 12.53 -0.22
C GLY A 7 -12.68 11.22 -0.88
N SER A 8 -12.70 10.15 -0.10
CA SER A 8 -12.36 8.83 -0.62
C SER A 8 -13.42 7.80 -0.24
N PRO A 9 -14.07 7.22 -1.25
CA PRO A 9 -15.12 6.21 -1.05
C PRO A 9 -14.57 4.90 -0.51
N LEU A 10 -13.32 4.60 -0.89
CA LEU A 10 -12.68 3.36 -0.44
C LEU A 10 -11.85 3.60 0.81
N GLY A 11 -11.17 4.74 0.86
CA GLY A 11 -10.35 5.08 2.01
C GLY A 11 -9.05 5.74 1.62
N GLN A 12 -8.13 5.85 2.58
CA GLN A 12 -6.84 6.48 2.33
C GLN A 12 -5.73 5.76 3.10
N ILE A 13 -4.49 6.13 2.81
CA ILE A 13 -3.34 5.54 3.49
C ILE A 13 -2.12 6.44 3.41
N GLN A 14 -1.34 6.48 4.48
CA GLN A 14 -0.15 7.31 4.53
C GLN A 14 1.12 6.45 4.56
N LEU A 15 1.93 6.58 3.52
CA LEU A 15 3.17 5.81 3.43
C LEU A 15 4.35 6.73 3.12
N THR A 16 5.39 6.63 3.95
CA THR A 16 6.59 7.44 3.76
C THR A 16 7.62 6.72 2.91
N ILE A 17 7.75 7.14 1.65
CA ILE A 17 8.70 6.53 0.73
C ILE A 17 9.99 7.35 0.66
N ARG A 18 11.11 6.69 0.94
CA ARG A 18 12.40 7.35 0.90
C ARG A 18 13.51 6.36 0.54
N HIS A 19 14.02 6.47 -0.68
CA HIS A 19 15.08 5.59 -1.16
C HIS A 19 16.44 6.27 -1.06
N SER A 20 17.37 5.64 -0.36
CA SER A 20 18.70 6.19 -0.18
C SER A 20 19.65 5.65 -1.25
N SER A 21 20.46 6.54 -1.82
CA SER A 21 21.41 6.16 -2.85
C SER A 21 22.60 5.41 -2.25
N GLN A 22 23.24 6.02 -1.27
CA GLN A 22 24.39 5.42 -0.60
C GLN A 22 24.04 4.05 -0.03
N ARG A 23 22.87 3.98 0.60
CA ARG A 23 22.41 2.73 1.20
C ARG A 23 21.69 1.86 0.17
N ASN A 24 21.27 2.48 -0.94
CA ASN A 24 20.58 1.76 -1.99
C ASN A 24 19.50 0.86 -1.42
N LYS A 25 18.78 1.35 -0.41
CA LYS A 25 17.71 0.58 0.22
C LYS A 25 16.40 1.36 0.17
N LEU A 26 15.30 0.63 -0.04
CA LEU A 26 13.99 1.24 -0.11
C LEU A 26 13.24 1.08 1.22
N ILE A 27 13.01 2.20 1.90
CA ILE A 27 12.32 2.18 3.18
C ILE A 27 10.88 2.66 3.02
N VAL A 28 9.94 1.89 3.55
CA VAL A 28 8.53 2.23 3.48
C VAL A 28 7.84 2.04 4.82
N VAL A 29 7.42 3.14 5.44
CA VAL A 29 6.75 3.10 6.72
C VAL A 29 5.23 3.14 6.56
N VAL A 30 4.53 2.36 7.38
CA VAL A 30 3.07 2.31 7.32
C VAL A 30 2.46 2.85 8.60
N HIS A 31 2.44 4.18 8.73
CA HIS A 31 1.87 4.82 9.91
C HIS A 31 0.56 4.17 10.31
N ALA A 32 -0.49 4.43 9.52
CA ALA A 32 -1.81 3.88 9.79
C ALA A 32 -2.79 4.22 8.67
N CYS A 33 -3.91 3.49 8.62
CA CYS A 33 -4.92 3.72 7.60
C CYS A 33 -6.21 4.23 8.23
N ARG A 34 -7.00 4.95 7.45
CA ARG A 34 -8.28 5.49 7.93
C ARG A 34 -9.35 5.42 6.85
N ASN A 35 -10.60 5.61 7.25
CA ASN A 35 -11.71 5.56 6.30
C ASN A 35 -11.72 4.25 5.54
N LEU A 36 -11.48 3.15 6.25
CA LEU A 36 -11.47 1.82 5.64
C LEU A 36 -12.80 1.11 5.84
N ILE A 37 -13.74 1.35 4.93
CA ILE A 37 -15.05 0.72 5.00
C ILE A 37 -14.94 -0.77 5.31
N ALA A 38 -15.97 -1.30 5.97
CA ALA A 38 -15.97 -2.72 6.33
C ALA A 38 -17.12 -3.44 5.62
N PHE A 39 -16.79 -4.54 4.94
CA PHE A 39 -17.78 -5.32 4.22
C PHE A 39 -18.99 -5.61 5.10
N SER A 40 -18.77 -5.59 6.42
CA SER A 40 -19.85 -5.85 7.37
C SER A 40 -19.67 -5.02 8.63
N GLU A 41 -20.65 -4.16 8.91
CA GLU A 41 -20.59 -3.30 10.09
C GLU A 41 -20.03 -4.05 11.28
N ASP A 42 -20.49 -5.27 11.49
CA ASP A 42 -20.01 -6.09 12.60
C ASP A 42 -18.54 -5.85 12.86
N GLY A 43 -17.73 -5.93 11.81
CA GLY A 43 -16.30 -5.72 11.95
C GLY A 43 -15.50 -6.34 10.81
N SER A 44 -14.38 -5.72 10.47
CA SER A 44 -13.54 -6.20 9.38
C SER A 44 -12.07 -6.25 9.83
N ASP A 45 -11.30 -7.11 9.17
CA ASP A 45 -9.88 -7.26 9.48
C ASP A 45 -9.02 -6.67 8.38
N PRO A 46 -8.85 -5.34 8.40
CA PRO A 46 -8.04 -4.63 7.41
C PRO A 46 -6.55 -4.92 7.56
N TYR A 47 -5.84 -4.97 6.43
CA TYR A 47 -4.41 -5.25 6.43
C TYR A 47 -3.76 -4.74 5.15
N VAL A 48 -2.63 -4.05 5.30
CA VAL A 48 -1.90 -3.52 4.16
C VAL A 48 -0.97 -4.55 3.56
N ARG A 49 -0.84 -4.55 2.24
CA ARG A 49 0.03 -5.49 1.54
C ARG A 49 1.01 -4.76 0.65
N MET A 50 2.29 -5.13 0.74
CA MET A 50 3.33 -4.51 -0.06
C MET A 50 3.97 -5.53 -1.00
N TYR A 51 4.20 -5.11 -2.24
CA TYR A 51 4.80 -5.99 -3.24
C TYR A 51 5.58 -5.18 -4.28
N LEU A 52 6.89 -5.36 -4.29
CA LEU A 52 7.75 -4.64 -5.24
C LEU A 52 7.60 -5.21 -6.65
N LEU A 53 6.70 -4.62 -7.42
CA LEU A 53 6.47 -5.07 -8.79
C LEU A 53 7.71 -4.84 -9.66
N PRO A 54 7.85 -5.68 -10.70
CA PRO A 54 6.89 -6.74 -11.00
C PRO A 54 6.94 -7.87 -9.97
N ASP A 55 8.13 -8.15 -9.45
CA ASP A 55 8.30 -9.20 -8.46
C ASP A 55 7.10 -9.26 -7.52
N LYS A 56 6.31 -10.32 -7.65
CA LYS A 56 5.12 -10.50 -6.81
C LYS A 56 5.16 -11.84 -6.10
N ARG A 57 6.33 -12.47 -6.09
CA ARG A 57 6.50 -13.77 -5.45
C ARG A 57 6.25 -13.66 -3.95
N ARG A 58 5.50 -14.61 -3.41
CA ARG A 58 5.19 -14.63 -1.98
C ARG A 58 6.44 -14.84 -1.15
N SER A 59 7.50 -15.33 -1.79
CA SER A 59 8.76 -15.58 -1.11
C SER A 59 9.18 -14.37 -0.28
N GLY A 60 9.55 -13.29 -0.95
CA GLY A 60 9.96 -12.09 -0.26
C GLY A 60 8.82 -11.13 -0.03
N ARG A 61 7.71 -11.63 0.48
CA ARG A 61 6.53 -10.81 0.75
C ARG A 61 6.62 -10.15 2.12
N ARG A 62 6.21 -8.90 2.19
CA ARG A 62 6.25 -8.15 3.44
C ARG A 62 4.96 -7.36 3.65
N LYS A 63 4.17 -7.76 4.64
CA LYS A 63 2.92 -7.09 4.94
C LYS A 63 2.82 -6.76 6.43
N THR A 64 1.80 -5.98 6.79
CA THR A 64 1.59 -5.59 8.18
C THR A 64 0.57 -6.50 8.86
N HIS A 65 0.59 -6.53 10.19
CA HIS A 65 -0.32 -7.36 10.95
C HIS A 65 -1.77 -7.08 10.53
N VAL A 66 -2.68 -7.94 10.98
CA VAL A 66 -4.10 -7.80 10.66
C VAL A 66 -4.91 -7.40 11.88
N SER A 67 -5.38 -6.16 11.90
CA SER A 67 -6.17 -5.67 13.02
C SER A 67 -7.56 -6.28 13.02
N LYS A 68 -8.12 -6.46 14.21
CA LYS A 68 -9.45 -7.03 14.35
C LYS A 68 -10.39 -6.07 15.09
N LYS A 69 -11.63 -6.00 14.63
CA LYS A 69 -12.62 -5.12 15.24
C LYS A 69 -12.15 -3.68 15.24
N THR A 70 -11.71 -3.21 14.08
CA THR A 70 -11.23 -1.84 13.94
C THR A 70 -11.17 -1.41 12.47
N LEU A 71 -11.50 -0.15 12.22
CA LEU A 71 -11.49 0.38 10.86
C LEU A 71 -10.20 1.15 10.58
N ASN A 72 -9.66 1.76 11.62
CA ASN A 72 -8.42 2.54 11.50
C ASN A 72 -7.26 1.82 12.17
N PRO A 73 -6.67 0.85 11.46
CA PRO A 73 -5.55 0.06 11.96
C PRO A 73 -4.26 0.89 12.07
N VAL A 74 -3.45 0.59 13.07
CA VAL A 74 -2.19 1.30 13.29
C VAL A 74 -1.03 0.33 13.48
N PHE A 75 -0.09 0.36 12.55
CA PHE A 75 1.08 -0.52 12.62
C PHE A 75 2.35 0.29 12.84
N ASP A 76 2.43 1.45 12.21
CA ASP A 76 3.60 2.31 12.34
C ASP A 76 4.88 1.52 12.17
N GLN A 77 4.85 0.52 11.30
CA GLN A 77 6.01 -0.32 11.04
C GLN A 77 6.87 0.26 9.92
N SER A 78 8.13 -0.17 9.86
CA SER A 78 9.05 0.30 8.83
C SER A 78 9.74 -0.87 8.14
N PHE A 79 9.53 -1.00 6.84
CA PHE A 79 10.13 -2.08 6.06
C PHE A 79 11.31 -1.56 5.24
N ASP A 80 12.17 -2.47 4.82
CA ASP A 80 13.34 -2.10 4.03
C ASP A 80 13.60 -3.14 2.93
N PHE A 81 14.21 -2.70 1.84
CA PHE A 81 14.52 -3.60 0.73
C PHE A 81 15.78 -3.15 0.00
N SER A 82 16.79 -4.00 -0.01
CA SER A 82 18.06 -3.69 -0.66
C SER A 82 17.88 -3.65 -2.18
N VAL A 83 17.59 -2.46 -2.70
CA VAL A 83 17.40 -2.29 -4.13
C VAL A 83 17.94 -0.95 -4.60
N SER A 84 18.65 -0.96 -5.73
CA SER A 84 19.23 0.26 -6.28
C SER A 84 18.16 1.13 -6.93
N LEU A 85 18.25 2.44 -6.72
CA LEU A 85 17.30 3.37 -7.28
C LEU A 85 17.03 3.07 -8.75
N PRO A 86 18.11 2.87 -9.52
CA PRO A 86 18.02 2.56 -10.95
C PRO A 86 17.01 1.46 -11.25
N GLU A 87 16.86 0.54 -10.30
CA GLU A 87 15.92 -0.57 -10.46
C GLU A 87 14.55 -0.20 -9.91
N VAL A 88 14.54 0.42 -8.73
CA VAL A 88 13.29 0.82 -8.08
C VAL A 88 12.56 1.88 -8.91
N GLN A 89 13.30 2.54 -9.80
CA GLN A 89 12.72 3.58 -10.66
C GLN A 89 11.69 2.98 -11.61
N ARG A 90 12.12 1.99 -12.39
CA ARG A 90 11.23 1.33 -13.34
C ARG A 90 10.24 0.42 -12.64
N ARG A 91 10.43 0.25 -11.33
CA ARG A 91 9.55 -0.60 -10.53
C ARG A 91 8.46 0.22 -9.87
N THR A 92 7.52 -0.46 -9.22
CA THR A 92 6.41 0.21 -8.54
C THR A 92 6.04 -0.52 -7.26
N LEU A 93 5.61 0.24 -6.26
CA LEU A 93 5.22 -0.33 -4.97
C LEU A 93 3.73 -0.65 -4.94
N ASP A 94 3.40 -1.94 -5.07
CA ASP A 94 2.01 -2.37 -5.05
C ASP A 94 1.44 -2.31 -3.65
N VAL A 95 0.68 -1.25 -3.36
CA VAL A 95 0.07 -1.08 -2.04
C VAL A 95 -1.45 -1.23 -2.12
N ALA A 96 -1.94 -2.40 -1.73
CA ALA A 96 -3.38 -2.67 -1.75
C ALA A 96 -3.90 -2.92 -0.34
N VAL A 97 -4.91 -2.15 0.06
CA VAL A 97 -5.51 -2.30 1.38
C VAL A 97 -6.86 -3.00 1.30
N LYS A 98 -6.95 -4.16 1.94
CA LYS A 98 -8.19 -4.94 1.94
C LYS A 98 -8.33 -5.73 3.24
N ASN A 99 -9.39 -6.53 3.33
CA ASN A 99 -9.64 -7.33 4.52
C ASN A 99 -9.03 -8.72 4.37
N SER A 100 -8.47 -9.23 5.46
CA SER A 100 -7.84 -10.55 5.45
C SER A 100 -8.88 -11.64 5.22
N GLY A 101 -8.44 -12.78 4.69
CA GLY A 101 -9.34 -13.88 4.42
C GLY A 101 -9.11 -15.05 5.35
N GLY A 102 -8.18 -15.93 4.98
CA GLY A 102 -7.89 -17.09 5.81
C GLY A 102 -7.93 -18.39 5.01
N PHE A 103 -8.60 -19.39 5.56
CA PHE A 103 -8.70 -20.69 4.91
C PHE A 103 -10.15 -21.16 4.87
N LEU A 104 -11.07 -20.24 5.07
CA LEU A 104 -12.50 -20.56 5.07
C LEU A 104 -13.13 -20.21 3.72
N SER A 105 -12.63 -19.15 3.10
CA SER A 105 -13.15 -18.70 1.81
C SER A 105 -12.04 -18.72 0.75
N LYS A 106 -12.37 -18.23 -0.44
CA LYS A 106 -11.40 -18.19 -1.53
C LYS A 106 -11.37 -16.80 -2.16
N ASP A 107 -12.24 -15.91 -1.69
CA ASP A 107 -12.30 -14.55 -2.21
C ASP A 107 -11.48 -13.60 -1.33
N LYS A 108 -10.98 -12.53 -1.94
CA LYS A 108 -10.18 -11.55 -1.23
C LYS A 108 -10.93 -10.23 -1.09
N GLY A 109 -11.81 -9.95 -2.05
CA GLY A 109 -12.58 -8.71 -2.01
C GLY A 109 -11.73 -7.51 -1.67
N LEU A 110 -11.07 -6.95 -2.68
CA LEU A 110 -10.22 -5.78 -2.48
C LEU A 110 -11.05 -4.56 -2.10
N LEU A 111 -10.68 -3.91 -1.00
CA LEU A 111 -11.39 -2.72 -0.52
C LEU A 111 -10.82 -1.46 -1.17
N GLY A 112 -9.53 -1.48 -1.47
CA GLY A 112 -8.89 -0.33 -2.08
C GLY A 112 -7.42 -0.58 -2.38
N LYS A 113 -6.92 0.04 -3.45
CA LYS A 113 -5.52 -0.11 -3.83
C LYS A 113 -5.03 1.13 -4.56
N VAL A 114 -3.74 1.44 -4.39
CA VAL A 114 -3.14 2.60 -5.03
C VAL A 114 -1.68 2.34 -5.36
N LEU A 115 -1.31 2.61 -6.61
CA LEU A 115 0.07 2.41 -7.07
C LEU A 115 0.88 3.69 -6.94
N VAL A 116 2.15 3.55 -6.60
CA VAL A 116 3.04 4.70 -6.45
C VAL A 116 4.27 4.56 -7.33
N ALA A 117 4.44 5.50 -8.25
CA ALA A 117 5.59 5.49 -9.16
C ALA A 117 6.85 5.99 -8.47
N LEU A 118 7.77 5.07 -8.17
CA LEU A 118 9.02 5.43 -7.51
C LEU A 118 10.05 5.91 -8.52
N ALA A 119 9.57 6.43 -9.64
CA ALA A 119 10.46 6.95 -10.68
C ALA A 119 10.86 8.39 -10.39
N SER A 120 10.82 8.77 -9.13
CA SER A 120 11.18 10.13 -8.72
C SER A 120 12.68 10.24 -8.49
N GLU A 121 13.13 11.45 -8.14
CA GLU A 121 14.54 11.70 -7.90
C GLU A 121 14.77 12.27 -6.51
N GLU A 122 13.71 12.85 -5.93
CA GLU A 122 13.78 13.44 -4.61
C GLU A 122 13.60 12.38 -3.53
N LEU A 123 13.77 11.12 -3.91
CA LEU A 123 13.62 10.00 -2.98
C LEU A 123 14.62 10.13 -1.83
N ALA A 124 15.87 10.39 -2.16
CA ALA A 124 16.92 10.54 -1.15
C ALA A 124 16.46 11.41 0.00
N LYS A 125 15.62 12.40 -0.31
CA LYS A 125 15.10 13.31 0.70
C LYS A 125 13.88 12.71 1.39
N GLY A 126 13.14 11.88 0.67
CA GLY A 126 11.96 11.25 1.23
C GLY A 126 10.80 12.22 1.37
N TRP A 127 9.58 11.69 1.30
CA TRP A 127 8.38 12.52 1.41
C TRP A 127 7.25 11.73 2.05
N THR A 128 6.21 12.45 2.48
CA THR A 128 5.05 11.83 3.11
C THR A 128 3.75 12.40 2.57
N GLN A 129 2.84 11.51 2.17
CA GLN A 129 1.55 11.94 1.64
C GLN A 129 0.54 10.80 1.69
N TRP A 130 -0.74 11.15 1.71
CA TRP A 130 -1.80 10.16 1.76
C TRP A 130 -2.23 9.74 0.35
N TYR A 131 -2.02 8.47 0.03
CA TYR A 131 -2.38 7.94 -1.28
C TYR A 131 -3.81 7.43 -1.29
N ASP A 132 -4.72 8.27 -1.81
CA ASP A 132 -6.13 7.89 -1.89
C ASP A 132 -6.31 6.57 -2.61
N LEU A 133 -6.99 5.63 -1.94
CA LEU A 133 -7.23 4.32 -2.51
C LEU A 133 -8.29 4.38 -3.60
N THR A 134 -8.09 3.59 -4.66
CA THR A 134 -9.03 3.56 -5.77
C THR A 134 -9.50 2.14 -6.06
N GLU A 135 -10.36 1.99 -7.06
CA GLU A 135 -10.89 0.69 -7.43
C GLU A 135 -9.87 -0.09 -8.27
N ASP A 136 -10.19 -1.35 -8.55
CA ASP A 136 -9.31 -2.19 -9.36
C ASP A 136 -9.69 -2.13 -10.83
N SER A 137 -8.87 -1.44 -11.62
CA SER A 137 -9.12 -1.31 -13.05
C SER A 137 -8.96 -2.64 -13.76
N GLY A 138 -9.99 -3.04 -14.50
CA GLY A 138 -9.95 -4.31 -15.22
C GLY A 138 -10.29 -5.49 -14.33
N PRO A 139 -10.44 -6.67 -14.95
CA PRO A 139 -10.76 -7.90 -14.23
C PRO A 139 -9.60 -8.40 -13.37
N SER A 140 -8.40 -8.37 -13.94
CA SER A 140 -7.21 -8.81 -13.22
C SER A 140 -7.06 -8.09 -11.89
N SER A 141 -7.50 -8.74 -10.82
CA SER A 141 -7.42 -8.15 -9.49
C SER A 141 -6.01 -8.24 -8.93
N GLY A 142 -5.22 -7.19 -9.15
CA GLY A 142 -3.85 -7.18 -8.66
C GLY A 142 -2.95 -6.30 -9.50
N GLY A 1 -3.89 19.96 -0.69
CA GLY A 1 -4.69 18.76 -0.56
C GLY A 1 -5.07 18.48 0.89
N SER A 2 -6.32 18.76 1.24
CA SER A 2 -6.79 18.53 2.59
C SER A 2 -8.13 17.79 2.58
N SER A 3 -8.18 16.68 3.31
CA SER A 3 -9.39 15.87 3.38
C SER A 3 -10.21 16.22 4.62
N GLY A 4 -11.47 15.80 4.63
CA GLY A 4 -12.34 16.08 5.76
C GLY A 4 -13.54 15.17 5.80
N SER A 5 -14.40 15.27 4.80
CA SER A 5 -15.60 14.44 4.73
C SER A 5 -15.74 13.79 3.35
N SER A 6 -15.69 14.62 2.31
CA SER A 6 -15.82 14.12 0.94
C SER A 6 -14.46 14.09 0.26
N GLY A 7 -13.91 12.88 0.11
CA GLY A 7 -12.62 12.72 -0.53
C GLY A 7 -12.34 11.28 -0.91
N SER A 8 -12.00 10.46 0.09
CA SER A 8 -11.69 9.06 -0.16
C SER A 8 -12.82 8.16 0.35
N PRO A 9 -13.77 7.84 -0.55
CA PRO A 9 -14.91 6.99 -0.22
C PRO A 9 -14.51 5.55 0.02
N LEU A 10 -13.35 5.16 -0.50
CA LEU A 10 -12.85 3.80 -0.34
C LEU A 10 -11.92 3.70 0.87
N GLY A 11 -10.99 4.63 0.97
CA GLY A 11 -10.06 4.63 2.09
C GLY A 11 -8.76 5.35 1.76
N GLN A 12 -7.99 5.69 2.78
CA GLN A 12 -6.72 6.38 2.61
C GLN A 12 -5.59 5.62 3.29
N ILE A 13 -4.36 5.99 2.97
CA ILE A 13 -3.19 5.35 3.56
C ILE A 13 -1.96 6.25 3.45
N GLN A 14 -1.28 6.44 4.57
CA GLN A 14 -0.08 7.28 4.60
C GLN A 14 1.18 6.42 4.63
N LEU A 15 2.05 6.64 3.65
CA LEU A 15 3.30 5.88 3.56
C LEU A 15 4.48 6.80 3.23
N THR A 16 5.61 6.55 3.88
CA THR A 16 6.80 7.36 3.64
C THR A 16 7.81 6.62 2.77
N ILE A 17 7.90 7.01 1.51
CA ILE A 17 8.82 6.39 0.57
C ILE A 17 10.10 7.21 0.43
N ARG A 18 11.23 6.62 0.83
CA ARG A 18 12.51 7.30 0.74
C ARG A 18 13.64 6.30 0.49
N HIS A 19 14.14 6.30 -0.74
CA HIS A 19 15.23 5.39 -1.13
C HIS A 19 16.58 6.10 -1.06
N SER A 20 17.45 5.63 -0.19
CA SER A 20 18.77 6.21 -0.03
C SER A 20 19.74 5.67 -1.07
N SER A 21 20.37 6.57 -1.83
CA SER A 21 21.31 6.17 -2.86
C SER A 21 22.55 5.52 -2.25
N GLN A 22 23.18 6.21 -1.31
CA GLN A 22 24.38 5.70 -0.64
C GLN A 22 24.15 4.29 -0.13
N ARG A 23 23.06 4.09 0.60
CA ARG A 23 22.72 2.79 1.16
C ARG A 23 22.02 1.92 0.11
N ASN A 24 21.44 2.57 -0.89
CA ASN A 24 20.74 1.86 -1.96
C ASN A 24 19.67 0.94 -1.37
N LYS A 25 18.79 1.50 -0.56
CA LYS A 25 17.72 0.74 0.06
C LYS A 25 16.39 1.49 -0.02
N LEU A 26 15.29 0.75 -0.02
CA LEU A 26 13.96 1.36 -0.09
C LEU A 26 13.22 1.17 1.23
N ILE A 27 13.10 2.26 2.00
CA ILE A 27 12.40 2.22 3.27
C ILE A 27 10.96 2.70 3.13
N VAL A 28 10.03 1.92 3.66
CA VAL A 28 8.61 2.27 3.60
C VAL A 28 7.95 2.12 4.97
N VAL A 29 7.48 3.24 5.51
CA VAL A 29 6.82 3.22 6.81
C VAL A 29 5.30 3.31 6.66
N VAL A 30 4.60 2.42 7.36
CA VAL A 30 3.14 2.38 7.30
C VAL A 30 2.52 2.94 8.58
N HIS A 31 2.51 4.26 8.69
CA HIS A 31 1.95 4.93 9.87
C HIS A 31 0.67 4.24 10.32
N ALA A 32 -0.41 4.47 9.57
CA ALA A 32 -1.70 3.88 9.89
C ALA A 32 -2.73 4.20 8.81
N CYS A 33 -3.81 3.42 8.77
CA CYS A 33 -4.87 3.62 7.80
C CYS A 33 -6.11 4.21 8.45
N ARG A 34 -6.98 4.81 7.63
CA ARG A 34 -8.20 5.42 8.13
C ARG A 34 -9.28 5.43 7.06
N ASN A 35 -10.54 5.58 7.49
CA ASN A 35 -11.66 5.60 6.55
C ASN A 35 -11.71 4.32 5.73
N LEU A 36 -11.54 3.18 6.41
CA LEU A 36 -11.56 1.88 5.74
C LEU A 36 -12.92 1.22 5.89
N ILE A 37 -13.84 1.54 4.99
CA ILE A 37 -15.19 0.96 5.03
C ILE A 37 -15.13 -0.55 5.21
N ALA A 38 -15.94 -1.06 6.13
CA ALA A 38 -15.99 -2.50 6.38
C ALA A 38 -17.10 -3.16 5.58
N PHE A 39 -16.76 -4.28 4.92
CA PHE A 39 -17.72 -5.00 4.11
C PHE A 39 -18.96 -5.37 4.93
N SER A 40 -18.79 -5.41 6.24
CA SER A 40 -19.90 -5.75 7.14
C SER A 40 -19.75 -5.02 8.47
N GLU A 41 -20.73 -4.17 8.79
CA GLU A 41 -20.72 -3.42 10.04
C GLU A 41 -20.15 -4.25 11.17
N ASP A 42 -20.60 -5.50 11.27
CA ASP A 42 -20.15 -6.41 12.31
C ASP A 42 -18.67 -6.17 12.64
N GLY A 43 -17.84 -6.14 11.59
CA GLY A 43 -16.42 -5.92 11.78
C GLY A 43 -15.58 -6.65 10.76
N SER A 44 -14.56 -5.97 10.23
CA SER A 44 -13.68 -6.56 9.23
C SER A 44 -12.23 -6.55 9.71
N ASP A 45 -11.38 -7.29 9.00
CA ASP A 45 -9.96 -7.35 9.35
C ASP A 45 -9.10 -6.71 8.26
N PRO A 46 -8.98 -5.38 8.32
CA PRO A 46 -8.18 -4.62 7.34
C PRO A 46 -6.68 -4.87 7.50
N TYR A 47 -5.98 -4.89 6.37
CA TYR A 47 -4.54 -5.12 6.37
C TYR A 47 -3.90 -4.57 5.11
N VAL A 48 -2.63 -4.18 5.22
CA VAL A 48 -1.89 -3.64 4.09
C VAL A 48 -1.00 -4.70 3.44
N ARG A 49 -0.67 -4.49 2.18
CA ARG A 49 0.18 -5.43 1.45
C ARG A 49 1.15 -4.69 0.54
N MET A 50 2.41 -5.11 0.56
CA MET A 50 3.44 -4.49 -0.26
C MET A 50 4.06 -5.50 -1.23
N TYR A 51 4.30 -5.06 -2.46
CA TYR A 51 4.88 -5.94 -3.47
C TYR A 51 5.68 -5.13 -4.49
N LEU A 52 6.96 -5.45 -4.60
CA LEU A 52 7.85 -4.75 -5.54
C LEU A 52 7.65 -5.26 -6.96
N LEU A 53 6.78 -4.60 -7.71
CA LEU A 53 6.51 -5.00 -9.08
C LEU A 53 7.67 -4.63 -10.00
N PRO A 54 7.83 -5.40 -11.09
CA PRO A 54 6.95 -6.52 -11.40
C PRO A 54 7.14 -7.69 -10.44
N ASP A 55 8.37 -7.86 -9.95
CA ASP A 55 8.69 -8.93 -9.02
C ASP A 55 7.51 -9.20 -8.09
N LYS A 56 7.10 -10.47 -8.02
CA LYS A 56 5.99 -10.86 -7.17
C LYS A 56 6.38 -12.01 -6.24
N ARG A 57 7.65 -12.03 -5.85
CA ARG A 57 8.17 -13.07 -4.96
C ARG A 57 7.23 -13.29 -3.78
N ARG A 58 7.20 -14.51 -3.27
CA ARG A 58 6.34 -14.84 -2.14
C ARG A 58 7.01 -14.46 -0.82
N SER A 59 8.32 -14.66 -0.75
CA SER A 59 9.07 -14.34 0.46
C SER A 59 9.28 -12.83 0.57
N GLY A 60 9.94 -12.25 -0.43
CA GLY A 60 10.20 -10.82 -0.42
C GLY A 60 8.98 -10.02 0.01
N ARG A 61 7.80 -10.53 -0.30
CA ARG A 61 6.56 -9.85 0.05
C ARG A 61 6.54 -9.49 1.53
N ARG A 62 6.15 -8.25 1.83
CA ARG A 62 6.08 -7.79 3.21
C ARG A 62 4.74 -7.11 3.49
N LYS A 63 4.13 -7.47 4.62
CA LYS A 63 2.85 -6.90 5.01
C LYS A 63 2.82 -6.58 6.51
N THR A 64 1.83 -5.81 6.93
CA THR A 64 1.69 -5.44 8.34
C THR A 64 0.68 -6.34 9.04
N HIS A 65 0.54 -6.12 10.35
CA HIS A 65 -0.40 -6.91 11.14
C HIS A 65 -1.84 -6.71 10.66
N VAL A 66 -2.69 -7.69 10.94
CA VAL A 66 -4.09 -7.61 10.53
C VAL A 66 -5.00 -7.35 11.73
N SER A 67 -5.41 -6.10 11.88
CA SER A 67 -6.28 -5.72 13.00
C SER A 67 -7.71 -6.19 12.75
N LYS A 68 -8.40 -6.54 13.84
CA LYS A 68 -9.77 -7.01 13.75
C LYS A 68 -10.70 -6.16 14.60
N LYS A 69 -11.99 -6.15 14.25
CA LYS A 69 -12.97 -5.37 14.99
C LYS A 69 -12.58 -3.89 15.03
N THR A 70 -12.15 -3.37 13.89
CA THR A 70 -11.75 -1.96 13.79
C THR A 70 -11.68 -1.52 12.34
N LEU A 71 -11.60 -0.20 12.13
CA LEU A 71 -11.53 0.36 10.79
C LEU A 71 -10.25 1.19 10.61
N ASN A 72 -9.74 1.71 11.72
CA ASN A 72 -8.52 2.52 11.68
C ASN A 72 -7.36 1.78 12.35
N PRO A 73 -6.79 0.80 11.63
CA PRO A 73 -5.66 0.01 12.12
C PRO A 73 -4.38 0.83 12.22
N VAL A 74 -3.58 0.52 13.24
CA VAL A 74 -2.32 1.23 13.45
C VAL A 74 -1.15 0.25 13.55
N PHE A 75 -0.18 0.41 12.66
CA PHE A 75 0.99 -0.47 12.64
C PHE A 75 2.25 0.32 12.98
N ASP A 76 2.44 1.46 12.30
CA ASP A 76 3.61 2.30 12.53
C ASP A 76 4.90 1.50 12.38
N GLN A 77 4.92 0.61 11.40
CA GLN A 77 6.10 -0.23 11.15
C GLN A 77 6.98 0.38 10.07
N SER A 78 8.24 -0.05 10.03
CA SER A 78 9.19 0.46 9.05
C SER A 78 9.91 -0.69 8.34
N PHE A 79 9.61 -0.87 7.06
CA PHE A 79 10.22 -1.93 6.27
C PHE A 79 11.37 -1.38 5.42
N ASP A 80 12.25 -2.27 4.99
CA ASP A 80 13.38 -1.88 4.17
C ASP A 80 13.69 -2.94 3.12
N PHE A 81 14.36 -2.53 2.03
CA PHE A 81 14.71 -3.45 0.96
C PHE A 81 16.00 -3.01 0.27
N SER A 82 16.86 -3.97 -0.01
CA SER A 82 18.14 -3.68 -0.67
C SER A 82 17.97 -3.66 -2.18
N VAL A 83 17.67 -2.48 -2.73
CA VAL A 83 17.49 -2.33 -4.16
C VAL A 83 18.02 -0.98 -4.63
N SER A 84 18.71 -1.00 -5.78
CA SER A 84 19.27 0.23 -6.34
C SER A 84 18.18 1.10 -6.95
N LEU A 85 18.26 2.40 -6.67
CA LEU A 85 17.27 3.35 -7.18
C LEU A 85 16.97 3.08 -8.64
N PRO A 86 18.04 2.93 -9.45
CA PRO A 86 17.91 2.66 -10.89
C PRO A 86 16.92 1.55 -11.18
N GLU A 87 16.87 0.55 -10.30
CA GLU A 87 15.96 -0.57 -10.46
C GLU A 87 14.56 -0.24 -9.95
N VAL A 88 14.49 0.28 -8.73
CA VAL A 88 13.22 0.65 -8.13
C VAL A 88 12.55 1.79 -8.89
N GLN A 89 13.33 2.44 -9.76
CA GLN A 89 12.82 3.55 -10.55
C GLN A 89 11.75 3.06 -11.53
N ARG A 90 12.15 2.14 -12.41
CA ARG A 90 11.23 1.60 -13.41
C ARG A 90 10.25 0.62 -12.77
N ARG A 91 10.32 0.50 -11.45
CA ARG A 91 9.45 -0.40 -10.71
C ARG A 91 8.25 0.35 -10.12
N THR A 92 7.31 -0.39 -9.55
CA THR A 92 6.13 0.21 -8.95
C THR A 92 5.78 -0.46 -7.64
N LEU A 93 5.50 0.35 -6.62
CA LEU A 93 5.15 -0.17 -5.30
C LEU A 93 3.67 -0.52 -5.22
N ASP A 94 3.37 -1.81 -5.35
CA ASP A 94 1.98 -2.27 -5.29
C ASP A 94 1.46 -2.22 -3.86
N VAL A 95 0.73 -1.15 -3.55
CA VAL A 95 0.16 -0.99 -2.22
C VAL A 95 -1.35 -1.16 -2.23
N ALA A 96 -1.82 -2.32 -1.78
CA ALA A 96 -3.25 -2.61 -1.74
C ALA A 96 -3.69 -3.01 -0.34
N VAL A 97 -4.69 -2.30 0.19
CA VAL A 97 -5.21 -2.59 1.51
C VAL A 97 -6.52 -3.35 1.44
N LYS A 98 -6.48 -4.64 1.75
CA LYS A 98 -7.66 -5.48 1.71
C LYS A 98 -7.93 -6.09 3.10
N ASN A 99 -8.98 -6.90 3.18
CA ASN A 99 -9.35 -7.53 4.43
C ASN A 99 -8.99 -9.01 4.42
N SER A 100 -8.57 -9.53 5.57
CA SER A 100 -8.19 -10.93 5.69
C SER A 100 -9.42 -11.83 5.67
N GLY A 101 -9.22 -13.09 5.27
CA GLY A 101 -10.31 -14.03 5.20
C GLY A 101 -10.02 -15.20 4.29
N GLY A 102 -9.95 -14.95 2.99
CA GLY A 102 -9.67 -16.00 2.04
C GLY A 102 -9.14 -15.47 0.72
N PHE A 103 -9.06 -16.33 -0.28
CA PHE A 103 -8.57 -15.95 -1.60
C PHE A 103 -9.71 -15.45 -2.48
N LEU A 104 -9.35 -14.82 -3.59
CA LEU A 104 -10.34 -14.30 -4.53
C LEU A 104 -11.58 -15.20 -4.57
N SER A 105 -11.36 -16.51 -4.58
CA SER A 105 -12.45 -17.47 -4.61
C SER A 105 -13.58 -17.04 -3.68
N LYS A 106 -13.31 -17.03 -2.38
CA LYS A 106 -14.30 -16.64 -1.39
C LYS A 106 -13.90 -15.32 -0.71
N ASP A 107 -13.20 -14.48 -1.46
CA ASP A 107 -12.77 -13.18 -0.93
C ASP A 107 -13.95 -12.21 -0.83
N LYS A 108 -13.94 -11.40 0.22
CA LYS A 108 -15.00 -10.42 0.44
C LYS A 108 -14.97 -9.33 -0.63
N GLY A 109 -13.78 -9.06 -1.16
CA GLY A 109 -13.62 -8.05 -2.18
C GLY A 109 -12.53 -7.06 -1.85
N LEU A 110 -11.94 -6.46 -2.89
CA LEU A 110 -10.87 -5.49 -2.70
C LEU A 110 -11.41 -4.18 -2.15
N LEU A 111 -11.01 -3.84 -0.93
CA LEU A 111 -11.44 -2.61 -0.29
C LEU A 111 -10.89 -1.38 -1.02
N GLY A 112 -9.57 -1.35 -1.18
CA GLY A 112 -8.93 -0.23 -1.85
C GLY A 112 -7.47 -0.48 -2.15
N LYS A 113 -7.00 0.01 -3.29
CA LYS A 113 -5.61 -0.17 -3.69
C LYS A 113 -5.09 1.07 -4.41
N VAL A 114 -3.78 1.27 -4.36
CA VAL A 114 -3.15 2.41 -5.02
C VAL A 114 -1.71 2.09 -5.42
N LEU A 115 -1.33 2.53 -6.61
CA LEU A 115 0.02 2.30 -7.12
C LEU A 115 0.87 3.56 -7.01
N VAL A 116 2.12 3.40 -6.60
CA VAL A 116 3.03 4.54 -6.48
C VAL A 116 4.27 4.35 -7.34
N ALA A 117 4.50 5.30 -8.24
CA ALA A 117 5.65 5.24 -9.13
C ALA A 117 6.91 5.74 -8.44
N LEU A 118 7.85 4.84 -8.20
CA LEU A 118 9.10 5.19 -7.55
C LEU A 118 10.16 5.61 -8.56
N ALA A 119 9.70 6.01 -9.75
CA ALA A 119 10.60 6.44 -10.81
C ALA A 119 10.98 7.91 -10.64
N SER A 120 10.64 8.47 -9.49
CA SER A 120 10.95 9.87 -9.19
C SER A 120 12.44 10.07 -8.97
N GLU A 121 12.87 11.32 -8.96
CA GLU A 121 14.28 11.64 -8.75
C GLU A 121 14.50 12.27 -7.38
N GLU A 122 13.40 12.48 -6.65
CA GLU A 122 13.47 13.07 -5.32
C GLU A 122 13.21 12.02 -4.24
N LEU A 123 13.88 10.88 -4.36
CA LEU A 123 13.71 9.80 -3.40
C LEU A 123 14.70 9.94 -2.25
N ALA A 124 15.98 10.08 -2.59
CA ALA A 124 17.03 10.23 -1.58
C ALA A 124 16.55 11.07 -0.40
N LYS A 125 15.73 12.08 -0.71
CA LYS A 125 15.20 12.96 0.33
C LYS A 125 13.98 12.34 1.00
N GLY A 126 13.08 11.79 0.19
CA GLY A 126 11.88 11.17 0.73
C GLY A 126 10.73 12.14 0.88
N TRP A 127 9.51 11.62 0.86
CA TRP A 127 8.32 12.46 0.97
C TRP A 127 7.21 11.71 1.72
N THR A 128 6.30 12.48 2.31
CA THR A 128 5.18 11.89 3.06
C THR A 128 3.85 12.46 2.60
N GLN A 129 2.92 11.58 2.26
CA GLN A 129 1.61 12.00 1.81
C GLN A 129 0.60 10.86 1.92
N TRP A 130 -0.68 11.19 1.79
CA TRP A 130 -1.75 10.19 1.88
C TRP A 130 -2.20 9.75 0.49
N TYR A 131 -2.11 8.44 0.24
CA TYR A 131 -2.51 7.88 -1.05
C TYR A 131 -3.94 7.37 -1.00
N ASP A 132 -4.86 8.13 -1.59
CA ASP A 132 -6.27 7.75 -1.61
C ASP A 132 -6.46 6.47 -2.42
N LEU A 133 -6.93 5.42 -1.76
CA LEU A 133 -7.18 4.15 -2.42
C LEU A 133 -8.27 4.27 -3.48
N THR A 134 -8.23 3.40 -4.47
CA THR A 134 -9.22 3.41 -5.54
C THR A 134 -9.60 1.99 -5.95
N GLU A 135 -10.54 1.88 -6.88
CA GLU A 135 -11.00 0.58 -7.36
C GLU A 135 -9.98 -0.05 -8.30
N ASP A 136 -10.12 -1.34 -8.55
CA ASP A 136 -9.21 -2.07 -9.42
C ASP A 136 -9.28 -1.52 -10.84
N SER A 137 -8.43 -2.04 -11.72
CA SER A 137 -8.38 -1.62 -13.11
C SER A 137 -9.80 -1.50 -13.68
N GLY A 138 -9.96 -0.62 -14.66
CA GLY A 138 -11.27 -0.43 -15.28
C GLY A 138 -11.96 -1.75 -15.57
N PRO A 139 -13.30 -1.74 -15.49
CA PRO A 139 -14.11 -2.93 -15.74
C PRO A 139 -14.12 -3.33 -17.21
N SER A 140 -14.07 -2.32 -18.08
CA SER A 140 -14.08 -2.56 -19.52
C SER A 140 -12.90 -3.46 -19.93
N SER A 141 -13.02 -4.09 -21.09
CA SER A 141 -11.98 -4.96 -21.59
C SER A 141 -11.14 -4.26 -22.66
N GLY A 142 -9.83 -4.25 -22.45
CA GLY A 142 -8.94 -3.61 -23.41
C GLY A 142 -8.84 -2.11 -23.19
N GLY A 1 1.53 24.19 -1.98
CA GLY A 1 0.45 23.74 -1.12
C GLY A 1 -0.17 22.44 -1.59
N SER A 2 0.29 21.32 -1.03
CA SER A 2 -0.22 20.01 -1.41
C SER A 2 -1.74 20.03 -1.48
N SER A 3 -2.27 19.80 -2.68
CA SER A 3 -3.71 19.78 -2.88
C SER A 3 -4.31 18.44 -2.49
N GLY A 4 -3.64 17.36 -2.89
CA GLY A 4 -4.12 16.03 -2.56
C GLY A 4 -5.39 15.67 -3.30
N SER A 5 -6.20 14.80 -2.70
CA SER A 5 -7.46 14.38 -3.30
C SER A 5 -8.62 14.58 -2.32
N SER A 6 -9.83 14.65 -2.86
CA SER A 6 -11.02 14.84 -2.05
C SER A 6 -12.13 13.88 -2.47
N GLY A 7 -12.36 12.85 -1.67
CA GLY A 7 -13.39 11.88 -1.98
C GLY A 7 -12.86 10.46 -2.01
N SER A 8 -12.52 9.94 -0.83
CA SER A 8 -11.99 8.59 -0.72
C SER A 8 -13.02 7.65 -0.09
N PRO A 9 -13.94 7.15 -0.93
CA PRO A 9 -14.99 6.23 -0.48
C PRO A 9 -14.45 4.86 -0.09
N LEU A 10 -13.27 4.53 -0.60
CA LEU A 10 -12.64 3.25 -0.32
C LEU A 10 -11.71 3.36 0.89
N GLY A 11 -11.16 4.55 1.10
CA GLY A 11 -10.27 4.78 2.22
C GLY A 11 -8.96 5.40 1.80
N GLN A 12 -8.14 5.77 2.78
CA GLN A 12 -6.85 6.40 2.50
C GLN A 12 -5.72 5.64 3.20
N ILE A 13 -4.49 6.05 2.93
CA ILE A 13 -3.32 5.41 3.53
C ILE A 13 -2.06 6.25 3.30
N GLN A 14 -1.31 6.48 4.38
CA GLN A 14 -0.09 7.26 4.30
C GLN A 14 1.13 6.35 4.32
N LEU A 15 2.03 6.57 3.35
CA LEU A 15 3.24 5.76 3.25
C LEU A 15 4.46 6.64 3.01
N THR A 16 5.46 6.53 3.87
CA THR A 16 6.67 7.32 3.76
C THR A 16 7.70 6.61 2.88
N ILE A 17 7.84 7.08 1.65
CA ILE A 17 8.78 6.49 0.70
C ILE A 17 10.07 7.30 0.65
N ARG A 18 11.18 6.64 0.99
CA ARG A 18 12.49 7.30 0.97
C ARG A 18 13.59 6.30 0.63
N HIS A 19 14.16 6.43 -0.57
CA HIS A 19 15.22 5.54 -1.01
C HIS A 19 16.58 6.23 -0.91
N SER A 20 17.43 5.72 -0.02
CA SER A 20 18.76 6.28 0.18
C SER A 20 19.72 5.81 -0.91
N SER A 21 20.38 6.76 -1.55
CA SER A 21 21.33 6.45 -2.62
C SER A 21 22.57 5.76 -2.05
N GLN A 22 23.10 6.32 -0.96
CA GLN A 22 24.30 5.77 -0.33
C GLN A 22 24.05 4.34 0.14
N ARG A 23 22.95 4.13 0.86
CA ARG A 23 22.60 2.81 1.37
C ARG A 23 22.00 1.95 0.26
N ASN A 24 21.35 2.59 -0.71
CA ASN A 24 20.74 1.89 -1.82
C ASN A 24 19.67 0.93 -1.32
N LYS A 25 18.76 1.43 -0.50
CA LYS A 25 17.67 0.61 0.04
C LYS A 25 16.34 1.36 -0.05
N LEU A 26 15.26 0.59 -0.08
CA LEU A 26 13.92 1.18 -0.18
C LEU A 26 13.17 0.99 1.14
N ILE A 27 13.01 2.09 1.89
CA ILE A 27 12.31 2.05 3.16
C ILE A 27 10.88 2.59 3.00
N VAL A 28 9.93 1.85 3.58
CA VAL A 28 8.53 2.26 3.51
C VAL A 28 7.85 2.12 4.87
N VAL A 29 7.50 3.26 5.46
CA VAL A 29 6.85 3.27 6.76
C VAL A 29 5.33 3.38 6.62
N VAL A 30 4.61 2.43 7.21
CA VAL A 30 3.16 2.41 7.15
C VAL A 30 2.55 2.96 8.44
N HIS A 31 2.42 4.27 8.51
CA HIS A 31 1.85 4.92 9.70
C HIS A 31 0.54 4.25 10.11
N ALA A 32 -0.52 4.51 9.35
CA ALA A 32 -1.82 3.92 9.64
C ALA A 32 -2.83 4.26 8.55
N CYS A 33 -3.90 3.49 8.48
CA CYS A 33 -4.94 3.71 7.49
C CYS A 33 -6.22 4.25 8.13
N ARG A 34 -7.06 4.89 7.33
CA ARG A 34 -8.31 5.45 7.82
C ARG A 34 -9.40 5.39 6.76
N ASN A 35 -10.64 5.52 7.19
CA ASN A 35 -11.78 5.48 6.27
C ASN A 35 -11.83 4.15 5.52
N LEU A 36 -11.60 3.06 6.25
CA LEU A 36 -11.61 1.73 5.67
C LEU A 36 -12.96 1.06 5.85
N ILE A 37 -13.87 1.29 4.92
CA ILE A 37 -15.20 0.70 4.98
C ILE A 37 -15.14 -0.76 5.42
N ALA A 38 -16.19 -1.21 6.11
CA ALA A 38 -16.25 -2.59 6.58
C ALA A 38 -17.34 -3.37 5.85
N PHE A 39 -16.93 -4.34 5.05
CA PHE A 39 -17.87 -5.15 4.29
C PHE A 39 -19.07 -5.54 5.15
N SER A 40 -18.83 -5.71 6.45
CA SER A 40 -19.89 -6.09 7.38
C SER A 40 -19.71 -5.39 8.72
N GLU A 41 -20.68 -4.54 9.07
CA GLU A 41 -20.63 -3.81 10.33
C GLU A 41 -20.00 -4.65 11.42
N ASP A 42 -20.41 -5.91 11.51
CA ASP A 42 -19.89 -6.83 12.51
C ASP A 42 -18.40 -6.55 12.79
N GLY A 43 -17.62 -6.45 11.72
CA GLY A 43 -16.20 -6.19 11.86
C GLY A 43 -15.38 -6.85 10.77
N SER A 44 -14.26 -6.22 10.42
CA SER A 44 -13.38 -6.75 9.38
C SER A 44 -11.93 -6.75 9.85
N ASP A 45 -11.08 -7.46 9.11
CA ASP A 45 -9.66 -7.55 9.44
C ASP A 45 -8.81 -6.90 8.36
N PRO A 46 -8.68 -5.57 8.42
CA PRO A 46 -7.90 -4.80 7.47
C PRO A 46 -6.40 -5.04 7.61
N TYR A 47 -5.70 -5.14 6.48
CA TYR A 47 -4.26 -5.37 6.49
C TYR A 47 -3.60 -4.75 5.26
N VAL A 48 -2.46 -4.11 5.47
CA VAL A 48 -1.73 -3.47 4.39
C VAL A 48 -0.78 -4.45 3.71
N ARG A 49 -0.75 -4.42 2.38
CA ARG A 49 0.12 -5.31 1.62
C ARG A 49 1.07 -4.51 0.73
N MET A 50 2.29 -5.02 0.58
CA MET A 50 3.30 -4.36 -0.25
C MET A 50 3.91 -5.33 -1.25
N TYR A 51 3.86 -4.96 -2.52
CA TYR A 51 4.42 -5.81 -3.57
C TYR A 51 5.38 -5.02 -4.46
N LEU A 52 6.54 -5.61 -4.72
CA LEU A 52 7.55 -4.96 -5.57
C LEU A 52 7.35 -5.31 -7.03
N LEU A 53 6.58 -4.49 -7.73
CA LEU A 53 6.32 -4.70 -9.15
C LEU A 53 7.49 -4.24 -10.00
N PRO A 54 7.63 -4.85 -11.20
CA PRO A 54 6.72 -5.89 -11.67
C PRO A 54 6.87 -7.19 -10.89
N ASP A 55 8.08 -7.43 -10.38
CA ASP A 55 8.36 -8.64 -9.61
C ASP A 55 7.14 -9.05 -8.79
N LYS A 56 6.44 -10.08 -9.26
CA LYS A 56 5.26 -10.59 -8.57
C LYS A 56 5.42 -12.06 -8.19
N ARG A 57 6.49 -12.35 -7.45
CA ARG A 57 6.76 -13.72 -7.02
C ARG A 57 5.79 -14.14 -5.92
N ARG A 58 4.95 -13.22 -5.49
CA ARG A 58 3.99 -13.49 -4.43
C ARG A 58 4.54 -14.49 -3.43
N SER A 59 5.84 -14.39 -3.16
CA SER A 59 6.49 -15.29 -2.22
C SER A 59 6.93 -14.54 -0.97
N GLY A 60 7.94 -13.69 -1.12
CA GLY A 60 8.43 -12.92 0.02
C GLY A 60 7.65 -11.65 0.23
N ARG A 61 6.37 -11.67 -0.12
CA ARG A 61 5.51 -10.50 0.05
C ARG A 61 5.66 -9.90 1.44
N ARG A 62 5.69 -8.58 1.51
CA ARG A 62 5.83 -7.87 2.78
C ARG A 62 4.54 -7.15 3.15
N LYS A 63 4.03 -7.46 4.34
CA LYS A 63 2.80 -6.84 4.82
C LYS A 63 2.85 -6.60 6.32
N THR A 64 1.88 -5.85 6.84
CA THR A 64 1.82 -5.55 8.26
C THR A 64 0.86 -6.49 8.98
N HIS A 65 0.81 -6.38 10.31
CA HIS A 65 -0.08 -7.22 11.11
C HIS A 65 -1.53 -7.03 10.69
N VAL A 66 -2.36 -8.03 10.97
CA VAL A 66 -3.77 -7.98 10.63
C VAL A 66 -4.62 -7.59 11.84
N SER A 67 -5.08 -6.34 11.86
CA SER A 67 -5.90 -5.85 12.95
C SER A 67 -7.34 -6.32 12.82
N LYS A 68 -7.98 -6.59 13.96
CA LYS A 68 -9.36 -7.05 13.97
C LYS A 68 -10.24 -6.10 14.78
N LYS A 69 -11.54 -6.15 14.50
CA LYS A 69 -12.50 -5.29 15.20
C LYS A 69 -12.02 -3.85 15.22
N THR A 70 -11.64 -3.34 14.06
CA THR A 70 -11.16 -1.96 13.94
C THR A 70 -11.14 -1.51 12.49
N LEU A 71 -11.54 -0.26 12.25
CA LEU A 71 -11.57 0.29 10.91
C LEU A 71 -10.29 1.10 10.63
N ASN A 72 -9.73 1.69 11.68
CA ASN A 72 -8.52 2.48 11.54
C ASN A 72 -7.33 1.78 12.19
N PRO A 73 -6.73 0.83 11.46
CA PRO A 73 -5.58 0.06 11.96
C PRO A 73 -4.32 0.91 12.06
N VAL A 74 -3.56 0.71 13.12
CA VAL A 74 -2.33 1.45 13.34
C VAL A 74 -1.12 0.52 13.42
N PHE A 75 -0.32 0.50 12.37
CA PHE A 75 0.86 -0.36 12.33
C PHE A 75 2.11 0.43 12.73
N ASP A 76 2.31 1.58 12.10
CA ASP A 76 3.47 2.41 12.39
C ASP A 76 4.76 1.62 12.25
N GLN A 77 4.75 0.62 11.38
CA GLN A 77 5.92 -0.21 11.16
C GLN A 77 6.78 0.34 10.01
N SER A 78 8.04 -0.06 9.98
CA SER A 78 8.95 0.39 8.94
C SER A 78 9.66 -0.80 8.29
N PHE A 79 9.53 -0.92 6.98
CA PHE A 79 10.16 -2.00 6.24
C PHE A 79 11.36 -1.50 5.45
N ASP A 80 12.07 -2.43 4.82
CA ASP A 80 13.26 -2.08 4.03
C ASP A 80 13.52 -3.12 2.95
N PHE A 81 14.15 -2.69 1.87
CA PHE A 81 14.46 -3.59 0.76
C PHE A 81 15.73 -3.15 0.04
N SER A 82 16.75 -4.01 0.06
CA SER A 82 18.02 -3.71 -0.60
C SER A 82 17.86 -3.67 -2.11
N VAL A 83 17.58 -2.48 -2.64
CA VAL A 83 17.41 -2.31 -4.08
C VAL A 83 17.97 -0.98 -4.55
N SER A 84 18.71 -1.01 -5.65
CA SER A 84 19.32 0.20 -6.20
C SER A 84 18.26 1.08 -6.87
N LEU A 85 18.45 2.39 -6.80
CA LEU A 85 17.52 3.34 -7.40
C LEU A 85 17.23 2.98 -8.85
N PRO A 86 18.30 2.66 -9.60
CA PRO A 86 18.19 2.29 -11.02
C PRO A 86 17.11 1.26 -11.26
N GLU A 87 17.00 0.30 -10.35
CA GLU A 87 16.00 -0.77 -10.47
C GLU A 87 14.64 -0.29 -9.97
N VAL A 88 14.60 0.12 -8.70
CA VAL A 88 13.36 0.60 -8.10
C VAL A 88 12.70 1.67 -8.96
N GLN A 89 13.52 2.36 -9.76
CA GLN A 89 13.01 3.41 -10.64
C GLN A 89 11.99 2.85 -11.62
N ARG A 90 12.32 1.74 -12.24
CA ARG A 90 11.43 1.10 -13.20
C ARG A 90 10.37 0.26 -12.50
N ARG A 91 10.60 -0.01 -11.21
CA ARG A 91 9.67 -0.80 -10.43
C ARG A 91 8.51 0.05 -9.92
N THR A 92 7.57 -0.58 -9.22
CA THR A 92 6.42 0.13 -8.67
C THR A 92 5.99 -0.48 -7.34
N LEU A 93 5.55 0.38 -6.42
CA LEU A 93 5.11 -0.07 -5.10
C LEU A 93 3.61 -0.30 -5.09
N ASP A 94 3.19 -1.54 -5.32
CA ASP A 94 1.78 -1.89 -5.33
C ASP A 94 1.22 -1.96 -3.91
N VAL A 95 0.52 -0.92 -3.50
CA VAL A 95 -0.07 -0.87 -2.17
C VAL A 95 -1.58 -1.07 -2.22
N ALA A 96 -2.05 -2.13 -1.57
CA ALA A 96 -3.47 -2.43 -1.54
C ALA A 96 -3.91 -2.84 -0.13
N VAL A 97 -4.93 -2.15 0.38
CA VAL A 97 -5.45 -2.43 1.71
C VAL A 97 -6.76 -3.19 1.64
N LYS A 98 -6.73 -4.47 2.00
CA LYS A 98 -7.92 -5.31 1.98
C LYS A 98 -8.14 -5.97 3.34
N ASN A 99 -9.19 -6.79 3.42
CA ASN A 99 -9.51 -7.48 4.66
C ASN A 99 -9.18 -8.96 4.56
N SER A 100 -8.41 -9.46 5.52
CA SER A 100 -8.00 -10.86 5.54
C SER A 100 -9.02 -11.71 6.29
N GLY A 101 -8.85 -13.02 6.22
CA GLY A 101 -9.76 -13.93 6.89
C GLY A 101 -9.53 -15.37 6.52
N GLY A 102 -9.72 -15.70 5.26
CA GLY A 102 -9.52 -17.07 4.80
C GLY A 102 -8.12 -17.30 4.28
N PHE A 103 -7.34 -18.09 5.02
CA PHE A 103 -5.97 -18.38 4.64
C PHE A 103 -5.93 -19.07 3.28
N LEU A 104 -6.64 -20.19 3.16
CA LEU A 104 -6.69 -20.93 1.90
C LEU A 104 -7.89 -20.53 1.07
N SER A 105 -7.72 -19.50 0.24
CA SER A 105 -8.80 -19.02 -0.61
C SER A 105 -8.27 -18.03 -1.66
N LYS A 106 -9.17 -17.51 -2.48
CA LYS A 106 -8.80 -16.55 -3.51
C LYS A 106 -9.23 -15.14 -3.14
N ASP A 107 -8.33 -14.41 -2.50
CA ASP A 107 -8.61 -13.04 -2.08
C ASP A 107 -9.13 -12.20 -3.25
N LYS A 108 -10.42 -11.92 -3.24
CA LYS A 108 -11.04 -11.13 -4.29
C LYS A 108 -11.64 -9.84 -3.75
N GLY A 109 -12.17 -9.91 -2.54
CA GLY A 109 -12.77 -8.74 -1.90
C GLY A 109 -11.75 -7.64 -1.68
N LEU A 110 -11.64 -6.73 -2.64
CA LEU A 110 -10.70 -5.62 -2.54
C LEU A 110 -11.41 -4.35 -2.07
N LEU A 111 -10.93 -3.76 -0.98
CA LEU A 111 -11.52 -2.54 -0.44
C LEU A 111 -10.97 -1.31 -1.16
N GLY A 112 -9.66 -1.29 -1.37
CA GLY A 112 -9.03 -0.17 -2.05
C GLY A 112 -7.54 -0.37 -2.25
N LYS A 113 -7.02 0.17 -3.34
CA LYS A 113 -5.60 0.06 -3.65
C LYS A 113 -5.09 1.31 -4.36
N VAL A 114 -3.81 1.59 -4.20
CA VAL A 114 -3.20 2.76 -4.82
C VAL A 114 -1.75 2.47 -5.23
N LEU A 115 -1.45 2.74 -6.50
CA LEU A 115 -0.11 2.52 -7.02
C LEU A 115 0.78 3.75 -6.83
N VAL A 116 2.08 3.53 -6.74
CA VAL A 116 3.03 4.62 -6.56
C VAL A 116 4.25 4.45 -7.46
N ALA A 117 4.63 5.51 -8.16
CA ALA A 117 5.78 5.47 -9.06
C ALA A 117 7.05 5.91 -8.33
N LEU A 118 8.00 4.99 -8.20
CA LEU A 118 9.26 5.28 -7.53
C LEU A 118 10.32 5.73 -8.53
N ALA A 119 9.87 6.22 -9.68
CA ALA A 119 10.79 6.68 -10.72
C ALA A 119 11.10 8.17 -10.55
N SER A 120 10.98 8.66 -9.33
CA SER A 120 11.25 10.06 -9.04
C SER A 120 12.72 10.28 -8.73
N GLU A 121 13.08 11.53 -8.43
CA GLU A 121 14.46 11.87 -8.12
C GLU A 121 14.58 12.44 -6.71
N GLU A 122 13.43 12.72 -6.10
CA GLU A 122 13.40 13.26 -4.74
C GLU A 122 13.15 12.16 -3.71
N LEU A 123 13.89 11.06 -3.84
CA LEU A 123 13.76 9.94 -2.93
C LEU A 123 14.72 10.06 -1.76
N ALA A 124 16.01 10.16 -2.07
CA ALA A 124 17.04 10.29 -1.05
C ALA A 124 16.53 11.09 0.14
N LYS A 125 15.73 12.12 -0.15
CA LYS A 125 15.18 12.97 0.90
C LYS A 125 13.96 12.32 1.56
N GLY A 126 13.03 11.85 0.73
CA GLY A 126 11.84 11.21 1.25
C GLY A 126 10.66 12.15 1.34
N TRP A 127 9.45 11.61 1.20
CA TRP A 127 8.24 12.42 1.27
C TRP A 127 7.11 11.65 1.96
N THR A 128 6.07 12.37 2.35
CA THR A 128 4.93 11.75 3.03
C THR A 128 3.61 12.36 2.54
N GLN A 129 2.72 11.51 2.04
CA GLN A 129 1.43 11.96 1.55
C GLN A 129 0.38 10.87 1.71
N TRP A 130 -0.90 11.28 1.73
CA TRP A 130 -1.99 10.33 1.88
C TRP A 130 -2.51 9.88 0.52
N TYR A 131 -2.28 8.62 0.18
CA TYR A 131 -2.71 8.07 -1.08
C TYR A 131 -4.13 7.51 -0.98
N ASP A 132 -5.08 8.22 -1.56
CA ASP A 132 -6.48 7.79 -1.53
C ASP A 132 -6.68 6.53 -2.36
N LEU A 133 -7.11 5.46 -1.69
CA LEU A 133 -7.34 4.18 -2.36
C LEU A 133 -8.43 4.31 -3.42
N THR A 134 -8.16 3.76 -4.60
CA THR A 134 -9.13 3.81 -5.69
C THR A 134 -9.49 2.41 -6.19
N GLU A 135 -10.41 2.33 -7.14
CA GLU A 135 -10.83 1.05 -7.69
C GLU A 135 -9.74 0.45 -8.56
N ASP A 136 -9.86 -0.84 -8.83
CA ASP A 136 -8.89 -1.54 -9.66
C ASP A 136 -8.87 -0.98 -11.08
N SER A 137 -10.04 -0.86 -11.68
CA SER A 137 -10.17 -0.33 -13.03
C SER A 137 -9.81 1.16 -13.08
N GLY A 138 -10.41 1.93 -12.18
CA GLY A 138 -10.16 3.35 -12.12
C GLY A 138 -11.40 4.17 -12.35
N PRO A 139 -11.64 4.58 -13.61
CA PRO A 139 -12.81 5.39 -13.97
C PRO A 139 -14.11 4.59 -13.89
N SER A 140 -15.22 5.25 -14.22
CA SER A 140 -16.53 4.61 -14.17
C SER A 140 -17.00 4.25 -15.58
N SER A 141 -17.11 5.25 -16.43
CA SER A 141 -17.56 5.04 -17.81
C SER A 141 -16.39 4.69 -18.72
N GLY A 142 -15.39 5.58 -18.77
CA GLY A 142 -14.24 5.35 -19.60
C GLY A 142 -13.22 6.48 -19.51
N GLY A 1 -3.33 12.38 -15.97
CA GLY A 1 -3.44 13.52 -15.07
C GLY A 1 -3.74 13.11 -13.64
N SER A 2 -4.49 13.94 -12.91
CA SER A 2 -4.84 13.65 -11.54
C SER A 2 -6.34 13.80 -11.32
N SER A 3 -7.08 12.76 -11.64
CA SER A 3 -8.53 12.77 -11.49
C SER A 3 -8.93 13.27 -10.10
N GLY A 4 -9.69 14.37 -10.07
CA GLY A 4 -10.11 14.94 -8.81
C GLY A 4 -10.44 13.88 -7.78
N SER A 5 -10.02 14.11 -6.55
CA SER A 5 -10.26 13.17 -5.45
C SER A 5 -11.75 13.06 -5.16
N SER A 6 -12.40 14.21 -4.97
CA SER A 6 -13.82 14.24 -4.68
C SER A 6 -14.16 13.31 -3.53
N GLY A 7 -13.44 13.47 -2.41
CA GLY A 7 -13.68 12.63 -1.25
C GLY A 7 -13.21 11.21 -1.45
N SER A 8 -12.74 10.58 -0.38
CA SER A 8 -12.26 9.21 -0.45
C SER A 8 -13.25 8.25 0.19
N PRO A 9 -14.22 7.76 -0.60
CA PRO A 9 -15.24 6.83 -0.14
C PRO A 9 -14.68 5.44 0.18
N LEU A 10 -13.55 5.13 -0.43
CA LEU A 10 -12.90 3.83 -0.22
C LEU A 10 -11.97 3.89 0.99
N GLY A 11 -11.14 4.92 1.04
CA GLY A 11 -10.22 5.07 2.15
C GLY A 11 -8.88 5.65 1.73
N GLN A 12 -8.04 5.99 2.69
CA GLN A 12 -6.73 6.56 2.41
C GLN A 12 -5.64 5.86 3.22
N ILE A 13 -4.40 6.15 2.89
CA ILE A 13 -3.26 5.55 3.60
C ILE A 13 -2.02 6.43 3.48
N GLN A 14 -1.28 6.53 4.58
CA GLN A 14 -0.07 7.34 4.61
C GLN A 14 1.18 6.45 4.55
N LEU A 15 2.05 6.72 3.57
CA LEU A 15 3.27 5.95 3.39
C LEU A 15 4.46 6.87 3.12
N THR A 16 5.55 6.64 3.81
CA THR A 16 6.76 7.44 3.64
C THR A 16 7.78 6.72 2.76
N ILE A 17 7.88 7.14 1.51
CA ILE A 17 8.82 6.53 0.58
C ILE A 17 10.09 7.37 0.45
N ARG A 18 11.24 6.76 0.73
CA ARG A 18 12.51 7.45 0.64
C ARG A 18 13.65 6.47 0.38
N HIS A 19 14.22 6.55 -0.82
CA HIS A 19 15.32 5.66 -1.20
C HIS A 19 16.66 6.37 -1.07
N SER A 20 17.49 5.89 -0.15
CA SER A 20 18.81 6.49 0.07
C SER A 20 19.78 6.08 -1.02
N SER A 21 20.37 7.06 -1.68
CA SER A 21 21.33 6.80 -2.76
C SER A 21 22.68 6.38 -2.19
N GLN A 22 22.84 6.55 -0.88
CA GLN A 22 24.08 6.19 -0.22
C GLN A 22 24.01 4.77 0.35
N ARG A 23 22.81 4.37 0.75
CA ARG A 23 22.60 3.03 1.31
C ARG A 23 22.02 2.08 0.26
N ASN A 24 21.33 2.65 -0.73
CA ASN A 24 20.72 1.86 -1.78
C ASN A 24 19.63 0.94 -1.22
N LYS A 25 18.73 1.51 -0.45
CA LYS A 25 17.64 0.75 0.15
C LYS A 25 16.32 1.51 0.04
N LEU A 26 15.22 0.76 0.03
CA LEU A 26 13.90 1.36 -0.08
C LEU A 26 13.13 1.20 1.23
N ILE A 27 12.99 2.30 1.97
CA ILE A 27 12.28 2.29 3.24
C ILE A 27 10.84 2.78 3.07
N VAL A 28 9.91 2.09 3.71
CA VAL A 28 8.50 2.44 3.63
C VAL A 28 7.81 2.29 4.98
N VAL A 29 7.39 3.41 5.56
CA VAL A 29 6.71 3.39 6.85
C VAL A 29 5.20 3.41 6.68
N VAL A 30 4.51 2.63 7.52
CA VAL A 30 3.06 2.56 7.46
C VAL A 30 2.43 2.98 8.79
N HIS A 31 2.19 4.28 8.94
CA HIS A 31 1.59 4.81 10.16
C HIS A 31 0.28 4.09 10.48
N ALA A 32 -0.76 4.41 9.71
CA ALA A 32 -2.06 3.80 9.91
C ALA A 32 -3.04 4.23 8.82
N CYS A 33 -4.09 3.44 8.63
CA CYS A 33 -5.10 3.74 7.62
C CYS A 33 -6.38 4.25 8.26
N ARG A 34 -7.13 5.05 7.52
CA ARG A 34 -8.38 5.62 8.02
C ARG A 34 -9.45 5.63 6.93
N ASN A 35 -10.70 5.80 7.33
CA ASN A 35 -11.81 5.82 6.39
C ASN A 35 -11.90 4.52 5.61
N LEU A 36 -11.66 3.41 6.31
CA LEU A 36 -11.71 2.09 5.67
C LEU A 36 -13.08 1.44 5.88
N ILE A 37 -13.95 1.60 4.88
CA ILE A 37 -15.29 1.03 4.95
C ILE A 37 -15.23 -0.48 5.17
N ALA A 38 -16.05 -0.96 6.10
CA ALA A 38 -16.09 -2.39 6.41
C ALA A 38 -17.24 -3.07 5.67
N PHE A 39 -16.90 -4.03 4.82
CA PHE A 39 -17.91 -4.77 4.06
C PHE A 39 -19.09 -5.14 4.94
N SER A 40 -18.81 -5.41 6.22
CA SER A 40 -19.85 -5.79 7.16
C SER A 40 -19.64 -5.12 8.51
N GLU A 41 -20.63 -4.36 8.96
CA GLU A 41 -20.54 -3.67 10.23
C GLU A 41 -19.97 -4.58 11.31
N ASP A 42 -20.39 -5.84 11.30
CA ASP A 42 -19.93 -6.81 12.28
C ASP A 42 -18.46 -6.58 12.62
N GLY A 43 -17.63 -6.48 11.58
CA GLY A 43 -16.20 -6.25 11.79
C GLY A 43 -15.36 -6.82 10.67
N SER A 44 -14.34 -6.07 10.27
CA SER A 44 -13.46 -6.50 9.19
C SER A 44 -12.01 -6.57 9.67
N ASP A 45 -11.16 -7.24 8.88
CA ASP A 45 -9.75 -7.38 9.23
C ASP A 45 -8.87 -6.77 8.15
N PRO A 46 -8.68 -5.44 8.21
CA PRO A 46 -7.86 -4.71 7.23
C PRO A 46 -6.38 -5.03 7.38
N TYR A 47 -5.69 -5.19 6.25
CA TYR A 47 -4.27 -5.49 6.26
C TYR A 47 -3.58 -4.89 5.04
N VAL A 48 -2.44 -4.25 5.27
CA VAL A 48 -1.68 -3.63 4.20
C VAL A 48 -0.58 -4.56 3.68
N ARG A 49 -0.53 -4.74 2.36
CA ARG A 49 0.46 -5.60 1.75
C ARG A 49 1.33 -4.81 0.76
N MET A 50 2.63 -5.07 0.81
CA MET A 50 3.57 -4.40 -0.09
C MET A 50 4.29 -5.40 -0.98
N TYR A 51 4.31 -5.10 -2.28
CA TYR A 51 4.95 -5.98 -3.25
C TYR A 51 5.79 -5.16 -4.24
N LEU A 52 7.11 -5.37 -4.19
CA LEU A 52 8.02 -4.66 -5.07
C LEU A 52 7.92 -5.19 -6.51
N LEU A 53 6.90 -4.73 -7.22
CA LEU A 53 6.69 -5.16 -8.61
C LEU A 53 7.89 -4.78 -9.48
N PRO A 54 8.11 -5.56 -10.55
CA PRO A 54 7.27 -6.73 -10.87
C PRO A 54 7.45 -7.86 -9.87
N ASP A 55 8.70 -8.16 -9.54
CA ASP A 55 9.02 -9.22 -8.59
C ASP A 55 8.08 -9.17 -7.38
N LYS A 56 7.03 -9.98 -7.41
CA LYS A 56 6.07 -10.01 -6.31
C LYS A 56 6.01 -11.41 -5.70
N ARG A 57 7.14 -12.10 -5.68
CA ARG A 57 7.21 -13.44 -5.12
C ARG A 57 6.44 -13.53 -3.81
N ARG A 58 5.43 -14.40 -3.77
CA ARG A 58 4.61 -14.58 -2.58
C ARG A 58 5.43 -15.21 -1.46
N SER A 59 6.36 -16.08 -1.82
CA SER A 59 7.19 -16.76 -0.84
C SER A 59 7.82 -15.76 0.13
N GLY A 60 8.37 -14.68 -0.42
CA GLY A 60 8.99 -13.66 0.40
C GLY A 60 8.18 -12.38 0.46
N ARG A 61 6.86 -12.51 0.34
CA ARG A 61 5.98 -11.36 0.38
C ARG A 61 6.20 -10.52 1.64
N ARG A 62 5.75 -9.28 1.60
CA ARG A 62 5.92 -8.38 2.74
C ARG A 62 4.61 -7.67 3.06
N LYS A 63 4.06 -7.95 4.25
CA LYS A 63 2.82 -7.34 4.68
C LYS A 63 2.84 -7.06 6.18
N THR A 64 1.82 -6.33 6.66
CA THR A 64 1.73 -6.00 8.07
C THR A 64 0.67 -6.86 8.77
N HIS A 65 0.69 -6.85 10.10
CA HIS A 65 -0.26 -7.63 10.88
C HIS A 65 -1.69 -7.33 10.45
N VAL A 66 -2.60 -8.24 10.78
CA VAL A 66 -4.01 -8.08 10.42
C VAL A 66 -4.84 -7.68 11.63
N SER A 67 -5.14 -6.38 11.73
CA SER A 67 -5.92 -5.87 12.84
C SER A 67 -7.38 -6.28 12.72
N LYS A 68 -7.97 -6.68 13.83
CA LYS A 68 -9.37 -7.10 13.86
C LYS A 68 -10.20 -6.18 14.74
N LYS A 69 -11.47 -6.00 14.36
CA LYS A 69 -12.37 -5.14 15.11
C LYS A 69 -11.86 -3.71 15.15
N THR A 70 -11.57 -3.16 13.98
CA THR A 70 -11.08 -1.79 13.87
C THR A 70 -11.06 -1.32 12.42
N LEU A 71 -11.48 -0.09 12.20
CA LEU A 71 -11.52 0.49 10.86
C LEU A 71 -10.24 1.28 10.57
N ASN A 72 -9.58 1.73 11.63
CA ASN A 72 -8.35 2.50 11.49
C ASN A 72 -7.15 1.71 12.03
N PRO A 73 -6.66 0.77 11.22
CA PRO A 73 -5.51 -0.07 11.59
C PRO A 73 -4.21 0.72 11.63
N VAL A 74 -3.46 0.56 12.71
CA VAL A 74 -2.18 1.26 12.87
C VAL A 74 -1.07 0.28 13.20
N PHE A 75 -0.04 0.25 12.36
CA PHE A 75 1.10 -0.64 12.56
C PHE A 75 2.36 0.16 12.88
N ASP A 76 2.39 1.40 12.42
CA ASP A 76 3.54 2.27 12.65
C ASP A 76 4.85 1.50 12.45
N GLN A 77 4.83 0.56 11.52
CA GLN A 77 6.01 -0.25 11.23
C GLN A 77 6.79 0.34 10.05
N SER A 78 8.07 -0.04 9.95
CA SER A 78 8.92 0.45 8.88
C SER A 78 9.66 -0.71 8.20
N PHE A 79 9.48 -0.84 6.90
CA PHE A 79 10.13 -1.90 6.14
C PHE A 79 11.31 -1.36 5.34
N ASP A 80 12.11 -2.26 4.79
CA ASP A 80 13.27 -1.87 3.99
C ASP A 80 13.62 -2.95 2.97
N PHE A 81 14.12 -2.52 1.82
CA PHE A 81 14.50 -3.45 0.76
C PHE A 81 15.77 -2.98 0.05
N SER A 82 16.80 -3.83 0.07
CA SER A 82 18.06 -3.50 -0.57
C SER A 82 17.92 -3.47 -2.09
N VAL A 83 17.59 -2.30 -2.62
CA VAL A 83 17.42 -2.13 -4.06
C VAL A 83 17.92 -0.76 -4.51
N SER A 84 18.71 -0.76 -5.58
CA SER A 84 19.26 0.49 -6.11
C SER A 84 18.19 1.28 -6.85
N LEU A 85 18.27 2.60 -6.74
CA LEU A 85 17.30 3.48 -7.39
C LEU A 85 17.16 3.14 -8.88
N PRO A 86 18.30 2.93 -9.54
CA PRO A 86 18.33 2.58 -10.97
C PRO A 86 17.36 1.46 -11.31
N GLU A 87 17.13 0.56 -10.37
CA GLU A 87 16.22 -0.56 -10.57
C GLU A 87 14.83 -0.22 -10.07
N VAL A 88 14.73 0.19 -8.82
CA VAL A 88 13.46 0.54 -8.22
C VAL A 88 12.68 1.53 -9.10
N GLN A 89 13.43 2.43 -9.74
CA GLN A 89 12.81 3.42 -10.62
C GLN A 89 11.81 2.77 -11.57
N ARG A 90 12.19 1.62 -12.12
CA ARG A 90 11.33 0.90 -13.05
C ARG A 90 10.25 0.12 -12.30
N ARG A 91 10.61 -0.36 -11.10
CA ARG A 91 9.67 -1.13 -10.29
C ARG A 91 8.50 -0.24 -9.83
N THR A 92 7.61 -0.83 -9.04
CA THR A 92 6.45 -0.10 -8.54
C THR A 92 5.96 -0.69 -7.22
N LEU A 93 5.62 0.19 -6.28
CA LEU A 93 5.15 -0.24 -4.97
C LEU A 93 3.66 -0.56 -5.01
N ASP A 94 3.33 -1.85 -4.94
CA ASP A 94 1.94 -2.29 -4.98
C ASP A 94 1.32 -2.24 -3.58
N VAL A 95 0.58 -1.16 -3.31
CA VAL A 95 -0.06 -0.99 -2.01
C VAL A 95 -1.57 -1.18 -2.12
N ALA A 96 -2.06 -2.26 -1.53
CA ALA A 96 -3.48 -2.56 -1.55
C ALA A 96 -4.00 -2.89 -0.16
N VAL A 97 -5.00 -2.15 0.30
CA VAL A 97 -5.58 -2.35 1.62
C VAL A 97 -6.96 -2.98 1.52
N LYS A 98 -7.09 -4.21 2.01
CA LYS A 98 -8.36 -4.93 1.97
C LYS A 98 -8.53 -5.78 3.22
N ASN A 99 -9.72 -6.38 3.36
CA ASN A 99 -10.01 -7.22 4.51
C ASN A 99 -9.82 -8.69 4.17
N SER A 100 -9.03 -9.38 4.99
CA SER A 100 -8.75 -10.79 4.78
C SER A 100 -10.04 -11.57 4.49
N GLY A 101 -10.20 -11.98 3.23
CA GLY A 101 -11.38 -12.71 2.84
C GLY A 101 -11.50 -14.05 3.54
N GLY A 102 -11.24 -15.12 2.80
CA GLY A 102 -11.31 -16.46 3.37
C GLY A 102 -10.66 -17.51 2.49
N PHE A 103 -11.36 -17.89 1.43
CA PHE A 103 -10.85 -18.90 0.49
C PHE A 103 -11.36 -18.64 -0.92
N LEU A 104 -10.91 -19.46 -1.85
CA LEU A 104 -11.30 -19.32 -3.26
C LEU A 104 -12.80 -19.01 -3.36
N SER A 105 -13.58 -19.57 -2.44
CA SER A 105 -15.02 -19.36 -2.42
C SER A 105 -15.36 -17.91 -2.76
N LYS A 106 -14.58 -16.98 -2.21
CA LYS A 106 -14.79 -15.57 -2.44
C LYS A 106 -13.46 -14.83 -2.59
N ASP A 107 -13.48 -13.72 -3.31
CA ASP A 107 -12.28 -12.92 -3.53
C ASP A 107 -11.81 -12.28 -2.22
N LYS A 108 -10.77 -11.45 -2.31
CA LYS A 108 -10.23 -10.78 -1.14
C LYS A 108 -10.97 -9.47 -0.88
N GLY A 109 -12.17 -9.35 -1.43
CA GLY A 109 -12.96 -8.15 -1.24
C GLY A 109 -12.11 -6.91 -1.19
N LEU A 110 -11.53 -6.53 -2.33
CA LEU A 110 -10.68 -5.35 -2.41
C LEU A 110 -11.47 -4.09 -2.05
N LEU A 111 -11.07 -3.43 -0.97
CA LEU A 111 -11.74 -2.22 -0.52
C LEU A 111 -11.17 -0.99 -1.21
N GLY A 112 -9.83 -0.93 -1.28
CA GLY A 112 -9.18 0.20 -1.92
C GLY A 112 -7.69 -0.01 -2.08
N LYS A 113 -7.18 0.20 -3.28
CA LYS A 113 -5.75 0.03 -3.56
C LYS A 113 -5.19 1.25 -4.30
N VAL A 114 -3.89 1.49 -4.13
CA VAL A 114 -3.24 2.61 -4.80
C VAL A 114 -1.80 2.28 -5.15
N LEU A 115 -1.41 2.58 -6.38
CA LEU A 115 -0.06 2.31 -6.84
C LEU A 115 0.83 3.55 -6.71
N VAL A 116 2.13 3.33 -6.59
CA VAL A 116 3.08 4.43 -6.46
C VAL A 116 4.33 4.19 -7.29
N ALA A 117 4.56 5.05 -8.28
CA ALA A 117 5.72 4.93 -9.14
C ALA A 117 6.98 5.50 -8.48
N LEU A 118 7.91 4.62 -8.15
CA LEU A 118 9.16 5.04 -7.50
C LEU A 118 10.18 5.49 -8.54
N ALA A 119 9.70 5.92 -9.70
CA ALA A 119 10.57 6.38 -10.77
C ALA A 119 10.87 7.87 -10.63
N SER A 120 10.74 8.38 -9.41
CA SER A 120 10.99 9.79 -9.14
C SER A 120 12.41 9.99 -8.58
N GLU A 121 12.87 11.23 -8.61
CA GLU A 121 14.20 11.56 -8.11
C GLU A 121 14.12 12.09 -6.68
N GLU A 122 12.97 12.63 -6.31
CA GLU A 122 12.77 13.16 -4.96
C GLU A 122 13.07 12.12 -3.91
N LEU A 123 13.01 10.85 -4.30
CA LEU A 123 13.29 9.74 -3.39
C LEU A 123 14.51 10.03 -2.53
N ALA A 124 15.57 10.51 -3.16
CA ALA A 124 16.80 10.83 -2.44
C ALA A 124 16.50 11.52 -1.12
N LYS A 125 15.53 12.41 -1.12
CA LYS A 125 15.15 13.14 0.08
C LYS A 125 14.04 12.40 0.83
N GLY A 126 12.93 12.16 0.14
CA GLY A 126 11.81 11.46 0.75
C GLY A 126 10.60 12.35 0.91
N TRP A 127 9.42 11.75 0.90
CA TRP A 127 8.17 12.49 1.04
C TRP A 127 7.11 11.64 1.73
N THR A 128 6.05 12.30 2.21
CA THR A 128 4.97 11.61 2.89
C THR A 128 3.62 12.23 2.55
N GLN A 129 2.68 11.40 2.11
CA GLN A 129 1.35 11.87 1.75
C GLN A 129 0.33 10.74 1.82
N TRP A 130 -0.94 11.10 1.95
CA TRP A 130 -2.01 10.11 2.03
C TRP A 130 -2.48 9.70 0.63
N TYR A 131 -2.09 8.51 0.21
CA TYR A 131 -2.47 8.00 -1.11
C TYR A 131 -3.92 7.53 -1.12
N ASP A 132 -4.80 8.36 -1.66
CA ASP A 132 -6.21 8.03 -1.73
C ASP A 132 -6.43 6.70 -2.45
N LEU A 133 -7.00 5.72 -1.75
CA LEU A 133 -7.25 4.41 -2.33
C LEU A 133 -8.32 4.48 -3.41
N THR A 134 -8.06 3.84 -4.54
CA THR A 134 -9.01 3.83 -5.65
C THR A 134 -9.44 2.42 -5.99
N GLU A 135 -10.42 2.30 -6.89
CA GLU A 135 -10.92 1.00 -7.31
C GLU A 135 -9.93 0.29 -8.22
N ASP A 136 -10.10 -1.01 -8.38
CA ASP A 136 -9.21 -1.81 -9.23
C ASP A 136 -9.34 -1.38 -10.69
N SER A 137 -10.58 -1.28 -11.16
CA SER A 137 -10.84 -0.89 -12.54
C SER A 137 -10.58 0.61 -12.74
N GLY A 138 -9.65 0.93 -13.63
CA GLY A 138 -9.33 2.31 -13.90
C GLY A 138 -9.58 2.70 -15.35
N PRO A 139 -8.94 3.79 -15.80
CA PRO A 139 -9.08 4.28 -17.16
C PRO A 139 -8.43 3.36 -18.19
N SER A 140 -8.85 3.49 -19.45
CA SER A 140 -8.32 2.66 -20.52
C SER A 140 -7.03 3.26 -21.07
N SER A 141 -6.10 2.39 -21.46
CA SER A 141 -4.82 2.82 -22.01
C SER A 141 -4.99 3.36 -23.42
N GLY A 142 -5.55 2.54 -24.31
CA GLY A 142 -5.76 2.96 -25.68
C GLY A 142 -6.68 2.01 -26.44
N GLY A 1 1.72 15.32 -4.30
CA GLY A 1 0.55 15.62 -5.11
C GLY A 1 -0.27 14.40 -5.46
N SER A 2 -0.06 13.86 -6.65
CA SER A 2 -0.79 12.67 -7.10
C SER A 2 -2.21 12.68 -6.55
N SER A 3 -2.92 13.79 -6.75
CA SER A 3 -4.29 13.92 -6.27
C SER A 3 -5.22 14.34 -7.40
N GLY A 4 -5.65 13.35 -8.20
CA GLY A 4 -6.54 13.63 -9.31
C GLY A 4 -7.95 13.91 -8.86
N SER A 5 -8.50 13.03 -8.03
CA SER A 5 -9.86 13.19 -7.53
C SER A 5 -9.88 13.18 -6.00
N SER A 6 -10.48 14.20 -5.41
CA SER A 6 -10.57 14.31 -3.95
C SER A 6 -11.65 13.38 -3.41
N GLY A 7 -11.66 13.23 -2.09
CA GLY A 7 -12.64 12.36 -1.46
C GLY A 7 -12.29 10.89 -1.58
N SER A 8 -12.01 10.25 -0.45
CA SER A 8 -11.65 8.84 -0.43
C SER A 8 -12.79 7.99 0.13
N PRO A 9 -13.70 7.56 -0.76
CA PRO A 9 -14.85 6.74 -0.38
C PRO A 9 -14.44 5.33 0.04
N LEU A 10 -13.23 4.94 -0.34
CA LEU A 10 -12.73 3.60 -0.01
C LEU A 10 -11.85 3.66 1.23
N GLY A 11 -10.98 4.66 1.30
CA GLY A 11 -10.09 4.80 2.44
C GLY A 11 -8.81 5.54 2.10
N GLN A 12 -7.99 5.79 3.11
CA GLN A 12 -6.72 6.48 2.91
C GLN A 12 -5.57 5.73 3.56
N ILE A 13 -4.35 6.17 3.28
CA ILE A 13 -3.17 5.54 3.83
C ILE A 13 -1.95 6.45 3.72
N GLN A 14 -1.16 6.51 4.79
CA GLN A 14 0.04 7.34 4.81
C GLN A 14 1.30 6.49 4.74
N LEU A 15 1.99 6.56 3.61
CA LEU A 15 3.22 5.79 3.43
C LEU A 15 4.39 6.70 3.09
N THR A 16 5.53 6.46 3.73
CA THR A 16 6.72 7.26 3.49
C THR A 16 7.72 6.53 2.60
N ILE A 17 7.84 6.99 1.35
CA ILE A 17 8.76 6.37 0.40
C ILE A 17 10.03 7.20 0.26
N ARG A 18 11.16 6.61 0.65
CA ARG A 18 12.45 7.29 0.57
C ARG A 18 13.58 6.29 0.31
N HIS A 19 14.21 6.41 -0.85
CA HIS A 19 15.31 5.52 -1.21
C HIS A 19 16.66 6.16 -0.90
N SER A 20 17.37 5.60 0.08
CA SER A 20 18.67 6.12 0.47
C SER A 20 19.73 5.78 -0.58
N SER A 21 20.44 6.80 -1.05
CA SER A 21 21.49 6.60 -2.06
C SER A 21 22.70 5.92 -1.45
N GLN A 22 23.10 6.37 -0.25
CA GLN A 22 24.25 5.80 0.43
C GLN A 22 23.98 4.36 0.84
N ARG A 23 22.76 4.08 1.27
CA ARG A 23 22.38 2.74 1.68
C ARG A 23 21.80 1.95 0.51
N ASN A 24 21.33 2.67 -0.50
CA ASN A 24 20.75 2.04 -1.69
C ASN A 24 19.66 1.05 -1.29
N LYS A 25 18.72 1.51 -0.47
CA LYS A 25 17.63 0.66 -0.02
C LYS A 25 16.31 1.42 -0.06
N LEU A 26 15.21 0.69 -0.26
CA LEU A 26 13.88 1.30 -0.31
C LEU A 26 13.15 1.14 1.02
N ILE A 27 12.98 2.25 1.72
CA ILE A 27 12.30 2.24 3.01
C ILE A 27 10.86 2.72 2.88
N VAL A 28 9.93 1.97 3.44
CA VAL A 28 8.51 2.32 3.39
C VAL A 28 7.86 2.16 4.75
N VAL A 29 7.46 3.28 5.35
CA VAL A 29 6.81 3.26 6.66
C VAL A 29 5.30 3.24 6.52
N VAL A 30 4.64 2.48 7.38
CA VAL A 30 3.18 2.38 7.36
C VAL A 30 2.57 2.89 8.67
N HIS A 31 2.51 4.20 8.81
CA HIS A 31 1.94 4.83 10.00
C HIS A 31 0.67 4.10 10.44
N ALA A 32 -0.41 4.32 9.71
CA ALA A 32 -1.68 3.70 10.03
C ALA A 32 -2.74 4.03 8.97
N CYS A 33 -3.79 3.23 8.92
CA CYS A 33 -4.87 3.43 7.96
C CYS A 33 -6.13 3.93 8.65
N ARG A 34 -7.06 4.45 7.86
CA ARG A 34 -8.32 4.97 8.39
C ARG A 34 -9.36 5.14 7.30
N ASN A 35 -10.63 5.03 7.66
CA ASN A 35 -11.72 5.16 6.70
C ASN A 35 -11.79 3.94 5.79
N LEU A 36 -11.81 2.76 6.38
CA LEU A 36 -11.86 1.52 5.61
C LEU A 36 -13.27 0.93 5.62
N ILE A 37 -14.10 1.38 4.69
CA ILE A 37 -15.48 0.90 4.59
C ILE A 37 -15.56 -0.59 4.89
N ALA A 38 -16.51 -0.97 5.73
CA ALA A 38 -16.70 -2.37 6.10
C ALA A 38 -17.61 -3.07 5.09
N PHE A 39 -17.29 -4.33 4.79
CA PHE A 39 -18.08 -5.11 3.86
C PHE A 39 -19.55 -5.10 4.24
N SER A 40 -19.82 -5.30 5.53
CA SER A 40 -21.19 -5.31 6.03
C SER A 40 -21.31 -4.49 7.30
N GLU A 41 -20.56 -3.40 7.38
CA GLU A 41 -20.58 -2.52 8.54
C GLU A 41 -20.67 -3.34 9.82
N ASP A 42 -20.05 -4.51 9.81
CA ASP A 42 -20.06 -5.38 10.98
C ASP A 42 -18.65 -5.50 11.58
N GLY A 43 -17.65 -5.51 10.71
CA GLY A 43 -16.27 -5.61 11.17
C GLY A 43 -15.40 -6.39 10.20
N SER A 44 -14.43 -5.71 9.61
CA SER A 44 -13.52 -6.34 8.66
C SER A 44 -12.09 -6.35 9.19
N ASP A 45 -11.24 -7.15 8.56
CA ASP A 45 -9.85 -7.25 8.97
C ASP A 45 -8.93 -6.58 7.95
N PRO A 46 -8.73 -5.27 8.12
CA PRO A 46 -7.87 -4.47 7.23
C PRO A 46 -6.39 -4.82 7.39
N TYR A 47 -5.67 -4.82 6.27
CA TYR A 47 -4.26 -5.14 6.28
C TYR A 47 -3.57 -4.63 5.03
N VAL A 48 -2.42 -3.97 5.21
CA VAL A 48 -1.66 -3.43 4.09
C VAL A 48 -0.63 -4.43 3.59
N ARG A 49 -0.38 -4.42 2.28
CA ARG A 49 0.58 -5.32 1.67
C ARG A 49 1.43 -4.60 0.64
N MET A 50 2.73 -4.89 0.63
CA MET A 50 3.64 -4.26 -0.32
C MET A 50 4.24 -5.30 -1.26
N TYR A 51 4.39 -4.92 -2.52
CA TYR A 51 4.95 -5.82 -3.53
C TYR A 51 5.77 -5.05 -4.56
N LEU A 52 7.07 -5.29 -4.56
CA LEU A 52 7.97 -4.62 -5.51
C LEU A 52 7.78 -5.15 -6.92
N LEU A 53 6.85 -4.53 -7.65
CA LEU A 53 6.57 -4.94 -9.02
C LEU A 53 7.78 -4.71 -9.91
N PRO A 54 7.85 -5.46 -11.03
CA PRO A 54 6.83 -6.45 -11.37
C PRO A 54 6.84 -7.66 -10.44
N ASP A 55 8.04 -8.04 -10.00
CA ASP A 55 8.20 -9.18 -9.09
C ASP A 55 7.12 -9.16 -8.01
N LYS A 56 6.47 -10.30 -7.81
CA LYS A 56 5.43 -10.41 -6.79
C LYS A 56 5.62 -11.66 -5.95
N ARG A 57 6.86 -12.13 -5.86
CA ARG A 57 7.19 -13.32 -5.09
C ARG A 57 6.60 -13.23 -3.68
N ARG A 58 5.97 -14.31 -3.24
CA ARG A 58 5.37 -14.36 -1.92
C ARG A 58 6.44 -14.45 -0.83
N SER A 59 7.43 -15.31 -1.06
CA SER A 59 8.51 -15.49 -0.09
C SER A 59 8.94 -14.16 0.50
N GLY A 60 9.40 -13.25 -0.35
CA GLY A 60 9.83 -11.94 0.12
C GLY A 60 8.69 -10.94 0.19
N ARG A 61 7.60 -11.34 0.81
CA ARG A 61 6.43 -10.48 0.93
C ARG A 61 6.37 -9.84 2.32
N ARG A 62 6.39 -8.51 2.36
CA ARG A 62 6.34 -7.78 3.62
C ARG A 62 4.98 -7.12 3.82
N LYS A 63 4.34 -7.39 4.95
CA LYS A 63 3.04 -6.82 5.26
C LYS A 63 2.94 -6.45 6.73
N THR A 64 1.91 -5.69 7.09
CA THR A 64 1.69 -5.27 8.46
C THR A 64 0.68 -6.16 9.17
N HIS A 65 0.61 -6.04 10.49
CA HIS A 65 -0.33 -6.83 11.28
C HIS A 65 -1.75 -6.69 10.74
N VAL A 66 -2.59 -7.67 11.05
CA VAL A 66 -3.98 -7.66 10.60
C VAL A 66 -4.93 -7.44 11.76
N SER A 67 -5.44 -6.21 11.89
CA SER A 67 -6.35 -5.87 12.97
C SER A 67 -7.76 -6.38 12.66
N LYS A 68 -8.53 -6.64 13.71
CA LYS A 68 -9.90 -7.13 13.56
C LYS A 68 -10.89 -6.19 14.26
N LYS A 69 -12.08 -6.07 13.68
CA LYS A 69 -13.12 -5.22 14.24
C LYS A 69 -12.61 -3.79 14.40
N THR A 70 -12.11 -3.22 13.31
CA THR A 70 -11.60 -1.85 13.33
C THR A 70 -11.44 -1.31 11.91
N LEU A 71 -11.85 -0.05 11.72
CA LEU A 71 -11.75 0.58 10.41
C LEU A 71 -10.44 1.34 10.27
N ASN A 72 -9.89 1.78 11.39
CA ASN A 72 -8.63 2.52 11.40
C ASN A 72 -7.59 1.81 12.26
N PRO A 73 -6.88 0.84 11.65
CA PRO A 73 -5.85 0.07 12.34
C PRO A 73 -4.61 0.91 12.65
N VAL A 74 -3.58 0.26 13.17
CA VAL A 74 -2.34 0.95 13.51
C VAL A 74 -1.16 -0.03 13.56
N PHE A 75 -0.12 0.29 12.80
CA PHE A 75 1.07 -0.56 12.76
C PHE A 75 2.32 0.24 13.10
N ASP A 76 2.50 1.37 12.43
CA ASP A 76 3.66 2.23 12.66
C ASP A 76 4.95 1.47 12.42
N GLN A 77 4.91 0.52 11.49
CA GLN A 77 6.09 -0.29 11.16
C GLN A 77 6.82 0.29 9.96
N SER A 78 8.12 0.01 9.88
CA SER A 78 8.93 0.50 8.77
C SER A 78 9.76 -0.63 8.17
N PHE A 79 9.51 -0.92 6.89
CA PHE A 79 10.22 -1.98 6.19
C PHE A 79 11.30 -1.40 5.29
N ASP A 80 12.19 -2.26 4.79
CA ASP A 80 13.26 -1.83 3.91
C ASP A 80 13.63 -2.94 2.93
N PHE A 81 14.22 -2.55 1.79
CA PHE A 81 14.62 -3.51 0.77
C PHE A 81 15.90 -3.06 0.08
N SER A 82 16.90 -3.92 0.08
CA SER A 82 18.18 -3.61 -0.55
C SER A 82 18.05 -3.58 -2.06
N VAL A 83 17.76 -2.40 -2.61
CA VAL A 83 17.60 -2.24 -4.05
C VAL A 83 18.15 -0.89 -4.52
N SER A 84 18.78 -0.90 -5.68
CA SER A 84 19.36 0.32 -6.24
C SER A 84 18.28 1.17 -6.92
N LEU A 85 18.45 2.49 -6.88
CA LEU A 85 17.50 3.40 -7.49
C LEU A 85 17.25 3.03 -8.96
N PRO A 86 18.34 2.73 -9.68
CA PRO A 86 18.27 2.36 -11.10
C PRO A 86 17.21 1.29 -11.36
N GLU A 87 17.09 0.34 -10.44
CA GLU A 87 16.12 -0.73 -10.57
C GLU A 87 14.75 -0.30 -10.06
N VAL A 88 14.70 0.12 -8.81
CA VAL A 88 13.45 0.57 -8.19
C VAL A 88 12.74 1.58 -9.07
N GLN A 89 13.52 2.30 -9.88
CA GLN A 89 12.95 3.30 -10.78
C GLN A 89 11.95 2.67 -11.74
N ARG A 90 12.36 1.58 -12.38
CA ARG A 90 11.49 0.89 -13.34
C ARG A 90 10.48 0.02 -12.60
N ARG A 91 10.60 -0.04 -11.28
CA ARG A 91 9.69 -0.84 -10.47
C ARG A 91 8.58 0.03 -9.88
N THR A 92 7.59 -0.62 -9.27
CA THR A 92 6.48 0.09 -8.67
C THR A 92 6.09 -0.53 -7.33
N LEU A 93 5.56 0.30 -6.43
CA LEU A 93 5.14 -0.18 -5.11
C LEU A 93 3.66 -0.51 -5.10
N ASP A 94 3.35 -1.80 -5.21
CA ASP A 94 1.96 -2.27 -5.21
C ASP A 94 1.39 -2.24 -3.81
N VAL A 95 0.61 -1.20 -3.50
CA VAL A 95 0.00 -1.06 -2.19
C VAL A 95 -1.51 -1.22 -2.27
N ALA A 96 -2.02 -2.29 -1.66
CA ALA A 96 -3.44 -2.57 -1.66
C ALA A 96 -3.93 -3.00 -0.28
N VAL A 97 -4.95 -2.32 0.23
CA VAL A 97 -5.50 -2.63 1.54
C VAL A 97 -6.77 -3.47 1.42
N LYS A 98 -6.64 -4.77 1.62
CA LYS A 98 -7.79 -5.68 1.53
C LYS A 98 -8.24 -6.10 2.92
N ASN A 99 -9.23 -6.99 2.96
CA ASN A 99 -9.76 -7.48 4.24
C ASN A 99 -9.46 -8.96 4.41
N SER A 100 -8.53 -9.27 5.32
CA SER A 100 -8.14 -10.65 5.59
C SER A 100 -9.35 -11.48 6.01
N GLY A 101 -10.12 -11.92 5.02
CA GLY A 101 -11.30 -12.72 5.31
C GLY A 101 -11.98 -13.22 4.05
N GLY A 102 -11.44 -14.28 3.46
CA GLY A 102 -12.03 -14.83 2.25
C GLY A 102 -12.82 -16.09 2.51
N PHE A 103 -13.24 -16.76 1.44
CA PHE A 103 -14.02 -17.99 1.55
C PHE A 103 -13.58 -19.02 0.52
N LEU A 104 -14.20 -20.19 0.55
CA LEU A 104 -13.86 -21.26 -0.38
C LEU A 104 -14.44 -20.97 -1.76
N SER A 105 -14.04 -19.83 -2.33
CA SER A 105 -14.51 -19.44 -3.66
C SER A 105 -13.68 -18.30 -4.22
N LYS A 106 -13.99 -17.89 -5.44
CA LYS A 106 -13.27 -16.80 -6.10
C LYS A 106 -13.78 -15.44 -5.62
N ASP A 107 -13.09 -14.88 -4.63
CA ASP A 107 -13.47 -13.58 -4.08
C ASP A 107 -12.24 -12.74 -3.76
N LYS A 108 -12.33 -11.44 -4.00
CA LYS A 108 -11.22 -10.53 -3.73
C LYS A 108 -11.61 -9.49 -2.70
N GLY A 109 -12.90 -9.16 -2.64
CA GLY A 109 -13.38 -8.18 -1.69
C GLY A 109 -12.38 -7.06 -1.46
N LEU A 110 -11.80 -6.56 -2.54
CA LEU A 110 -10.82 -5.48 -2.45
C LEU A 110 -11.46 -4.21 -1.91
N LEU A 111 -10.98 -3.76 -0.76
CA LEU A 111 -11.50 -2.54 -0.13
C LEU A 111 -10.94 -1.30 -0.81
N GLY A 112 -9.66 -1.34 -1.16
CA GLY A 112 -9.04 -0.21 -1.82
C GLY A 112 -7.55 -0.41 -2.04
N LYS A 113 -7.03 0.18 -3.10
CA LYS A 113 -5.61 0.07 -3.43
C LYS A 113 -5.12 1.28 -4.20
N VAL A 114 -3.81 1.51 -4.19
CA VAL A 114 -3.22 2.64 -4.89
C VAL A 114 -1.80 2.32 -5.35
N LEU A 115 -1.45 2.78 -6.54
CA LEU A 115 -0.13 2.54 -7.11
C LEU A 115 0.74 3.80 -7.01
N VAL A 116 2.03 3.60 -6.77
CA VAL A 116 2.97 4.71 -6.65
C VAL A 116 4.19 4.50 -7.53
N ALA A 117 4.44 5.44 -8.43
CA ALA A 117 5.59 5.35 -9.33
C ALA A 117 6.87 5.82 -8.64
N LEU A 118 7.79 4.89 -8.42
CA LEU A 118 9.05 5.21 -7.77
C LEU A 118 10.10 5.65 -8.79
N ALA A 119 9.64 6.07 -9.97
CA ALA A 119 10.53 6.51 -11.03
C ALA A 119 10.93 7.97 -10.83
N SER A 120 10.71 8.48 -9.63
CA SER A 120 11.05 9.87 -9.30
C SER A 120 12.44 9.96 -8.67
N GLU A 121 13.04 11.14 -8.78
CA GLU A 121 14.37 11.36 -8.21
C GLU A 121 14.28 11.88 -6.78
N GLU A 122 13.18 12.56 -6.48
CA GLU A 122 12.97 13.12 -5.15
C GLU A 122 13.19 12.06 -4.07
N LEU A 123 13.14 10.79 -4.49
CA LEU A 123 13.33 9.68 -3.56
C LEU A 123 14.56 9.90 -2.68
N ALA A 124 15.56 10.58 -3.25
CA ALA A 124 16.79 10.86 -2.52
C ALA A 124 16.50 11.50 -1.18
N LYS A 125 15.48 12.35 -1.14
CA LYS A 125 15.11 13.03 0.09
C LYS A 125 13.93 12.33 0.77
N GLY A 126 12.90 12.02 -0.01
CA GLY A 126 11.73 11.34 0.53
C GLY A 126 10.54 12.28 0.68
N TRP A 127 9.35 11.71 0.66
CA TRP A 127 8.13 12.50 0.80
C TRP A 127 7.05 11.70 1.54
N THR A 128 6.12 12.42 2.16
CA THR A 128 5.03 11.78 2.90
C THR A 128 3.69 12.38 2.51
N GLN A 129 2.72 11.51 2.22
CA GLN A 129 1.38 11.94 1.83
C GLN A 129 0.37 10.82 2.01
N TRP A 130 -0.91 11.18 2.03
CA TRP A 130 -1.98 10.20 2.20
C TRP A 130 -2.49 9.72 0.85
N TYR A 131 -2.12 8.50 0.48
CA TYR A 131 -2.55 7.93 -0.80
C TYR A 131 -4.00 7.51 -0.75
N ASP A 132 -4.87 8.32 -1.36
CA ASP A 132 -6.30 8.04 -1.39
C ASP A 132 -6.58 6.73 -2.13
N LEU A 133 -7.11 5.75 -1.41
CA LEU A 133 -7.42 4.45 -2.00
C LEU A 133 -8.48 4.59 -3.10
N THR A 134 -8.28 3.86 -4.20
CA THR A 134 -9.21 3.91 -5.32
C THR A 134 -9.60 2.51 -5.76
N GLU A 135 -10.40 2.42 -6.82
CA GLU A 135 -10.84 1.14 -7.35
C GLU A 135 -9.74 0.47 -8.16
N ASP A 136 -9.85 -0.84 -8.33
CA ASP A 136 -8.85 -1.60 -9.09
C ASP A 136 -8.92 -1.25 -10.57
N SER A 137 -8.01 -1.84 -11.35
CA SER A 137 -7.97 -1.58 -12.79
C SER A 137 -7.45 -2.81 -13.53
N GLY A 138 -8.32 -3.42 -14.33
CA GLY A 138 -7.93 -4.58 -15.10
C GLY A 138 -9.10 -5.23 -15.81
N PRO A 139 -9.44 -4.68 -16.99
CA PRO A 139 -10.55 -5.19 -17.80
C PRO A 139 -10.26 -6.55 -18.41
N SER A 140 -8.97 -6.90 -18.49
CA SER A 140 -8.54 -8.17 -19.06
C SER A 140 -9.34 -9.32 -18.45
N SER A 141 -9.75 -10.27 -19.29
CA SER A 141 -10.52 -11.42 -18.84
C SER A 141 -9.80 -12.72 -19.17
N GLY A 142 -9.01 -13.20 -18.20
CA GLY A 142 -8.28 -14.44 -18.40
C GLY A 142 -7.68 -14.54 -19.78
N GLY A 1 -2.91 15.88 -17.55
CA GLY A 1 -3.13 16.63 -16.34
C GLY A 1 -4.00 15.89 -15.34
N SER A 2 -4.04 16.38 -14.11
CA SER A 2 -4.84 15.75 -13.06
C SER A 2 -5.74 16.78 -12.37
N SER A 3 -6.90 17.02 -12.98
CA SER A 3 -7.86 17.97 -12.43
C SER A 3 -9.17 17.29 -12.08
N GLY A 4 -9.90 17.88 -11.13
CA GLY A 4 -11.17 17.31 -10.72
C GLY A 4 -11.01 16.18 -9.72
N SER A 5 -10.73 16.53 -8.48
CA SER A 5 -10.53 15.53 -7.43
C SER A 5 -11.83 15.32 -6.64
N SER A 6 -11.83 14.32 -5.77
CA SER A 6 -13.00 14.01 -4.96
C SER A 6 -12.61 13.19 -3.72
N GLY A 7 -13.56 13.03 -2.80
CA GLY A 7 -13.29 12.28 -1.59
C GLY A 7 -13.12 10.80 -1.87
N SER A 8 -12.25 10.16 -1.09
CA SER A 8 -12.00 8.73 -1.25
C SER A 8 -12.95 7.91 -0.39
N PRO A 9 -13.91 7.24 -1.04
CA PRO A 9 -14.90 6.41 -0.36
C PRO A 9 -14.30 5.14 0.23
N LEU A 10 -13.17 4.72 -0.33
CA LEU A 10 -12.49 3.52 0.14
C LEU A 10 -11.67 3.82 1.39
N GLY A 11 -10.94 4.93 1.35
CA GLY A 11 -10.12 5.31 2.49
C GLY A 11 -8.82 5.96 2.07
N GLN A 12 -7.82 5.92 2.95
CA GLN A 12 -6.52 6.51 2.67
C GLN A 12 -5.43 5.84 3.49
N ILE A 13 -4.18 6.10 3.11
CA ILE A 13 -3.04 5.52 3.81
C ILE A 13 -1.83 6.45 3.78
N GLN A 14 -1.26 6.70 4.94
CA GLN A 14 -0.09 7.58 5.05
C GLN A 14 1.20 6.77 5.12
N LEU A 15 2.04 6.91 4.11
CA LEU A 15 3.30 6.18 4.06
C LEU A 15 4.45 7.11 3.64
N THR A 16 5.67 6.75 4.01
CA THR A 16 6.84 7.55 3.68
C THR A 16 7.77 6.78 2.75
N ILE A 17 7.79 7.17 1.47
CA ILE A 17 8.64 6.53 0.49
C ILE A 17 9.91 7.33 0.25
N ARG A 18 11.05 6.74 0.59
CA ARG A 18 12.34 7.41 0.41
C ARG A 18 13.44 6.38 0.11
N HIS A 19 14.02 6.49 -1.08
CA HIS A 19 15.09 5.58 -1.48
C HIS A 19 16.46 6.22 -1.27
N SER A 20 17.23 5.66 -0.34
CA SER A 20 18.55 6.17 -0.03
C SER A 20 19.57 5.71 -1.07
N SER A 21 20.29 6.67 -1.66
CA SER A 21 21.29 6.36 -2.67
C SER A 21 22.49 5.65 -2.05
N GLN A 22 22.97 6.19 -0.93
CA GLN A 22 24.12 5.61 -0.25
C GLN A 22 23.83 4.18 0.18
N ARG A 23 22.68 3.98 0.82
CA ARG A 23 22.29 2.65 1.27
C ARG A 23 21.68 1.83 0.14
N ASN A 24 21.09 2.53 -0.83
CA ASN A 24 20.46 1.87 -1.98
C ASN A 24 19.37 0.91 -1.53
N LYS A 25 18.50 1.38 -0.64
CA LYS A 25 17.40 0.58 -0.13
C LYS A 25 16.09 1.36 -0.15
N LEU A 26 14.98 0.63 -0.19
CA LEU A 26 13.66 1.26 -0.23
C LEU A 26 12.96 1.10 1.13
N ILE A 27 12.89 2.20 1.88
CA ILE A 27 12.25 2.18 3.18
C ILE A 27 10.80 2.66 3.08
N VAL A 28 9.88 1.80 3.51
CA VAL A 28 8.46 2.13 3.47
C VAL A 28 7.82 2.00 4.86
N VAL A 29 7.44 3.14 5.43
CA VAL A 29 6.82 3.15 6.75
C VAL A 29 5.31 3.16 6.65
N VAL A 30 4.64 2.51 7.60
CA VAL A 30 3.18 2.44 7.62
C VAL A 30 2.63 2.92 8.96
N HIS A 31 2.24 4.19 9.01
CA HIS A 31 1.69 4.77 10.23
C HIS A 31 0.36 4.12 10.59
N ALA A 32 -0.68 4.43 9.82
CA ALA A 32 -2.00 3.87 10.05
C ALA A 32 -2.97 4.28 8.95
N CYS A 33 -4.03 3.50 8.79
CA CYS A 33 -5.04 3.78 7.76
C CYS A 33 -6.33 4.29 8.39
N ARG A 34 -7.07 5.10 7.63
CA ARG A 34 -8.32 5.66 8.12
C ARG A 34 -9.37 5.70 7.01
N ASN A 35 -10.64 5.79 7.41
CA ASN A 35 -11.73 5.83 6.44
C ASN A 35 -11.77 4.55 5.61
N LEU A 36 -11.68 3.41 6.28
CA LEU A 36 -11.70 2.11 5.61
C LEU A 36 -13.07 1.46 5.76
N ILE A 37 -13.92 1.62 4.75
CA ILE A 37 -15.25 1.04 4.78
C ILE A 37 -15.19 -0.48 4.90
N ALA A 38 -15.88 -1.01 5.90
CA ALA A 38 -15.91 -2.45 6.14
C ALA A 38 -17.03 -3.11 5.34
N PHE A 39 -16.68 -4.10 4.52
CA PHE A 39 -17.66 -4.81 3.71
C PHE A 39 -18.87 -5.22 4.54
N SER A 40 -18.63 -5.50 5.83
CA SER A 40 -19.70 -5.91 6.73
C SER A 40 -19.57 -5.19 8.07
N GLU A 41 -20.54 -4.34 8.37
CA GLU A 41 -20.53 -3.59 9.63
C GLU A 41 -20.00 -4.45 10.78
N ASP A 42 -20.44 -5.71 10.82
CA ASP A 42 -20.01 -6.63 11.86
C ASP A 42 -18.55 -6.41 12.22
N GLY A 43 -17.71 -6.29 11.19
CA GLY A 43 -16.29 -6.07 11.42
C GLY A 43 -15.43 -6.64 10.32
N SER A 44 -14.33 -5.96 10.01
CA SER A 44 -13.42 -6.40 8.95
C SER A 44 -11.97 -6.37 9.44
N ASP A 45 -11.15 -7.22 8.83
CA ASP A 45 -9.73 -7.29 9.21
C ASP A 45 -8.85 -6.69 8.11
N PRO A 46 -8.72 -5.35 8.14
CA PRO A 46 -7.90 -4.63 7.16
C PRO A 46 -6.41 -4.89 7.33
N TYR A 47 -5.70 -5.00 6.22
CA TYR A 47 -4.26 -5.25 6.26
C TYR A 47 -3.57 -4.66 5.03
N VAL A 48 -2.41 -4.06 5.24
CA VAL A 48 -1.65 -3.46 4.15
C VAL A 48 -0.78 -4.50 3.45
N ARG A 49 -0.61 -4.33 2.13
CA ARG A 49 0.21 -5.25 1.35
C ARG A 49 1.26 -4.50 0.55
N MET A 50 2.50 -4.99 0.60
CA MET A 50 3.59 -4.36 -0.13
C MET A 50 4.28 -5.37 -1.05
N TYR A 51 4.45 -5.00 -2.30
CA TYR A 51 5.09 -5.86 -3.28
C TYR A 51 6.01 -5.07 -4.21
N LEU A 52 7.18 -5.62 -4.50
CA LEU A 52 8.14 -4.96 -5.38
C LEU A 52 7.97 -5.42 -6.82
N LEU A 53 7.09 -4.73 -7.54
CA LEU A 53 6.84 -5.06 -8.94
C LEU A 53 8.06 -4.78 -9.81
N PRO A 54 8.17 -5.50 -10.93
CA PRO A 54 7.16 -6.49 -11.34
C PRO A 54 7.19 -7.73 -10.45
N ASP A 55 8.39 -8.15 -10.06
CA ASP A 55 8.55 -9.32 -9.20
C ASP A 55 7.46 -9.36 -8.13
N LYS A 56 6.87 -10.53 -7.95
CA LYS A 56 5.81 -10.70 -6.95
C LYS A 56 6.06 -11.94 -6.10
N ARG A 57 7.34 -12.26 -5.90
CA ARG A 57 7.72 -13.43 -5.10
C ARG A 57 6.75 -13.61 -3.93
N ARG A 58 6.07 -14.75 -3.90
CA ARG A 58 5.13 -15.04 -2.83
C ARG A 58 5.85 -15.24 -1.51
N SER A 59 7.16 -15.50 -1.58
CA SER A 59 7.96 -15.70 -0.39
C SER A 59 8.38 -14.37 0.23
N GLY A 60 8.73 -13.42 -0.63
CA GLY A 60 9.15 -12.12 -0.16
C GLY A 60 7.98 -11.21 0.19
N ARG A 61 6.79 -11.81 0.28
CA ARG A 61 5.58 -11.06 0.61
C ARG A 61 5.71 -10.40 1.98
N ARG A 62 5.84 -9.08 1.99
CA ARG A 62 5.97 -8.33 3.23
C ARG A 62 4.73 -7.48 3.49
N LYS A 63 4.12 -7.67 4.66
CA LYS A 63 2.93 -6.93 5.03
C LYS A 63 2.90 -6.66 6.53
N THR A 64 1.94 -5.83 6.96
CA THR A 64 1.81 -5.50 8.37
C THR A 64 0.76 -6.38 9.04
N HIS A 65 0.75 -6.37 10.38
CA HIS A 65 -0.20 -7.16 11.14
C HIS A 65 -1.63 -6.92 10.65
N VAL A 66 -2.53 -7.85 10.97
CA VAL A 66 -3.91 -7.74 10.57
C VAL A 66 -4.82 -7.45 11.76
N SER A 67 -5.27 -6.20 11.86
CA SER A 67 -6.13 -5.80 12.96
C SER A 67 -7.58 -6.23 12.71
N LYS A 68 -8.25 -6.67 13.76
CA LYS A 68 -9.63 -7.12 13.66
C LYS A 68 -10.55 -6.25 14.51
N LYS A 69 -11.82 -6.21 14.15
CA LYS A 69 -12.80 -5.42 14.88
C LYS A 69 -12.38 -3.95 14.96
N THR A 70 -11.94 -3.41 13.82
CA THR A 70 -11.51 -2.02 13.76
C THR A 70 -11.49 -1.51 12.32
N LEU A 71 -11.79 -0.22 12.15
CA LEU A 71 -11.81 0.38 10.83
C LEU A 71 -10.52 1.15 10.56
N ASN A 72 -9.97 1.75 11.61
CA ASN A 72 -8.73 2.51 11.49
C ASN A 72 -7.58 1.80 12.19
N PRO A 73 -6.99 0.82 11.49
CA PRO A 73 -5.87 0.03 12.01
C PRO A 73 -4.59 0.85 12.12
N VAL A 74 -3.82 0.60 13.17
CA VAL A 74 -2.56 1.32 13.39
C VAL A 74 -1.41 0.35 13.59
N PHE A 75 -0.39 0.46 12.73
CA PHE A 75 0.78 -0.40 12.82
C PHE A 75 2.01 0.38 13.27
N ASP A 76 2.41 1.36 12.47
CA ASP A 76 3.56 2.19 12.79
C ASP A 76 4.86 1.41 12.56
N GLN A 77 4.83 0.46 11.64
CA GLN A 77 6.00 -0.35 11.32
C GLN A 77 6.75 0.21 10.12
N SER A 78 8.03 -0.11 10.04
CA SER A 78 8.87 0.37 8.95
C SER A 78 9.64 -0.78 8.31
N PHE A 79 9.50 -0.94 7.00
CA PHE A 79 10.19 -2.00 6.28
C PHE A 79 11.24 -1.43 5.33
N ASP A 80 12.15 -2.28 4.88
CA ASP A 80 13.20 -1.86 3.97
C ASP A 80 13.57 -2.97 2.99
N PHE A 81 14.00 -2.59 1.80
CA PHE A 81 14.37 -3.56 0.78
C PHE A 81 15.64 -3.13 0.05
N SER A 82 16.60 -4.04 -0.05
CA SER A 82 17.86 -3.74 -0.71
C SER A 82 17.68 -3.69 -2.23
N VAL A 83 17.43 -2.49 -2.75
CA VAL A 83 17.23 -2.32 -4.18
C VAL A 83 17.82 -0.99 -4.66
N SER A 84 18.56 -1.04 -5.76
CA SER A 84 19.19 0.16 -6.31
C SER A 84 18.15 1.04 -7.01
N LEU A 85 18.37 2.35 -6.96
CA LEU A 85 17.47 3.30 -7.58
C LEU A 85 17.22 2.95 -9.05
N PRO A 86 18.30 2.61 -9.76
CA PRO A 86 18.22 2.23 -11.18
C PRO A 86 17.12 1.21 -11.45
N GLU A 87 16.90 0.32 -10.50
CA GLU A 87 15.88 -0.71 -10.63
C GLU A 87 14.54 -0.23 -10.08
N VAL A 88 14.55 0.22 -8.83
CA VAL A 88 13.34 0.72 -8.18
C VAL A 88 12.61 1.72 -9.06
N GLN A 89 13.38 2.47 -9.86
CA GLN A 89 12.80 3.46 -10.76
C GLN A 89 11.76 2.83 -11.68
N ARG A 90 12.17 1.79 -12.40
CA ARG A 90 11.28 1.09 -13.32
C ARG A 90 10.24 0.28 -12.56
N ARG A 91 10.59 -0.13 -11.34
CA ARG A 91 9.69 -0.92 -10.51
C ARG A 91 8.62 -0.03 -9.87
N THR A 92 7.61 -0.66 -9.29
CA THR A 92 6.52 0.07 -8.65
C THR A 92 6.17 -0.55 -7.29
N LEU A 93 5.67 0.29 -6.38
CA LEU A 93 5.30 -0.18 -5.05
C LEU A 93 3.81 -0.51 -5.00
N ASP A 94 3.50 -1.81 -5.07
CA ASP A 94 2.11 -2.26 -5.02
C ASP A 94 1.56 -2.17 -3.60
N VAL A 95 0.80 -1.12 -3.33
CA VAL A 95 0.21 -0.91 -2.02
C VAL A 95 -1.31 -1.05 -2.07
N ALA A 96 -1.81 -2.20 -1.64
CA ALA A 96 -3.25 -2.44 -1.64
C ALA A 96 -3.73 -2.86 -0.25
N VAL A 97 -4.74 -2.17 0.26
CA VAL A 97 -5.30 -2.47 1.57
C VAL A 97 -6.52 -3.36 1.46
N LYS A 98 -6.34 -4.66 1.67
CA LYS A 98 -7.43 -5.62 1.59
C LYS A 98 -7.73 -6.22 2.96
N ASN A 99 -8.80 -7.00 3.04
CA ASN A 99 -9.18 -7.63 4.29
C ASN A 99 -8.97 -9.14 4.23
N SER A 100 -8.31 -9.69 5.24
CA SER A 100 -8.03 -11.12 5.29
C SER A 100 -9.27 -11.90 5.74
N GLY A 101 -9.88 -11.45 6.84
CA GLY A 101 -11.07 -12.12 7.34
C GLY A 101 -10.74 -13.36 8.14
N GLY A 102 -10.12 -14.34 7.48
CA GLY A 102 -9.77 -15.58 8.15
C GLY A 102 -10.97 -16.32 8.69
N PHE A 103 -11.00 -16.55 9.99
CA PHE A 103 -12.11 -17.26 10.63
C PHE A 103 -12.49 -18.50 9.82
N LEU A 104 -11.50 -19.35 9.54
CA LEU A 104 -11.73 -20.57 8.79
C LEU A 104 -12.30 -20.25 7.40
N SER A 105 -11.65 -19.32 6.70
CA SER A 105 -12.10 -18.93 5.37
C SER A 105 -11.02 -18.10 4.67
N LYS A 106 -11.29 -17.74 3.42
CA LYS A 106 -10.35 -16.95 2.63
C LYS A 106 -11.10 -16.00 1.69
N ASP A 107 -10.49 -14.84 1.43
CA ASP A 107 -11.09 -13.85 0.55
C ASP A 107 -10.08 -12.77 0.18
N LYS A 108 -10.24 -12.22 -1.02
CA LYS A 108 -9.33 -11.18 -1.50
C LYS A 108 -10.07 -9.85 -1.66
N GLY A 109 -11.27 -9.77 -1.07
CA GLY A 109 -12.05 -8.56 -1.16
C GLY A 109 -11.19 -7.30 -1.18
N LEU A 110 -10.99 -6.74 -2.36
CA LEU A 110 -10.19 -5.53 -2.51
C LEU A 110 -10.97 -4.30 -2.11
N LEU A 111 -10.63 -3.74 -0.96
CA LEU A 111 -11.31 -2.55 -0.45
C LEU A 111 -10.78 -1.29 -1.13
N GLY A 112 -9.49 -1.30 -1.46
CA GLY A 112 -8.88 -0.16 -2.12
C GLY A 112 -7.38 -0.35 -2.32
N LYS A 113 -6.88 0.11 -3.46
CA LYS A 113 -5.46 0.00 -3.77
C LYS A 113 -4.95 1.29 -4.41
N VAL A 114 -3.65 1.54 -4.24
CA VAL A 114 -3.02 2.74 -4.79
C VAL A 114 -1.57 2.48 -5.17
N LEU A 115 -1.22 2.77 -6.41
CA LEU A 115 0.14 2.58 -6.90
C LEU A 115 0.94 3.87 -6.81
N VAL A 116 2.23 3.73 -6.54
CA VAL A 116 3.12 4.89 -6.43
C VAL A 116 4.37 4.70 -7.29
N ALA A 117 4.44 5.47 -8.37
CA ALA A 117 5.58 5.41 -9.28
C ALA A 117 6.86 5.88 -8.58
N LEU A 118 7.74 4.93 -8.28
CA LEU A 118 9.00 5.24 -7.62
C LEU A 118 10.04 5.72 -8.63
N ALA A 119 9.58 6.11 -9.81
CA ALA A 119 10.48 6.59 -10.86
C ALA A 119 10.76 8.08 -10.70
N SER A 120 10.45 8.61 -9.53
CA SER A 120 10.67 10.02 -9.24
C SER A 120 12.06 10.25 -8.61
N GLU A 121 12.61 11.43 -8.84
CA GLU A 121 13.92 11.77 -8.30
C GLU A 121 13.81 12.23 -6.85
N GLU A 122 12.63 12.71 -6.48
CA GLU A 122 12.39 13.19 -5.12
C GLU A 122 12.71 12.10 -4.10
N LEU A 123 12.85 10.86 -4.58
CA LEU A 123 13.14 9.73 -3.71
C LEU A 123 14.46 9.96 -2.96
N ALA A 124 15.32 10.79 -3.53
CA ALA A 124 16.61 11.09 -2.91
C ALA A 124 16.43 11.76 -1.57
N LYS A 125 15.29 12.42 -1.39
CA LYS A 125 14.98 13.12 -0.13
C LYS A 125 13.91 12.37 0.65
N GLY A 126 12.79 12.09 -0.01
CA GLY A 126 11.70 11.39 0.65
C GLY A 126 10.48 12.27 0.86
N TRP A 127 9.29 11.71 0.66
CA TRP A 127 8.06 12.44 0.83
C TRP A 127 7.01 11.60 1.55
N THR A 128 6.04 12.27 2.17
CA THR A 128 4.98 11.58 2.90
C THR A 128 3.62 12.22 2.63
N GLN A 129 2.64 11.41 2.28
CA GLN A 129 1.30 11.89 2.00
C GLN A 129 0.29 10.75 2.04
N TRP A 130 -0.99 11.11 2.16
CA TRP A 130 -2.06 10.12 2.22
C TRP A 130 -2.42 9.64 0.82
N TYR A 131 -1.92 8.46 0.45
CA TYR A 131 -2.20 7.89 -0.86
C TYR A 131 -3.64 7.39 -0.95
N ASP A 132 -4.49 8.16 -1.62
CA ASP A 132 -5.89 7.79 -1.78
C ASP A 132 -6.03 6.47 -2.51
N LEU A 133 -6.84 5.57 -1.96
CA LEU A 133 -7.06 4.26 -2.58
C LEU A 133 -8.06 4.36 -3.72
N THR A 134 -8.01 3.38 -4.63
CA THR A 134 -8.91 3.35 -5.77
C THR A 134 -9.28 1.92 -6.15
N GLU A 135 -10.24 1.78 -7.05
CA GLU A 135 -10.68 0.45 -7.50
C GLU A 135 -9.68 -0.15 -8.46
N ASP A 136 -9.80 -1.46 -8.70
CA ASP A 136 -8.90 -2.16 -9.61
C ASP A 136 -8.87 -1.49 -10.97
N SER A 137 -7.68 -1.05 -11.38
CA SER A 137 -7.51 -0.38 -12.67
C SER A 137 -6.38 -1.01 -13.47
N GLY A 138 -6.74 -1.74 -14.52
CA GLY A 138 -5.74 -2.40 -15.34
C GLY A 138 -6.28 -2.77 -16.71
N PRO A 139 -6.29 -1.79 -17.63
CA PRO A 139 -6.78 -2.01 -19.01
C PRO A 139 -5.86 -2.91 -19.82
N SER A 140 -4.60 -2.98 -19.41
CA SER A 140 -3.61 -3.80 -20.10
C SER A 140 -2.86 -4.69 -19.13
N SER A 141 -2.16 -5.68 -19.66
CA SER A 141 -1.40 -6.61 -18.83
C SER A 141 0.11 -6.42 -19.04
N GLY A 142 0.52 -6.35 -20.30
CA GLY A 142 1.93 -6.17 -20.61
C GLY A 142 2.34 -6.89 -21.87
N GLY A 1 -11.30 20.42 -11.24
CA GLY A 1 -10.94 19.12 -10.71
C GLY A 1 -9.44 18.87 -10.74
N SER A 2 -8.67 19.88 -10.35
CA SER A 2 -7.22 19.78 -10.33
C SER A 2 -6.77 18.56 -9.51
N SER A 3 -5.58 18.05 -9.82
CA SER A 3 -5.04 16.90 -9.12
C SER A 3 -5.12 17.10 -7.60
N GLY A 4 -6.13 16.48 -6.99
CA GLY A 4 -6.30 16.61 -5.56
C GLY A 4 -7.63 16.04 -5.08
N SER A 5 -7.82 14.75 -5.25
CA SER A 5 -9.05 14.08 -4.84
C SER A 5 -9.41 14.44 -3.41
N SER A 6 -10.70 14.53 -3.13
CA SER A 6 -11.18 14.86 -1.79
C SER A 6 -12.03 13.74 -1.22
N GLY A 7 -13.06 13.36 -1.96
CA GLY A 7 -13.94 12.28 -1.50
C GLY A 7 -13.26 10.94 -1.49
N SER A 8 -12.99 10.41 -0.31
CA SER A 8 -12.33 9.12 -0.17
C SER A 8 -13.26 8.11 0.50
N PRO A 9 -14.16 7.51 -0.29
CA PRO A 9 -15.12 6.52 0.20
C PRO A 9 -14.44 5.20 0.59
N LEU A 10 -13.39 4.85 -0.14
CA LEU A 10 -12.65 3.62 0.12
C LEU A 10 -11.78 3.76 1.36
N GLY A 11 -10.97 4.82 1.39
CA GLY A 11 -10.09 5.06 2.53
C GLY A 11 -8.77 5.67 2.11
N GLN A 12 -7.96 6.04 3.09
CA GLN A 12 -6.65 6.64 2.83
C GLN A 12 -5.55 5.88 3.55
N ILE A 13 -4.30 6.16 3.18
CA ILE A 13 -3.16 5.50 3.78
C ILE A 13 -1.90 6.37 3.68
N GLN A 14 -1.19 6.50 4.79
CA GLN A 14 0.03 7.29 4.83
C GLN A 14 1.27 6.41 4.77
N LEU A 15 2.10 6.62 3.76
CA LEU A 15 3.32 5.84 3.58
C LEU A 15 4.51 6.74 3.25
N THR A 16 5.60 6.57 3.99
CA THR A 16 6.80 7.37 3.76
C THR A 16 7.79 6.63 2.88
N ILE A 17 7.90 7.06 1.63
CA ILE A 17 8.81 6.43 0.69
C ILE A 17 10.11 7.24 0.55
N ARG A 18 11.23 6.58 0.80
CA ARG A 18 12.53 7.23 0.72
C ARG A 18 13.63 6.22 0.40
N HIS A 19 14.16 6.29 -0.82
CA HIS A 19 15.22 5.38 -1.25
C HIS A 19 16.58 6.04 -1.11
N SER A 20 17.31 5.64 -0.08
CA SER A 20 18.64 6.19 0.18
C SER A 20 19.62 5.78 -0.92
N SER A 21 20.35 6.75 -1.45
CA SER A 21 21.33 6.49 -2.51
C SER A 21 22.64 5.97 -1.92
N GLN A 22 22.74 5.98 -0.60
CA GLN A 22 23.94 5.52 0.08
C GLN A 22 23.79 4.08 0.53
N ARG A 23 22.60 3.73 1.01
CA ARG A 23 22.33 2.37 1.48
C ARG A 23 21.71 1.53 0.36
N ASN A 24 21.32 2.19 -0.72
CA ASN A 24 20.71 1.51 -1.86
C ASN A 24 19.57 0.60 -1.41
N LYS A 25 18.75 1.12 -0.50
CA LYS A 25 17.62 0.36 0.01
C LYS A 25 16.33 1.17 -0.09
N LEU A 26 15.19 0.48 -0.04
CA LEU A 26 13.89 1.13 -0.12
C LEU A 26 13.11 0.96 1.18
N ILE A 27 12.99 2.04 1.93
CA ILE A 27 12.27 2.02 3.19
C ILE A 27 10.85 2.54 3.03
N VAL A 28 9.89 1.88 3.67
CA VAL A 28 8.50 2.28 3.60
C VAL A 28 7.80 2.15 4.95
N VAL A 29 7.51 3.28 5.58
CA VAL A 29 6.85 3.29 6.88
C VAL A 29 5.34 3.37 6.73
N VAL A 30 4.63 2.50 7.43
CA VAL A 30 3.18 2.48 7.37
C VAL A 30 2.57 2.92 8.70
N HIS A 31 2.40 4.24 8.86
CA HIS A 31 1.84 4.79 10.07
C HIS A 31 0.51 4.13 10.40
N ALA A 32 -0.52 4.44 9.62
CA ALA A 32 -1.84 3.86 9.84
C ALA A 32 -2.81 4.28 8.73
N CYS A 33 -3.90 3.55 8.60
CA CYS A 33 -4.90 3.83 7.58
C CYS A 33 -6.17 4.41 8.21
N ARG A 34 -7.06 4.92 7.36
CA ARG A 34 -8.31 5.51 7.83
C ARG A 34 -9.40 5.40 6.76
N ASN A 35 -10.63 5.73 7.15
CA ASN A 35 -11.76 5.66 6.24
C ASN A 35 -11.76 4.34 5.47
N LEU A 36 -11.60 3.24 6.20
CA LEU A 36 -11.57 1.91 5.59
C LEU A 36 -12.90 1.19 5.82
N ILE A 37 -13.83 1.38 4.90
CA ILE A 37 -15.14 0.74 4.99
C ILE A 37 -15.01 -0.73 5.36
N ALA A 38 -16.04 -1.27 6.02
CA ALA A 38 -16.04 -2.66 6.43
C ALA A 38 -17.16 -3.43 5.76
N PHE A 39 -16.81 -4.53 5.09
CA PHE A 39 -17.79 -5.35 4.40
C PHE A 39 -19.03 -5.58 5.28
N SER A 40 -18.80 -5.66 6.60
CA SER A 40 -19.88 -5.87 7.54
C SER A 40 -19.65 -5.09 8.83
N GLU A 41 -20.64 -4.29 9.22
CA GLU A 41 -20.54 -3.48 10.43
C GLU A 41 -19.81 -4.25 11.53
N ASP A 42 -20.19 -5.51 11.72
CA ASP A 42 -19.58 -6.35 12.74
C ASP A 42 -18.10 -6.02 12.90
N GLY A 43 -17.39 -5.98 11.78
CA GLY A 43 -15.96 -5.67 11.82
C GLY A 43 -15.17 -6.46 10.80
N SER A 44 -14.13 -5.85 10.25
CA SER A 44 -13.30 -6.50 9.25
C SER A 44 -11.84 -6.53 9.70
N ASP A 45 -11.03 -7.32 9.01
CA ASP A 45 -9.60 -7.44 9.33
C ASP A 45 -8.75 -6.81 8.24
N PRO A 46 -8.59 -5.47 8.32
CA PRO A 46 -7.80 -4.71 7.35
C PRO A 46 -6.31 -4.99 7.48
N TYR A 47 -5.61 -5.04 6.34
CA TYR A 47 -4.18 -5.30 6.33
C TYR A 47 -3.54 -4.75 5.06
N VAL A 48 -2.39 -4.10 5.22
CA VAL A 48 -1.67 -3.53 4.09
C VAL A 48 -0.77 -4.57 3.43
N ARG A 49 -0.51 -4.38 2.14
CA ARG A 49 0.33 -5.30 1.39
C ARG A 49 1.32 -4.55 0.51
N MET A 50 2.58 -4.97 0.55
CA MET A 50 3.62 -4.34 -0.25
C MET A 50 4.35 -5.36 -1.12
N TYR A 51 4.27 -5.16 -2.43
CA TYR A 51 4.92 -6.06 -3.39
C TYR A 51 5.72 -5.28 -4.42
N LEU A 52 7.04 -5.46 -4.37
CA LEU A 52 7.94 -4.77 -5.30
C LEU A 52 7.75 -5.30 -6.72
N LEU A 53 6.86 -4.66 -7.47
CA LEU A 53 6.59 -5.06 -8.84
C LEU A 53 7.77 -4.74 -9.75
N PRO A 54 7.93 -5.52 -10.82
CA PRO A 54 7.03 -6.64 -11.12
C PRO A 54 7.18 -7.79 -10.14
N ASP A 55 8.39 -7.96 -9.61
CA ASP A 55 8.66 -9.03 -8.66
C ASP A 55 7.47 -9.26 -7.75
N LYS A 56 6.80 -10.39 -7.95
CA LYS A 56 5.62 -10.73 -7.14
C LYS A 56 5.92 -11.91 -6.22
N ARG A 57 7.17 -12.00 -5.77
CA ARG A 57 7.58 -13.08 -4.89
C ARG A 57 6.65 -13.20 -3.69
N ARG A 58 5.82 -14.23 -3.68
CA ARG A 58 4.87 -14.46 -2.59
C ARG A 58 5.57 -15.08 -1.39
N SER A 59 6.66 -15.80 -1.65
CA SER A 59 7.42 -16.45 -0.58
C SER A 59 8.09 -15.42 0.31
N GLY A 60 8.44 -14.28 -0.27
CA GLY A 60 9.11 -13.23 0.49
C GLY A 60 8.24 -11.99 0.63
N ARG A 61 6.94 -12.16 0.49
CA ARG A 61 6.00 -11.04 0.59
C ARG A 61 6.31 -10.20 1.83
N ARG A 62 5.91 -8.93 1.78
CA ARG A 62 6.14 -8.02 2.90
C ARG A 62 4.87 -7.24 3.24
N LYS A 63 4.27 -7.56 4.37
CA LYS A 63 3.05 -6.90 4.81
C LYS A 63 3.07 -6.68 6.32
N THR A 64 2.08 -5.92 6.82
CA THR A 64 1.98 -5.64 8.24
C THR A 64 0.97 -6.56 8.91
N HIS A 65 0.90 -6.48 10.24
CA HIS A 65 -0.03 -7.30 11.01
C HIS A 65 -1.47 -7.12 10.50
N VAL A 66 -2.39 -7.91 11.06
CA VAL A 66 -3.78 -7.83 10.67
C VAL A 66 -4.67 -7.50 11.87
N SER A 67 -5.05 -6.23 11.99
CA SER A 67 -5.89 -5.79 13.09
C SER A 67 -7.34 -6.19 12.86
N LYS A 68 -8.06 -6.44 13.95
CA LYS A 68 -9.46 -6.83 13.86
C LYS A 68 -10.34 -5.89 14.68
N LYS A 69 -11.62 -5.84 14.34
CA LYS A 69 -12.56 -4.97 15.03
C LYS A 69 -12.06 -3.53 15.08
N THR A 70 -11.75 -2.98 13.90
CA THR A 70 -11.26 -1.62 13.81
C THR A 70 -11.23 -1.15 12.36
N LEU A 71 -11.68 0.08 12.14
CA LEU A 71 -11.71 0.66 10.79
C LEU A 71 -10.42 1.42 10.50
N ASN A 72 -9.83 2.00 11.54
CA ASN A 72 -8.59 2.75 11.40
C ASN A 72 -7.42 2.01 12.03
N PRO A 73 -6.91 0.99 11.32
CA PRO A 73 -5.79 0.17 11.79
C PRO A 73 -4.47 0.95 11.79
N VAL A 74 -3.61 0.63 12.75
CA VAL A 74 -2.32 1.29 12.85
C VAL A 74 -1.21 0.30 13.21
N PHE A 75 -0.09 0.38 12.51
CA PHE A 75 1.03 -0.51 12.75
C PHE A 75 2.31 0.29 13.03
N ASP A 76 2.39 1.47 12.44
CA ASP A 76 3.56 2.33 12.62
C ASP A 76 4.86 1.53 12.46
N GLN A 77 4.85 0.59 11.53
CA GLN A 77 6.02 -0.25 11.29
C GLN A 77 6.81 0.27 10.10
N SER A 78 8.09 -0.08 10.04
CA SER A 78 8.96 0.35 8.96
C SER A 78 9.66 -0.83 8.30
N PHE A 79 9.41 -1.02 7.02
CA PHE A 79 10.02 -2.12 6.27
C PHE A 79 11.21 -1.65 5.46
N ASP A 80 11.95 -2.59 4.91
CA ASP A 80 13.13 -2.26 4.09
C ASP A 80 13.34 -3.30 2.99
N PHE A 81 13.91 -2.86 1.88
CA PHE A 81 14.16 -3.75 0.75
C PHE A 81 15.45 -3.36 0.03
N SER A 82 16.35 -4.32 -0.14
CA SER A 82 17.62 -4.08 -0.80
C SER A 82 17.42 -3.89 -2.31
N VAL A 83 17.25 -2.63 -2.72
CA VAL A 83 17.05 -2.32 -4.12
C VAL A 83 17.74 -1.01 -4.50
N SER A 84 18.46 -1.02 -5.61
CA SER A 84 19.17 0.16 -6.08
C SER A 84 18.20 1.17 -6.69
N LEU A 85 18.52 2.45 -6.55
CA LEU A 85 17.69 3.52 -7.09
C LEU A 85 17.39 3.28 -8.57
N PRO A 86 18.44 2.91 -9.32
CA PRO A 86 18.32 2.64 -10.76
C PRO A 86 17.14 1.74 -11.09
N GLU A 87 16.94 0.72 -10.26
CA GLU A 87 15.85 -0.23 -10.46
C GLU A 87 14.53 0.34 -9.94
N VAL A 88 14.47 0.56 -8.63
CA VAL A 88 13.27 1.11 -8.01
C VAL A 88 12.65 2.21 -8.86
N GLN A 89 13.47 2.84 -9.69
CA GLN A 89 13.01 3.90 -10.57
C GLN A 89 11.87 3.41 -11.47
N ARG A 90 12.05 2.22 -12.05
CA ARG A 90 11.05 1.64 -12.93
C ARG A 90 10.09 0.74 -12.14
N ARG A 91 10.56 0.25 -11.01
CA ARG A 91 9.75 -0.64 -10.16
C ARG A 91 8.47 0.08 -9.72
N THR A 92 7.53 -0.70 -9.18
CA THR A 92 6.27 -0.14 -8.71
C THR A 92 5.87 -0.74 -7.37
N LEU A 93 5.53 0.13 -6.42
CA LEU A 93 5.13 -0.31 -5.08
C LEU A 93 3.64 -0.64 -5.04
N ASP A 94 3.33 -1.93 -5.04
CA ASP A 94 1.96 -2.40 -5.00
C ASP A 94 1.38 -2.26 -3.59
N VAL A 95 0.65 -1.17 -3.36
CA VAL A 95 0.04 -0.92 -2.06
C VAL A 95 -1.47 -1.10 -2.11
N ALA A 96 -1.94 -2.24 -1.65
CA ALA A 96 -3.37 -2.53 -1.63
C ALA A 96 -3.85 -2.90 -0.23
N VAL A 97 -4.89 -2.22 0.22
CA VAL A 97 -5.44 -2.48 1.55
C VAL A 97 -6.70 -3.35 1.46
N LYS A 98 -6.53 -4.64 1.70
CA LYS A 98 -7.63 -5.59 1.65
C LYS A 98 -7.94 -6.14 3.04
N ASN A 99 -8.90 -7.06 3.11
CA ASN A 99 -9.28 -7.68 4.37
C ASN A 99 -8.86 -9.14 4.42
N SER A 100 -8.32 -9.57 5.56
CA SER A 100 -7.88 -10.94 5.72
C SER A 100 -9.04 -11.85 6.11
N GLY A 101 -9.09 -13.03 5.52
CA GLY A 101 -10.15 -13.98 5.81
C GLY A 101 -9.74 -15.01 6.84
N GLY A 102 -8.56 -15.60 6.65
CA GLY A 102 -8.08 -16.60 7.57
C GLY A 102 -6.92 -17.40 7.01
N PHE A 103 -7.22 -18.32 6.10
CA PHE A 103 -6.20 -19.16 5.49
C PHE A 103 -6.36 -19.19 3.97
N LEU A 104 -6.77 -18.06 3.39
CA LEU A 104 -6.97 -17.96 1.95
C LEU A 104 -5.77 -17.29 1.29
N SER A 105 -5.74 -17.34 -0.04
CA SER A 105 -4.65 -16.74 -0.80
C SER A 105 -5.09 -15.42 -1.43
N LYS A 106 -6.17 -15.47 -2.20
CA LYS A 106 -6.69 -14.28 -2.86
C LYS A 106 -8.22 -14.24 -2.78
N ASP A 107 -8.78 -13.05 -2.93
CA ASP A 107 -10.23 -12.88 -2.88
C ASP A 107 -10.67 -11.66 -3.69
N LYS A 108 -11.92 -11.66 -4.13
CA LYS A 108 -12.45 -10.56 -4.91
C LYS A 108 -13.01 -9.47 -4.01
N GLY A 109 -12.60 -9.48 -2.74
CA GLY A 109 -13.07 -8.49 -1.79
C GLY A 109 -12.10 -7.34 -1.63
N LEU A 110 -11.66 -6.78 -2.75
CA LEU A 110 -10.71 -5.66 -2.71
C LEU A 110 -11.38 -4.40 -2.20
N LEU A 111 -10.97 -3.96 -1.01
CA LEU A 111 -11.53 -2.76 -0.40
C LEU A 111 -10.99 -1.50 -1.07
N GLY A 112 -9.68 -1.47 -1.28
CA GLY A 112 -9.05 -0.33 -1.92
C GLY A 112 -7.58 -0.55 -2.20
N LYS A 113 -7.08 0.09 -3.26
CA LYS A 113 -5.68 -0.06 -3.64
C LYS A 113 -5.21 1.17 -4.43
N VAL A 114 -3.91 1.43 -4.39
CA VAL A 114 -3.33 2.56 -5.10
C VAL A 114 -1.87 2.30 -5.47
N LEU A 115 -1.58 2.38 -6.76
CA LEU A 115 -0.21 2.15 -7.23
C LEU A 115 0.59 3.44 -7.22
N VAL A 116 1.90 3.31 -6.96
CA VAL A 116 2.78 4.48 -6.92
C VAL A 116 4.06 4.22 -7.70
N ALA A 117 4.40 5.15 -8.59
CA ALA A 117 5.60 5.02 -9.41
C ALA A 117 6.80 5.68 -8.73
N LEU A 118 7.78 4.85 -8.36
CA LEU A 118 8.98 5.36 -7.70
C LEU A 118 10.01 5.82 -8.72
N ALA A 119 9.53 6.27 -9.88
CA ALA A 119 10.42 6.74 -10.94
C ALA A 119 10.79 8.20 -10.72
N SER A 120 10.84 8.62 -9.46
CA SER A 120 11.18 10.00 -9.12
C SER A 120 12.66 10.12 -8.76
N GLU A 121 13.14 11.35 -8.68
CA GLU A 121 14.54 11.60 -8.35
C GLU A 121 14.67 12.13 -6.92
N GLU A 122 13.56 12.61 -6.37
CA GLU A 122 13.56 13.14 -5.02
C GLU A 122 13.17 12.06 -4.01
N LEU A 123 13.78 10.90 -4.13
CA LEU A 123 13.50 9.78 -3.24
C LEU A 123 14.41 9.82 -2.01
N ALA A 124 15.72 9.93 -2.25
CA ALA A 124 16.69 9.98 -1.17
C ALA A 124 16.20 10.87 -0.03
N LYS A 125 15.64 12.03 -0.38
CA LYS A 125 15.14 12.97 0.60
C LYS A 125 13.90 12.40 1.31
N GLY A 126 13.02 11.78 0.53
CA GLY A 126 11.81 11.20 1.09
C GLY A 126 10.67 12.19 1.16
N TRP A 127 9.44 11.69 1.09
CA TRP A 127 8.26 12.55 1.13
C TRP A 127 7.09 11.81 1.77
N THR A 128 6.16 12.57 2.35
CA THR A 128 4.99 12.00 3.00
C THR A 128 3.70 12.53 2.39
N GLN A 129 2.74 11.65 2.18
CA GLN A 129 1.46 12.03 1.60
C GLN A 129 0.44 10.90 1.73
N TRP A 130 -0.83 11.27 1.72
CA TRP A 130 -1.91 10.28 1.84
C TRP A 130 -2.38 9.82 0.46
N TYR A 131 -2.10 8.57 0.14
CA TYR A 131 -2.49 8.00 -1.14
C TYR A 131 -3.93 7.51 -1.10
N ASP A 132 -4.82 8.25 -1.75
CA ASP A 132 -6.24 7.88 -1.79
C ASP A 132 -6.43 6.52 -2.47
N LEU A 133 -7.08 5.61 -1.76
CA LEU A 133 -7.33 4.27 -2.29
C LEU A 133 -8.26 4.33 -3.50
N THR A 134 -8.19 3.30 -4.34
CA THR A 134 -9.03 3.23 -5.54
C THR A 134 -9.37 1.79 -5.88
N GLU A 135 -10.40 1.61 -6.71
CA GLU A 135 -10.84 0.28 -7.12
C GLU A 135 -9.92 -0.27 -8.21
N ASP A 136 -9.98 -1.59 -8.40
CA ASP A 136 -9.16 -2.25 -9.41
C ASP A 136 -9.38 -1.62 -10.79
N SER A 137 -8.28 -1.24 -11.44
CA SER A 137 -8.36 -0.62 -12.76
C SER A 137 -7.36 -1.27 -13.71
N GLY A 138 -6.14 -1.49 -13.24
CA GLY A 138 -5.12 -2.09 -14.06
C GLY A 138 -4.66 -1.19 -15.18
N PRO A 139 -3.52 -1.54 -15.80
CA PRO A 139 -2.94 -0.76 -16.90
C PRO A 139 -3.77 -0.84 -18.17
N SER A 140 -4.37 0.27 -18.57
CA SER A 140 -5.20 0.32 -19.77
C SER A 140 -4.34 0.38 -21.03
N SER A 141 -3.20 1.07 -20.91
CA SER A 141 -2.28 1.20 -22.04
C SER A 141 -0.92 0.62 -21.70
N GLY A 142 -0.13 0.35 -22.75
CA GLY A 142 1.20 -0.21 -22.54
C GLY A 142 2.19 0.83 -22.06
N GLY A 1 -10.47 0.80 -15.25
CA GLY A 1 -10.85 2.19 -15.10
C GLY A 1 -9.95 2.93 -14.14
N SER A 2 -10.31 4.17 -13.81
CA SER A 2 -9.54 4.98 -12.89
C SER A 2 -10.36 6.15 -12.35
N SER A 3 -10.03 6.58 -11.14
CA SER A 3 -10.75 7.68 -10.50
C SER A 3 -9.86 8.41 -9.50
N GLY A 4 -10.28 9.60 -9.09
CA GLY A 4 -9.51 10.38 -8.14
C GLY A 4 -10.13 11.73 -7.87
N SER A 5 -10.40 12.01 -6.59
CA SER A 5 -11.01 13.27 -6.20
C SER A 5 -11.10 13.38 -4.68
N SER A 6 -11.51 14.54 -4.20
CA SER A 6 -11.63 14.78 -2.77
C SER A 6 -12.34 13.61 -2.08
N GLY A 7 -11.83 13.23 -0.91
CA GLY A 7 -12.43 12.12 -0.18
C GLY A 7 -12.25 10.79 -0.89
N SER A 8 -12.43 9.71 -0.15
CA SER A 8 -12.28 8.37 -0.71
C SER A 8 -13.34 7.43 -0.15
N PRO A 9 -14.13 6.81 -1.05
CA PRO A 9 -15.18 5.87 -0.66
C PRO A 9 -14.62 4.57 -0.11
N LEU A 10 -13.37 4.28 -0.42
CA LEU A 10 -12.72 3.06 0.04
C LEU A 10 -11.83 3.35 1.24
N GLY A 11 -11.20 4.53 1.25
CA GLY A 11 -10.33 4.90 2.34
C GLY A 11 -9.03 5.51 1.86
N GLN A 12 -8.06 5.62 2.78
CA GLN A 12 -6.76 6.18 2.43
C GLN A 12 -5.64 5.42 3.12
N ILE A 13 -4.40 5.88 2.92
CA ILE A 13 -3.25 5.23 3.53
C ILE A 13 -2.00 6.10 3.38
N GLN A 14 -1.32 6.34 4.50
CA GLN A 14 -0.10 7.15 4.50
C GLN A 14 1.13 6.27 4.56
N LEU A 15 2.04 6.48 3.60
CA LEU A 15 3.28 5.70 3.54
C LEU A 15 4.47 6.60 3.23
N THR A 16 5.52 6.47 4.02
CA THR A 16 6.72 7.28 3.84
C THR A 16 7.74 6.54 2.98
N ILE A 17 7.91 7.01 1.74
CA ILE A 17 8.87 6.41 0.83
C ILE A 17 10.16 7.20 0.76
N ARG A 18 11.27 6.55 1.12
CA ARG A 18 12.57 7.21 1.09
C ARG A 18 13.68 6.19 0.80
N HIS A 19 14.26 6.29 -0.40
CA HIS A 19 15.32 5.39 -0.81
C HIS A 19 16.69 6.06 -0.67
N SER A 20 17.44 5.62 0.33
CA SER A 20 18.78 6.19 0.58
C SER A 20 19.77 5.72 -0.47
N SER A 21 20.68 6.61 -0.85
CA SER A 21 21.69 6.28 -1.85
C SER A 21 22.87 5.55 -1.22
N GLN A 22 23.34 6.07 -0.09
CA GLN A 22 24.46 5.46 0.61
C GLN A 22 24.14 4.03 1.03
N ARG A 23 22.85 3.73 1.16
CA ARG A 23 22.41 2.40 1.55
C ARG A 23 21.78 1.67 0.37
N ASN A 24 21.28 2.43 -0.59
CA ASN A 24 20.66 1.84 -1.78
C ASN A 24 19.50 0.91 -1.38
N LYS A 25 18.79 1.29 -0.33
CA LYS A 25 17.65 0.50 0.15
C LYS A 25 16.36 1.31 0.10
N LEU A 26 15.24 0.62 -0.06
CA LEU A 26 13.94 1.27 -0.13
C LEU A 26 13.17 1.08 1.18
N ILE A 27 13.10 2.14 1.98
CA ILE A 27 12.40 2.09 3.25
C ILE A 27 10.98 2.63 3.11
N VAL A 28 10.02 1.89 3.67
CA VAL A 28 8.62 2.29 3.61
C VAL A 28 7.95 2.12 4.96
N VAL A 29 7.55 3.24 5.56
CA VAL A 29 6.89 3.22 6.86
C VAL A 29 5.37 3.31 6.71
N VAL A 30 4.66 2.38 7.33
CA VAL A 30 3.21 2.35 7.26
C VAL A 30 2.58 2.92 8.54
N HIS A 31 2.44 4.25 8.57
CA HIS A 31 1.86 4.92 9.73
C HIS A 31 0.57 4.23 10.17
N ALA A 32 -0.50 4.45 9.41
CA ALA A 32 -1.80 3.86 9.71
C ALA A 32 -2.82 4.17 8.62
N CYS A 33 -3.88 3.37 8.57
CA CYS A 33 -4.92 3.56 7.57
C CYS A 33 -6.18 4.13 8.21
N ARG A 34 -7.11 4.58 7.38
CA ARG A 34 -8.36 5.16 7.86
C ARG A 34 -9.45 5.07 6.80
N ASN A 35 -10.70 5.23 7.22
CA ASN A 35 -11.83 5.17 6.30
C ASN A 35 -11.83 3.84 5.54
N LEU A 36 -11.71 2.74 6.27
CA LEU A 36 -11.70 1.42 5.66
C LEU A 36 -13.08 0.77 5.74
N ILE A 37 -13.92 1.06 4.76
CA ILE A 37 -15.27 0.50 4.72
C ILE A 37 -15.27 -0.96 5.15
N ALA A 38 -16.28 -1.35 5.93
CA ALA A 38 -16.40 -2.72 6.40
C ALA A 38 -17.36 -3.52 5.52
N PHE A 39 -16.90 -4.69 5.07
CA PHE A 39 -17.73 -5.55 4.23
C PHE A 39 -19.18 -5.53 4.68
N SER A 40 -19.38 -5.58 6.00
CA SER A 40 -20.73 -5.57 6.56
C SER A 40 -20.84 -4.56 7.69
N GLU A 41 -20.04 -3.49 7.60
CA GLU A 41 -20.05 -2.45 8.62
C GLU A 41 -20.18 -3.05 10.01
N ASP A 42 -19.61 -4.23 10.20
CA ASP A 42 -19.67 -4.91 11.49
C ASP A 42 -18.27 -5.08 12.09
N GLY A 43 -17.30 -5.37 11.21
CA GLY A 43 -15.93 -5.55 11.67
C GLY A 43 -15.15 -6.49 10.76
N SER A 44 -14.20 -5.93 10.01
CA SER A 44 -13.39 -6.73 9.10
C SER A 44 -11.94 -6.75 9.56
N ASP A 45 -11.11 -7.49 8.84
CA ASP A 45 -9.69 -7.60 9.16
C ASP A 45 -8.83 -6.89 8.12
N PRO A 46 -8.72 -5.56 8.25
CA PRO A 46 -7.92 -4.74 7.33
C PRO A 46 -6.42 -4.98 7.48
N TYR A 47 -5.73 -5.06 6.35
CA TYR A 47 -4.28 -5.29 6.36
C TYR A 47 -3.66 -4.79 5.06
N VAL A 48 -2.46 -4.23 5.19
CA VAL A 48 -1.74 -3.70 4.02
C VAL A 48 -0.86 -4.78 3.40
N ARG A 49 -0.52 -4.60 2.12
CA ARG A 49 0.31 -5.55 1.40
C ARG A 49 1.24 -4.84 0.43
N MET A 50 2.54 -5.07 0.58
CA MET A 50 3.53 -4.44 -0.29
C MET A 50 4.20 -5.49 -1.18
N TYR A 51 4.27 -5.19 -2.48
CA TYR A 51 4.88 -6.10 -3.44
C TYR A 51 5.67 -5.33 -4.49
N LEU A 52 6.97 -5.57 -4.54
CA LEU A 52 7.83 -4.90 -5.51
C LEU A 52 7.55 -5.37 -6.93
N LEU A 53 6.65 -4.69 -7.60
CA LEU A 53 6.28 -5.05 -8.97
C LEU A 53 7.40 -4.71 -9.94
N PRO A 54 7.49 -5.48 -11.05
CA PRO A 54 6.56 -6.58 -11.32
C PRO A 54 6.76 -7.75 -10.37
N ASP A 55 8.02 -8.02 -10.03
CA ASP A 55 8.34 -9.12 -9.12
C ASP A 55 7.24 -9.31 -8.08
N LYS A 56 6.45 -10.37 -8.23
CA LYS A 56 5.37 -10.66 -7.31
C LYS A 56 5.66 -11.93 -6.52
N ARG A 57 6.80 -12.55 -6.79
CA ARG A 57 7.20 -13.77 -6.11
C ARG A 57 6.78 -13.73 -4.63
N ARG A 58 6.60 -14.91 -4.05
CA ARG A 58 6.21 -15.01 -2.65
C ARG A 58 7.43 -15.05 -1.74
N SER A 59 8.53 -14.46 -2.20
CA SER A 59 9.76 -14.43 -1.43
C SER A 59 9.84 -13.17 -0.57
N GLY A 60 9.74 -12.01 -1.21
CA GLY A 60 9.80 -10.75 -0.48
C GLY A 60 8.45 -10.32 0.04
N ARG A 61 7.50 -11.25 0.08
CA ARG A 61 6.16 -10.96 0.57
C ARG A 61 6.21 -10.39 1.98
N ARG A 62 5.85 -9.12 2.11
CA ARG A 62 5.86 -8.45 3.41
C ARG A 62 4.55 -7.67 3.62
N LYS A 63 3.98 -7.80 4.81
CA LYS A 63 2.75 -7.10 5.14
C LYS A 63 2.77 -6.61 6.58
N THR A 64 1.77 -5.81 6.94
CA THR A 64 1.68 -5.27 8.30
C THR A 64 0.75 -6.12 9.16
N HIS A 65 0.70 -5.80 10.45
CA HIS A 65 -0.15 -6.53 11.39
C HIS A 65 -1.62 -6.42 10.99
N VAL A 66 -2.31 -7.55 10.98
CA VAL A 66 -3.72 -7.58 10.62
C VAL A 66 -4.60 -7.35 11.84
N SER A 67 -5.19 -6.15 11.93
CA SER A 67 -6.05 -5.80 13.05
C SER A 67 -7.48 -6.26 12.79
N LYS A 68 -8.22 -6.50 13.87
CA LYS A 68 -9.61 -6.95 13.76
C LYS A 68 -10.54 -6.00 14.50
N LYS A 69 -11.73 -5.79 13.95
CA LYS A 69 -12.73 -4.91 14.56
C LYS A 69 -12.21 -3.47 14.60
N THR A 70 -11.61 -3.03 13.50
CA THR A 70 -11.08 -1.67 13.42
C THR A 70 -11.02 -1.19 11.97
N LEU A 71 -11.40 0.06 11.76
CA LEU A 71 -11.39 0.64 10.43
C LEU A 71 -10.07 1.36 10.15
N ASN A 72 -9.52 2.00 11.18
CA ASN A 72 -8.27 2.72 11.05
C ASN A 72 -7.16 2.03 11.83
N PRO A 73 -6.60 0.97 11.24
CA PRO A 73 -5.52 0.20 11.87
C PRO A 73 -4.21 0.98 11.93
N VAL A 74 -3.45 0.76 13.00
CA VAL A 74 -2.17 1.44 13.17
C VAL A 74 -1.02 0.45 13.29
N PHE A 75 0.07 0.71 12.60
CA PHE A 75 1.23 -0.16 12.64
C PHE A 75 2.52 0.65 12.84
N ASP A 76 2.58 1.81 12.21
CA ASP A 76 3.75 2.68 12.32
C ASP A 76 5.03 1.87 12.19
N GLN A 77 4.97 0.79 11.44
CA GLN A 77 6.12 -0.07 11.22
C GLN A 77 7.01 0.47 10.11
N SER A 78 8.25 0.00 10.05
CA SER A 78 9.19 0.45 9.03
C SER A 78 9.74 -0.74 8.24
N PHE A 79 9.53 -0.72 6.93
CA PHE A 79 9.99 -1.80 6.07
C PHE A 79 11.27 -1.39 5.35
N ASP A 80 11.93 -2.36 4.72
CA ASP A 80 13.17 -2.11 3.99
C ASP A 80 13.38 -3.15 2.89
N PHE A 81 14.03 -2.74 1.82
CA PHE A 81 14.30 -3.64 0.70
C PHE A 81 15.59 -3.25 -0.02
N SER A 82 16.50 -4.21 -0.16
CA SER A 82 17.77 -3.97 -0.82
C SER A 82 17.58 -3.86 -2.34
N VAL A 83 17.36 -2.64 -2.81
CA VAL A 83 17.16 -2.39 -4.22
C VAL A 83 17.78 -1.06 -4.64
N SER A 84 18.48 -1.06 -5.77
CA SER A 84 19.13 0.14 -6.28
C SER A 84 18.11 1.08 -6.91
N LEU A 85 18.38 2.38 -6.83
CA LEU A 85 17.48 3.39 -7.38
C LEU A 85 17.17 3.09 -8.85
N PRO A 86 18.21 2.74 -9.61
CA PRO A 86 18.08 2.42 -11.04
C PRO A 86 16.93 1.46 -11.30
N GLU A 87 16.75 0.49 -10.41
CA GLU A 87 15.70 -0.49 -10.55
C GLU A 87 14.36 0.06 -10.06
N VAL A 88 14.25 0.24 -8.75
CA VAL A 88 13.03 0.76 -8.15
C VAL A 88 12.43 1.88 -9.00
N GLN A 89 13.30 2.57 -9.74
CA GLN A 89 12.85 3.66 -10.60
C GLN A 89 11.85 3.18 -11.64
N ARG A 90 12.23 2.12 -12.36
CA ARG A 90 11.37 1.55 -13.40
C ARG A 90 10.38 0.57 -12.79
N ARG A 91 10.35 0.50 -11.46
CA ARG A 91 9.44 -0.39 -10.76
C ARG A 91 8.34 0.39 -10.04
N THR A 92 7.30 -0.32 -9.62
CA THR A 92 6.19 0.30 -8.92
C THR A 92 5.90 -0.40 -7.60
N LEU A 93 5.49 0.37 -6.60
CA LEU A 93 5.18 -0.19 -5.28
C LEU A 93 3.71 -0.57 -5.19
N ASP A 94 3.45 -1.87 -5.14
CA ASP A 94 2.09 -2.38 -5.05
C ASP A 94 1.56 -2.24 -3.63
N VAL A 95 0.67 -1.28 -3.42
CA VAL A 95 0.08 -1.05 -2.10
C VAL A 95 -1.44 -1.20 -2.14
N ALA A 96 -1.92 -2.34 -1.65
CA ALA A 96 -3.35 -2.61 -1.62
C ALA A 96 -3.83 -2.91 -0.20
N VAL A 97 -4.92 -2.26 0.20
CA VAL A 97 -5.48 -2.46 1.53
C VAL A 97 -6.84 -3.14 1.46
N LYS A 98 -6.87 -4.43 1.80
CA LYS A 98 -8.11 -5.20 1.77
C LYS A 98 -8.23 -6.06 3.03
N ASN A 99 -9.39 -6.69 3.20
CA ASN A 99 -9.63 -7.55 4.35
C ASN A 99 -9.03 -8.94 4.14
N SER A 100 -8.31 -9.42 5.15
CA SER A 100 -7.68 -10.73 5.07
C SER A 100 -8.72 -11.85 5.08
N GLY A 101 -8.52 -12.83 4.21
CA GLY A 101 -9.45 -13.94 4.12
C GLY A 101 -9.45 -14.80 5.37
N GLY A 102 -9.53 -16.11 5.19
CA GLY A 102 -9.55 -17.02 6.33
C GLY A 102 -10.91 -17.66 6.53
N PHE A 103 -11.89 -16.86 6.91
CA PHE A 103 -13.24 -17.36 7.15
C PHE A 103 -14.21 -16.83 6.09
N LEU A 104 -13.75 -16.77 4.85
CA LEU A 104 -14.57 -16.29 3.75
C LEU A 104 -14.45 -17.19 2.53
N SER A 105 -15.52 -17.28 1.75
CA SER A 105 -15.53 -18.11 0.56
C SER A 105 -15.09 -17.31 -0.67
N LYS A 106 -14.64 -16.08 -0.44
CA LYS A 106 -14.18 -15.21 -1.51
C LYS A 106 -12.89 -14.50 -1.12
N ASP A 107 -11.96 -14.43 -2.06
CA ASP A 107 -10.68 -13.76 -1.81
C ASP A 107 -10.61 -12.44 -2.56
N LYS A 108 -11.57 -12.21 -3.44
CA LYS A 108 -11.61 -10.97 -4.22
C LYS A 108 -12.27 -9.85 -3.42
N GLY A 109 -12.26 -9.99 -2.10
CA GLY A 109 -12.85 -8.97 -1.25
C GLY A 109 -11.96 -7.77 -1.07
N LEU A 110 -11.54 -7.17 -2.18
CA LEU A 110 -10.67 -6.00 -2.14
C LEU A 110 -11.45 -4.75 -1.72
N LEU A 111 -10.93 -4.03 -0.74
CA LEU A 111 -11.58 -2.82 -0.26
C LEU A 111 -11.04 -1.59 -0.99
N GLY A 112 -9.73 -1.53 -1.16
CA GLY A 112 -9.11 -0.41 -1.85
C GLY A 112 -7.63 -0.61 -2.09
N LYS A 113 -7.13 0.00 -3.16
CA LYS A 113 -5.71 -0.12 -3.50
C LYS A 113 -5.22 1.13 -4.22
N VAL A 114 -3.91 1.32 -4.24
CA VAL A 114 -3.30 2.48 -4.90
C VAL A 114 -1.84 2.23 -5.23
N LEU A 115 -1.46 2.50 -6.48
CA LEU A 115 -0.09 2.31 -6.92
C LEU A 115 0.69 3.62 -6.86
N VAL A 116 1.99 3.52 -6.61
CA VAL A 116 2.85 4.68 -6.53
C VAL A 116 4.08 4.53 -7.42
N ALA A 117 4.40 5.58 -8.16
CA ALA A 117 5.56 5.56 -9.06
C ALA A 117 6.82 5.99 -8.32
N LEU A 118 7.75 5.05 -8.17
CA LEU A 118 9.01 5.33 -7.47
C LEU A 118 10.07 5.81 -8.46
N ALA A 119 9.62 6.32 -9.60
CA ALA A 119 10.54 6.82 -10.63
C ALA A 119 10.90 8.27 -10.38
N SER A 120 10.89 8.67 -9.11
CA SER A 120 11.21 10.05 -8.74
C SER A 120 12.70 10.19 -8.43
N GLU A 121 13.14 11.42 -8.22
CA GLU A 121 14.54 11.70 -7.93
C GLU A 121 14.71 12.15 -6.47
N GLU A 122 13.67 12.77 -5.93
CA GLU A 122 13.71 13.26 -4.56
C GLU A 122 13.37 12.14 -3.58
N LEU A 123 14.03 11.00 -3.75
CA LEU A 123 13.81 9.84 -2.88
C LEU A 123 14.72 9.89 -1.66
N ALA A 124 16.00 10.14 -1.90
CA ALA A 124 16.97 10.23 -0.82
C ALA A 124 16.45 11.08 0.33
N LYS A 125 15.75 12.16 -0.01
CA LYS A 125 15.19 13.07 0.99
C LYS A 125 13.94 12.48 1.62
N GLY A 126 13.14 11.79 0.81
CA GLY A 126 11.92 11.18 1.31
C GLY A 126 10.77 12.16 1.37
N TRP A 127 9.55 11.65 1.31
CA TRP A 127 8.37 12.49 1.36
C TRP A 127 7.19 11.76 2.02
N THR A 128 6.23 12.51 2.53
CA THR A 128 5.07 11.94 3.18
C THR A 128 3.77 12.50 2.61
N GLN A 129 2.82 11.62 2.33
CA GLN A 129 1.53 12.04 1.78
C GLN A 129 0.53 10.89 1.83
N TRP A 130 -0.75 11.24 1.84
CA TRP A 130 -1.82 10.24 1.88
C TRP A 130 -2.24 9.83 0.48
N TYR A 131 -2.12 8.54 0.20
CA TYR A 131 -2.50 8.02 -1.12
C TYR A 131 -3.95 7.55 -1.13
N ASP A 132 -4.83 8.35 -1.71
CA ASP A 132 -6.25 8.03 -1.78
C ASP A 132 -6.45 6.68 -2.48
N LEU A 133 -7.07 5.74 -1.76
CA LEU A 133 -7.32 4.41 -2.30
C LEU A 133 -8.34 4.47 -3.44
N THR A 134 -8.25 3.51 -4.35
CA THR A 134 -9.17 3.45 -5.48
C THR A 134 -9.51 2.01 -5.85
N GLU A 135 -10.48 1.84 -6.74
CA GLU A 135 -10.89 0.51 -7.17
C GLU A 135 -9.89 -0.08 -8.15
N ASP A 136 -9.90 -1.40 -8.27
CA ASP A 136 -8.99 -2.10 -9.19
C ASP A 136 -9.24 -1.66 -10.63
N SER A 137 -8.19 -1.76 -11.45
CA SER A 137 -8.30 -1.37 -12.85
C SER A 137 -8.39 -2.61 -13.75
N GLY A 138 -9.16 -3.60 -13.30
CA GLY A 138 -9.31 -4.82 -14.08
C GLY A 138 -9.52 -4.55 -15.56
N PRO A 139 -10.78 -4.45 -15.97
CA PRO A 139 -11.15 -4.19 -17.37
C PRO A 139 -10.80 -2.78 -17.80
N SER A 140 -10.96 -2.50 -19.10
CA SER A 140 -10.65 -1.19 -19.64
C SER A 140 -9.45 -0.57 -18.94
N SER A 141 -8.43 -1.39 -18.69
CA SER A 141 -7.22 -0.93 -18.02
C SER A 141 -6.87 0.48 -18.45
N GLY A 142 -6.31 1.26 -17.53
CA GLY A 142 -5.93 2.63 -17.84
C GLY A 142 -6.35 3.60 -16.76
N GLY A 1 2.12 16.58 -8.15
CA GLY A 1 1.62 15.78 -9.26
C GLY A 1 0.12 15.89 -9.42
N SER A 2 -0.60 14.94 -8.84
CA SER A 2 -2.06 14.93 -8.93
C SER A 2 -2.69 15.21 -7.57
N SER A 3 -3.49 16.27 -7.49
CA SER A 3 -4.16 16.64 -6.25
C SER A 3 -5.54 15.99 -6.15
N GLY A 4 -5.58 14.81 -5.53
CA GLY A 4 -6.84 14.11 -5.37
C GLY A 4 -7.29 14.04 -3.93
N SER A 5 -7.56 12.83 -3.46
CA SER A 5 -8.02 12.63 -2.09
C SER A 5 -9.21 13.52 -1.78
N SER A 6 -10.23 13.46 -2.62
CA SER A 6 -11.43 14.27 -2.44
C SER A 6 -12.62 13.39 -2.06
N GLY A 7 -12.60 12.89 -0.82
CA GLY A 7 -13.69 12.04 -0.35
C GLY A 7 -13.38 10.57 -0.51
N SER A 8 -12.13 10.19 -0.22
CA SER A 8 -11.71 8.80 -0.33
C SER A 8 -12.87 7.85 -0.02
N PRO A 9 -13.56 7.38 -1.06
CA PRO A 9 -14.70 6.47 -0.92
C PRO A 9 -14.26 5.08 -0.46
N LEU A 10 -13.02 4.73 -0.75
CA LEU A 10 -12.48 3.43 -0.37
C LEU A 10 -11.61 3.54 0.88
N GLY A 11 -10.91 4.66 1.00
CA GLY A 11 -10.05 4.88 2.15
C GLY A 11 -8.76 5.58 1.80
N GLN A 12 -7.88 5.74 2.77
CA GLN A 12 -6.60 6.40 2.55
C GLN A 12 -5.49 5.71 3.34
N ILE A 13 -4.25 5.91 2.91
CA ILE A 13 -3.10 5.32 3.57
C ILE A 13 -1.87 6.21 3.45
N GLN A 14 -1.20 6.45 4.58
CA GLN A 14 -0.01 7.28 4.60
C GLN A 14 1.25 6.42 4.58
N LEU A 15 2.07 6.60 3.54
CA LEU A 15 3.31 5.84 3.41
C LEU A 15 4.47 6.75 3.02
N THR A 16 5.57 6.64 3.75
CA THR A 16 6.75 7.46 3.48
C THR A 16 7.77 6.69 2.64
N ILE A 17 7.94 7.12 1.39
CA ILE A 17 8.88 6.47 0.49
C ILE A 17 10.19 7.25 0.41
N ARG A 18 11.30 6.59 0.73
CA ARG A 18 12.61 7.23 0.68
C ARG A 18 13.71 6.20 0.42
N HIS A 19 14.31 6.28 -0.76
CA HIS A 19 15.38 5.36 -1.14
C HIS A 19 16.74 6.03 -1.02
N SER A 20 17.58 5.49 -0.14
CA SER A 20 18.92 6.04 0.06
C SER A 20 19.90 5.49 -0.96
N SER A 21 20.57 6.38 -1.68
CA SER A 21 21.53 5.99 -2.69
C SER A 21 22.77 5.37 -2.06
N GLN A 22 23.16 5.88 -0.89
CA GLN A 22 24.32 5.39 -0.18
C GLN A 22 24.09 3.96 0.30
N ARG A 23 22.96 3.73 0.94
CA ARG A 23 22.61 2.40 1.45
C ARG A 23 21.92 1.56 0.38
N ASN A 24 21.48 2.23 -0.68
CA ASN A 24 20.80 1.55 -1.77
C ASN A 24 19.70 0.63 -1.25
N LYS A 25 18.81 1.19 -0.42
CA LYS A 25 17.72 0.42 0.15
C LYS A 25 16.42 1.23 0.11
N LEU A 26 15.31 0.53 -0.09
CA LEU A 26 14.00 1.18 -0.14
C LEU A 26 13.27 1.06 1.20
N ILE A 27 13.16 2.18 1.91
CA ILE A 27 12.48 2.19 3.19
C ILE A 27 11.07 2.73 3.08
N VAL A 28 10.10 1.96 3.56
CA VAL A 28 8.70 2.36 3.51
C VAL A 28 8.02 2.19 4.86
N VAL A 29 7.58 3.30 5.44
CA VAL A 29 6.91 3.28 6.74
C VAL A 29 5.40 3.23 6.57
N VAL A 30 4.74 2.58 7.52
CA VAL A 30 3.27 2.47 7.49
C VAL A 30 2.65 2.97 8.78
N HIS A 31 2.44 4.28 8.86
CA HIS A 31 1.85 4.90 10.04
C HIS A 31 0.55 4.19 10.42
N ALA A 32 -0.50 4.43 9.64
CA ALA A 32 -1.79 3.82 9.90
C ALA A 32 -2.78 4.11 8.77
N CYS A 33 -3.90 3.40 8.76
CA CYS A 33 -4.91 3.59 7.73
C CYS A 33 -6.21 4.14 8.33
N ARG A 34 -6.98 4.82 7.52
CA ARG A 34 -8.24 5.41 7.97
C ARG A 34 -9.31 5.34 6.88
N ASN A 35 -10.56 5.55 7.25
CA ASN A 35 -11.66 5.51 6.30
C ASN A 35 -11.64 4.21 5.50
N LEU A 36 -11.50 3.09 6.20
CA LEU A 36 -11.46 1.78 5.54
C LEU A 36 -12.82 1.09 5.63
N ILE A 37 -13.63 1.26 4.60
CA ILE A 37 -14.95 0.66 4.56
C ILE A 37 -14.88 -0.84 4.83
N ALA A 38 -15.94 -1.38 5.44
CA ALA A 38 -15.99 -2.80 5.76
C ALA A 38 -17.09 -3.50 4.97
N PHE A 39 -16.74 -4.62 4.34
CA PHE A 39 -17.71 -5.37 3.55
C PHE A 39 -18.99 -5.60 4.33
N SER A 40 -18.88 -5.63 5.65
CA SER A 40 -20.04 -5.84 6.51
C SER A 40 -19.88 -5.09 7.83
N GLU A 41 -20.90 -4.32 8.19
CA GLU A 41 -20.88 -3.55 9.43
C GLU A 41 -20.33 -4.39 10.58
N ASP A 42 -20.73 -5.65 10.62
CA ASP A 42 -20.28 -6.56 11.67
C ASP A 42 -18.81 -6.31 12.01
N GLY A 43 -18.01 -6.08 10.98
CA GLY A 43 -16.58 -5.83 11.18
C GLY A 43 -15.72 -6.58 10.19
N SER A 44 -14.46 -6.15 10.06
CA SER A 44 -13.53 -6.78 9.13
C SER A 44 -12.10 -6.70 9.66
N ASP A 45 -11.19 -7.38 8.97
CA ASP A 45 -9.79 -7.38 9.37
C ASP A 45 -8.92 -6.74 8.29
N PRO A 46 -8.82 -5.40 8.32
CA PRO A 46 -8.02 -4.65 7.35
C PRO A 46 -6.52 -4.87 7.53
N TYR A 47 -5.79 -4.89 6.42
CA TYR A 47 -4.35 -5.09 6.45
C TYR A 47 -3.69 -4.50 5.21
N VAL A 48 -2.50 -3.93 5.39
CA VAL A 48 -1.75 -3.33 4.29
C VAL A 48 -0.68 -4.28 3.77
N ARG A 49 -0.52 -4.31 2.45
CA ARG A 49 0.47 -5.17 1.82
C ARG A 49 1.44 -4.37 0.97
N MET A 50 2.60 -4.96 0.68
CA MET A 50 3.61 -4.28 -0.12
C MET A 50 4.31 -5.27 -1.06
N TYR A 51 4.23 -5.01 -2.36
CA TYR A 51 4.85 -5.89 -3.35
C TYR A 51 5.72 -5.08 -4.31
N LEU A 52 6.97 -5.50 -4.45
CA LEU A 52 7.90 -4.81 -5.34
C LEU A 52 7.66 -5.20 -6.79
N LEU A 53 6.74 -4.49 -7.44
CA LEU A 53 6.40 -4.75 -8.84
C LEU A 53 7.58 -4.41 -9.75
N PRO A 54 7.62 -5.04 -10.93
CA PRO A 54 6.61 -6.03 -11.33
C PRO A 54 6.69 -7.32 -10.52
N ASP A 55 7.89 -7.87 -10.43
CA ASP A 55 8.10 -9.11 -9.67
C ASP A 55 7.19 -9.16 -8.45
N LYS A 56 6.54 -10.30 -8.27
CA LYS A 56 5.64 -10.49 -7.13
C LYS A 56 5.98 -11.77 -6.36
N ARG A 57 7.27 -12.04 -6.24
CA ARG A 57 7.72 -13.23 -5.53
C ARG A 57 6.91 -13.46 -4.27
N ARG A 58 6.55 -14.72 -4.01
CA ARG A 58 5.76 -15.06 -2.83
C ARG A 58 6.61 -14.97 -1.56
N SER A 59 7.92 -15.12 -1.73
CA SER A 59 8.85 -15.05 -0.60
C SER A 59 9.03 -13.62 -0.13
N GLY A 60 9.03 -12.68 -1.08
CA GLY A 60 9.20 -11.29 -0.75
C GLY A 60 7.96 -10.69 -0.10
N ARG A 61 6.92 -11.50 0.04
CA ARG A 61 5.68 -11.04 0.66
C ARG A 61 5.95 -10.31 1.96
N ARG A 62 5.59 -9.02 2.00
CA ARG A 62 5.80 -8.21 3.19
C ARG A 62 4.59 -7.34 3.47
N LYS A 63 3.85 -7.68 4.53
CA LYS A 63 2.66 -6.93 4.92
C LYS A 63 2.68 -6.59 6.40
N THR A 64 1.75 -5.74 6.82
CA THR A 64 1.67 -5.33 8.21
C THR A 64 0.62 -6.13 8.96
N HIS A 65 0.61 -6.02 10.29
CA HIS A 65 -0.34 -6.74 11.12
C HIS A 65 -1.78 -6.48 10.64
N VAL A 66 -2.65 -7.46 10.86
CA VAL A 66 -4.04 -7.34 10.46
C VAL A 66 -4.96 -7.25 11.66
N SER A 67 -5.37 -6.03 12.01
CA SER A 67 -6.24 -5.80 13.15
C SER A 67 -7.67 -6.24 12.83
N LYS A 68 -8.40 -6.62 13.87
CA LYS A 68 -9.78 -7.06 13.70
C LYS A 68 -10.73 -6.18 14.52
N LYS A 69 -12.02 -6.23 14.17
CA LYS A 69 -13.03 -5.45 14.86
C LYS A 69 -12.63 -3.98 14.93
N THR A 70 -12.08 -3.47 13.82
CA THR A 70 -11.66 -2.09 13.74
C THR A 70 -11.62 -1.60 12.30
N LEU A 71 -11.88 -0.31 12.11
CA LEU A 71 -11.88 0.27 10.77
C LEU A 71 -10.63 1.14 10.56
N ASN A 72 -9.99 1.50 11.65
CA ASN A 72 -8.78 2.32 11.59
C ASN A 72 -7.61 1.62 12.28
N PRO A 73 -6.97 0.69 11.55
CA PRO A 73 -5.82 -0.08 12.06
C PRO A 73 -4.58 0.79 12.22
N VAL A 74 -3.69 0.38 13.12
CA VAL A 74 -2.46 1.12 13.36
C VAL A 74 -1.26 0.18 13.46
N PHE A 75 -0.22 0.48 12.67
CA PHE A 75 0.98 -0.34 12.67
C PHE A 75 2.20 0.49 13.05
N ASP A 76 2.53 1.48 12.23
CA ASP A 76 3.68 2.34 12.48
C ASP A 76 4.98 1.57 12.31
N GLN A 77 4.99 0.63 11.36
CA GLN A 77 6.19 -0.17 11.11
C GLN A 77 6.94 0.34 9.89
N SER A 78 8.23 0.04 9.83
CA SER A 78 9.08 0.49 8.71
C SER A 78 9.80 -0.69 8.08
N PHE A 79 9.56 -0.91 6.80
CA PHE A 79 10.19 -2.02 6.07
C PHE A 79 11.41 -1.52 5.29
N ASP A 80 12.16 -2.46 4.73
CA ASP A 80 13.36 -2.13 3.96
C ASP A 80 13.63 -3.19 2.91
N PHE A 81 14.14 -2.75 1.75
CA PHE A 81 14.45 -3.67 0.67
C PHE A 81 15.73 -3.25 -0.05
N SER A 82 16.72 -4.14 -0.08
CA SER A 82 17.99 -3.85 -0.73
C SER A 82 17.82 -3.76 -2.24
N VAL A 83 17.53 -2.55 -2.72
CA VAL A 83 17.34 -2.32 -4.16
C VAL A 83 17.90 -0.98 -4.58
N SER A 84 18.60 -0.96 -5.71
CA SER A 84 19.20 0.28 -6.21
C SER A 84 18.13 1.18 -6.83
N LEU A 85 18.29 2.48 -6.66
CA LEU A 85 17.34 3.46 -7.20
C LEU A 85 17.05 3.17 -8.67
N PRO A 86 18.11 2.92 -9.44
CA PRO A 86 17.99 2.62 -10.88
C PRO A 86 16.93 1.57 -11.17
N GLU A 87 16.88 0.54 -10.33
CA GLU A 87 15.91 -0.53 -10.49
C GLU A 87 14.54 -0.13 -9.96
N VAL A 88 14.52 0.40 -8.74
CA VAL A 88 13.27 0.84 -8.11
C VAL A 88 12.64 1.97 -8.90
N GLN A 89 13.43 2.60 -9.77
CA GLN A 89 12.93 3.70 -10.58
C GLN A 89 11.80 3.25 -11.49
N ARG A 90 12.06 2.21 -12.27
CA ARG A 90 11.07 1.68 -13.20
C ARG A 90 10.03 0.86 -12.45
N ARG A 91 10.44 0.23 -11.35
CA ARG A 91 9.54 -0.58 -10.55
C ARG A 91 8.45 0.27 -9.91
N THR A 92 7.49 -0.39 -9.28
CA THR A 92 6.39 0.31 -8.63
C THR A 92 6.00 -0.37 -7.32
N LEU A 93 5.62 0.42 -6.33
CA LEU A 93 5.22 -0.11 -5.02
C LEU A 93 3.74 -0.46 -5.01
N ASP A 94 3.45 -1.75 -4.97
CA ASP A 94 2.07 -2.23 -4.95
C ASP A 94 1.49 -2.16 -3.54
N VAL A 95 0.68 -1.13 -3.28
CA VAL A 95 0.07 -0.96 -1.98
C VAL A 95 -1.44 -1.15 -2.04
N ALA A 96 -1.93 -2.25 -1.47
CA ALA A 96 -3.35 -2.55 -1.47
C ALA A 96 -3.82 -2.95 -0.08
N VAL A 97 -4.92 -2.35 0.36
CA VAL A 97 -5.47 -2.64 1.69
C VAL A 97 -6.76 -3.46 1.57
N LYS A 98 -6.66 -4.75 1.89
CA LYS A 98 -7.81 -5.64 1.82
C LYS A 98 -8.11 -6.25 3.19
N ASN A 99 -9.17 -7.05 3.25
CA ASN A 99 -9.56 -7.69 4.51
C ASN A 99 -9.06 -9.13 4.56
N SER A 100 -8.26 -9.44 5.57
CA SER A 100 -7.72 -10.77 5.74
C SER A 100 -8.82 -11.79 6.01
N GLY A 101 -9.14 -12.60 5.00
CA GLY A 101 -10.18 -13.60 5.16
C GLY A 101 -10.19 -14.60 4.02
N GLY A 102 -9.04 -15.23 3.78
CA GLY A 102 -8.92 -16.21 2.72
C GLY A 102 -8.63 -17.61 3.24
N PHE A 103 -9.68 -18.39 3.45
CA PHE A 103 -9.52 -19.75 3.96
C PHE A 103 -9.04 -20.69 2.86
N LEU A 104 -9.71 -20.61 1.71
CA LEU A 104 -9.36 -21.46 0.57
C LEU A 104 -8.34 -20.77 -0.33
N SER A 105 -8.65 -19.53 -0.73
CA SER A 105 -7.76 -18.76 -1.60
C SER A 105 -7.72 -17.30 -1.17
N LYS A 106 -6.96 -16.50 -1.89
CA LYS A 106 -6.84 -15.08 -1.59
C LYS A 106 -8.20 -14.42 -1.48
N ASP A 107 -8.26 -13.29 -0.79
CA ASP A 107 -9.51 -12.57 -0.60
C ASP A 107 -10.20 -12.33 -1.94
N LYS A 108 -11.49 -12.60 -1.99
CA LYS A 108 -12.27 -12.41 -3.22
C LYS A 108 -12.96 -11.05 -3.23
N GLY A 109 -12.49 -10.15 -2.36
CA GLY A 109 -13.06 -8.82 -2.30
C GLY A 109 -12.04 -7.76 -1.96
N LEU A 110 -11.73 -6.91 -2.92
CA LEU A 110 -10.76 -5.84 -2.72
C LEU A 110 -11.43 -4.59 -2.16
N LEU A 111 -10.91 -4.10 -1.03
CA LEU A 111 -11.46 -2.92 -0.38
C LEU A 111 -10.92 -1.65 -1.04
N GLY A 112 -9.62 -1.66 -1.35
CA GLY A 112 -9.01 -0.49 -1.98
C GLY A 112 -7.52 -0.70 -2.24
N LYS A 113 -7.00 -0.01 -3.24
CA LYS A 113 -5.59 -0.11 -3.59
C LYS A 113 -5.10 1.16 -4.27
N VAL A 114 -3.81 1.43 -4.14
CA VAL A 114 -3.21 2.63 -4.74
C VAL A 114 -1.77 2.37 -5.16
N LEU A 115 -1.46 2.64 -6.41
CA LEU A 115 -0.11 2.44 -6.93
C LEU A 115 0.72 3.72 -6.81
N VAL A 116 2.03 3.57 -6.60
CA VAL A 116 2.92 4.71 -6.46
C VAL A 116 4.15 4.53 -7.34
N ALA A 117 4.35 5.45 -8.27
CA ALA A 117 5.49 5.41 -9.18
C ALA A 117 6.76 5.85 -8.47
N LEU A 118 7.67 4.92 -8.25
CA LEU A 118 8.94 5.22 -7.58
C LEU A 118 9.98 5.69 -8.58
N ALA A 119 9.52 6.13 -9.75
CA ALA A 119 10.42 6.60 -10.80
C ALA A 119 10.81 8.06 -10.56
N SER A 120 10.43 8.59 -9.39
CA SER A 120 10.73 9.98 -9.05
C SER A 120 12.21 10.13 -8.69
N GLU A 121 12.67 11.38 -8.65
CA GLU A 121 14.06 11.67 -8.32
C GLU A 121 14.17 12.20 -6.89
N GLU A 122 13.03 12.49 -6.27
CA GLU A 122 13.01 13.01 -4.91
C GLU A 122 13.31 11.90 -3.91
N LEU A 123 13.36 10.66 -4.39
CA LEU A 123 13.64 9.53 -3.53
C LEU A 123 14.90 9.75 -2.70
N ALA A 124 15.86 10.48 -3.28
CA ALA A 124 17.10 10.78 -2.60
C ALA A 124 16.85 11.34 -1.20
N LYS A 125 15.72 12.03 -1.04
CA LYS A 125 15.36 12.62 0.24
C LYS A 125 14.13 11.94 0.82
N GLY A 126 13.07 11.84 0.02
CA GLY A 126 11.84 11.21 0.48
C GLY A 126 10.73 12.21 0.70
N TRP A 127 9.49 11.73 0.64
CA TRP A 127 8.33 12.59 0.84
C TRP A 127 7.21 11.83 1.53
N THR A 128 6.34 12.57 2.23
CA THR A 128 5.21 11.97 2.94
C THR A 128 3.89 12.51 2.42
N GLN A 129 2.96 11.61 2.13
CA GLN A 129 1.65 12.00 1.63
C GLN A 129 0.66 10.84 1.73
N TRP A 130 -0.62 11.17 1.70
CA TRP A 130 -1.67 10.15 1.80
C TRP A 130 -2.14 9.71 0.42
N TYR A 131 -1.98 8.42 0.14
CA TYR A 131 -2.38 7.87 -1.16
C TYR A 131 -3.83 7.42 -1.14
N ASP A 132 -4.70 8.23 -1.72
CA ASP A 132 -6.13 7.93 -1.77
C ASP A 132 -6.36 6.57 -2.44
N LEU A 133 -6.93 5.63 -1.69
CA LEU A 133 -7.21 4.30 -2.20
C LEU A 133 -8.25 4.36 -3.33
N THR A 134 -7.97 3.66 -4.43
CA THR A 134 -8.87 3.63 -5.56
C THR A 134 -9.30 2.20 -5.88
N GLU A 135 -10.13 2.06 -6.92
CA GLU A 135 -10.61 0.75 -7.33
C GLU A 135 -9.61 0.08 -8.28
N ASP A 136 -9.77 -1.23 -8.46
CA ASP A 136 -8.90 -1.99 -9.35
C ASP A 136 -9.32 -1.86 -10.80
N SER A 137 -8.55 -2.44 -11.70
CA SER A 137 -8.85 -2.39 -13.12
C SER A 137 -8.79 -3.77 -13.75
N GLY A 138 -7.80 -4.55 -13.34
CA GLY A 138 -7.65 -5.90 -13.87
C GLY A 138 -7.96 -6.96 -12.84
N PRO A 139 -9.25 -7.27 -12.66
CA PRO A 139 -9.69 -8.29 -11.69
C PRO A 139 -9.31 -9.70 -12.12
N SER A 140 -9.26 -9.92 -13.43
CA SER A 140 -8.92 -11.23 -13.97
C SER A 140 -7.47 -11.59 -13.65
N SER A 141 -7.27 -12.82 -13.18
CA SER A 141 -5.93 -13.29 -12.84
C SER A 141 -5.30 -14.07 -13.98
N GLY A 142 -6.00 -15.12 -14.42
CA GLY A 142 -5.50 -15.94 -15.50
C GLY A 142 -6.38 -15.86 -16.74
N GLY A 1 -6.26 14.24 -19.04
CA GLY A 1 -6.00 12.91 -18.53
C GLY A 1 -7.26 12.26 -17.97
N SER A 2 -7.32 12.16 -16.64
CA SER A 2 -8.47 11.56 -15.98
C SER A 2 -8.87 12.36 -14.74
N SER A 3 -10.17 12.38 -14.46
CA SER A 3 -10.69 13.12 -13.31
C SER A 3 -10.61 12.26 -12.04
N GLY A 4 -10.99 10.99 -12.17
CA GLY A 4 -10.96 10.10 -11.03
C GLY A 4 -12.32 9.94 -10.36
N SER A 5 -12.33 9.98 -9.04
CA SER A 5 -13.58 9.84 -8.29
C SER A 5 -13.71 10.94 -7.24
N SER A 6 -14.87 11.01 -6.61
CA SER A 6 -15.13 12.02 -5.58
C SER A 6 -14.75 11.49 -4.20
N GLY A 7 -14.05 12.33 -3.43
CA GLY A 7 -13.63 11.93 -2.10
C GLY A 7 -12.96 10.58 -2.08
N SER A 8 -12.93 9.95 -0.90
CA SER A 8 -12.30 8.64 -0.76
C SER A 8 -13.30 7.61 -0.24
N PRO A 9 -14.10 7.04 -1.14
CA PRO A 9 -15.11 6.04 -0.80
C PRO A 9 -14.49 4.71 -0.36
N LEU A 10 -13.24 4.51 -0.76
CA LEU A 10 -12.52 3.28 -0.41
C LEU A 10 -11.72 3.45 0.87
N GLY A 11 -11.00 4.56 0.97
CA GLY A 11 -10.21 4.84 2.15
C GLY A 11 -8.93 5.59 1.83
N GLN A 12 -8.05 5.70 2.82
CA GLN A 12 -6.79 6.40 2.64
C GLN A 12 -5.66 5.72 3.41
N ILE A 13 -4.43 5.98 3.00
CA ILE A 13 -3.27 5.39 3.65
C ILE A 13 -2.03 6.27 3.47
N GLN A 14 -1.28 6.46 4.55
CA GLN A 14 -0.08 7.28 4.51
C GLN A 14 1.17 6.41 4.54
N LEU A 15 2.03 6.57 3.54
CA LEU A 15 3.26 5.79 3.45
C LEU A 15 4.46 6.70 3.15
N THR A 16 5.47 6.64 4.00
CA THR A 16 6.67 7.45 3.82
C THR A 16 7.68 6.72 2.95
N ILE A 17 7.86 7.21 1.73
CA ILE A 17 8.81 6.62 0.79
C ILE A 17 10.10 7.44 0.72
N ARG A 18 11.22 6.79 1.02
CA ARG A 18 12.51 7.47 0.99
C ARG A 18 13.63 6.47 0.67
N HIS A 19 14.15 6.55 -0.55
CA HIS A 19 15.22 5.66 -0.98
C HIS A 19 16.58 6.35 -0.87
N SER A 20 17.44 5.81 0.00
CA SER A 20 18.76 6.38 0.20
C SER A 20 19.73 5.90 -0.88
N SER A 21 20.44 6.85 -1.49
CA SER A 21 21.39 6.53 -2.54
C SER A 21 22.65 5.88 -1.96
N GLN A 22 23.13 6.43 -0.85
CA GLN A 22 24.32 5.92 -0.19
C GLN A 22 24.10 4.48 0.26
N ARG A 23 22.92 4.19 0.78
CA ARG A 23 22.59 2.86 1.26
C ARG A 23 21.92 2.04 0.16
N ASN A 24 21.31 2.74 -0.80
CA ASN A 24 20.63 2.07 -1.90
C ASN A 24 19.56 1.10 -1.39
N LYS A 25 18.70 1.60 -0.53
CA LYS A 25 17.63 0.77 0.04
C LYS A 25 16.29 1.49 -0.03
N LEU A 26 15.21 0.72 -0.15
CA LEU A 26 13.87 1.29 -0.23
C LEU A 26 13.11 1.09 1.08
N ILE A 27 12.99 2.16 1.86
CA ILE A 27 12.29 2.12 3.14
C ILE A 27 10.88 2.66 3.01
N VAL A 28 9.92 1.98 3.63
CA VAL A 28 8.53 2.41 3.60
C VAL A 28 7.88 2.29 4.97
N VAL A 29 7.48 3.42 5.53
CA VAL A 29 6.84 3.44 6.85
C VAL A 29 5.31 3.47 6.71
N VAL A 30 4.65 2.56 7.42
CA VAL A 30 3.20 2.49 7.40
C VAL A 30 2.59 2.98 8.70
N HIS A 31 2.43 4.29 8.82
CA HIS A 31 1.86 4.89 10.02
C HIS A 31 0.54 4.23 10.39
N ALA A 32 -0.50 4.52 9.61
CA ALA A 32 -1.82 3.95 9.85
C ALA A 32 -2.80 4.36 8.74
N CYS A 33 -3.86 3.57 8.60
CA CYS A 33 -4.88 3.84 7.59
C CYS A 33 -6.14 4.41 8.21
N ARG A 34 -7.00 5.01 7.38
CA ARG A 34 -8.24 5.60 7.85
C ARG A 34 -9.32 5.52 6.77
N ASN A 35 -10.57 5.65 7.19
CA ASN A 35 -11.70 5.60 6.26
C ASN A 35 -11.73 4.27 5.52
N LEU A 36 -11.48 3.19 6.25
CA LEU A 36 -11.48 1.85 5.66
C LEU A 36 -12.83 1.17 5.84
N ILE A 37 -13.69 1.30 4.84
CA ILE A 37 -15.02 0.70 4.90
C ILE A 37 -14.93 -0.78 5.27
N ALA A 38 -16.05 -1.32 5.75
CA ALA A 38 -16.11 -2.73 6.13
C ALA A 38 -17.19 -3.47 5.37
N PHE A 39 -16.85 -4.65 4.88
CA PHE A 39 -17.79 -5.46 4.11
C PHE A 39 -19.02 -5.80 4.95
N SER A 40 -18.86 -5.75 6.27
CA SER A 40 -19.97 -6.05 7.18
C SER A 40 -19.76 -5.35 8.52
N GLU A 41 -20.71 -4.48 8.88
CA GLU A 41 -20.63 -3.76 10.14
C GLU A 41 -20.05 -4.63 11.25
N ASP A 42 -20.47 -5.89 11.28
CA ASP A 42 -19.99 -6.82 12.29
C ASP A 42 -18.51 -6.58 12.60
N GLY A 43 -17.72 -6.46 11.55
CA GLY A 43 -16.29 -6.23 11.72
C GLY A 43 -15.47 -6.80 10.58
N SER A 44 -14.37 -6.13 10.25
CA SER A 44 -13.50 -6.58 9.17
C SER A 44 -12.05 -6.66 9.64
N ASP A 45 -11.22 -7.36 8.88
CA ASP A 45 -9.80 -7.51 9.21
C ASP A 45 -8.93 -6.83 8.17
N PRO A 46 -8.78 -5.50 8.29
CA PRO A 46 -7.96 -4.71 7.37
C PRO A 46 -6.47 -4.99 7.52
N TYR A 47 -5.74 -4.88 6.42
CA TYR A 47 -4.30 -5.13 6.43
C TYR A 47 -3.63 -4.52 5.20
N VAL A 48 -2.34 -4.22 5.32
CA VAL A 48 -1.59 -3.64 4.22
C VAL A 48 -0.67 -4.67 3.58
N ARG A 49 -0.54 -4.60 2.26
CA ARG A 49 0.31 -5.53 1.53
C ARG A 49 1.24 -4.78 0.57
N MET A 50 2.54 -5.02 0.70
CA MET A 50 3.52 -4.36 -0.16
C MET A 50 4.26 -5.39 -1.02
N TYR A 51 4.11 -5.25 -2.33
CA TYR A 51 4.76 -6.17 -3.26
C TYR A 51 5.63 -5.40 -4.26
N LEU A 52 6.91 -5.76 -4.31
CA LEU A 52 7.84 -5.11 -5.22
C LEU A 52 7.63 -5.59 -6.65
N LEU A 53 6.74 -4.90 -7.37
CA LEU A 53 6.45 -5.26 -8.75
C LEU A 53 7.65 -4.98 -9.65
N PRO A 54 7.74 -5.73 -10.77
CA PRO A 54 6.75 -6.75 -11.12
C PRO A 54 6.82 -7.95 -10.19
N ASP A 55 8.04 -8.33 -9.81
CA ASP A 55 8.24 -9.48 -8.92
C ASP A 55 7.10 -9.58 -7.91
N LYS A 56 6.32 -10.65 -8.01
CA LYS A 56 5.20 -10.88 -7.11
C LYS A 56 5.42 -12.13 -6.27
N ARG A 57 6.49 -12.87 -6.57
CA ARG A 57 6.81 -14.09 -5.85
C ARG A 57 6.64 -13.89 -4.35
N ARG A 58 6.68 -14.99 -3.61
CA ARG A 58 6.52 -14.94 -2.15
C ARG A 58 7.83 -14.51 -1.48
N SER A 59 8.93 -14.63 -2.22
CA SER A 59 10.24 -14.26 -1.70
C SER A 59 10.28 -12.80 -1.31
N GLY A 60 9.39 -12.01 -1.91
CA GLY A 60 9.33 -10.59 -1.62
C GLY A 60 8.07 -10.20 -0.89
N ARG A 61 7.34 -11.20 -0.39
CA ARG A 61 6.10 -10.96 0.34
C ARG A 61 6.36 -10.14 1.60
N ARG A 62 5.81 -8.94 1.64
CA ARG A 62 5.98 -8.05 2.79
C ARG A 62 4.66 -7.37 3.16
N LYS A 63 4.14 -7.70 4.33
CA LYS A 63 2.89 -7.12 4.80
C LYS A 63 2.90 -6.95 6.32
N THR A 64 1.97 -6.15 6.82
CA THR A 64 1.88 -5.89 8.25
C THR A 64 0.82 -6.78 8.91
N HIS A 65 0.72 -6.70 10.23
CA HIS A 65 -0.24 -7.50 10.98
C HIS A 65 -1.66 -7.23 10.47
N VAL A 66 -2.59 -8.09 10.88
CA VAL A 66 -3.99 -7.93 10.48
C VAL A 66 -4.87 -7.56 11.66
N SER A 67 -5.18 -6.26 11.77
CA SER A 67 -6.01 -5.77 12.86
C SER A 67 -7.43 -6.32 12.76
N LYS A 68 -8.03 -6.63 13.90
CA LYS A 68 -9.38 -7.16 13.94
C LYS A 68 -10.32 -6.21 14.69
N LYS A 69 -11.60 -6.28 14.37
CA LYS A 69 -12.60 -5.44 15.01
C LYS A 69 -12.12 -3.98 15.08
N THR A 70 -11.76 -3.44 13.91
CA THR A 70 -11.29 -2.07 13.84
C THR A 70 -11.33 -1.55 12.41
N LEU A 71 -11.54 -0.24 12.25
CA LEU A 71 -11.60 0.37 10.94
C LEU A 71 -10.35 1.21 10.67
N ASN A 72 -9.81 1.81 11.72
CA ASN A 72 -8.62 2.64 11.60
C ASN A 72 -7.40 1.93 12.19
N PRO A 73 -6.88 0.95 11.46
CA PRO A 73 -5.70 0.18 11.89
C PRO A 73 -4.43 1.00 11.87
N VAL A 74 -3.48 0.64 12.73
CA VAL A 74 -2.20 1.35 12.81
C VAL A 74 -1.07 0.40 13.18
N PHE A 75 -0.08 0.30 12.30
CA PHE A 75 1.07 -0.56 12.54
C PHE A 75 2.33 0.25 12.80
N ASP A 76 2.42 1.42 12.15
CA ASP A 76 3.57 2.29 12.31
C ASP A 76 4.87 1.51 12.18
N GLN A 77 4.90 0.56 11.24
CA GLN A 77 6.08 -0.26 11.02
C GLN A 77 6.91 0.27 9.87
N SER A 78 8.23 0.14 9.98
CA SER A 78 9.13 0.62 8.93
C SER A 78 9.86 -0.54 8.27
N PHE A 79 9.55 -0.76 6.99
CA PHE A 79 10.18 -1.85 6.24
C PHE A 79 11.35 -1.33 5.42
N ASP A 80 12.11 -2.26 4.85
CA ASP A 80 13.27 -1.90 4.03
C ASP A 80 13.57 -2.99 3.01
N PHE A 81 14.00 -2.57 1.83
CA PHE A 81 14.33 -3.51 0.76
C PHE A 81 15.62 -3.11 0.06
N SER A 82 16.56 -4.05 -0.03
CA SER A 82 17.84 -3.79 -0.69
C SER A 82 17.69 -3.74 -2.20
N VAL A 83 17.43 -2.55 -2.72
CA VAL A 83 17.25 -2.37 -4.16
C VAL A 83 17.84 -1.03 -4.61
N SER A 84 18.57 -1.07 -5.71
CA SER A 84 19.19 0.14 -6.25
C SER A 84 18.15 1.03 -6.93
N LEU A 85 18.38 2.34 -6.87
CA LEU A 85 17.46 3.29 -7.47
C LEU A 85 17.19 2.95 -8.93
N PRO A 86 18.26 2.61 -9.67
CA PRO A 86 18.16 2.25 -11.09
C PRO A 86 17.06 1.23 -11.35
N GLU A 87 16.96 0.24 -10.47
CA GLU A 87 15.95 -0.80 -10.61
C GLU A 87 14.58 -0.30 -10.13
N VAL A 88 14.49 -0.01 -8.84
CA VAL A 88 13.24 0.48 -8.26
C VAL A 88 12.57 1.50 -9.17
N GLN A 89 13.38 2.38 -9.76
CA GLN A 89 12.86 3.41 -10.65
C GLN A 89 11.85 2.84 -11.63
N ARG A 90 12.16 1.66 -12.17
CA ARG A 90 11.29 1.00 -13.13
C ARG A 90 10.23 0.17 -12.41
N ARG A 91 10.50 -0.16 -11.15
CA ARG A 91 9.58 -0.95 -10.35
C ARG A 91 8.49 -0.07 -9.74
N THR A 92 7.46 -0.70 -9.19
CA THR A 92 6.36 0.03 -8.57
C THR A 92 5.96 -0.59 -7.23
N LEU A 93 5.54 0.25 -6.29
CA LEU A 93 5.14 -0.22 -4.97
C LEU A 93 3.65 -0.51 -4.93
N ASP A 94 3.29 -1.77 -5.13
CA ASP A 94 1.88 -2.17 -5.10
C ASP A 94 1.32 -2.12 -3.69
N VAL A 95 0.61 -1.04 -3.38
CA VAL A 95 0.01 -0.87 -2.07
C VAL A 95 -1.50 -1.03 -2.12
N ALA A 96 -2.00 -2.16 -1.61
CA ALA A 96 -3.43 -2.43 -1.60
C ALA A 96 -3.93 -2.68 -0.18
N VAL A 97 -4.94 -1.93 0.23
CA VAL A 97 -5.51 -2.07 1.56
C VAL A 97 -6.90 -2.71 1.50
N LYS A 98 -6.96 -4.00 1.81
CA LYS A 98 -8.22 -4.74 1.79
C LYS A 98 -8.43 -5.49 3.10
N ASN A 99 -9.52 -6.25 3.18
CA ASN A 99 -9.84 -7.02 4.37
C ASN A 99 -9.42 -8.48 4.20
N SER A 100 -8.46 -8.92 5.01
CA SER A 100 -7.97 -10.28 4.95
C SER A 100 -9.13 -11.27 4.79
N GLY A 101 -9.36 -11.70 3.56
CA GLY A 101 -10.43 -12.64 3.29
C GLY A 101 -9.93 -14.06 3.12
N GLY A 102 -10.13 -14.62 1.94
CA GLY A 102 -9.69 -15.98 1.67
C GLY A 102 -8.34 -16.28 2.30
N PHE A 103 -8.36 -16.95 3.45
CA PHE A 103 -7.13 -17.30 4.15
C PHE A 103 -6.25 -18.20 3.28
N LEU A 104 -5.00 -17.80 3.13
CA LEU A 104 -4.04 -18.58 2.32
C LEU A 104 -4.71 -19.11 1.06
N SER A 105 -5.50 -18.26 0.41
CA SER A 105 -6.19 -18.65 -0.82
C SER A 105 -6.54 -17.42 -1.65
N LYS A 106 -7.12 -17.66 -2.82
CA LYS A 106 -7.51 -16.57 -3.72
C LYS A 106 -8.14 -15.42 -2.94
N ASP A 107 -7.87 -14.19 -3.37
CA ASP A 107 -8.42 -13.02 -2.72
C ASP A 107 -9.33 -12.25 -3.67
N LYS A 108 -10.63 -12.29 -3.39
CA LYS A 108 -11.61 -11.60 -4.22
C LYS A 108 -12.33 -10.52 -3.43
N GLY A 109 -11.70 -10.07 -2.34
CA GLY A 109 -12.30 -9.04 -1.50
C GLY A 109 -11.40 -7.83 -1.34
N LEU A 110 -11.24 -7.06 -2.41
CA LEU A 110 -10.40 -5.88 -2.38
C LEU A 110 -11.23 -4.63 -2.06
N LEU A 111 -10.80 -3.90 -1.04
CA LEU A 111 -11.50 -2.68 -0.63
C LEU A 111 -10.95 -1.46 -1.36
N GLY A 112 -9.63 -1.29 -1.32
CA GLY A 112 -9.01 -0.17 -1.99
C GLY A 112 -7.50 -0.35 -2.15
N LYS A 113 -6.97 0.20 -3.23
CA LYS A 113 -5.54 0.09 -3.51
C LYS A 113 -5.03 1.32 -4.27
N VAL A 114 -3.72 1.54 -4.23
CA VAL A 114 -3.12 2.67 -4.91
C VAL A 114 -1.65 2.40 -5.24
N LEU A 115 -1.30 2.57 -6.50
CA LEU A 115 0.08 2.34 -6.95
C LEU A 115 0.90 3.63 -6.86
N VAL A 116 2.18 3.48 -6.55
CA VAL A 116 3.07 4.63 -6.44
C VAL A 116 4.32 4.44 -7.29
N ALA A 117 4.51 5.31 -8.27
CA ALA A 117 5.66 5.24 -9.16
C ALA A 117 6.93 5.69 -8.44
N LEU A 118 7.83 4.76 -8.18
CA LEU A 118 9.09 5.07 -7.51
C LEU A 118 10.13 5.59 -8.50
N ALA A 119 9.66 6.05 -9.65
CA ALA A 119 10.55 6.58 -10.68
C ALA A 119 10.89 8.04 -10.40
N SER A 120 10.70 8.47 -9.16
CA SER A 120 10.98 9.85 -8.76
C SER A 120 12.47 10.02 -8.45
N GLU A 121 12.92 11.27 -8.45
CA GLU A 121 14.32 11.57 -8.16
C GLU A 121 14.47 12.18 -6.76
N GLU A 122 13.36 12.66 -6.22
CA GLU A 122 13.37 13.26 -4.89
C GLU A 122 13.10 12.22 -3.81
N LEU A 123 13.69 11.04 -3.97
CA LEU A 123 13.51 9.95 -3.02
C LEU A 123 14.46 10.10 -1.83
N ALA A 124 15.73 10.31 -2.13
CA ALA A 124 16.75 10.48 -1.09
C ALA A 124 16.23 11.36 0.04
N LYS A 125 15.55 12.44 -0.32
CA LYS A 125 15.00 13.36 0.66
C LYS A 125 13.81 12.74 1.39
N GLY A 126 12.93 12.09 0.64
CA GLY A 126 11.76 11.46 1.22
C GLY A 126 10.57 12.40 1.29
N TRP A 127 9.38 11.83 1.15
CA TRP A 127 8.15 12.62 1.19
C TRP A 127 7.03 11.84 1.85
N THR A 128 6.05 12.56 2.38
CA THR A 128 4.90 11.94 3.05
C THR A 128 3.59 12.50 2.52
N GLN A 129 2.66 11.60 2.19
CA GLN A 129 1.36 12.00 1.68
C GLN A 129 0.34 10.87 1.82
N TRP A 130 -0.93 11.22 1.78
CA TRP A 130 -2.00 10.23 1.89
C TRP A 130 -2.46 9.75 0.52
N TYR A 131 -2.14 8.49 0.21
CA TYR A 131 -2.52 7.91 -1.07
C TYR A 131 -3.97 7.44 -1.05
N ASP A 132 -4.85 8.24 -1.65
CA ASP A 132 -6.27 7.91 -1.70
C ASP A 132 -6.49 6.60 -2.46
N LEU A 133 -6.99 5.60 -1.75
CA LEU A 133 -7.25 4.29 -2.35
C LEU A 133 -8.31 4.40 -3.45
N THR A 134 -8.05 3.75 -4.58
CA THR A 134 -8.99 3.77 -5.70
C THR A 134 -9.36 2.37 -6.12
N GLU A 135 -10.34 2.26 -7.02
CA GLU A 135 -10.80 0.97 -7.52
C GLU A 135 -9.74 0.33 -8.42
N ASP A 136 -9.90 -0.96 -8.67
CA ASP A 136 -8.97 -1.70 -9.52
C ASP A 136 -9.03 -1.20 -10.96
N SER A 137 -7.87 -0.91 -11.53
CA SER A 137 -7.78 -0.42 -12.90
C SER A 137 -6.87 -1.29 -13.74
N GLY A 138 -7.38 -1.75 -14.88
CA GLY A 138 -6.59 -2.59 -15.76
C GLY A 138 -6.87 -4.06 -15.55
N PRO A 139 -7.95 -4.56 -16.18
CA PRO A 139 -8.36 -5.96 -16.07
C PRO A 139 -7.39 -6.90 -16.79
N SER A 140 -6.76 -6.40 -17.84
CA SER A 140 -5.81 -7.19 -18.62
C SER A 140 -4.56 -7.49 -17.80
N SER A 141 -3.80 -8.49 -18.25
CA SER A 141 -2.57 -8.88 -17.56
C SER A 141 -1.34 -8.29 -18.25
N GLY A 142 -0.84 -7.19 -17.70
CA GLY A 142 0.33 -6.54 -18.27
C GLY A 142 0.56 -5.16 -17.71
N GLY A 1 -14.21 26.39 -8.03
CA GLY A 1 -13.56 25.09 -7.95
C GLY A 1 -14.53 23.95 -8.24
N SER A 2 -14.02 22.72 -8.14
CA SER A 2 -14.85 21.55 -8.40
C SER A 2 -15.52 21.06 -7.12
N SER A 3 -16.01 22.00 -6.33
CA SER A 3 -16.68 21.66 -5.07
C SER A 3 -17.59 20.45 -5.24
N GLY A 4 -17.22 19.34 -4.61
CA GLY A 4 -18.02 18.13 -4.71
C GLY A 4 -17.73 17.16 -3.59
N SER A 5 -17.76 15.86 -3.91
CA SER A 5 -17.51 14.83 -2.92
C SER A 5 -16.03 14.80 -2.53
N SER A 6 -15.69 15.49 -1.45
CA SER A 6 -14.31 15.54 -0.98
C SER A 6 -14.10 14.58 0.18
N GLY A 7 -13.75 13.34 -0.14
CA GLY A 7 -13.52 12.35 0.89
C GLY A 7 -13.38 10.95 0.32
N SER A 8 -12.17 10.42 0.35
CA SER A 8 -11.89 9.08 -0.17
C SER A 8 -13.02 8.12 0.19
N PRO A 9 -13.76 7.65 -0.83
CA PRO A 9 -14.87 6.72 -0.64
C PRO A 9 -14.40 5.34 -0.22
N LEU A 10 -13.15 5.01 -0.53
CA LEU A 10 -12.59 3.72 -0.18
C LEU A 10 -11.69 3.84 1.05
N GLY A 11 -10.90 4.90 1.11
CA GLY A 11 -10.01 5.11 2.24
C GLY A 11 -8.67 5.69 1.82
N GLN A 12 -7.83 6.00 2.80
CA GLN A 12 -6.52 6.56 2.53
C GLN A 12 -5.43 5.79 3.28
N ILE A 13 -4.17 6.14 2.98
CA ILE A 13 -3.04 5.48 3.62
C ILE A 13 -1.75 6.29 3.44
N GLN A 14 -1.05 6.52 4.54
CA GLN A 14 0.20 7.28 4.50
C GLN A 14 1.40 6.36 4.50
N LEU A 15 2.24 6.48 3.48
CA LEU A 15 3.43 5.65 3.36
C LEU A 15 4.65 6.49 2.97
N THR A 16 5.64 6.53 3.85
CA THR A 16 6.86 7.29 3.59
C THR A 16 7.80 6.54 2.66
N ILE A 17 7.82 6.93 1.39
CA ILE A 17 8.67 6.29 0.40
C ILE A 17 9.97 7.07 0.20
N ARG A 18 11.08 6.48 0.64
CA ARG A 18 12.38 7.13 0.51
C ARG A 18 13.46 6.10 0.20
N HIS A 19 14.20 6.34 -0.88
CA HIS A 19 15.27 5.43 -1.28
C HIS A 19 16.64 6.01 -0.92
N SER A 20 17.22 5.49 0.16
CA SER A 20 18.52 5.96 0.63
C SER A 20 19.61 5.59 -0.38
N SER A 21 20.32 6.61 -0.87
CA SER A 21 21.39 6.39 -1.83
C SER A 21 22.58 5.70 -1.19
N GLN A 22 22.97 6.19 -0.01
CA GLN A 22 24.10 5.61 0.71
C GLN A 22 23.82 4.17 1.10
N ARG A 23 22.64 3.94 1.67
CA ARG A 23 22.24 2.60 2.11
C ARG A 23 21.78 1.77 0.91
N ASN A 24 21.35 2.45 -0.15
CA ASN A 24 20.88 1.77 -1.35
C ASN A 24 19.73 0.82 -1.02
N LYS A 25 18.77 1.31 -0.25
CA LYS A 25 17.61 0.51 0.14
C LYS A 25 16.33 1.34 0.09
N LEU A 26 15.20 0.67 -0.09
CA LEU A 26 13.91 1.35 -0.16
C LEU A 26 13.16 1.21 1.17
N ILE A 27 13.15 2.29 1.94
CA ILE A 27 12.47 2.31 3.23
C ILE A 27 11.03 2.78 3.09
N VAL A 28 10.08 1.96 3.55
CA VAL A 28 8.67 2.30 3.48
C VAL A 28 8.01 2.15 4.83
N VAL A 29 7.65 3.28 5.45
CA VAL A 29 7.00 3.28 6.75
C VAL A 29 5.49 3.38 6.61
N VAL A 30 4.78 2.59 7.40
CA VAL A 30 3.32 2.58 7.36
C VAL A 30 2.73 3.04 8.69
N HIS A 31 2.48 4.34 8.80
CA HIS A 31 1.92 4.90 10.03
C HIS A 31 0.60 4.23 10.38
N ALA A 32 -0.44 4.53 9.61
CA ALA A 32 -1.76 3.95 9.84
C ALA A 32 -2.72 4.31 8.72
N CYS A 33 -3.80 3.54 8.61
CA CYS A 33 -4.80 3.79 7.57
C CYS A 33 -6.12 4.23 8.19
N ARG A 34 -6.91 4.96 7.40
CA ARG A 34 -8.21 5.44 7.87
C ARG A 34 -9.24 5.40 6.75
N ASN A 35 -10.50 5.71 7.09
CA ASN A 35 -11.58 5.70 6.11
C ASN A 35 -11.61 4.38 5.35
N LEU A 36 -11.58 3.28 6.10
CA LEU A 36 -11.62 1.94 5.50
C LEU A 36 -12.96 1.26 5.76
N ILE A 37 -13.91 1.47 4.86
CA ILE A 37 -15.24 0.88 5.01
C ILE A 37 -15.13 -0.60 5.35
N ALA A 38 -16.16 -1.12 6.01
CA ALA A 38 -16.19 -2.53 6.39
C ALA A 38 -17.23 -3.30 5.57
N PHE A 39 -16.86 -4.50 5.14
CA PHE A 39 -17.76 -5.34 4.35
C PHE A 39 -19.00 -5.70 5.14
N SER A 40 -18.90 -5.63 6.46
CA SER A 40 -20.03 -5.95 7.34
C SER A 40 -19.86 -5.29 8.69
N GLU A 41 -20.84 -4.48 9.09
CA GLU A 41 -20.81 -3.79 10.38
C GLU A 41 -20.15 -4.67 11.44
N ASP A 42 -20.52 -5.94 11.46
CA ASP A 42 -19.97 -6.89 12.43
C ASP A 42 -18.51 -6.56 12.72
N GLY A 43 -17.72 -6.37 11.67
CA GLY A 43 -16.32 -6.07 11.84
C GLY A 43 -15.45 -6.62 10.71
N SER A 44 -14.51 -5.81 10.24
CA SER A 44 -13.63 -6.23 9.15
C SER A 44 -12.18 -6.32 9.63
N ASP A 45 -11.38 -7.13 8.94
CA ASP A 45 -9.98 -7.29 9.30
C ASP A 45 -9.07 -6.70 8.22
N PRO A 46 -8.89 -5.37 8.27
CA PRO A 46 -8.05 -4.65 7.30
C PRO A 46 -6.56 -4.97 7.48
N TYR A 47 -5.87 -5.17 6.37
CA TYR A 47 -4.45 -5.49 6.41
C TYR A 47 -3.73 -4.89 5.19
N VAL A 48 -2.57 -4.28 5.43
CA VAL A 48 -1.80 -3.68 4.36
C VAL A 48 -0.84 -4.70 3.73
N ARG A 49 -0.69 -4.63 2.42
CA ARG A 49 0.20 -5.55 1.71
C ARG A 49 1.11 -4.78 0.75
N MET A 50 2.40 -5.08 0.82
CA MET A 50 3.38 -4.42 -0.03
C MET A 50 4.01 -5.41 -1.01
N TYR A 51 4.42 -4.92 -2.17
CA TYR A 51 5.03 -5.76 -3.18
C TYR A 51 5.90 -4.94 -4.14
N LEU A 52 7.16 -5.34 -4.29
CA LEU A 52 8.08 -4.63 -5.17
C LEU A 52 7.95 -5.13 -6.60
N LEU A 53 6.93 -4.63 -7.31
CA LEU A 53 6.71 -5.02 -8.70
C LEU A 53 7.88 -4.64 -9.58
N PRO A 54 8.05 -5.38 -10.69
CA PRO A 54 7.17 -6.48 -11.05
C PRO A 54 7.32 -7.68 -10.13
N ASP A 55 8.56 -8.12 -9.94
CA ASP A 55 8.84 -9.26 -9.07
C ASP A 55 7.99 -9.21 -7.80
N LYS A 56 7.52 -10.36 -7.36
CA LYS A 56 6.69 -10.45 -6.17
C LYS A 56 7.22 -11.52 -5.22
N ARG A 57 8.51 -11.85 -5.36
CA ARG A 57 9.13 -12.85 -4.51
C ARG A 57 8.55 -12.82 -3.10
N ARG A 58 8.52 -13.98 -2.45
CA ARG A 58 7.98 -14.08 -1.10
C ARG A 58 8.89 -13.37 -0.09
N SER A 59 10.16 -13.77 -0.06
CA SER A 59 11.13 -13.18 0.85
C SER A 59 11.02 -11.66 0.84
N GLY A 60 10.48 -11.11 -0.25
CA GLY A 60 10.34 -9.68 -0.37
C GLY A 60 8.98 -9.19 0.10
N ARG A 61 7.98 -10.06 0.04
CA ARG A 61 6.63 -9.71 0.46
C ARG A 61 6.61 -9.32 1.93
N ARG A 62 6.49 -8.02 2.20
CA ARG A 62 6.46 -7.52 3.57
C ARG A 62 5.13 -6.82 3.86
N LYS A 63 4.30 -7.45 4.69
CA LYS A 63 3.01 -6.89 5.05
C LYS A 63 2.93 -6.62 6.55
N THR A 64 1.90 -5.89 6.96
CA THR A 64 1.72 -5.56 8.37
C THR A 64 0.67 -6.48 9.01
N HIS A 65 0.68 -6.54 10.34
CA HIS A 65 -0.26 -7.38 11.07
C HIS A 65 -1.69 -7.07 10.64
N VAL A 66 -2.57 -8.05 10.81
CA VAL A 66 -3.97 -7.89 10.45
C VAL A 66 -4.83 -7.56 11.68
N SER A 67 -5.32 -6.33 11.74
CA SER A 67 -6.14 -5.90 12.87
C SER A 67 -7.61 -6.26 12.64
N LYS A 68 -8.29 -6.65 13.71
CA LYS A 68 -9.70 -7.01 13.62
C LYS A 68 -10.55 -6.13 14.53
N LYS A 69 -11.84 -6.06 14.24
CA LYS A 69 -12.77 -5.26 15.03
C LYS A 69 -12.32 -3.80 15.06
N THR A 70 -11.94 -3.28 13.90
CA THR A 70 -11.49 -1.90 13.79
C THR A 70 -11.39 -1.46 12.33
N LEU A 71 -11.85 -0.25 12.06
CA LEU A 71 -11.81 0.29 10.69
C LEU A 71 -10.52 1.08 10.46
N ASN A 72 -9.95 1.59 11.55
CA ASN A 72 -8.72 2.36 11.46
C ASN A 72 -7.57 1.65 12.15
N PRO A 73 -6.89 0.75 11.41
CA PRO A 73 -5.77 -0.02 11.93
C PRO A 73 -4.53 0.85 12.17
N VAL A 74 -3.67 0.40 13.08
CA VAL A 74 -2.45 1.13 13.40
C VAL A 74 -1.27 0.19 13.55
N PHE A 75 -0.26 0.37 12.70
CA PHE A 75 0.93 -0.46 12.74
C PHE A 75 2.17 0.36 13.07
N ASP A 76 2.39 1.43 12.31
CA ASP A 76 3.53 2.30 12.52
C ASP A 76 4.84 1.54 12.37
N GLN A 77 4.84 0.56 11.48
CA GLN A 77 6.03 -0.26 11.23
C GLN A 77 6.84 0.30 10.07
N SER A 78 8.11 -0.09 10.00
CA SER A 78 9.00 0.37 8.94
C SER A 78 9.73 -0.80 8.30
N PHE A 79 9.55 -0.95 7.00
CA PHE A 79 10.19 -2.03 6.25
C PHE A 79 11.35 -1.50 5.41
N ASP A 80 12.13 -2.42 4.85
CA ASP A 80 13.27 -2.04 4.02
C ASP A 80 13.51 -3.08 2.93
N PHE A 81 14.14 -2.65 1.84
CA PHE A 81 14.43 -3.55 0.71
C PHE A 81 15.71 -3.14 0.01
N SER A 82 16.61 -4.10 -0.19
CA SER A 82 17.88 -3.85 -0.85
C SER A 82 17.69 -3.71 -2.35
N VAL A 83 17.46 -2.47 -2.82
CA VAL A 83 17.27 -2.21 -4.23
C VAL A 83 17.90 -0.88 -4.64
N SER A 84 18.61 -0.88 -5.75
CA SER A 84 19.26 0.34 -6.25
C SER A 84 18.25 1.29 -6.86
N LEU A 85 18.53 2.59 -6.76
CA LEU A 85 17.64 3.60 -7.30
C LEU A 85 17.32 3.33 -8.78
N PRO A 86 18.35 2.97 -9.55
CA PRO A 86 18.21 2.66 -10.98
C PRO A 86 17.05 1.71 -11.25
N GLU A 87 16.93 0.69 -10.40
CA GLU A 87 15.86 -0.29 -10.55
C GLU A 87 14.54 0.23 -9.98
N VAL A 88 14.54 0.55 -8.69
CA VAL A 88 13.35 1.07 -8.02
C VAL A 88 12.58 2.01 -8.93
N GLN A 89 13.30 2.64 -9.86
CA GLN A 89 12.68 3.58 -10.80
C GLN A 89 11.66 2.87 -11.67
N ARG A 90 12.08 1.81 -12.35
CA ARG A 90 11.21 1.05 -13.22
C ARG A 90 10.25 0.18 -12.40
N ARG A 91 10.59 -0.05 -11.14
CA ARG A 91 9.77 -0.86 -10.26
C ARG A 91 8.58 -0.07 -9.74
N THR A 92 7.66 -0.76 -9.07
CA THR A 92 6.47 -0.12 -8.53
C THR A 92 6.10 -0.70 -7.17
N LEU A 93 5.60 0.15 -6.28
CA LEU A 93 5.22 -0.29 -4.94
C LEU A 93 3.72 -0.61 -4.88
N ASP A 94 3.39 -1.88 -5.04
CA ASP A 94 2.00 -2.31 -5.00
C ASP A 94 1.43 -2.19 -3.59
N VAL A 95 0.69 -1.12 -3.34
CA VAL A 95 0.08 -0.89 -2.04
C VAL A 95 -1.43 -1.09 -2.08
N ALA A 96 -1.88 -2.25 -1.61
CA ALA A 96 -3.30 -2.57 -1.59
C ALA A 96 -3.80 -2.81 -0.17
N VAL A 97 -4.82 -2.06 0.24
CA VAL A 97 -5.38 -2.20 1.57
C VAL A 97 -6.75 -2.87 1.52
N LYS A 98 -6.79 -4.15 1.87
CA LYS A 98 -8.04 -4.91 1.87
C LYS A 98 -8.16 -5.75 3.13
N ASN A 99 -9.29 -6.43 3.27
CA ASN A 99 -9.54 -7.28 4.43
C ASN A 99 -8.96 -8.68 4.21
N SER A 100 -8.49 -9.29 5.29
CA SER A 100 -7.92 -10.64 5.22
C SER A 100 -9.01 -11.68 5.08
N GLY A 101 -9.15 -12.24 3.88
CA GLY A 101 -10.16 -13.26 3.64
C GLY A 101 -11.46 -12.67 3.15
N GLY A 102 -11.66 -12.67 1.83
CA GLY A 102 -12.88 -12.13 1.25
C GLY A 102 -14.10 -12.94 1.63
N PHE A 103 -14.54 -13.80 0.72
CA PHE A 103 -15.71 -14.64 0.95
C PHE A 103 -15.63 -15.93 0.14
N LEU A 104 -16.46 -16.90 0.52
CA LEU A 104 -16.48 -18.18 -0.18
C LEU A 104 -16.30 -17.99 -1.68
N SER A 105 -17.19 -17.22 -2.29
CA SER A 105 -17.13 -16.96 -3.72
C SER A 105 -15.68 -16.76 -4.17
N LYS A 106 -15.10 -15.62 -3.81
CA LYS A 106 -13.73 -15.32 -4.17
C LYS A 106 -13.03 -14.53 -3.06
N ASP A 107 -11.74 -14.78 -2.89
CA ASP A 107 -10.96 -14.09 -1.87
C ASP A 107 -10.30 -12.84 -2.43
N LYS A 108 -10.83 -12.35 -3.54
CA LYS A 108 -10.30 -11.16 -4.18
C LYS A 108 -10.92 -9.89 -3.59
N GLY A 109 -11.72 -10.06 -2.54
CA GLY A 109 -12.35 -8.93 -1.90
C GLY A 109 -11.40 -7.79 -1.64
N LEU A 110 -11.40 -6.81 -2.53
CA LEU A 110 -10.51 -5.65 -2.40
C LEU A 110 -11.28 -4.44 -1.88
N LEU A 111 -10.70 -3.76 -0.89
CA LEU A 111 -11.33 -2.58 -0.31
C LEU A 111 -10.82 -1.31 -0.97
N GLY A 112 -9.51 -1.26 -1.20
CA GLY A 112 -8.92 -0.09 -1.84
C GLY A 112 -7.44 -0.27 -2.11
N LYS A 113 -7.02 0.05 -3.33
CA LYS A 113 -5.61 -0.07 -3.71
C LYS A 113 -5.14 1.17 -4.45
N VAL A 114 -3.83 1.43 -4.40
CA VAL A 114 -3.25 2.58 -5.07
C VAL A 114 -1.79 2.34 -5.41
N LEU A 115 -1.45 2.48 -6.69
CA LEU A 115 -0.09 2.28 -7.15
C LEU A 115 0.70 3.58 -7.12
N VAL A 116 1.99 3.48 -6.79
CA VAL A 116 2.85 4.66 -6.72
C VAL A 116 4.12 4.45 -7.54
N ALA A 117 4.28 5.25 -8.59
CA ALA A 117 5.45 5.16 -9.45
C ALA A 117 6.68 5.73 -8.77
N LEU A 118 7.63 4.86 -8.44
CA LEU A 118 8.86 5.27 -7.78
C LEU A 118 9.90 5.75 -8.79
N ALA A 119 9.41 6.25 -9.93
CA ALA A 119 10.29 6.76 -10.98
C ALA A 119 10.56 8.24 -10.81
N SER A 120 10.33 8.74 -9.60
CA SER A 120 10.54 10.16 -9.30
C SER A 120 11.97 10.40 -8.82
N GLU A 121 12.45 11.62 -9.01
CA GLU A 121 13.80 11.98 -8.60
C GLU A 121 13.78 12.68 -7.25
N GLU A 122 12.75 12.42 -6.47
CA GLU A 122 12.61 13.02 -5.15
C GLU A 122 12.94 12.01 -4.05
N LEU A 123 13.04 10.75 -4.43
CA LEU A 123 13.36 9.68 -3.48
C LEU A 123 14.62 10.01 -2.70
N ALA A 124 15.59 10.62 -3.37
CA ALA A 124 16.85 10.99 -2.74
C ALA A 124 16.62 11.57 -1.35
N LYS A 125 15.47 12.21 -1.16
CA LYS A 125 15.13 12.81 0.11
C LYS A 125 13.98 12.06 0.78
N GLY A 126 12.86 11.97 0.08
CA GLY A 126 11.70 11.28 0.60
C GLY A 126 10.53 12.21 0.84
N TRP A 127 9.32 11.67 0.78
CA TRP A 127 8.11 12.45 0.98
C TRP A 127 7.03 11.63 1.68
N THR A 128 6.10 12.31 2.34
CA THR A 128 5.02 11.65 3.04
C THR A 128 3.66 12.23 2.65
N GLN A 129 2.71 11.35 2.34
CA GLN A 129 1.37 11.79 1.95
C GLN A 129 0.38 10.63 2.02
N TRP A 130 -0.90 10.96 2.14
CA TRP A 130 -1.94 9.95 2.21
C TRP A 130 -2.44 9.58 0.82
N TYR A 131 -1.97 8.46 0.31
CA TYR A 131 -2.37 7.99 -1.02
C TYR A 131 -3.82 7.51 -1.01
N ASP A 132 -4.72 8.35 -1.54
CA ASP A 132 -6.14 8.01 -1.59
C ASP A 132 -6.36 6.72 -2.40
N LEU A 133 -6.84 5.69 -1.72
CA LEU A 133 -7.10 4.41 -2.36
C LEU A 133 -8.20 4.54 -3.42
N THR A 134 -8.04 3.80 -4.51
CA THR A 134 -9.02 3.84 -5.60
C THR A 134 -9.52 2.43 -5.93
N GLU A 135 -10.49 2.36 -6.83
CA GLU A 135 -11.07 1.07 -7.23
C GLU A 135 -10.16 0.37 -8.23
N ASP A 136 -10.45 -0.89 -8.51
CA ASP A 136 -9.67 -1.67 -9.45
C ASP A 136 -9.95 -1.24 -10.89
N SER A 137 -8.89 -1.12 -11.69
CA SER A 137 -9.02 -0.70 -13.08
C SER A 137 -8.56 -1.82 -14.02
N GLY A 138 -9.17 -1.88 -15.20
CA GLY A 138 -8.80 -2.89 -16.17
C GLY A 138 -9.89 -3.93 -16.36
N PRO A 139 -10.97 -3.54 -17.04
CA PRO A 139 -12.11 -4.43 -17.30
C PRO A 139 -11.77 -5.52 -18.30
N SER A 140 -12.29 -6.72 -18.06
CA SER A 140 -12.03 -7.86 -18.93
C SER A 140 -13.06 -8.97 -18.69
N SER A 141 -13.64 -9.46 -19.78
CA SER A 141 -14.64 -10.53 -19.69
C SER A 141 -14.03 -11.87 -20.08
N GLY A 142 -14.56 -12.94 -19.49
CA GLY A 142 -14.07 -14.27 -19.79
C GLY A 142 -14.52 -14.78 -21.14
N GLY A 1 3.62 21.67 -5.10
CA GLY A 1 2.81 20.70 -4.39
C GLY A 1 1.92 21.34 -3.34
N SER A 2 2.00 20.85 -2.11
CA SER A 2 1.20 21.38 -1.01
C SER A 2 -0.27 21.48 -1.43
N SER A 3 -0.79 20.42 -2.02
CA SER A 3 -2.17 20.39 -2.47
C SER A 3 -3.07 19.74 -1.42
N GLY A 4 -2.62 18.60 -0.90
CA GLY A 4 -3.40 17.90 0.11
C GLY A 4 -4.42 16.95 -0.49
N SER A 5 -4.34 15.68 -0.13
CA SER A 5 -5.25 14.67 -0.64
C SER A 5 -6.38 14.40 0.36
N SER A 6 -7.54 15.02 0.13
CA SER A 6 -8.69 14.85 1.01
C SER A 6 -9.93 14.47 0.22
N GLY A 7 -10.57 13.38 0.62
CA GLY A 7 -11.77 12.93 -0.06
C GLY A 7 -11.59 11.57 -0.70
N SER A 8 -12.20 10.55 -0.12
CA SER A 8 -12.09 9.19 -0.65
C SER A 8 -13.07 8.25 0.07
N PRO A 9 -14.03 7.71 -0.69
CA PRO A 9 -15.04 6.80 -0.16
C PRO A 9 -14.45 5.44 0.24
N LEU A 10 -13.36 5.06 -0.44
CA LEU A 10 -12.71 3.79 -0.18
C LEU A 10 -11.78 3.91 1.04
N GLY A 11 -10.97 4.95 1.05
CA GLY A 11 -10.04 5.16 2.16
C GLY A 11 -8.70 5.71 1.70
N GLN A 12 -7.79 5.91 2.65
CA GLN A 12 -6.47 6.44 2.34
C GLN A 12 -5.39 5.70 3.12
N ILE A 13 -4.13 6.03 2.84
CA ILE A 13 -3.01 5.40 3.51
C ILE A 13 -1.78 6.30 3.50
N GLN A 14 -1.15 6.47 4.66
CA GLN A 14 0.03 7.31 4.77
C GLN A 14 1.31 6.45 4.74
N LEU A 15 2.15 6.69 3.75
CA LEU A 15 3.40 5.95 3.61
C LEU A 15 4.55 6.88 3.27
N THR A 16 5.71 6.64 3.89
CA THR A 16 6.88 7.46 3.64
C THR A 16 7.89 6.73 2.78
N ILE A 17 7.99 7.13 1.51
CA ILE A 17 8.91 6.51 0.57
C ILE A 17 10.20 7.32 0.45
N ARG A 18 11.33 6.66 0.67
CA ARG A 18 12.62 7.32 0.58
C ARG A 18 13.73 6.32 0.29
N HIS A 19 14.29 6.39 -0.91
CA HIS A 19 15.35 5.48 -1.33
C HIS A 19 16.72 6.14 -1.16
N SER A 20 17.52 5.61 -0.23
CA SER A 20 18.84 6.15 0.03
C SER A 20 19.84 5.66 -1.02
N SER A 21 20.62 6.59 -1.56
CA SER A 21 21.61 6.26 -2.58
C SER A 21 22.84 5.61 -1.94
N GLN A 22 23.13 5.99 -0.70
CA GLN A 22 24.27 5.45 0.02
C GLN A 22 24.01 4.02 0.46
N ARG A 23 22.84 3.79 1.06
CA ARG A 23 22.47 2.46 1.53
C ARG A 23 21.77 1.67 0.43
N ASN A 24 21.40 2.36 -0.64
CA ASN A 24 20.73 1.73 -1.77
C ASN A 24 19.60 0.81 -1.28
N LYS A 25 18.74 1.34 -0.42
CA LYS A 25 17.62 0.58 0.12
C LYS A 25 16.33 1.38 0.06
N LEU A 26 15.21 0.68 -0.07
CA LEU A 26 13.90 1.34 -0.13
C LEU A 26 13.14 1.16 1.18
N ILE A 27 13.05 2.24 1.95
CA ILE A 27 12.34 2.20 3.22
C ILE A 27 10.90 2.69 3.06
N VAL A 28 9.95 1.87 3.51
CA VAL A 28 8.54 2.21 3.43
C VAL A 28 7.85 2.05 4.78
N VAL A 29 7.54 3.17 5.41
CA VAL A 29 6.87 3.15 6.72
C VAL A 29 5.35 3.22 6.55
N VAL A 30 4.64 2.42 7.35
CA VAL A 30 3.19 2.39 7.30
C VAL A 30 2.59 2.89 8.60
N HIS A 31 2.54 4.22 8.75
CA HIS A 31 1.99 4.82 9.95
C HIS A 31 0.68 4.15 10.35
N ALA A 32 -0.37 4.42 9.59
CA ALA A 32 -1.69 3.84 9.85
C ALA A 32 -2.66 4.15 8.72
N CYS A 33 -3.77 3.40 8.68
CA CYS A 33 -4.77 3.60 7.65
C CYS A 33 -6.09 4.06 8.25
N ARG A 34 -6.80 4.93 7.53
CA ARG A 34 -8.07 5.46 8.00
C ARG A 34 -9.10 5.48 6.88
N ASN A 35 -10.37 5.62 7.25
CA ASN A 35 -11.45 5.64 6.27
C ASN A 35 -11.51 4.33 5.50
N LEU A 36 -11.41 3.22 6.23
CA LEU A 36 -11.46 1.90 5.60
C LEU A 36 -12.83 1.26 5.79
N ILE A 37 -13.69 1.42 4.78
CA ILE A 37 -15.03 0.86 4.83
C ILE A 37 -15.00 -0.64 5.13
N ALA A 38 -15.87 -1.09 6.01
CA ALA A 38 -15.94 -2.50 6.37
C ALA A 38 -17.06 -3.21 5.61
N PHE A 39 -16.75 -4.36 5.03
CA PHE A 39 -17.73 -5.13 4.29
C PHE A 39 -18.98 -5.38 5.12
N SER A 40 -18.80 -5.55 6.42
CA SER A 40 -19.92 -5.79 7.33
C SER A 40 -19.80 -4.92 8.58
N GLU A 41 -20.81 -4.09 8.81
CA GLU A 41 -20.82 -3.21 9.97
C GLU A 41 -20.22 -3.91 11.19
N ASP A 42 -20.69 -5.12 11.45
CA ASP A 42 -20.19 -5.90 12.59
C ASP A 42 -18.70 -5.66 12.81
N GLY A 43 -17.94 -5.70 11.72
CA GLY A 43 -16.51 -5.48 11.82
C GLY A 43 -15.75 -6.07 10.65
N SER A 44 -14.50 -5.67 10.48
CA SER A 44 -13.66 -6.16 9.40
C SER A 44 -12.21 -6.25 9.82
N ASP A 45 -11.43 -7.06 9.10
CA ASP A 45 -10.02 -7.24 9.40
C ASP A 45 -9.15 -6.67 8.29
N PRO A 46 -8.92 -5.35 8.33
CA PRO A 46 -8.10 -4.66 7.33
C PRO A 46 -6.63 -5.01 7.44
N TYR A 47 -5.93 -4.98 6.31
CA TYR A 47 -4.50 -5.30 6.28
C TYR A 47 -3.85 -4.76 5.02
N VAL A 48 -2.62 -4.30 5.15
CA VAL A 48 -1.88 -3.75 4.02
C VAL A 48 -0.86 -4.75 3.49
N ARG A 49 -0.62 -4.71 2.18
CA ARG A 49 0.33 -5.62 1.55
C ARG A 49 1.26 -4.87 0.60
N MET A 50 2.54 -5.19 0.66
CA MET A 50 3.53 -4.54 -0.20
C MET A 50 4.14 -5.54 -1.17
N TYR A 51 4.42 -5.08 -2.39
CA TYR A 51 5.01 -5.94 -3.41
C TYR A 51 5.86 -5.13 -4.38
N LEU A 52 7.16 -5.38 -4.37
CA LEU A 52 8.08 -4.67 -5.25
C LEU A 52 7.89 -5.09 -6.70
N LEU A 53 6.87 -4.53 -7.34
CA LEU A 53 6.57 -4.86 -8.73
C LEU A 53 7.77 -4.55 -9.62
N PRO A 54 7.84 -5.23 -10.78
CA PRO A 54 6.84 -6.23 -11.17
C PRO A 54 6.90 -7.49 -10.31
N ASP A 55 8.10 -8.05 -10.18
CA ASP A 55 8.28 -9.25 -9.39
C ASP A 55 7.62 -9.11 -8.02
N LYS A 56 7.05 -10.21 -7.53
CA LYS A 56 6.38 -10.21 -6.23
C LYS A 56 7.08 -11.15 -5.26
N ARG A 57 8.36 -11.42 -5.52
CA ARG A 57 9.13 -12.30 -4.66
C ARG A 57 8.79 -12.09 -3.19
N ARG A 58 9.06 -13.09 -2.37
CA ARG A 58 8.77 -13.02 -0.94
C ARG A 58 9.53 -11.86 -0.30
N SER A 59 10.84 -11.83 -0.50
CA SER A 59 11.67 -10.78 0.06
C SER A 59 10.95 -9.44 0.04
N GLY A 60 10.51 -9.03 -1.14
CA GLY A 60 9.81 -7.77 -1.27
C GLY A 60 8.42 -7.81 -0.68
N ARG A 61 7.85 -9.01 -0.59
CA ARG A 61 6.51 -9.19 -0.03
C ARG A 61 6.51 -8.94 1.48
N ARG A 62 5.98 -7.81 1.89
CA ARG A 62 5.93 -7.46 3.31
C ARG A 62 4.57 -6.87 3.67
N LYS A 63 3.85 -7.54 4.56
CA LYS A 63 2.54 -7.09 5.00
C LYS A 63 2.55 -6.71 6.47
N THR A 64 1.53 -5.98 6.91
CA THR A 64 1.41 -5.55 8.30
C THR A 64 0.39 -6.39 9.05
N HIS A 65 0.41 -6.28 10.37
CA HIS A 65 -0.52 -7.04 11.22
C HIS A 65 -1.96 -6.82 10.75
N VAL A 66 -2.84 -7.75 11.11
CA VAL A 66 -4.24 -7.67 10.73
C VAL A 66 -5.11 -7.29 11.93
N SER A 67 -5.51 -6.03 11.98
CA SER A 67 -6.35 -5.54 13.07
C SER A 67 -7.75 -6.15 13.01
N LYS A 68 -8.30 -6.46 14.18
CA LYS A 68 -9.64 -7.05 14.25
C LYS A 68 -10.59 -6.14 15.03
N LYS A 69 -11.86 -6.12 14.61
CA LYS A 69 -12.86 -5.30 15.27
C LYS A 69 -12.46 -3.83 15.25
N THR A 70 -12.01 -3.35 14.10
CA THR A 70 -11.60 -1.96 13.96
C THR A 70 -11.56 -1.54 12.50
N LEU A 71 -11.74 -0.25 12.25
CA LEU A 71 -11.73 0.28 10.89
C LEU A 71 -10.43 1.02 10.60
N ASN A 72 -9.81 1.56 11.65
CA ASN A 72 -8.56 2.30 11.51
C ASN A 72 -7.43 1.56 12.21
N PRO A 73 -6.75 0.67 11.48
CA PRO A 73 -5.63 -0.11 12.00
C PRO A 73 -4.40 0.74 12.27
N VAL A 74 -3.60 0.34 13.25
CA VAL A 74 -2.40 1.08 13.61
C VAL A 74 -1.19 0.13 13.74
N PHE A 75 -0.24 0.28 12.82
CA PHE A 75 0.96 -0.56 12.83
C PHE A 75 2.19 0.25 13.21
N ASP A 76 2.44 1.32 12.46
CA ASP A 76 3.59 2.17 12.71
C ASP A 76 4.89 1.41 12.52
N GLN A 77 4.91 0.52 11.53
CA GLN A 77 6.10 -0.27 11.25
C GLN A 77 6.87 0.30 10.05
N SER A 78 8.14 -0.07 9.94
CA SER A 78 8.98 0.40 8.86
C SER A 78 9.72 -0.76 8.19
N PHE A 79 9.43 -0.97 6.91
CA PHE A 79 10.06 -2.05 6.16
C PHE A 79 11.19 -1.51 5.29
N ASP A 80 12.09 -2.41 4.87
CA ASP A 80 13.21 -2.03 4.04
C ASP A 80 13.48 -3.09 2.96
N PHE A 81 14.07 -2.66 1.85
CA PHE A 81 14.38 -3.57 0.76
C PHE A 81 15.66 -3.15 0.04
N SER A 82 16.55 -4.12 -0.18
CA SER A 82 17.82 -3.84 -0.86
C SER A 82 17.61 -3.68 -2.36
N VAL A 83 17.39 -2.45 -2.79
CA VAL A 83 17.18 -2.17 -4.21
C VAL A 83 17.81 -0.83 -4.60
N SER A 84 18.55 -0.83 -5.70
CA SER A 84 19.22 0.38 -6.18
C SER A 84 18.21 1.33 -6.81
N LEU A 85 18.47 2.63 -6.69
CA LEU A 85 17.59 3.64 -7.25
C LEU A 85 17.33 3.38 -8.73
N PRO A 86 18.41 3.05 -9.47
CA PRO A 86 18.33 2.77 -10.91
C PRO A 86 17.20 1.80 -11.25
N GLU A 87 16.99 0.81 -10.38
CA GLU A 87 15.95 -0.17 -10.58
C GLU A 87 14.61 0.33 -10.04
N VAL A 88 14.57 0.61 -8.75
CA VAL A 88 13.35 1.09 -8.11
C VAL A 88 12.59 2.05 -9.02
N GLN A 89 13.32 2.71 -9.93
CA GLN A 89 12.72 3.65 -10.85
C GLN A 89 11.71 2.95 -11.75
N ARG A 90 12.11 1.83 -12.33
CA ARG A 90 11.23 1.06 -13.21
C ARG A 90 10.23 0.24 -12.41
N ARG A 91 10.57 -0.03 -11.15
CA ARG A 91 9.70 -0.81 -10.28
C ARG A 91 8.56 0.04 -9.73
N THR A 92 7.61 -0.60 -9.06
CA THR A 92 6.47 0.10 -8.50
C THR A 92 6.02 -0.53 -7.18
N LEU A 93 5.72 0.30 -6.20
CA LEU A 93 5.28 -0.18 -4.90
C LEU A 93 3.79 -0.49 -4.91
N ASP A 94 3.46 -1.77 -5.04
CA ASP A 94 2.07 -2.21 -5.06
C ASP A 94 1.47 -2.19 -3.66
N VAL A 95 0.70 -1.14 -3.35
CA VAL A 95 0.07 -1.00 -2.05
C VAL A 95 -1.43 -1.21 -2.14
N ALA A 96 -1.89 -2.34 -1.61
CA ALA A 96 -3.32 -2.66 -1.62
C ALA A 96 -3.82 -3.01 -0.23
N VAL A 97 -4.87 -2.32 0.21
CA VAL A 97 -5.45 -2.56 1.52
C VAL A 97 -6.75 -3.36 1.42
N LYS A 98 -6.68 -4.64 1.77
CA LYS A 98 -7.84 -5.51 1.72
C LYS A 98 -8.12 -6.13 3.08
N ASN A 99 -9.21 -6.88 3.18
CA ASN A 99 -9.59 -7.53 4.43
C ASN A 99 -9.34 -9.03 4.36
N SER A 100 -8.83 -9.59 5.46
CA SER A 100 -8.53 -11.02 5.52
C SER A 100 -9.82 -11.84 5.54
N GLY A 101 -10.20 -12.37 4.39
CA GLY A 101 -11.41 -13.17 4.29
C GLY A 101 -11.43 -14.06 3.07
N GLY A 102 -10.27 -14.67 2.77
CA GLY A 102 -10.19 -15.54 1.62
C GLY A 102 -10.84 -16.89 1.86
N PHE A 103 -11.36 -17.49 0.80
CA PHE A 103 -12.02 -18.79 0.90
C PHE A 103 -11.01 -19.93 0.71
N LEU A 104 -10.24 -19.85 -0.37
CA LEU A 104 -9.23 -20.87 -0.66
C LEU A 104 -7.83 -20.37 -0.29
N SER A 105 -7.29 -19.48 -1.11
CA SER A 105 -5.96 -18.95 -0.87
C SER A 105 -6.03 -17.46 -0.52
N LYS A 106 -6.79 -16.72 -1.31
CA LYS A 106 -6.96 -15.28 -1.10
C LYS A 106 -8.42 -14.87 -1.24
N ASP A 107 -8.72 -13.63 -0.85
CA ASP A 107 -10.07 -13.11 -0.94
C ASP A 107 -10.28 -12.33 -2.23
N LYS A 108 -11.51 -12.29 -2.71
CA LYS A 108 -11.83 -11.58 -3.94
C LYS A 108 -12.53 -10.26 -3.63
N GLY A 109 -12.40 -9.81 -2.39
CA GLY A 109 -13.03 -8.55 -1.99
C GLY A 109 -12.01 -7.46 -1.73
N LEU A 110 -11.72 -6.68 -2.78
CA LEU A 110 -10.76 -5.59 -2.67
C LEU A 110 -11.41 -4.36 -2.06
N LEU A 111 -10.85 -3.89 -0.95
CA LEU A 111 -11.37 -2.70 -0.27
C LEU A 111 -10.79 -1.43 -0.88
N GLY A 112 -9.54 -1.50 -1.31
CA GLY A 112 -8.89 -0.34 -1.90
C GLY A 112 -7.44 -0.60 -2.24
N LYS A 113 -6.93 0.08 -3.26
CA LYS A 113 -5.55 -0.07 -3.68
C LYS A 113 -5.07 1.16 -4.44
N VAL A 114 -3.77 1.44 -4.34
CA VAL A 114 -3.19 2.59 -5.02
C VAL A 114 -1.70 2.37 -5.29
N LEU A 115 -1.30 2.51 -6.54
CA LEU A 115 0.09 2.33 -6.94
C LEU A 115 0.86 3.64 -6.81
N VAL A 116 2.17 3.53 -6.65
CA VAL A 116 3.03 4.70 -6.52
C VAL A 116 4.28 4.56 -7.40
N ALA A 117 4.33 5.35 -8.47
CA ALA A 117 5.46 5.33 -9.38
C ALA A 117 6.73 5.84 -8.70
N LEU A 118 7.67 4.93 -8.44
CA LEU A 118 8.92 5.30 -7.80
C LEU A 118 9.94 5.80 -8.82
N ALA A 119 9.44 6.33 -9.93
CA ALA A 119 10.30 6.84 -10.99
C ALA A 119 10.67 8.30 -10.74
N SER A 120 10.69 8.69 -9.47
CA SER A 120 11.02 10.07 -9.10
C SER A 120 12.50 10.21 -8.80
N GLU A 121 13.00 11.44 -8.84
CA GLU A 121 14.40 11.70 -8.57
C GLU A 121 14.59 12.25 -7.15
N GLU A 122 13.50 12.71 -6.56
CA GLU A 122 13.54 13.27 -5.20
C GLU A 122 13.25 12.19 -4.17
N LEU A 123 13.83 11.00 -4.38
CA LEU A 123 13.64 9.88 -3.47
C LEU A 123 14.59 9.98 -2.28
N ALA A 124 15.88 10.13 -2.58
CA ALA A 124 16.90 10.25 -1.54
C ALA A 124 16.40 11.10 -0.38
N LYS A 125 15.73 12.19 -0.70
CA LYS A 125 15.20 13.11 0.31
C LYS A 125 14.01 12.48 1.04
N GLY A 126 13.11 11.89 0.27
CA GLY A 126 11.92 11.26 0.85
C GLY A 126 10.75 12.21 0.95
N TRP A 127 9.55 11.65 0.93
CA TRP A 127 8.33 12.47 1.02
C TRP A 127 7.23 11.70 1.75
N THR A 128 6.24 12.45 2.26
CA THR A 128 5.13 11.84 2.97
C THR A 128 3.80 12.41 2.51
N GLN A 129 2.86 11.54 2.18
CA GLN A 129 1.54 11.96 1.72
C GLN A 129 0.55 10.81 1.77
N TRP A 130 -0.74 11.15 1.71
CA TRP A 130 -1.79 10.13 1.75
C TRP A 130 -2.20 9.73 0.33
N TYR A 131 -2.13 8.43 0.04
CA TYR A 131 -2.49 7.92 -1.27
C TYR A 131 -3.94 7.42 -1.28
N ASP A 132 -4.82 8.25 -1.83
CA ASP A 132 -6.23 7.89 -1.91
C ASP A 132 -6.43 6.57 -2.65
N LEU A 133 -6.93 5.57 -1.93
CA LEU A 133 -7.16 4.26 -2.52
C LEU A 133 -8.22 4.33 -3.62
N THR A 134 -8.02 3.54 -4.68
CA THR A 134 -8.95 3.52 -5.80
C THR A 134 -9.32 2.09 -6.16
N GLU A 135 -10.46 1.93 -6.84
CA GLU A 135 -10.92 0.62 -7.26
C GLU A 135 -10.05 0.06 -8.39
N ASP A 136 -10.01 -1.26 -8.50
CA ASP A 136 -9.22 -1.91 -9.54
C ASP A 136 -9.67 -1.48 -10.93
N SER A 137 -8.71 -1.29 -11.82
CA SER A 137 -9.01 -0.85 -13.19
C SER A 137 -8.58 -1.92 -14.19
N GLY A 138 -9.53 -2.35 -15.02
CA GLY A 138 -9.23 -3.37 -16.02
C GLY A 138 -10.48 -3.99 -16.61
N PRO A 139 -11.17 -3.24 -17.48
CA PRO A 139 -12.40 -3.70 -18.13
C PRO A 139 -12.13 -4.81 -19.14
N SER A 140 -12.22 -6.06 -18.69
CA SER A 140 -12.00 -7.20 -19.56
C SER A 140 -10.70 -7.04 -20.34
N SER A 141 -9.66 -6.57 -19.67
CA SER A 141 -8.36 -6.36 -20.30
C SER A 141 -7.26 -6.28 -19.26
N GLY A 142 -6.23 -7.10 -19.43
CA GLY A 142 -5.11 -7.10 -18.50
C GLY A 142 -4.76 -8.50 -18.01
N GLY A 1 4.00 18.06 8.42
CA GLY A 1 2.57 17.91 8.58
C GLY A 1 1.79 18.34 7.36
N SER A 2 1.31 17.37 6.59
CA SER A 2 0.56 17.66 5.37
C SER A 2 -0.91 17.28 5.53
N SER A 3 -1.73 18.27 5.89
CA SER A 3 -3.15 18.05 6.08
C SER A 3 -3.69 17.03 5.08
N GLY A 4 -4.70 16.28 5.48
CA GLY A 4 -5.29 15.28 4.61
C GLY A 4 -6.70 15.62 4.20
N SER A 5 -6.93 15.75 2.89
CA SER A 5 -8.25 16.08 2.38
C SER A 5 -9.06 14.82 2.08
N SER A 6 -10.31 14.80 2.53
CA SER A 6 -11.19 13.65 2.32
C SER A 6 -11.74 13.65 0.91
N GLY A 7 -11.34 12.66 0.12
CA GLY A 7 -11.81 12.55 -1.26
C GLY A 7 -11.69 11.15 -1.80
N SER A 8 -12.23 10.18 -1.06
CA SER A 8 -12.18 8.78 -1.49
C SER A 8 -13.15 7.94 -0.67
N PRO A 9 -14.07 7.26 -1.37
CA PRO A 9 -15.07 6.40 -0.74
C PRO A 9 -14.46 5.14 -0.13
N LEU A 10 -13.35 4.68 -0.72
CA LEU A 10 -12.68 3.49 -0.23
C LEU A 10 -11.88 3.79 1.03
N GLY A 11 -11.03 4.81 0.96
CA GLY A 11 -10.22 5.19 2.10
C GLY A 11 -8.88 5.79 1.70
N GLN A 12 -8.03 6.07 2.69
CA GLN A 12 -6.72 6.64 2.43
C GLN A 12 -5.65 5.95 3.28
N ILE A 13 -4.40 6.31 3.05
CA ILE A 13 -3.29 5.73 3.79
C ILE A 13 -2.04 6.61 3.68
N GLN A 14 -1.38 6.82 4.82
CA GLN A 14 -0.17 7.63 4.85
C GLN A 14 1.08 6.75 4.86
N LEU A 15 1.92 6.92 3.83
CA LEU A 15 3.15 6.14 3.72
C LEU A 15 4.32 7.04 3.29
N THR A 16 5.47 6.82 3.90
CA THR A 16 6.67 7.59 3.59
C THR A 16 7.63 6.79 2.71
N ILE A 17 7.74 7.18 1.45
CA ILE A 17 8.64 6.50 0.52
C ILE A 17 9.94 7.28 0.35
N ARG A 18 11.05 6.65 0.71
CA ARG A 18 12.35 7.28 0.59
C ARG A 18 13.43 6.25 0.30
N HIS A 19 14.06 6.35 -0.87
CA HIS A 19 15.10 5.42 -1.27
C HIS A 19 16.48 6.01 -1.01
N SER A 20 17.16 5.50 0.01
CA SER A 20 18.48 5.98 0.37
C SER A 20 19.53 5.48 -0.62
N SER A 21 20.22 6.42 -1.26
CA SER A 21 21.25 6.08 -2.24
C SER A 21 22.45 5.42 -1.56
N GLN A 22 23.01 6.10 -0.57
CA GLN A 22 24.16 5.59 0.16
C GLN A 22 23.89 4.17 0.66
N ARG A 23 22.70 3.95 1.20
CA ARG A 23 22.33 2.64 1.71
C ARG A 23 21.83 1.74 0.59
N ASN A 24 21.42 2.35 -0.51
CA ASN A 24 20.92 1.60 -1.66
C ASN A 24 19.77 0.68 -1.24
N LYS A 25 18.83 1.22 -0.47
CA LYS A 25 17.69 0.44 -0.01
C LYS A 25 16.40 1.28 -0.10
N LEU A 26 15.27 0.59 -0.13
CA LEU A 26 13.98 1.26 -0.22
C LEU A 26 13.24 1.19 1.11
N ILE A 27 13.15 2.33 1.79
CA ILE A 27 12.47 2.39 3.08
C ILE A 27 11.03 2.89 2.92
N VAL A 28 10.10 2.20 3.56
CA VAL A 28 8.69 2.56 3.49
C VAL A 28 8.01 2.41 4.85
N VAL A 29 7.67 3.54 5.45
CA VAL A 29 7.01 3.53 6.76
C VAL A 29 5.49 3.52 6.61
N VAL A 30 4.82 2.79 7.49
CA VAL A 30 3.36 2.70 7.46
C VAL A 30 2.76 3.16 8.77
N HIS A 31 2.38 4.44 8.83
CA HIS A 31 1.78 5.01 10.03
C HIS A 31 0.48 4.29 10.39
N ALA A 32 -0.57 4.55 9.61
CA ALA A 32 -1.86 3.93 9.84
C ALA A 32 -2.84 4.24 8.70
N CYS A 33 -3.91 3.47 8.62
CA CYS A 33 -4.91 3.66 7.58
C CYS A 33 -6.23 4.14 8.17
N ARG A 34 -6.95 4.97 7.42
CA ARG A 34 -8.23 5.50 7.88
C ARG A 34 -9.25 5.51 6.74
N ASN A 35 -10.52 5.67 7.09
CA ASN A 35 -11.60 5.71 6.10
C ASN A 35 -11.69 4.37 5.36
N LEU A 36 -11.50 3.28 6.09
CA LEU A 36 -11.56 1.94 5.51
C LEU A 36 -12.95 1.34 5.69
N ILE A 37 -13.71 1.27 4.61
CA ILE A 37 -15.05 0.70 4.64
C ILE A 37 -15.02 -0.77 5.06
N ALA A 38 -15.97 -1.16 5.90
CA ALA A 38 -16.05 -2.54 6.37
C ALA A 38 -17.09 -3.33 5.57
N PHE A 39 -16.60 -4.31 4.82
CA PHE A 39 -17.48 -5.15 4.01
C PHE A 39 -18.76 -5.50 4.77
N SER A 40 -18.62 -5.72 6.08
CA SER A 40 -19.76 -6.07 6.92
C SER A 40 -19.75 -5.26 8.21
N GLU A 41 -20.76 -4.44 8.40
CA GLU A 41 -20.87 -3.60 9.60
C GLU A 41 -20.32 -4.35 10.82
N ASP A 42 -20.71 -5.60 10.96
CA ASP A 42 -20.26 -6.43 12.08
C ASP A 42 -18.80 -6.14 12.40
N GLY A 43 -17.96 -6.15 11.37
CA GLY A 43 -16.54 -5.90 11.57
C GLY A 43 -15.69 -6.54 10.50
N SER A 44 -14.66 -5.82 10.05
CA SER A 44 -13.77 -6.33 9.02
C SER A 44 -12.33 -6.40 9.52
N ASP A 45 -11.51 -7.21 8.87
CA ASP A 45 -10.11 -7.36 9.25
C ASP A 45 -9.19 -6.69 8.23
N PRO A 46 -9.03 -5.36 8.37
CA PRO A 46 -8.18 -4.57 7.47
C PRO A 46 -6.70 -4.87 7.66
N TYR A 47 -5.98 -4.96 6.55
CA TYR A 47 -4.54 -5.25 6.60
C TYR A 47 -3.85 -4.74 5.35
N VAL A 48 -2.69 -4.11 5.54
CA VAL A 48 -1.92 -3.57 4.42
C VAL A 48 -0.96 -4.62 3.87
N ARG A 49 -0.68 -4.52 2.57
CA ARG A 49 0.23 -5.46 1.92
C ARG A 49 1.18 -4.73 0.97
N MET A 50 2.45 -5.08 1.03
CA MET A 50 3.46 -4.46 0.18
C MET A 50 4.14 -5.50 -0.71
N TYR A 51 4.35 -5.14 -1.97
CA TYR A 51 4.98 -6.05 -2.93
C TYR A 51 5.78 -5.26 -3.96
N LEU A 52 7.10 -5.44 -3.93
CA LEU A 52 7.98 -4.75 -4.87
C LEU A 52 7.85 -5.33 -6.27
N LEU A 53 6.91 -4.78 -7.05
CA LEU A 53 6.67 -5.23 -8.41
C LEU A 53 7.91 -5.01 -9.27
N PRO A 54 8.07 -5.85 -10.30
CA PRO A 54 7.12 -6.94 -10.60
C PRO A 54 7.18 -8.04 -9.55
N ASP A 55 8.38 -8.40 -9.13
CA ASP A 55 8.57 -9.45 -8.14
C ASP A 55 7.59 -9.27 -6.98
N LYS A 56 6.49 -10.03 -7.01
CA LYS A 56 5.49 -9.97 -5.96
C LYS A 56 5.17 -11.35 -5.42
N ARG A 57 6.08 -12.30 -5.65
CA ARG A 57 5.90 -13.66 -5.18
C ARG A 57 6.06 -13.74 -3.67
N ARG A 58 5.97 -14.96 -3.14
CA ARG A 58 6.11 -15.18 -1.70
C ARG A 58 7.50 -14.76 -1.22
N SER A 59 8.53 -15.22 -1.93
CA SER A 59 9.90 -14.89 -1.57
C SER A 59 10.00 -13.49 -1.00
N GLY A 60 9.51 -12.51 -1.76
CA GLY A 60 9.57 -11.12 -1.31
C GLY A 60 8.24 -10.67 -0.71
N ARG A 61 7.67 -11.50 0.15
CA ARG A 61 6.39 -11.18 0.78
C ARG A 61 6.61 -10.26 1.98
N ARG A 62 6.12 -9.03 1.87
CA ARG A 62 6.26 -8.06 2.96
C ARG A 62 4.94 -7.32 3.19
N LYS A 63 4.32 -7.57 4.33
CA LYS A 63 3.06 -6.92 4.68
C LYS A 63 2.95 -6.73 6.19
N THR A 64 1.96 -5.94 6.60
CA THR A 64 1.74 -5.68 8.02
C THR A 64 0.65 -6.59 8.58
N HIS A 65 0.66 -6.77 9.90
CA HIS A 65 -0.32 -7.62 10.57
C HIS A 65 -1.73 -7.16 10.24
N VAL A 66 -2.70 -8.07 10.40
CA VAL A 66 -4.10 -7.76 10.13
C VAL A 66 -4.88 -7.60 11.42
N SER A 67 -5.45 -6.41 11.62
CA SER A 67 -6.23 -6.12 12.83
C SER A 67 -7.70 -6.45 12.60
N LYS A 68 -8.38 -6.82 13.68
CA LYS A 68 -9.80 -7.15 13.61
C LYS A 68 -10.63 -6.18 14.44
N LYS A 69 -11.93 -6.10 14.14
CA LYS A 69 -12.83 -5.22 14.85
C LYS A 69 -12.24 -3.82 14.97
N THR A 70 -11.81 -3.26 13.84
CA THR A 70 -11.22 -1.93 13.82
C THR A 70 -11.13 -1.40 12.38
N LEU A 71 -11.83 -0.31 12.12
CA LEU A 71 -11.82 0.31 10.80
C LEU A 71 -10.50 1.03 10.54
N ASN A 72 -9.98 1.68 11.57
CA ASN A 72 -8.72 2.42 11.46
C ASN A 72 -7.59 1.66 12.16
N PRO A 73 -6.94 0.75 11.43
CA PRO A 73 -5.83 -0.05 11.96
C PRO A 73 -4.58 0.79 12.21
N VAL A 74 -3.72 0.31 13.10
CA VAL A 74 -2.48 1.01 13.42
C VAL A 74 -1.31 0.04 13.51
N PHE A 75 -0.26 0.33 12.75
CA PHE A 75 0.93 -0.51 12.75
C PHE A 75 2.17 0.28 13.17
N ASP A 76 2.40 1.40 12.50
CA ASP A 76 3.54 2.25 12.81
C ASP A 76 4.86 1.49 12.64
N GLN A 77 4.92 0.67 11.59
CA GLN A 77 6.12 -0.12 11.31
C GLN A 77 6.78 0.33 10.02
N SER A 78 8.07 0.06 9.90
CA SER A 78 8.83 0.45 8.71
C SER A 78 9.56 -0.75 8.13
N PHE A 79 9.54 -0.87 6.79
CA PHE A 79 10.19 -1.97 6.11
C PHE A 79 11.33 -1.46 5.24
N ASP A 80 12.18 -2.37 4.77
CA ASP A 80 13.32 -2.03 3.93
C ASP A 80 13.58 -3.11 2.89
N PHE A 81 14.09 -2.70 1.73
CA PHE A 81 14.38 -3.63 0.65
C PHE A 81 15.65 -3.23 -0.09
N SER A 82 16.56 -4.18 -0.26
CA SER A 82 17.82 -3.92 -0.95
C SER A 82 17.60 -3.77 -2.45
N VAL A 83 17.39 -2.52 -2.88
CA VAL A 83 17.16 -2.24 -4.29
C VAL A 83 17.79 -0.91 -4.70
N SER A 84 18.51 -0.93 -5.82
CA SER A 84 19.18 0.28 -6.30
C SER A 84 18.18 1.23 -6.95
N LEU A 85 18.45 2.52 -6.86
CA LEU A 85 17.58 3.53 -7.44
C LEU A 85 17.29 3.24 -8.90
N PRO A 86 18.36 2.89 -9.65
CA PRO A 86 18.26 2.56 -11.07
C PRO A 86 17.11 1.60 -11.37
N GLU A 87 16.96 0.59 -10.52
CA GLU A 87 15.91 -0.41 -10.69
C GLU A 87 14.59 0.10 -10.13
N VAL A 88 14.57 0.35 -8.82
CA VAL A 88 13.37 0.84 -8.15
C VAL A 88 12.62 1.84 -9.03
N GLN A 89 13.36 2.50 -9.91
CA GLN A 89 12.76 3.50 -10.81
C GLN A 89 11.67 2.87 -11.67
N ARG A 90 12.03 1.82 -12.39
CA ARG A 90 11.07 1.13 -13.26
C ARG A 90 10.14 0.24 -12.43
N ARG A 91 10.40 0.16 -11.14
CA ARG A 91 9.58 -0.65 -10.23
C ARG A 91 8.45 0.17 -9.64
N THR A 92 7.51 -0.52 -8.98
CA THR A 92 6.37 0.14 -8.36
C THR A 92 6.02 -0.50 -7.03
N LEU A 93 5.62 0.32 -6.06
CA LEU A 93 5.25 -0.17 -4.75
C LEU A 93 3.78 -0.59 -4.72
N ASP A 94 3.54 -1.90 -4.78
CA ASP A 94 2.18 -2.43 -4.76
C ASP A 94 1.57 -2.28 -3.37
N VAL A 95 0.72 -1.26 -3.22
CA VAL A 95 0.06 -1.01 -1.94
C VAL A 95 -1.44 -1.26 -2.03
N ALA A 96 -1.85 -2.43 -1.55
CA ALA A 96 -3.27 -2.80 -1.58
C ALA A 96 -3.79 -3.07 -0.17
N VAL A 97 -4.75 -2.26 0.27
CA VAL A 97 -5.33 -2.40 1.59
C VAL A 97 -6.71 -3.06 1.52
N LYS A 98 -6.78 -4.32 1.92
CA LYS A 98 -8.04 -5.06 1.90
C LYS A 98 -8.14 -5.99 3.10
N ASN A 99 -9.24 -6.73 3.18
CA ASN A 99 -9.45 -7.67 4.27
C ASN A 99 -8.64 -8.94 4.07
N SER A 100 -8.10 -9.47 5.16
CA SER A 100 -7.28 -10.69 5.11
C SER A 100 -8.10 -11.86 4.59
N GLY A 101 -7.86 -12.25 3.34
CA GLY A 101 -8.58 -13.36 2.75
C GLY A 101 -8.01 -13.76 1.40
N GLY A 102 -8.90 -14.11 0.47
CA GLY A 102 -8.46 -14.52 -0.85
C GLY A 102 -7.89 -15.93 -0.86
N PHE A 103 -8.67 -16.88 -1.36
CA PHE A 103 -8.24 -18.27 -1.42
C PHE A 103 -7.87 -18.66 -2.85
N LEU A 104 -8.76 -18.36 -3.79
CA LEU A 104 -8.53 -18.67 -5.19
C LEU A 104 -7.73 -17.57 -5.88
N SER A 105 -8.28 -16.37 -5.88
CA SER A 105 -7.62 -15.22 -6.50
C SER A 105 -6.67 -14.54 -5.51
N LYS A 106 -6.10 -13.42 -5.93
CA LYS A 106 -5.17 -12.67 -5.09
C LYS A 106 -5.92 -11.86 -4.04
N ASP A 107 -7.21 -11.65 -4.27
CA ASP A 107 -8.04 -10.89 -3.35
C ASP A 107 -9.52 -11.04 -3.68
N LYS A 108 -10.30 -11.54 -2.73
CA LYS A 108 -11.73 -11.73 -2.93
C LYS A 108 -12.54 -10.63 -2.26
N GLY A 109 -11.83 -9.63 -1.73
CA GLY A 109 -12.50 -8.52 -1.06
C GLY A 109 -11.65 -7.27 -1.04
N LEU A 110 -11.18 -6.85 -2.21
CA LEU A 110 -10.35 -5.65 -2.31
C LEU A 110 -11.12 -4.41 -1.87
N LEU A 111 -10.68 -3.82 -0.76
CA LEU A 111 -11.32 -2.62 -0.22
C LEU A 111 -10.77 -1.36 -0.88
N GLY A 112 -9.49 -1.40 -1.23
CA GLY A 112 -8.87 -0.25 -1.88
C GLY A 112 -7.38 -0.46 -2.10
N LYS A 113 -6.91 -0.07 -3.29
CA LYS A 113 -5.50 -0.22 -3.63
C LYS A 113 -4.98 1.04 -4.34
N VAL A 114 -3.69 1.29 -4.21
CA VAL A 114 -3.07 2.45 -4.85
C VAL A 114 -1.60 2.19 -5.14
N LEU A 115 -1.21 2.37 -6.40
CA LEU A 115 0.17 2.17 -6.81
C LEU A 115 0.95 3.48 -6.78
N VAL A 116 2.26 3.38 -6.57
CA VAL A 116 3.13 4.55 -6.52
C VAL A 116 4.36 4.36 -7.38
N ALA A 117 4.50 5.20 -8.41
CA ALA A 117 5.63 5.14 -9.32
C ALA A 117 6.90 5.67 -8.65
N LEU A 118 7.84 4.79 -8.36
CA LEU A 118 9.09 5.18 -7.72
C LEU A 118 10.11 5.61 -8.76
N ALA A 119 9.63 6.12 -9.89
CA ALA A 119 10.51 6.58 -10.96
C ALA A 119 10.81 8.07 -10.84
N SER A 120 10.77 8.57 -9.61
CA SER A 120 11.03 9.98 -9.35
C SER A 120 12.48 10.19 -8.90
N GLU A 121 12.82 11.44 -8.57
CA GLU A 121 14.16 11.77 -8.13
C GLU A 121 14.16 12.31 -6.71
N GLU A 122 12.96 12.62 -6.21
CA GLU A 122 12.81 13.16 -4.86
C GLU A 122 12.73 12.03 -3.83
N LEU A 123 13.33 10.88 -4.17
CA LEU A 123 13.33 9.74 -3.28
C LEU A 123 14.46 9.83 -2.26
N ALA A 124 15.68 10.02 -2.76
CA ALA A 124 16.85 10.14 -1.89
C ALA A 124 16.51 10.88 -0.60
N LYS A 125 15.72 11.94 -0.73
CA LYS A 125 15.32 12.73 0.43
C LYS A 125 14.10 12.12 1.11
N GLY A 126 13.09 11.78 0.32
CA GLY A 126 11.89 11.19 0.87
C GLY A 126 10.75 12.19 0.99
N TRP A 127 9.52 11.69 0.94
CA TRP A 127 8.34 12.55 1.05
C TRP A 127 7.21 11.83 1.79
N THR A 128 6.22 12.60 2.21
CA THR A 128 5.07 12.04 2.93
C THR A 128 3.76 12.61 2.40
N GLN A 129 2.82 11.72 2.07
CA GLN A 129 1.53 12.14 1.55
C GLN A 129 0.50 11.02 1.70
N TRP A 130 -0.77 11.40 1.76
CA TRP A 130 -1.84 10.42 1.90
C TRP A 130 -2.29 9.91 0.54
N TYR A 131 -2.00 8.64 0.27
CA TYR A 131 -2.37 8.02 -1.00
C TYR A 131 -3.82 7.54 -0.96
N ASP A 132 -4.69 8.27 -1.65
CA ASP A 132 -6.10 7.91 -1.70
C ASP A 132 -6.30 6.55 -2.37
N LEU A 133 -6.84 5.60 -1.63
CA LEU A 133 -7.08 4.26 -2.15
C LEU A 133 -8.06 4.30 -3.33
N THR A 134 -7.81 3.45 -4.32
CA THR A 134 -8.66 3.38 -5.50
C THR A 134 -9.04 1.95 -5.83
N GLU A 135 -10.27 1.75 -6.31
CA GLU A 135 -10.74 0.42 -6.66
C GLU A 135 -9.98 -0.13 -7.87
N ASP A 136 -10.13 -1.42 -8.12
CA ASP A 136 -9.46 -2.07 -9.24
C ASP A 136 -10.19 -1.80 -10.55
N SER A 137 -9.91 -0.64 -11.14
CA SER A 137 -10.54 -0.24 -12.39
C SER A 137 -10.33 -1.31 -13.47
N GLY A 138 -9.09 -1.77 -13.60
CA GLY A 138 -8.77 -2.78 -14.58
C GLY A 138 -7.95 -2.23 -15.73
N PRO A 139 -7.03 -3.05 -16.26
CA PRO A 139 -6.15 -2.66 -17.37
C PRO A 139 -6.92 -2.52 -18.68
N SER A 140 -8.08 -3.17 -18.76
CA SER A 140 -8.90 -3.13 -19.96
C SER A 140 -10.37 -2.90 -19.61
N SER A 141 -11.08 -2.20 -20.48
CA SER A 141 -12.49 -1.91 -20.25
C SER A 141 -13.37 -2.99 -20.86
N GLY A 142 -14.21 -3.61 -20.03
CA GLY A 142 -15.09 -4.65 -20.50
C GLY A 142 -14.52 -6.05 -20.29
N GLY A 1 -3.07 21.47 -11.25
CA GLY A 1 -4.04 22.23 -12.02
C GLY A 1 -5.15 22.80 -11.15
N SER A 2 -6.20 22.02 -10.93
CA SER A 2 -7.32 22.47 -10.12
C SER A 2 -7.74 21.38 -9.12
N SER A 3 -7.40 21.59 -7.85
CA SER A 3 -7.73 20.63 -6.81
C SER A 3 -9.03 21.01 -6.10
N GLY A 4 -10.15 20.62 -6.69
CA GLY A 4 -11.45 20.94 -6.10
C GLY A 4 -11.92 19.88 -5.13
N SER A 5 -13.20 19.55 -5.20
CA SER A 5 -13.78 18.54 -4.32
C SER A 5 -13.10 17.19 -4.51
N SER A 6 -12.08 16.93 -3.71
CA SER A 6 -11.34 15.67 -3.80
C SER A 6 -11.44 14.89 -2.50
N GLY A 7 -11.51 13.57 -2.62
CA GLY A 7 -11.62 12.72 -1.45
C GLY A 7 -11.30 11.27 -1.75
N SER A 8 -11.95 10.35 -1.05
CA SER A 8 -11.74 8.93 -1.23
C SER A 8 -12.81 8.11 -0.53
N PRO A 9 -13.75 7.55 -1.31
CA PRO A 9 -14.85 6.74 -0.79
C PRO A 9 -14.37 5.40 -0.25
N LEU A 10 -13.20 4.96 -0.72
CA LEU A 10 -12.64 3.70 -0.28
C LEU A 10 -11.83 3.87 1.00
N GLY A 11 -10.95 4.87 1.01
CA GLY A 11 -10.13 5.12 2.17
C GLY A 11 -8.82 5.81 1.82
N GLN A 12 -7.90 5.83 2.78
CA GLN A 12 -6.60 6.47 2.57
C GLN A 12 -5.51 5.76 3.35
N ILE A 13 -4.26 6.17 3.14
CA ILE A 13 -3.13 5.57 3.85
C ILE A 13 -1.89 6.45 3.74
N GLN A 14 -1.23 6.66 4.88
CA GLN A 14 -0.03 7.49 4.92
C GLN A 14 1.22 6.62 4.92
N LEU A 15 2.02 6.74 3.86
CA LEU A 15 3.25 5.96 3.74
C LEU A 15 4.41 6.84 3.29
N THR A 16 5.55 6.68 3.93
CA THR A 16 6.74 7.46 3.59
C THR A 16 7.67 6.67 2.68
N ILE A 17 7.77 7.11 1.42
CA ILE A 17 8.64 6.45 0.46
C ILE A 17 9.93 7.22 0.26
N ARG A 18 11.06 6.54 0.49
CA ARG A 18 12.37 7.15 0.34
C ARG A 18 13.44 6.10 0.05
N HIS A 19 14.33 6.41 -0.87
CA HIS A 19 15.40 5.49 -1.23
C HIS A 19 16.77 6.16 -1.12
N SER A 20 17.58 5.69 -0.18
CA SER A 20 18.91 6.25 0.04
C SER A 20 19.89 5.76 -1.03
N SER A 21 20.56 6.70 -1.69
CA SER A 21 21.52 6.37 -2.73
C SER A 21 22.73 5.67 -2.14
N GLN A 22 23.18 6.13 -0.97
CA GLN A 22 24.33 5.56 -0.30
C GLN A 22 24.01 4.15 0.22
N ARG A 23 22.86 4.02 0.88
CA ARG A 23 22.45 2.73 1.42
C ARG A 23 21.76 1.89 0.35
N ASN A 24 21.35 2.53 -0.74
CA ASN A 24 20.68 1.85 -1.82
C ASN A 24 19.59 0.92 -1.30
N LYS A 25 18.70 1.47 -0.47
CA LYS A 25 17.61 0.69 0.10
C LYS A 25 16.30 1.47 0.02
N LEU A 26 15.19 0.73 -0.12
CA LEU A 26 13.88 1.35 -0.21
C LEU A 26 13.13 1.22 1.12
N ILE A 27 12.94 2.34 1.79
CA ILE A 27 12.23 2.36 3.08
C ILE A 27 10.77 2.79 2.89
N VAL A 28 9.87 2.08 3.56
CA VAL A 28 8.45 2.39 3.48
C VAL A 28 7.78 2.25 4.84
N VAL A 29 7.34 3.37 5.40
CA VAL A 29 6.68 3.36 6.71
C VAL A 29 5.17 3.35 6.55
N VAL A 30 4.48 2.76 7.52
CA VAL A 30 3.03 2.67 7.50
C VAL A 30 2.43 3.09 8.84
N HIS A 31 2.26 4.39 9.02
CA HIS A 31 1.70 4.93 10.26
C HIS A 31 0.39 4.22 10.60
N ALA A 32 -0.68 4.55 9.87
CA ALA A 32 -1.99 3.94 10.09
C ALA A 32 -2.99 4.37 9.03
N CYS A 33 -4.03 3.58 8.86
CA CYS A 33 -5.06 3.87 7.86
C CYS A 33 -6.33 4.39 8.53
N ARG A 34 -7.22 4.96 7.73
CA ARG A 34 -8.49 5.48 8.25
C ARG A 34 -9.56 5.46 7.17
N ASN A 35 -10.81 5.61 7.59
CA ASN A 35 -11.94 5.61 6.67
C ASN A 35 -11.90 4.37 5.77
N LEU A 36 -11.83 3.19 6.40
CA LEU A 36 -11.79 1.94 5.66
C LEU A 36 -13.11 1.19 5.79
N ILE A 37 -13.95 1.32 4.78
CA ILE A 37 -15.25 0.64 4.77
C ILE A 37 -15.08 -0.86 4.97
N ALA A 38 -16.03 -1.46 5.69
CA ALA A 38 -15.99 -2.89 5.94
C ALA A 38 -17.09 -3.62 5.17
N PHE A 39 -16.74 -4.77 4.61
CA PHE A 39 -17.69 -5.57 3.84
C PHE A 39 -18.96 -5.82 4.63
N SER A 40 -18.84 -5.80 5.95
CA SER A 40 -19.98 -6.03 6.83
C SER A 40 -19.84 -5.25 8.13
N GLU A 41 -20.80 -4.36 8.38
CA GLU A 41 -20.78 -3.54 9.59
C GLU A 41 -20.22 -4.32 10.77
N ASP A 42 -20.68 -5.55 10.93
CA ASP A 42 -20.21 -6.40 12.02
C ASP A 42 -18.74 -6.15 12.32
N GLY A 43 -17.93 -6.10 11.27
CA GLY A 43 -16.50 -5.87 11.44
C GLY A 43 -15.67 -6.62 10.43
N SER A 44 -14.46 -6.12 10.17
CA SER A 44 -13.56 -6.76 9.21
C SER A 44 -12.13 -6.72 9.72
N ASP A 45 -11.23 -7.41 9.01
CA ASP A 45 -9.83 -7.46 9.38
C ASP A 45 -8.96 -6.83 8.29
N PRO A 46 -8.84 -5.49 8.32
CA PRO A 46 -8.05 -4.75 7.35
C PRO A 46 -6.55 -4.98 7.52
N TYR A 47 -5.83 -5.07 6.41
CA TYR A 47 -4.39 -5.30 6.44
C TYR A 47 -3.72 -4.70 5.20
N VAL A 48 -2.55 -4.10 5.41
CA VAL A 48 -1.80 -3.50 4.31
C VAL A 48 -0.85 -4.50 3.68
N ARG A 49 -0.58 -4.32 2.39
CA ARG A 49 0.31 -5.22 1.65
C ARG A 49 1.33 -4.41 0.84
N MET A 50 2.52 -4.98 0.68
CA MET A 50 3.57 -4.32 -0.08
C MET A 50 4.31 -5.31 -0.97
N TYR A 51 4.29 -5.05 -2.28
CA TYR A 51 4.93 -5.93 -3.24
C TYR A 51 5.70 -5.12 -4.28
N LEU A 52 7.03 -5.22 -4.24
CA LEU A 52 7.87 -4.50 -5.18
C LEU A 52 7.70 -5.04 -6.60
N LEU A 53 6.81 -4.41 -7.36
CA LEU A 53 6.55 -4.82 -8.74
C LEU A 53 7.73 -4.50 -9.64
N PRO A 54 7.87 -5.26 -10.74
CA PRO A 54 6.95 -6.34 -11.07
C PRO A 54 7.08 -7.52 -10.12
N ASP A 55 8.31 -7.92 -9.82
CA ASP A 55 8.57 -9.04 -8.93
C ASP A 55 7.66 -8.97 -7.71
N LYS A 56 6.50 -9.62 -7.80
CA LYS A 56 5.54 -9.63 -6.70
C LYS A 56 5.25 -11.06 -6.26
N ARG A 57 6.16 -11.97 -6.58
CA ARG A 57 6.00 -13.38 -6.21
C ARG A 57 5.61 -13.51 -4.74
N ARG A 58 5.13 -14.70 -4.37
CA ARG A 58 4.72 -14.96 -3.00
C ARG A 58 5.89 -15.49 -2.17
N SER A 59 7.10 -15.03 -2.49
CA SER A 59 8.29 -15.47 -1.78
C SER A 59 8.74 -14.42 -0.77
N GLY A 60 9.07 -13.23 -1.27
CA GLY A 60 9.51 -12.16 -0.40
C GLY A 60 8.38 -11.24 0.02
N ARG A 61 7.21 -11.83 0.25
CA ARG A 61 6.04 -11.06 0.66
C ARG A 61 6.33 -10.25 1.93
N ARG A 62 5.90 -8.99 1.93
CA ARG A 62 6.11 -8.11 3.07
C ARG A 62 4.85 -7.31 3.39
N LYS A 63 4.20 -7.65 4.49
CA LYS A 63 2.98 -6.96 4.90
C LYS A 63 2.95 -6.78 6.41
N THR A 64 1.98 -5.99 6.89
CA THR A 64 1.83 -5.74 8.31
C THR A 64 0.76 -6.64 8.93
N HIS A 65 0.72 -6.67 10.26
CA HIS A 65 -0.26 -7.49 10.96
C HIS A 65 -1.67 -7.19 10.49
N VAL A 66 -2.61 -8.08 10.80
CA VAL A 66 -3.99 -7.91 10.40
C VAL A 66 -4.86 -7.53 11.59
N SER A 67 -5.20 -6.24 11.69
CA SER A 67 -6.03 -5.74 12.78
C SER A 67 -7.46 -6.22 12.65
N LYS A 68 -8.08 -6.56 13.77
CA LYS A 68 -9.47 -7.03 13.78
C LYS A 68 -10.34 -6.13 14.65
N LYS A 69 -11.64 -6.18 14.42
CA LYS A 69 -12.60 -5.38 15.19
C LYS A 69 -12.18 -3.92 15.20
N THR A 70 -11.93 -3.36 14.02
CA THR A 70 -11.51 -1.96 13.89
C THR A 70 -11.46 -1.53 12.43
N LEU A 71 -11.89 -0.30 12.17
CA LEU A 71 -11.88 0.23 10.81
C LEU A 71 -10.64 1.08 10.57
N ASN A 72 -9.94 1.43 11.65
CA ASN A 72 -8.73 2.25 11.55
C ASN A 72 -7.55 1.55 12.21
N PRO A 73 -6.91 0.64 11.46
CA PRO A 73 -5.75 -0.12 11.96
C PRO A 73 -4.51 0.76 12.13
N VAL A 74 -3.69 0.43 13.11
CA VAL A 74 -2.47 1.18 13.38
C VAL A 74 -1.27 0.25 13.55
N PHE A 75 -0.33 0.35 12.63
CA PHE A 75 0.88 -0.48 12.68
C PHE A 75 2.09 0.35 13.07
N ASP A 76 2.24 1.51 12.44
CA ASP A 76 3.37 2.39 12.74
C ASP A 76 4.70 1.66 12.55
N GLN A 77 4.71 0.69 11.65
CA GLN A 77 5.92 -0.09 11.38
C GLN A 77 6.57 0.35 10.08
N SER A 78 7.89 0.18 9.99
CA SER A 78 8.64 0.56 8.80
C SER A 78 9.42 -0.61 8.26
N PHE A 79 9.43 -0.75 6.93
CA PHE A 79 10.16 -1.84 6.28
C PHE A 79 11.27 -1.30 5.38
N ASP A 80 12.09 -2.20 4.87
CA ASP A 80 13.20 -1.81 4.00
C ASP A 80 13.52 -2.92 3.01
N PHE A 81 14.00 -2.53 1.83
CA PHE A 81 14.34 -3.50 0.79
C PHE A 81 15.61 -3.08 0.05
N SER A 82 16.59 -3.97 0.02
CA SER A 82 17.86 -3.70 -0.63
C SER A 82 17.69 -3.69 -2.15
N VAL A 83 17.44 -2.51 -2.70
CA VAL A 83 17.26 -2.37 -4.14
C VAL A 83 17.85 -1.06 -4.65
N SER A 84 18.59 -1.12 -5.75
CA SER A 84 19.22 0.05 -6.33
C SER A 84 18.18 0.94 -7.02
N LEU A 85 18.42 2.25 -7.01
CA LEU A 85 17.51 3.20 -7.64
C LEU A 85 17.24 2.81 -9.09
N PRO A 86 18.32 2.45 -9.82
CA PRO A 86 18.21 2.05 -11.22
C PRO A 86 17.10 1.04 -11.46
N GLU A 87 16.88 0.15 -10.50
CA GLU A 87 15.85 -0.86 -10.61
C GLU A 87 14.52 -0.34 -10.07
N VAL A 88 14.51 0.06 -8.80
CA VAL A 88 13.32 0.58 -8.17
C VAL A 88 12.60 1.58 -9.07
N GLN A 89 13.37 2.28 -9.89
CA GLN A 89 12.82 3.27 -10.80
C GLN A 89 11.82 2.63 -11.76
N ARG A 90 12.29 1.67 -12.55
CA ARG A 90 11.44 0.98 -13.51
C ARG A 90 10.44 0.09 -12.79
N ARG A 91 10.54 0.02 -11.47
CA ARG A 91 9.65 -0.80 -10.66
C ARG A 91 8.50 0.03 -10.10
N THR A 92 7.63 -0.61 -9.33
CA THR A 92 6.48 0.07 -8.74
C THR A 92 6.08 -0.59 -7.41
N LEU A 93 5.81 0.23 -6.41
CA LEU A 93 5.40 -0.26 -5.10
C LEU A 93 3.91 -0.56 -5.06
N ASP A 94 3.56 -1.84 -5.10
CA ASP A 94 2.15 -2.25 -5.07
C ASP A 94 1.59 -2.13 -3.67
N VAL A 95 0.90 -1.01 -3.41
CA VAL A 95 0.31 -0.77 -2.10
C VAL A 95 -1.21 -0.93 -2.16
N ALA A 96 -1.69 -2.06 -1.66
CA ALA A 96 -3.12 -2.33 -1.64
C ALA A 96 -3.59 -2.75 -0.24
N VAL A 97 -4.69 -2.15 0.21
CA VAL A 97 -5.24 -2.46 1.52
C VAL A 97 -6.48 -3.34 1.41
N LYS A 98 -6.31 -4.64 1.66
CA LYS A 98 -7.41 -5.58 1.58
C LYS A 98 -7.85 -6.02 2.98
N ASN A 99 -8.82 -6.93 3.04
CA ASN A 99 -9.33 -7.43 4.31
C ASN A 99 -9.15 -8.94 4.41
N SER A 100 -8.35 -9.38 5.38
CA SER A 100 -8.10 -10.80 5.57
C SER A 100 -9.35 -11.50 6.07
N GLY A 101 -9.65 -12.66 5.48
CA GLY A 101 -10.82 -13.42 5.88
C GLY A 101 -10.52 -14.38 7.02
N GLY A 102 -11.33 -14.30 8.08
CA GLY A 102 -11.14 -15.18 9.22
C GLY A 102 -10.99 -16.64 8.82
N PHE A 103 -12.08 -17.40 8.95
CA PHE A 103 -12.06 -18.81 8.60
C PHE A 103 -12.49 -19.01 7.16
N LEU A 104 -12.31 -17.98 6.33
CA LEU A 104 -12.67 -18.05 4.92
C LEU A 104 -11.43 -18.24 4.06
N SER A 105 -11.65 -18.38 2.75
CA SER A 105 -10.56 -18.57 1.81
C SER A 105 -10.36 -17.33 0.95
N LYS A 106 -9.29 -17.34 0.15
CA LYS A 106 -8.99 -16.21 -0.72
C LYS A 106 -10.26 -15.56 -1.24
N ASP A 107 -10.22 -14.25 -1.44
CA ASP A 107 -11.37 -13.51 -1.93
C ASP A 107 -10.92 -12.26 -2.70
N LYS A 108 -11.53 -12.05 -3.86
CA LYS A 108 -11.20 -10.89 -4.70
C LYS A 108 -11.98 -9.66 -4.24
N GLY A 109 -12.43 -9.67 -3.00
CA GLY A 109 -13.19 -8.55 -2.47
C GLY A 109 -12.29 -7.41 -2.04
N LEU A 110 -11.57 -6.83 -3.00
CA LEU A 110 -10.68 -5.71 -2.72
C LEU A 110 -11.44 -4.53 -2.14
N LEU A 111 -10.77 -3.78 -1.26
CA LEU A 111 -11.39 -2.62 -0.63
C LEU A 111 -10.80 -1.33 -1.17
N GLY A 112 -9.47 -1.29 -1.27
CA GLY A 112 -8.80 -0.11 -1.78
C GLY A 112 -7.35 -0.37 -2.13
N LYS A 113 -6.87 0.28 -3.18
CA LYS A 113 -5.49 0.12 -3.61
C LYS A 113 -4.97 1.39 -4.30
N VAL A 114 -3.65 1.58 -4.26
CA VAL A 114 -3.04 2.76 -4.87
C VAL A 114 -1.58 2.49 -5.21
N LEU A 115 -1.23 2.69 -6.48
CA LEU A 115 0.15 2.47 -6.93
C LEU A 115 0.96 3.76 -6.83
N VAL A 116 2.28 3.62 -6.75
CA VAL A 116 3.17 4.77 -6.66
C VAL A 116 4.42 4.57 -7.52
N ALA A 117 4.66 5.51 -8.42
CA ALA A 117 5.81 5.45 -9.31
C ALA A 117 7.09 5.87 -8.58
N LEU A 118 7.97 4.92 -8.34
CA LEU A 118 9.23 5.19 -7.66
C LEU A 118 10.29 5.71 -8.63
N ALA A 119 9.83 6.20 -9.78
CA ALA A 119 10.74 6.73 -10.79
C ALA A 119 11.04 8.20 -10.55
N SER A 120 10.89 8.63 -9.30
CA SER A 120 11.14 10.02 -8.93
C SER A 120 12.54 10.18 -8.34
N GLU A 121 13.15 11.34 -8.57
CA GLU A 121 14.49 11.62 -8.07
C GLU A 121 14.42 12.16 -6.64
N GLU A 122 13.23 12.57 -6.21
CA GLU A 122 13.03 13.11 -4.88
C GLU A 122 13.18 12.01 -3.82
N LEU A 123 13.34 10.78 -4.28
CA LEU A 123 13.48 9.64 -3.38
C LEU A 123 14.65 9.85 -2.43
N ALA A 124 15.72 10.47 -2.93
CA ALA A 124 16.89 10.74 -2.12
C ALA A 124 16.52 11.35 -0.77
N LYS A 125 15.51 12.22 -0.80
CA LYS A 125 15.05 12.88 0.42
C LYS A 125 13.88 12.14 1.03
N GLY A 126 12.80 12.00 0.28
CA GLY A 126 11.62 11.30 0.76
C GLY A 126 10.43 12.22 0.95
N TRP A 127 9.23 11.69 0.74
CA TRP A 127 8.01 12.47 0.89
C TRP A 127 6.95 11.68 1.64
N THR A 128 5.99 12.38 2.24
CA THR A 128 4.92 11.75 2.98
C THR A 128 3.57 12.33 2.60
N GLN A 129 2.64 11.46 2.23
CA GLN A 129 1.29 11.90 1.84
C GLN A 129 0.29 10.74 1.97
N TRP A 130 -0.98 11.10 2.07
CA TRP A 130 -2.04 10.09 2.20
C TRP A 130 -2.50 9.62 0.82
N TYR A 131 -2.00 8.46 0.41
CA TYR A 131 -2.36 7.89 -0.89
C TYR A 131 -3.83 7.48 -0.90
N ASP A 132 -4.67 8.30 -1.54
CA ASP A 132 -6.10 8.01 -1.63
C ASP A 132 -6.35 6.74 -2.42
N LEU A 133 -6.86 5.72 -1.75
CA LEU A 133 -7.15 4.43 -2.38
C LEU A 133 -8.18 4.60 -3.49
N THR A 134 -8.01 3.85 -4.57
CA THR A 134 -8.93 3.91 -5.70
C THR A 134 -9.44 2.53 -6.07
N GLU A 135 -10.39 2.48 -7.00
CA GLU A 135 -10.96 1.21 -7.44
C GLU A 135 -10.04 0.52 -8.43
N ASP A 136 -10.25 -0.79 -8.62
CA ASP A 136 -9.44 -1.57 -9.55
C ASP A 136 -9.94 -1.42 -10.97
N SER A 137 -9.50 -0.36 -11.64
CA SER A 137 -9.90 -0.09 -13.02
C SER A 137 -9.72 -1.34 -13.89
N GLY A 138 -8.53 -1.92 -13.84
CA GLY A 138 -8.25 -3.10 -14.63
C GLY A 138 -6.89 -3.06 -15.29
N PRO A 139 -5.86 -3.51 -14.56
CA PRO A 139 -4.48 -3.52 -15.06
C PRO A 139 -4.28 -4.56 -16.17
N SER A 140 -5.12 -5.59 -16.17
CA SER A 140 -5.03 -6.65 -17.16
C SER A 140 -6.40 -6.99 -17.72
N SER A 141 -6.58 -6.76 -19.02
CA SER A 141 -7.86 -7.04 -19.67
C SER A 141 -8.15 -8.54 -19.68
N GLY A 142 -9.43 -8.90 -19.71
CA GLY A 142 -9.82 -10.29 -19.73
C GLY A 142 -10.72 -10.65 -18.56
N GLY A 1 1.48 16.84 6.70
CA GLY A 1 0.24 17.51 7.07
C GLY A 1 -0.90 16.54 7.28
N SER A 2 -2.05 17.05 7.71
CA SER A 2 -3.22 16.21 7.95
C SER A 2 -4.43 16.74 7.19
N SER A 3 -4.17 17.47 6.11
CA SER A 3 -5.24 18.03 5.29
C SER A 3 -4.77 18.23 3.85
N GLY A 4 -5.49 17.61 2.92
CA GLY A 4 -5.14 17.72 1.51
C GLY A 4 -5.55 16.51 0.71
N SER A 5 -6.01 16.74 -0.51
CA SER A 5 -6.45 15.65 -1.38
C SER A 5 -7.40 14.71 -0.64
N SER A 6 -8.26 15.28 0.18
CA SER A 6 -9.22 14.50 0.94
C SER A 6 -10.52 14.28 0.15
N GLY A 7 -11.23 13.21 0.49
CA GLY A 7 -12.47 12.92 -0.20
C GLY A 7 -12.45 11.56 -0.89
N SER A 8 -12.23 10.51 -0.11
CA SER A 8 -12.17 9.16 -0.63
C SER A 8 -13.19 8.26 0.07
N PRO A 9 -14.15 7.73 -0.70
CA PRO A 9 -15.19 6.84 -0.16
C PRO A 9 -14.64 5.48 0.24
N LEU A 10 -13.55 5.07 -0.40
CA LEU A 10 -12.93 3.79 -0.10
C LEU A 10 -12.06 3.88 1.16
N GLY A 11 -11.17 4.87 1.18
CA GLY A 11 -10.30 5.05 2.33
C GLY A 11 -8.99 5.71 1.96
N GLN A 12 -8.08 5.80 2.94
CA GLN A 12 -6.77 6.42 2.70
C GLN A 12 -5.68 5.66 3.45
N ILE A 13 -4.44 6.12 3.28
CA ILE A 13 -3.31 5.48 3.95
C ILE A 13 -2.07 6.37 3.87
N GLN A 14 -1.38 6.52 5.00
CA GLN A 14 -0.16 7.32 5.06
C GLN A 14 1.08 6.46 4.97
N LEU A 15 1.84 6.63 3.89
CA LEU A 15 3.06 5.87 3.69
C LEU A 15 4.23 6.78 3.31
N THR A 16 5.33 6.65 4.03
CA THR A 16 6.51 7.47 3.78
C THR A 16 7.52 6.72 2.91
N ILE A 17 7.56 7.07 1.62
CA ILE A 17 8.48 6.43 0.69
C ILE A 17 9.75 7.25 0.51
N ARG A 18 10.89 6.61 0.75
CA ARG A 18 12.18 7.29 0.62
C ARG A 18 13.30 6.29 0.35
N HIS A 19 13.91 6.39 -0.83
CA HIS A 19 15.00 5.50 -1.22
C HIS A 19 16.36 6.14 -0.95
N SER A 20 17.03 5.68 0.10
CA SER A 20 18.34 6.21 0.46
C SER A 20 19.38 5.83 -0.59
N SER A 21 20.08 6.84 -1.11
CA SER A 21 21.11 6.62 -2.11
C SER A 21 22.29 5.86 -1.52
N GLN A 22 22.85 6.39 -0.45
CA GLN A 22 23.99 5.77 0.21
C GLN A 22 23.67 4.32 0.60
N ARG A 23 22.49 4.12 1.15
CA ARG A 23 22.06 2.78 1.56
C ARG A 23 21.45 2.02 0.39
N ASN A 24 21.07 2.75 -0.66
CA ASN A 24 20.49 2.13 -1.84
C ASN A 24 19.40 1.13 -1.45
N LYS A 25 18.56 1.52 -0.50
CA LYS A 25 17.48 0.66 -0.04
C LYS A 25 16.13 1.38 -0.11
N LEU A 26 15.06 0.61 -0.20
CA LEU A 26 13.71 1.18 -0.27
C LEU A 26 13.02 1.12 1.08
N ILE A 27 12.96 2.26 1.76
CA ILE A 27 12.32 2.34 3.07
C ILE A 27 10.86 2.75 2.93
N VAL A 28 9.97 1.99 3.58
CA VAL A 28 8.54 2.27 3.54
C VAL A 28 7.92 2.12 4.92
N VAL A 29 7.59 3.26 5.54
CA VAL A 29 6.98 3.26 6.86
C VAL A 29 5.46 3.32 6.76
N VAL A 30 4.79 2.53 7.61
CA VAL A 30 3.33 2.49 7.62
C VAL A 30 2.79 2.97 8.96
N HIS A 31 2.41 4.24 9.02
CA HIS A 31 1.86 4.81 10.24
C HIS A 31 0.55 4.14 10.63
N ALA A 32 -0.51 4.46 9.91
CA ALA A 32 -1.82 3.87 10.17
C ALA A 32 -2.82 4.25 9.08
N CYS A 33 -3.92 3.51 9.00
CA CYS A 33 -4.95 3.76 8.01
C CYS A 33 -6.18 4.39 8.65
N ARG A 34 -7.09 4.90 7.81
CA ARG A 34 -8.30 5.53 8.30
C ARG A 34 -9.41 5.47 7.24
N ASN A 35 -10.65 5.38 7.70
CA ASN A 35 -11.79 5.32 6.79
C ASN A 35 -11.70 4.10 5.88
N LEU A 36 -11.54 2.92 6.49
CA LEU A 36 -11.45 1.68 5.73
C LEU A 36 -12.77 0.95 5.72
N ILE A 37 -13.61 1.27 4.74
CA ILE A 37 -14.92 0.63 4.63
C ILE A 37 -14.87 -0.82 5.11
N ALA A 38 -15.94 -1.25 5.77
CA ALA A 38 -16.02 -2.61 6.28
C ALA A 38 -17.14 -3.39 5.59
N PHE A 39 -16.76 -4.40 4.82
CA PHE A 39 -17.72 -5.22 4.10
C PHE A 39 -18.98 -5.46 4.94
N SER A 40 -18.78 -5.60 6.25
CA SER A 40 -19.89 -5.84 7.17
C SER A 40 -19.70 -5.04 8.45
N GLU A 41 -20.68 -4.19 8.76
CA GLU A 41 -20.63 -3.37 9.96
C GLU A 41 -20.13 -4.19 11.15
N ASP A 42 -20.38 -5.49 11.12
CA ASP A 42 -19.95 -6.37 12.20
C ASP A 42 -18.46 -6.20 12.48
N GLY A 43 -17.67 -6.12 11.40
CA GLY A 43 -16.24 -5.96 11.55
C GLY A 43 -15.46 -6.66 10.46
N SER A 44 -14.51 -5.95 9.85
CA SER A 44 -13.71 -6.50 8.78
C SER A 44 -12.27 -6.71 9.24
N ASP A 45 -11.45 -7.31 8.38
CA ASP A 45 -10.05 -7.57 8.69
C ASP A 45 -9.14 -6.76 7.78
N PRO A 46 -8.99 -5.46 8.09
CA PRO A 46 -8.13 -4.55 7.31
C PRO A 46 -6.65 -4.87 7.48
N TYR A 47 -5.94 -4.89 6.35
CA TYR A 47 -4.51 -5.18 6.37
C TYR A 47 -3.84 -4.70 5.08
N VAL A 48 -2.68 -4.07 5.23
CA VAL A 48 -1.94 -3.57 4.08
C VAL A 48 -1.00 -4.62 3.51
N ARG A 49 -0.61 -4.45 2.26
CA ARG A 49 0.29 -5.39 1.60
C ARG A 49 1.23 -4.68 0.65
N MET A 50 2.53 -4.97 0.77
CA MET A 50 3.54 -4.36 -0.07
C MET A 50 4.18 -5.39 -0.99
N TYR A 51 4.48 -4.99 -2.23
CA TYR A 51 5.09 -5.88 -3.20
C TYR A 51 5.95 -5.10 -4.20
N LEU A 52 7.20 -5.51 -4.35
CA LEU A 52 8.12 -4.85 -5.27
C LEU A 52 7.93 -5.38 -6.70
N LEU A 53 7.03 -4.74 -7.44
CA LEU A 53 6.76 -5.16 -8.82
C LEU A 53 7.97 -4.88 -9.70
N PRO A 54 8.06 -5.63 -10.82
CA PRO A 54 7.07 -6.64 -11.18
C PRO A 54 7.12 -7.85 -10.25
N ASP A 55 8.33 -8.36 -10.01
CA ASP A 55 8.51 -9.52 -9.14
C ASP A 55 7.54 -9.47 -7.97
N LYS A 56 6.72 -10.51 -7.85
CA LYS A 56 5.74 -10.60 -6.76
C LYS A 56 6.01 -11.81 -5.88
N ARG A 57 7.27 -12.21 -5.80
CA ARG A 57 7.67 -13.36 -4.99
C ARG A 57 7.00 -13.29 -3.61
N ARG A 58 6.49 -14.44 -3.15
CA ARG A 58 5.84 -14.50 -1.86
C ARG A 58 6.83 -14.93 -0.77
N SER A 59 7.94 -15.51 -1.19
CA SER A 59 8.97 -15.96 -0.26
C SER A 59 9.69 -14.77 0.38
N GLY A 60 9.56 -13.61 -0.25
CA GLY A 60 10.20 -12.41 0.27
C GLY A 60 9.24 -11.26 0.42
N ARG A 61 7.95 -11.57 0.54
CA ARG A 61 6.92 -10.56 0.69
C ARG A 61 6.99 -9.91 2.07
N ARG A 62 6.59 -8.63 2.15
CA ARG A 62 6.61 -7.90 3.41
C ARG A 62 5.33 -7.09 3.58
N LYS A 63 4.48 -7.50 4.51
CA LYS A 63 3.23 -6.81 4.79
C LYS A 63 3.11 -6.46 6.25
N THR A 64 2.10 -5.67 6.59
CA THR A 64 1.86 -5.26 7.98
C THR A 64 0.81 -6.14 8.64
N HIS A 65 0.75 -6.10 9.96
CA HIS A 65 -0.21 -6.89 10.72
C HIS A 65 -1.64 -6.50 10.36
N VAL A 66 -2.57 -7.42 10.61
CA VAL A 66 -3.98 -7.16 10.31
C VAL A 66 -4.80 -7.03 11.60
N SER A 67 -5.37 -5.84 11.80
CA SER A 67 -6.17 -5.58 12.99
C SER A 67 -7.66 -5.72 12.68
N LYS A 68 -8.30 -6.70 13.31
CA LYS A 68 -9.72 -6.94 13.09
C LYS A 68 -10.56 -6.06 14.02
N LYS A 69 -11.82 -5.84 13.64
CA LYS A 69 -12.72 -5.01 14.43
C LYS A 69 -12.19 -3.60 14.58
N THR A 70 -11.91 -2.96 13.45
CA THR A 70 -11.39 -1.59 13.44
C THR A 70 -11.28 -1.05 12.04
N LEU A 71 -11.54 0.24 11.87
CA LEU A 71 -11.46 0.88 10.56
C LEU A 71 -10.21 1.75 10.46
N ASN A 72 -9.67 2.15 11.60
CA ASN A 72 -8.47 2.97 11.63
C ASN A 72 -7.34 2.26 12.36
N PRO A 73 -6.85 1.17 11.76
CA PRO A 73 -5.75 0.37 12.33
C PRO A 73 -4.42 1.11 12.32
N VAL A 74 -3.46 0.61 13.08
CA VAL A 74 -2.14 1.23 13.15
C VAL A 74 -1.06 0.18 13.41
N PHE A 75 0.04 0.29 12.69
CA PHE A 75 1.16 -0.65 12.84
C PHE A 75 2.45 0.08 13.17
N ASP A 76 2.60 1.28 12.61
CA ASP A 76 3.79 2.09 12.85
C ASP A 76 5.06 1.27 12.61
N GLN A 77 5.03 0.42 11.59
CA GLN A 77 6.17 -0.42 11.27
C GLN A 77 6.87 0.08 10.01
N SER A 78 8.19 -0.13 9.95
CA SER A 78 8.97 0.32 8.81
C SER A 78 9.75 -0.85 8.20
N PHE A 79 9.70 -0.96 6.88
CA PHE A 79 10.39 -2.03 6.18
C PHE A 79 11.49 -1.46 5.26
N ASP A 80 12.33 -2.35 4.74
CA ASP A 80 13.41 -1.94 3.86
C ASP A 80 13.81 -3.07 2.92
N PHE A 81 14.24 -2.71 1.71
CA PHE A 81 14.64 -3.69 0.71
C PHE A 81 15.89 -3.24 -0.02
N SER A 82 16.86 -4.15 -0.13
CA SER A 82 18.12 -3.84 -0.81
C SER A 82 17.92 -3.78 -2.32
N VAL A 83 17.65 -2.58 -2.83
CA VAL A 83 17.44 -2.38 -4.26
C VAL A 83 18.02 -1.04 -4.72
N SER A 84 18.73 -1.07 -5.85
CA SER A 84 19.33 0.13 -6.40
C SER A 84 18.28 1.02 -7.05
N LEU A 85 18.52 2.33 -7.02
CA LEU A 85 17.60 3.29 -7.61
C LEU A 85 17.27 2.93 -9.05
N PRO A 86 18.32 2.58 -9.82
CA PRO A 86 18.17 2.19 -11.23
C PRO A 86 17.05 1.18 -11.44
N GLU A 87 16.95 0.21 -10.54
CA GLU A 87 15.92 -0.82 -10.63
C GLU A 87 14.60 -0.31 -10.06
N VAL A 88 14.62 0.10 -8.79
CA VAL A 88 13.43 0.60 -8.13
C VAL A 88 12.73 1.64 -8.99
N GLN A 89 13.49 2.37 -9.78
CA GLN A 89 12.94 3.40 -10.65
C GLN A 89 11.87 2.82 -11.57
N ARG A 90 12.23 1.78 -12.32
CA ARG A 90 11.29 1.14 -13.23
C ARG A 90 10.26 0.32 -12.47
N ARG A 91 10.61 -0.07 -11.25
CA ARG A 91 9.71 -0.86 -10.42
C ARG A 91 8.59 0.01 -9.86
N THR A 92 7.63 -0.63 -9.19
CA THR A 92 6.51 0.08 -8.60
C THR A 92 6.09 -0.54 -7.27
N LEU A 93 5.71 0.31 -6.32
CA LEU A 93 5.29 -0.15 -5.01
C LEU A 93 3.81 -0.47 -4.98
N ASP A 94 3.48 -1.76 -5.06
CA ASP A 94 2.09 -2.19 -5.05
C ASP A 94 1.51 -2.12 -3.64
N VAL A 95 0.79 -1.03 -3.36
CA VAL A 95 0.19 -0.83 -2.05
C VAL A 95 -1.33 -1.01 -2.11
N ALA A 96 -1.81 -2.17 -1.69
CA ALA A 96 -3.23 -2.46 -1.70
C ALA A 96 -3.73 -2.81 -0.31
N VAL A 97 -4.83 -2.18 0.10
CA VAL A 97 -5.41 -2.42 1.42
C VAL A 97 -6.77 -3.10 1.31
N LYS A 98 -6.81 -4.40 1.53
CA LYS A 98 -8.05 -5.16 1.45
C LYS A 98 -8.23 -6.04 2.68
N ASN A 99 -9.31 -6.81 2.71
CA ASN A 99 -9.59 -7.70 3.83
C ASN A 99 -8.88 -9.04 3.66
N SER A 100 -8.10 -9.42 4.66
CA SER A 100 -7.37 -10.67 4.63
C SER A 100 -8.28 -11.83 4.25
N GLY A 101 -9.51 -11.79 4.75
CA GLY A 101 -10.46 -12.84 4.45
C GLY A 101 -11.69 -12.78 5.35
N GLY A 102 -12.44 -13.88 5.40
CA GLY A 102 -13.63 -13.93 6.22
C GLY A 102 -14.31 -15.29 6.18
N PHE A 103 -14.71 -15.71 4.99
CA PHE A 103 -15.38 -16.99 4.82
C PHE A 103 -14.38 -18.14 4.88
N LEU A 104 -14.90 -19.36 4.96
CA LEU A 104 -14.05 -20.54 5.03
C LEU A 104 -13.01 -20.53 3.92
N SER A 105 -13.48 -20.45 2.67
CA SER A 105 -12.58 -20.43 1.52
C SER A 105 -11.99 -19.04 1.32
N LYS A 106 -10.93 -18.96 0.53
CA LYS A 106 -10.27 -17.69 0.24
C LYS A 106 -11.21 -16.73 -0.47
N ASP A 107 -10.78 -15.48 -0.63
CA ASP A 107 -11.58 -14.48 -1.31
C ASP A 107 -10.70 -13.36 -1.87
N LYS A 108 -11.16 -12.74 -2.95
CA LYS A 108 -10.42 -11.66 -3.59
C LYS A 108 -11.09 -10.32 -3.35
N GLY A 109 -11.98 -10.28 -2.35
CA GLY A 109 -12.68 -9.05 -2.04
C GLY A 109 -11.74 -7.89 -1.82
N LEU A 110 -11.45 -7.14 -2.88
CA LEU A 110 -10.55 -6.00 -2.79
C LEU A 110 -11.31 -4.74 -2.40
N LEU A 111 -10.91 -4.14 -1.28
CA LEU A 111 -11.55 -2.93 -0.79
C LEU A 111 -10.98 -1.70 -1.49
N GLY A 112 -9.67 -1.52 -1.41
CA GLY A 112 -9.03 -0.38 -2.04
C GLY A 112 -7.54 -0.60 -2.25
N LYS A 113 -6.98 0.09 -3.24
CA LYS A 113 -5.56 -0.02 -3.55
C LYS A 113 -5.06 1.22 -4.26
N VAL A 114 -3.74 1.43 -4.22
CA VAL A 114 -3.13 2.59 -4.87
C VAL A 114 -1.70 2.27 -5.32
N LEU A 115 -1.35 2.73 -6.52
CA LEU A 115 -0.02 2.50 -7.06
C LEU A 115 0.85 3.74 -6.92
N VAL A 116 2.15 3.54 -6.73
CA VAL A 116 3.09 4.65 -6.59
C VAL A 116 4.32 4.45 -7.47
N ALA A 117 4.58 5.41 -8.33
CA ALA A 117 5.72 5.35 -9.23
C ALA A 117 7.01 5.77 -8.52
N LEU A 118 7.90 4.81 -8.30
CA LEU A 118 9.16 5.08 -7.63
C LEU A 118 10.21 5.59 -8.61
N ALA A 119 9.74 6.09 -9.75
CA ALA A 119 10.64 6.62 -10.78
C ALA A 119 10.91 8.10 -10.56
N SER A 120 10.73 8.56 -9.33
CA SER A 120 10.95 9.96 -8.99
C SER A 120 12.31 10.14 -8.30
N GLU A 121 12.92 11.30 -8.51
CA GLU A 121 14.21 11.60 -7.91
C GLU A 121 14.05 12.07 -6.47
N GLU A 122 12.94 12.73 -6.19
CA GLU A 122 12.66 13.23 -4.85
C GLU A 122 12.95 12.16 -3.81
N LEU A 123 12.93 10.90 -4.24
CA LEU A 123 13.18 9.78 -3.33
C LEU A 123 14.40 10.06 -2.44
N ALA A 124 15.46 10.57 -3.06
CA ALA A 124 16.69 10.88 -2.32
C ALA A 124 16.36 11.53 -0.98
N LYS A 125 15.30 12.32 -0.95
CA LYS A 125 14.88 13.00 0.28
C LYS A 125 13.68 12.31 0.90
N GLY A 126 12.69 12.00 0.08
CA GLY A 126 11.49 11.34 0.57
C GLY A 126 10.33 12.28 0.73
N TRP A 127 9.12 11.73 0.72
CA TRP A 127 7.91 12.54 0.86
C TRP A 127 6.83 11.78 1.64
N THR A 128 5.94 12.52 2.27
CA THR A 128 4.86 11.91 3.04
C THR A 128 3.50 12.43 2.59
N GLN A 129 2.59 11.51 2.29
CA GLN A 129 1.25 11.87 1.84
C GLN A 129 0.29 10.70 2.01
N TRP A 130 -1.00 11.02 2.11
CA TRP A 130 -2.03 9.99 2.27
C TRP A 130 -2.53 9.51 0.91
N TYR A 131 -2.14 8.29 0.54
CA TYR A 131 -2.55 7.72 -0.74
C TYR A 131 -3.99 7.22 -0.67
N ASP A 132 -4.90 7.97 -1.29
CA ASP A 132 -6.30 7.60 -1.31
C ASP A 132 -6.51 6.28 -2.03
N LEU A 133 -6.98 5.28 -1.31
CA LEU A 133 -7.22 3.95 -1.88
C LEU A 133 -8.34 4.01 -2.92
N THR A 134 -8.04 3.54 -4.13
CA THR A 134 -9.01 3.54 -5.22
C THR A 134 -9.34 2.13 -5.66
N GLU A 135 -10.43 1.98 -6.40
CA GLU A 135 -10.85 0.67 -6.89
C GLU A 135 -9.89 0.15 -7.96
N ASP A 136 -9.85 -1.17 -8.10
CA ASP A 136 -8.98 -1.80 -9.09
C ASP A 136 -9.13 -1.13 -10.45
N SER A 137 -8.03 -0.55 -10.95
CA SER A 137 -8.04 0.13 -12.24
C SER A 137 -7.44 -0.76 -13.32
N GLY A 138 -7.84 -2.03 -13.32
CA GLY A 138 -7.33 -2.96 -14.30
C GLY A 138 -8.40 -3.36 -15.31
N PRO A 139 -7.96 -3.99 -16.42
CA PRO A 139 -8.87 -4.43 -17.48
C PRO A 139 -9.75 -5.59 -17.05
N SER A 140 -9.19 -6.49 -16.23
CA SER A 140 -9.93 -7.65 -15.74
C SER A 140 -9.54 -7.98 -14.30
N SER A 141 -10.48 -8.55 -13.55
CA SER A 141 -10.23 -8.91 -12.17
C SER A 141 -9.68 -10.33 -12.06
N GLY A 142 -9.36 -10.74 -10.84
CA GLY A 142 -8.82 -12.07 -10.62
C GLY A 142 -9.86 -13.04 -10.08
N GLY A 1 -16.73 4.81 -14.34
CA GLY A 1 -15.68 5.11 -13.39
C GLY A 1 -14.69 6.11 -13.92
N SER A 2 -14.05 6.86 -13.01
CA SER A 2 -13.07 7.86 -13.39
C SER A 2 -12.04 8.07 -12.29
N SER A 3 -10.83 8.47 -12.67
CA SER A 3 -9.77 8.71 -11.71
C SER A 3 -10.17 9.78 -10.70
N GLY A 4 -10.26 9.38 -9.43
CA GLY A 4 -10.63 10.31 -8.39
C GLY A 4 -9.46 11.11 -7.87
N SER A 5 -9.65 12.42 -7.73
CA SER A 5 -8.59 13.30 -7.25
C SER A 5 -8.79 13.63 -5.78
N SER A 6 -9.99 14.10 -5.43
CA SER A 6 -10.31 14.45 -4.06
C SER A 6 -11.32 13.47 -3.46
N GLY A 7 -11.30 13.34 -2.13
CA GLY A 7 -12.22 12.44 -1.46
C GLY A 7 -11.71 11.01 -1.44
N SER A 8 -12.02 10.29 -0.38
CA SER A 8 -11.59 8.91 -0.23
C SER A 8 -12.74 8.02 0.22
N PRO A 9 -13.59 7.61 -0.74
CA PRO A 9 -14.74 6.75 -0.47
C PRO A 9 -14.34 5.33 -0.08
N LEU A 10 -13.15 4.92 -0.53
CA LEU A 10 -12.65 3.58 -0.22
C LEU A 10 -11.79 3.60 1.03
N GLY A 11 -10.93 4.61 1.14
CA GLY A 11 -10.06 4.73 2.31
C GLY A 11 -8.81 5.53 2.01
N GLN A 12 -7.95 5.67 3.02
CA GLN A 12 -6.71 6.41 2.86
C GLN A 12 -5.57 5.73 3.61
N ILE A 13 -4.34 6.03 3.20
CA ILE A 13 -3.16 5.44 3.83
C ILE A 13 -1.97 6.38 3.74
N GLN A 14 -1.21 6.47 4.83
CA GLN A 14 -0.04 7.34 4.89
C GLN A 14 1.25 6.52 4.86
N LEU A 15 2.00 6.63 3.77
CA LEU A 15 3.25 5.90 3.62
C LEU A 15 4.39 6.84 3.25
N THR A 16 5.53 6.66 3.89
CA THR A 16 6.70 7.49 3.62
C THR A 16 7.71 6.76 2.75
N ILE A 17 7.84 7.20 1.50
CA ILE A 17 8.77 6.59 0.56
C ILE A 17 10.07 7.39 0.48
N ARG A 18 11.19 6.71 0.68
CA ARG A 18 12.50 7.36 0.63
C ARG A 18 13.59 6.35 0.29
N HIS A 19 14.17 6.51 -0.90
CA HIS A 19 15.23 5.60 -1.35
C HIS A 19 16.60 6.27 -1.22
N SER A 20 17.34 5.89 -0.18
CA SER A 20 18.67 6.46 0.06
C SER A 20 19.66 5.98 -1.00
N SER A 21 20.57 6.86 -1.39
CA SER A 21 21.57 6.53 -2.40
C SER A 21 22.79 5.86 -1.75
N GLN A 22 23.26 6.44 -0.65
CA GLN A 22 24.41 5.91 0.07
C GLN A 22 24.14 4.48 0.53
N ARG A 23 22.86 4.12 0.64
CA ARG A 23 22.48 2.78 1.08
C ARG A 23 21.84 2.00 -0.06
N ASN A 24 21.24 2.72 -1.01
CA ASN A 24 20.60 2.09 -2.16
C ASN A 24 19.48 1.16 -1.70
N LYS A 25 18.69 1.61 -0.73
CA LYS A 25 17.60 0.82 -0.20
C LYS A 25 16.28 1.57 -0.31
N LEU A 26 15.17 0.85 -0.17
CA LEU A 26 13.85 1.46 -0.25
C LEU A 26 13.11 1.35 1.08
N ILE A 27 13.08 2.45 1.82
CA ILE A 27 12.41 2.47 3.12
C ILE A 27 10.96 2.91 2.98
N VAL A 28 10.05 2.16 3.60
CA VAL A 28 8.63 2.47 3.55
C VAL A 28 7.98 2.32 4.92
N VAL A 29 7.67 3.45 5.54
CA VAL A 29 7.03 3.44 6.86
C VAL A 29 5.52 3.44 6.74
N VAL A 30 4.87 2.68 7.61
CA VAL A 30 3.41 2.57 7.61
C VAL A 30 2.83 3.04 8.93
N HIS A 31 2.47 4.32 9.00
CA HIS A 31 1.90 4.89 10.22
C HIS A 31 0.63 4.16 10.62
N ALA A 32 -0.45 4.42 9.89
CA ALA A 32 -1.73 3.77 10.17
C ALA A 32 -2.77 4.15 9.12
N CYS A 33 -3.79 3.32 8.98
CA CYS A 33 -4.86 3.56 8.01
C CYS A 33 -6.15 3.99 8.71
N ARG A 34 -7.11 4.46 7.93
CA ARG A 34 -8.38 4.91 8.47
C ARG A 34 -9.44 4.98 7.38
N ASN A 35 -10.68 5.27 7.78
CA ASN A 35 -11.79 5.36 6.83
C ASN A 35 -11.82 4.15 5.90
N LEU A 36 -11.76 2.96 6.50
CA LEU A 36 -11.78 1.73 5.73
C LEU A 36 -13.17 1.10 5.74
N ILE A 37 -14.01 1.52 4.80
CA ILE A 37 -15.37 1.00 4.70
C ILE A 37 -15.40 -0.51 4.96
N ALA A 38 -16.36 -0.95 5.77
CA ALA A 38 -16.50 -2.37 6.08
C ALA A 38 -17.46 -3.05 5.11
N PHE A 39 -17.15 -4.30 4.76
CA PHE A 39 -17.97 -5.06 3.83
C PHE A 39 -19.43 -5.06 4.29
N SER A 40 -19.64 -5.22 5.59
CA SER A 40 -20.99 -5.24 6.15
C SER A 40 -21.10 -4.27 7.31
N GLU A 41 -20.21 -3.28 7.35
CA GLU A 41 -20.22 -2.28 8.41
C GLU A 41 -20.37 -2.94 9.77
N ASP A 42 -19.87 -4.17 9.89
CA ASP A 42 -19.95 -4.91 11.15
C ASP A 42 -18.56 -5.12 11.74
N GLY A 43 -17.58 -5.36 10.87
CA GLY A 43 -16.22 -5.58 11.33
C GLY A 43 -15.42 -6.43 10.38
N SER A 44 -14.47 -5.80 9.68
CA SER A 44 -13.64 -6.51 8.71
C SER A 44 -12.19 -6.59 9.20
N ASP A 45 -11.36 -7.35 8.49
CA ASP A 45 -9.96 -7.51 8.85
C ASP A 45 -9.06 -6.75 7.88
N PRO A 46 -9.00 -5.42 8.03
CA PRO A 46 -8.18 -4.57 7.17
C PRO A 46 -6.68 -4.77 7.41
N TYR A 47 -5.92 -4.83 6.32
CA TYR A 47 -4.47 -5.02 6.42
C TYR A 47 -3.78 -4.50 5.16
N VAL A 48 -2.58 -3.97 5.35
CA VAL A 48 -1.80 -3.44 4.23
C VAL A 48 -0.88 -4.50 3.65
N ARG A 49 -0.60 -4.40 2.35
CA ARG A 49 0.27 -5.35 1.68
C ARG A 49 1.22 -4.63 0.72
N MET A 50 2.49 -4.99 0.79
CA MET A 50 3.51 -4.39 -0.08
C MET A 50 4.21 -5.44 -0.93
N TYR A 51 4.54 -5.07 -2.16
CA TYR A 51 5.21 -5.99 -3.08
C TYR A 51 6.02 -5.22 -4.11
N LEU A 52 7.32 -5.51 -4.18
CA LEU A 52 8.20 -4.85 -5.13
C LEU A 52 8.00 -5.41 -6.54
N LEU A 53 7.03 -4.85 -7.25
CA LEU A 53 6.74 -5.29 -8.61
C LEU A 53 7.91 -5.00 -9.54
N PRO A 54 8.06 -5.82 -10.59
CA PRO A 54 7.16 -6.96 -10.84
C PRO A 54 7.33 -8.07 -9.81
N ASP A 55 8.57 -8.29 -9.39
CA ASP A 55 8.87 -9.32 -8.40
C ASP A 55 7.72 -9.48 -7.41
N LYS A 56 7.14 -10.67 -7.37
CA LYS A 56 6.03 -10.95 -6.46
C LYS A 56 6.39 -12.09 -5.50
N ARG A 57 7.61 -12.60 -5.62
CA ARG A 57 8.07 -13.68 -4.76
C ARG A 57 7.57 -13.50 -3.33
N ARG A 58 6.86 -14.51 -2.83
CA ARG A 58 6.33 -14.46 -1.47
C ARG A 58 7.44 -14.56 -0.44
N SER A 59 8.63 -14.94 -0.90
CA SER A 59 9.78 -15.08 -0.01
C SER A 59 10.15 -13.75 0.62
N GLY A 60 10.22 -12.71 -0.20
CA GLY A 60 10.56 -11.38 0.30
C GLY A 60 9.34 -10.53 0.55
N ARG A 61 8.25 -11.17 1.00
CA ARG A 61 7.02 -10.46 1.28
C ARG A 61 7.14 -9.64 2.55
N ARG A 62 6.62 -8.41 2.52
CA ARG A 62 6.68 -7.52 3.66
C ARG A 62 5.35 -6.78 3.85
N LYS A 63 4.62 -7.15 4.89
CA LYS A 63 3.32 -6.53 5.17
C LYS A 63 3.13 -6.36 6.67
N THR A 64 2.11 -5.59 7.05
CA THR A 64 1.80 -5.34 8.45
C THR A 64 0.69 -6.26 8.95
N HIS A 65 0.68 -6.52 10.26
CA HIS A 65 -0.33 -7.38 10.86
C HIS A 65 -1.73 -6.89 10.50
N VAL A 66 -2.68 -7.82 10.49
CA VAL A 66 -4.07 -7.49 10.16
C VAL A 66 -4.92 -7.43 11.42
N SER A 67 -5.55 -6.27 11.64
CA SER A 67 -6.41 -6.08 12.81
C SER A 67 -7.84 -6.48 12.51
N LYS A 68 -8.56 -6.88 13.55
CA LYS A 68 -9.96 -7.29 13.39
C LYS A 68 -10.89 -6.37 14.18
N LYS A 69 -12.08 -6.12 13.65
CA LYS A 69 -13.05 -5.26 14.30
C LYS A 69 -12.51 -3.84 14.45
N THR A 70 -12.00 -3.28 13.36
CA THR A 70 -11.45 -1.94 13.38
C THR A 70 -11.33 -1.38 11.97
N LEU A 71 -11.71 -0.10 11.80
CA LEU A 71 -11.63 0.55 10.50
C LEU A 71 -10.32 1.31 10.34
N ASN A 72 -9.77 1.78 11.46
CA ASN A 72 -8.51 2.51 11.46
C ASN A 72 -7.41 1.72 12.14
N PRO A 73 -6.84 0.73 11.42
CA PRO A 73 -5.77 -0.11 11.95
C PRO A 73 -4.46 0.66 12.13
N VAL A 74 -3.72 0.31 13.18
CA VAL A 74 -2.43 0.97 13.45
C VAL A 74 -1.29 -0.04 13.38
N PHE A 75 -0.17 0.41 12.80
CA PHE A 75 1.00 -0.45 12.67
C PHE A 75 2.26 0.29 13.11
N ASP A 76 2.47 1.48 12.54
CA ASP A 76 3.64 2.28 12.86
C ASP A 76 4.93 1.49 12.66
N GLN A 77 4.91 0.59 11.68
CA GLN A 77 6.08 -0.23 11.38
C GLN A 77 6.80 0.28 10.14
N SER A 78 8.11 0.05 10.08
CA SER A 78 8.92 0.49 8.95
C SER A 78 9.62 -0.68 8.29
N PHE A 79 9.57 -0.74 6.96
CA PHE A 79 10.19 -1.81 6.22
C PHE A 79 11.33 -1.29 5.35
N ASP A 80 12.11 -2.19 4.78
CA ASP A 80 13.23 -1.81 3.93
C ASP A 80 13.54 -2.91 2.91
N PHE A 81 14.02 -2.52 1.74
CA PHE A 81 14.36 -3.47 0.69
C PHE A 81 15.65 -3.07 -0.01
N SER A 82 16.61 -4.00 -0.05
CA SER A 82 17.89 -3.74 -0.68
C SER A 82 17.75 -3.73 -2.20
N VAL A 83 17.48 -2.55 -2.75
CA VAL A 83 17.32 -2.39 -4.19
C VAL A 83 17.89 -1.06 -4.67
N SER A 84 18.64 -1.09 -5.76
CA SER A 84 19.23 0.11 -6.32
C SER A 84 18.18 0.98 -6.99
N LEU A 85 18.34 2.29 -6.89
CA LEU A 85 17.41 3.23 -7.49
C LEU A 85 17.19 2.92 -8.96
N PRO A 86 18.30 2.66 -9.68
CA PRO A 86 18.26 2.33 -11.11
C PRO A 86 17.20 1.28 -11.44
N GLU A 87 16.99 0.35 -10.51
CA GLU A 87 16.01 -0.71 -10.70
C GLU A 87 14.63 -0.28 -10.21
N VAL A 88 14.56 0.07 -8.93
CA VAL A 88 13.29 0.51 -8.34
C VAL A 88 12.62 1.57 -9.20
N GLN A 89 13.43 2.40 -9.84
CA GLN A 89 12.91 3.46 -10.71
C GLN A 89 11.94 2.89 -11.73
N ARG A 90 12.30 1.77 -12.34
CA ARG A 90 11.47 1.13 -13.35
C ARG A 90 10.51 0.14 -12.70
N ARG A 91 10.39 0.21 -11.38
CA ARG A 91 9.51 -0.69 -10.64
C ARG A 91 8.37 0.08 -9.99
N THR A 92 7.50 -0.64 -9.29
CA THR A 92 6.37 -0.02 -8.61
C THR A 92 6.05 -0.72 -7.29
N LEU A 93 5.61 0.03 -6.30
CA LEU A 93 5.27 -0.52 -5.00
C LEU A 93 3.80 -0.87 -4.92
N ASP A 94 3.49 -2.16 -5.00
CA ASP A 94 2.11 -2.63 -4.92
C ASP A 94 1.54 -2.45 -3.52
N VAL A 95 0.77 -1.39 -3.32
CA VAL A 95 0.17 -1.12 -2.02
C VAL A 95 -1.35 -1.20 -2.09
N ALA A 96 -1.90 -2.30 -1.59
CA ALA A 96 -3.34 -2.50 -1.59
C ALA A 96 -3.86 -2.81 -0.20
N VAL A 97 -4.89 -2.09 0.23
CA VAL A 97 -5.48 -2.28 1.55
C VAL A 97 -6.85 -2.96 1.44
N LYS A 98 -6.89 -4.25 1.74
CA LYS A 98 -8.14 -5.00 1.69
C LYS A 98 -8.29 -5.89 2.91
N ASN A 99 -9.41 -6.61 2.99
CA ASN A 99 -9.68 -7.50 4.11
C ASN A 99 -8.95 -8.82 3.92
N SER A 100 -8.24 -9.26 4.97
CA SER A 100 -7.50 -10.52 4.93
C SER A 100 -8.42 -11.67 4.55
N GLY A 101 -9.42 -11.92 5.39
CA GLY A 101 -10.35 -13.00 5.13
C GLY A 101 -9.68 -14.22 4.55
N GLY A 102 -9.91 -14.47 3.26
CA GLY A 102 -9.31 -15.62 2.61
C GLY A 102 -7.90 -15.89 3.09
N PHE A 103 -7.73 -16.96 3.86
CA PHE A 103 -6.43 -17.33 4.40
C PHE A 103 -5.66 -18.20 3.40
N LEU A 104 -6.41 -18.88 2.53
CA LEU A 104 -5.81 -19.76 1.53
C LEU A 104 -5.80 -19.10 0.15
N SER A 105 -5.82 -17.76 0.15
CA SER A 105 -5.83 -17.01 -1.10
C SER A 105 -5.03 -15.72 -0.95
N LYS A 106 -5.04 -14.91 -2.00
CA LYS A 106 -4.32 -13.64 -2.00
C LYS A 106 -5.25 -12.49 -1.60
N ASP A 107 -6.53 -12.63 -1.92
CA ASP A 107 -7.51 -11.60 -1.60
C ASP A 107 -8.92 -12.06 -1.98
N LYS A 108 -9.90 -11.63 -1.19
CA LYS A 108 -11.30 -11.99 -1.44
C LYS A 108 -12.13 -10.76 -1.79
N GLY A 109 -11.74 -9.62 -1.24
CA GLY A 109 -12.45 -8.38 -1.51
C GLY A 109 -11.56 -7.17 -1.43
N LEU A 110 -11.39 -6.48 -2.55
CA LEU A 110 -10.55 -5.29 -2.60
C LEU A 110 -11.31 -4.07 -2.08
N LEU A 111 -10.83 -3.52 -0.96
CA LEU A 111 -11.45 -2.37 -0.35
C LEU A 111 -10.90 -1.08 -0.94
N GLY A 112 -9.60 -1.07 -1.21
CA GLY A 112 -8.96 0.11 -1.78
C GLY A 112 -7.46 -0.07 -1.95
N LYS A 113 -6.99 0.11 -3.18
CA LYS A 113 -5.57 -0.03 -3.49
C LYS A 113 -5.04 1.21 -4.21
N VAL A 114 -3.73 1.35 -4.24
CA VAL A 114 -3.09 2.49 -4.90
C VAL A 114 -1.65 2.17 -5.28
N LEU A 115 -1.30 2.45 -6.53
CA LEU A 115 0.05 2.20 -7.02
C LEU A 115 0.88 3.48 -7.04
N VAL A 116 2.13 3.37 -6.61
CA VAL A 116 3.03 4.51 -6.58
C VAL A 116 4.25 4.29 -7.45
N ALA A 117 4.55 5.25 -8.32
CA ALA A 117 5.70 5.16 -9.22
C ALA A 117 6.97 5.65 -8.53
N LEU A 118 7.91 4.74 -8.31
CA LEU A 118 9.17 5.08 -7.67
C LEU A 118 10.22 5.50 -8.71
N ALA A 119 9.74 5.96 -9.85
CA ALA A 119 10.64 6.40 -10.92
C ALA A 119 10.96 7.89 -10.80
N SER A 120 10.68 8.46 -9.63
CA SER A 120 10.94 9.87 -9.39
C SER A 120 12.26 10.06 -8.66
N GLU A 121 12.81 11.27 -8.76
CA GLU A 121 14.08 11.59 -8.13
C GLU A 121 13.86 12.02 -6.67
N GLU A 122 12.74 12.69 -6.43
CA GLU A 122 12.41 13.17 -5.09
C GLU A 122 12.81 12.13 -4.04
N LEU A 123 12.80 10.87 -4.42
CA LEU A 123 13.17 9.79 -3.51
C LEU A 123 14.43 10.14 -2.73
N ALA A 124 15.45 10.60 -3.45
CA ALA A 124 16.71 10.97 -2.81
C ALA A 124 16.47 11.60 -1.45
N LYS A 125 15.38 12.35 -1.33
CA LYS A 125 15.05 13.01 -0.07
C LYS A 125 13.88 12.30 0.62
N GLY A 126 12.91 11.86 -0.17
CA GLY A 126 11.76 11.17 0.38
C GLY A 126 10.61 12.11 0.65
N TRP A 127 9.39 11.57 0.63
CA TRP A 127 8.19 12.37 0.87
C TRP A 127 7.12 11.54 1.57
N THR A 128 6.10 12.22 2.09
CA THR A 128 5.01 11.54 2.79
C THR A 128 3.67 12.19 2.46
N GLN A 129 2.68 11.36 2.15
CA GLN A 129 1.35 11.86 1.82
C GLN A 129 0.31 10.75 1.95
N TRP A 130 -0.96 11.13 2.09
CA TRP A 130 -2.05 10.18 2.22
C TRP A 130 -2.55 9.73 0.85
N TYR A 131 -2.12 8.54 0.43
CA TYR A 131 -2.53 8.01 -0.87
C TYR A 131 -3.96 7.48 -0.81
N ASP A 132 -4.88 8.24 -1.37
CA ASP A 132 -6.30 7.85 -1.39
C ASP A 132 -6.49 6.59 -2.24
N LEU A 133 -6.96 5.54 -1.60
CA LEU A 133 -7.21 4.27 -2.29
C LEU A 133 -8.29 4.43 -3.35
N THR A 134 -8.13 3.72 -4.46
CA THR A 134 -9.09 3.78 -5.56
C THR A 134 -9.50 2.39 -6.02
N GLU A 135 -10.47 2.32 -6.92
CA GLU A 135 -10.95 1.04 -7.44
C GLU A 135 -9.94 0.47 -8.44
N ASP A 136 -10.00 -0.85 -8.63
CA ASP A 136 -9.11 -1.53 -9.55
C ASP A 136 -9.28 -0.98 -10.98
N SER A 137 -10.49 -1.09 -11.50
CA SER A 137 -10.78 -0.60 -12.84
C SER A 137 -11.80 0.54 -12.80
N GLY A 138 -11.71 1.43 -13.79
CA GLY A 138 -12.63 2.57 -13.85
C GLY A 138 -13.22 2.76 -15.23
N PRO A 139 -12.56 3.60 -16.04
CA PRO A 139 -13.02 3.90 -17.41
C PRO A 139 -12.83 2.70 -18.34
N SER A 140 -13.94 2.20 -18.86
CA SER A 140 -13.91 1.05 -19.77
C SER A 140 -14.01 1.51 -21.22
N SER A 141 -12.88 1.54 -21.91
CA SER A 141 -12.83 1.96 -23.31
C SER A 141 -12.27 0.86 -24.19
N GLY A 142 -11.07 0.38 -23.83
CA GLY A 142 -10.44 -0.67 -24.60
C GLY A 142 -11.12 -2.02 -24.43
N GLY A 1 -0.68 22.33 -4.26
CA GLY A 1 -1.23 21.02 -3.98
C GLY A 1 -1.77 20.33 -5.22
N SER A 2 -1.05 20.46 -6.32
CA SER A 2 -1.47 19.85 -7.58
C SER A 2 -1.47 18.33 -7.47
N SER A 3 -2.27 17.69 -8.32
CA SER A 3 -2.37 16.23 -8.32
C SER A 3 -2.94 15.73 -7.00
N GLY A 4 -3.96 16.42 -6.49
CA GLY A 4 -4.57 16.02 -5.24
C GLY A 4 -6.05 15.67 -5.40
N SER A 5 -6.49 14.65 -4.67
CA SER A 5 -7.87 14.20 -4.74
C SER A 5 -8.50 14.17 -3.35
N SER A 6 -9.23 15.22 -3.01
CA SER A 6 -9.89 15.31 -1.70
C SER A 6 -11.23 14.59 -1.72
N GLY A 7 -11.20 13.26 -1.64
CA GLY A 7 -12.41 12.48 -1.64
C GLY A 7 -12.18 11.04 -2.04
N SER A 8 -12.09 10.15 -1.05
CA SER A 8 -11.84 8.74 -1.30
C SER A 8 -12.90 7.89 -0.60
N PRO A 9 -13.81 7.29 -1.41
CA PRO A 9 -14.88 6.44 -0.89
C PRO A 9 -14.35 5.12 -0.32
N LEU A 10 -13.14 4.75 -0.74
CA LEU A 10 -12.52 3.51 -0.28
C LEU A 10 -11.68 3.74 0.97
N GLY A 11 -10.92 4.83 0.96
CA GLY A 11 -10.08 5.16 2.10
C GLY A 11 -8.75 5.76 1.68
N GLN A 12 -7.83 5.87 2.63
CA GLN A 12 -6.51 6.44 2.37
C GLN A 12 -5.45 5.77 3.24
N ILE A 13 -4.18 5.96 2.87
CA ILE A 13 -3.07 5.39 3.61
C ILE A 13 -1.82 6.24 3.46
N GLN A 14 -1.13 6.47 4.57
CA GLN A 14 0.10 7.26 4.55
C GLN A 14 1.33 6.36 4.60
N LEU A 15 2.19 6.49 3.60
CA LEU A 15 3.40 5.69 3.51
C LEU A 15 4.60 6.55 3.14
N THR A 16 5.63 6.52 3.97
CA THR A 16 6.84 7.30 3.73
C THR A 16 7.84 6.52 2.90
N ILE A 17 7.86 6.78 1.60
CA ILE A 17 8.77 6.10 0.69
C ILE A 17 10.02 6.93 0.44
N ARG A 18 11.16 6.47 0.95
CA ARG A 18 12.42 7.17 0.78
C ARG A 18 13.57 6.19 0.59
N HIS A 19 14.12 6.16 -0.62
CA HIS A 19 15.22 5.26 -0.94
C HIS A 19 16.56 5.99 -0.85
N SER A 20 17.43 5.52 0.04
CA SER A 20 18.74 6.14 0.22
C SER A 20 19.67 5.77 -0.93
N SER A 21 20.54 6.72 -1.30
CA SER A 21 21.49 6.51 -2.38
C SER A 21 22.68 5.68 -1.92
N GLN A 22 23.34 6.15 -0.86
CA GLN A 22 24.50 5.45 -0.30
C GLN A 22 24.12 4.05 0.17
N ARG A 23 22.96 3.94 0.81
CA ARG A 23 22.48 2.66 1.31
C ARG A 23 21.76 1.87 0.21
N ASN A 24 21.34 2.58 -0.83
CA ASN A 24 20.64 1.96 -1.94
C ASN A 24 19.57 0.98 -1.44
N LYS A 25 18.76 1.44 -0.50
CA LYS A 25 17.70 0.62 0.06
C LYS A 25 16.36 1.34 0.03
N LEU A 26 15.29 0.59 -0.14
CA LEU A 26 13.95 1.17 -0.20
C LEU A 26 13.20 0.92 1.11
N ILE A 27 12.98 1.99 1.87
CA ILE A 27 12.28 1.90 3.14
C ILE A 27 10.84 2.41 3.01
N VAL A 28 9.91 1.71 3.66
CA VAL A 28 8.51 2.09 3.62
C VAL A 28 7.88 2.00 5.00
N VAL A 29 7.50 3.15 5.54
CA VAL A 29 6.88 3.21 6.87
C VAL A 29 5.37 3.36 6.75
N VAL A 30 4.64 2.51 7.49
CA VAL A 30 3.18 2.55 7.47
C VAL A 30 2.64 3.04 8.81
N HIS A 31 2.33 4.33 8.87
CA HIS A 31 1.79 4.92 10.10
C HIS A 31 0.47 4.29 10.47
N ALA A 32 -0.58 4.61 9.71
CA ALA A 32 -1.91 4.06 9.97
C ALA A 32 -2.87 4.41 8.84
N CYS A 33 -3.89 3.58 8.67
CA CYS A 33 -4.89 3.80 7.63
C CYS A 33 -6.21 4.26 8.22
N ARG A 34 -6.97 5.03 7.43
CA ARG A 34 -8.26 5.54 7.88
C ARG A 34 -9.29 5.51 6.74
N ASN A 35 -10.56 5.65 7.10
CA ASN A 35 -11.63 5.63 6.12
C ASN A 35 -11.68 4.29 5.37
N LEU A 36 -11.63 3.21 6.13
CA LEU A 36 -11.66 1.86 5.55
C LEU A 36 -13.01 1.20 5.79
N ILE A 37 -13.87 1.25 4.78
CA ILE A 37 -15.20 0.65 4.87
C ILE A 37 -15.10 -0.85 5.12
N ALA A 38 -15.92 -1.35 6.05
CA ALA A 38 -15.93 -2.76 6.38
C ALA A 38 -17.02 -3.49 5.61
N PHE A 39 -16.64 -4.59 4.96
CA PHE A 39 -17.59 -5.39 4.18
C PHE A 39 -18.88 -5.61 4.95
N SER A 40 -18.78 -5.56 6.28
CA SER A 40 -19.95 -5.77 7.14
C SER A 40 -19.78 -5.02 8.46
N GLU A 41 -20.78 -4.22 8.81
CA GLU A 41 -20.74 -3.45 10.05
C GLU A 41 -20.15 -4.27 11.18
N ASP A 42 -20.54 -5.55 11.24
CA ASP A 42 -20.03 -6.45 12.28
C ASP A 42 -18.56 -6.18 12.58
N GLY A 43 -17.77 -6.06 11.51
CA GLY A 43 -16.36 -5.80 11.68
C GLY A 43 -15.50 -6.67 10.78
N SER A 44 -14.43 -6.10 10.22
CA SER A 44 -13.54 -6.83 9.34
C SER A 44 -12.10 -6.76 9.84
N ASP A 45 -11.21 -7.47 9.16
CA ASP A 45 -9.80 -7.49 9.53
C ASP A 45 -8.95 -6.88 8.43
N PRO A 46 -8.79 -5.55 8.46
CA PRO A 46 -7.99 -4.82 7.47
C PRO A 46 -6.50 -5.09 7.61
N TYR A 47 -5.82 -5.23 6.49
CA TYR A 47 -4.38 -5.49 6.48
C TYR A 47 -3.72 -4.88 5.24
N VAL A 48 -2.59 -4.22 5.46
CA VAL A 48 -1.85 -3.59 4.37
C VAL A 48 -0.93 -4.59 3.68
N ARG A 49 -0.79 -4.46 2.36
CA ARG A 49 0.06 -5.35 1.58
C ARG A 49 1.08 -4.56 0.79
N MET A 50 2.28 -5.12 0.64
CA MET A 50 3.34 -4.47 -0.11
C MET A 50 4.04 -5.46 -1.04
N TYR A 51 4.04 -5.14 -2.34
CA TYR A 51 4.66 -6.00 -3.33
C TYR A 51 5.50 -5.18 -4.31
N LEU A 52 6.79 -5.52 -4.40
CA LEU A 52 7.70 -4.82 -5.30
C LEU A 52 7.49 -5.25 -6.74
N LEU A 53 6.65 -4.51 -7.46
CA LEU A 53 6.35 -4.81 -8.85
C LEU A 53 7.56 -4.50 -9.74
N PRO A 54 7.63 -5.19 -10.88
CA PRO A 54 6.64 -6.19 -11.28
C PRO A 54 6.70 -7.44 -10.41
N ASP A 55 7.91 -7.89 -10.13
CA ASP A 55 8.12 -9.08 -9.30
C ASP A 55 7.03 -9.19 -8.23
N LYS A 56 6.24 -10.25 -8.31
CA LYS A 56 5.17 -10.48 -7.35
C LYS A 56 5.36 -11.79 -6.60
N ARG A 57 6.58 -12.33 -6.68
CA ARG A 57 6.90 -13.58 -6.01
C ARG A 57 6.15 -13.69 -4.69
N ARG A 58 5.30 -14.71 -4.59
CA ARG A 58 4.52 -14.93 -3.37
C ARG A 58 5.31 -15.75 -2.36
N SER A 59 6.63 -15.55 -2.35
CA SER A 59 7.50 -16.28 -1.43
C SER A 59 8.04 -15.34 -0.35
N GLY A 60 8.44 -14.14 -0.77
CA GLY A 60 8.97 -13.17 0.18
C GLY A 60 8.04 -11.99 0.39
N ARG A 61 6.74 -12.24 0.26
CA ARG A 61 5.74 -11.19 0.43
C ARG A 61 5.99 -10.41 1.71
N ARG A 62 5.60 -9.15 1.72
CA ARG A 62 5.79 -8.29 2.89
C ARG A 62 4.52 -7.50 3.18
N LYS A 63 3.99 -7.67 4.39
CA LYS A 63 2.79 -6.98 4.81
C LYS A 63 2.82 -6.66 6.30
N THR A 64 1.86 -5.86 6.76
CA THR A 64 1.79 -5.48 8.16
C THR A 64 0.83 -6.39 8.93
N HIS A 65 0.80 -6.23 10.26
CA HIS A 65 -0.08 -7.03 11.09
C HIS A 65 -1.53 -6.86 10.69
N VAL A 66 -2.37 -7.83 11.05
CA VAL A 66 -3.78 -7.78 10.72
C VAL A 66 -4.63 -7.41 11.93
N SER A 67 -5.10 -6.16 11.95
CA SER A 67 -5.92 -5.68 13.05
C SER A 67 -7.38 -6.10 12.89
N LYS A 68 -8.06 -6.30 14.01
CA LYS A 68 -9.45 -6.71 14.01
C LYS A 68 -10.32 -5.72 14.78
N LYS A 69 -11.63 -5.79 14.56
CA LYS A 69 -12.56 -4.90 15.25
C LYS A 69 -12.09 -3.46 15.18
N THR A 70 -11.59 -3.05 14.02
CA THR A 70 -11.10 -1.69 13.83
C THR A 70 -11.02 -1.34 12.35
N LEU A 71 -11.40 -0.11 12.02
CA LEU A 71 -11.37 0.35 10.64
C LEU A 71 -10.10 1.15 10.35
N ASN A 72 -9.63 1.87 11.36
CA ASN A 72 -8.42 2.68 11.23
C ASN A 72 -7.26 2.06 11.99
N PRO A 73 -6.62 1.05 11.39
CA PRO A 73 -5.49 0.34 12.01
C PRO A 73 -4.23 1.22 12.07
N VAL A 74 -3.29 0.82 12.91
CA VAL A 74 -2.04 1.56 13.06
C VAL A 74 -0.89 0.63 13.45
N PHE A 75 0.03 0.42 12.51
CA PHE A 75 1.18 -0.44 12.75
C PHE A 75 2.45 0.38 12.92
N ASP A 76 2.46 1.56 12.31
CA ASP A 76 3.63 2.44 12.38
C ASP A 76 4.92 1.66 12.19
N GLN A 77 4.86 0.60 11.39
CA GLN A 77 6.01 -0.23 11.11
C GLN A 77 6.82 0.33 9.95
N SER A 78 8.09 -0.07 9.87
CA SER A 78 8.97 0.39 8.81
C SER A 78 9.70 -0.78 8.15
N PHE A 79 9.46 -0.97 6.85
CA PHE A 79 10.09 -2.06 6.12
C PHE A 79 11.25 -1.54 5.27
N ASP A 80 12.06 -2.47 4.77
CA ASP A 80 13.22 -2.10 3.95
C ASP A 80 13.48 -3.15 2.88
N PHE A 81 14.13 -2.75 1.80
CA PHE A 81 14.44 -3.65 0.70
C PHE A 81 15.72 -3.24 0.00
N SER A 82 16.69 -4.16 -0.06
CA SER A 82 17.97 -3.88 -0.71
C SER A 82 17.80 -3.75 -2.22
N VAL A 83 17.52 -2.53 -2.67
CA VAL A 83 17.33 -2.27 -4.09
C VAL A 83 17.89 -0.90 -4.48
N SER A 84 18.64 -0.87 -5.57
CA SER A 84 19.23 0.38 -6.05
C SER A 84 18.18 1.29 -6.68
N LEU A 85 18.36 2.60 -6.53
CA LEU A 85 17.42 3.57 -7.08
C LEU A 85 17.21 3.32 -8.57
N PRO A 86 18.30 3.07 -9.30
CA PRO A 86 18.26 2.81 -10.74
C PRO A 86 17.18 1.80 -11.12
N GLU A 87 16.95 0.84 -10.22
CA GLU A 87 15.95 -0.19 -10.46
C GLU A 87 14.58 0.23 -9.93
N VAL A 88 14.51 0.47 -8.62
CA VAL A 88 13.27 0.89 -7.98
C VAL A 88 12.55 1.94 -8.82
N GLN A 89 13.32 2.79 -9.48
CA GLN A 89 12.76 3.85 -10.31
C GLN A 89 11.72 3.28 -11.27
N ARG A 90 12.13 2.30 -12.08
CA ARG A 90 11.25 1.68 -13.05
C ARG A 90 10.18 0.84 -12.35
N ARG A 91 10.56 0.23 -11.22
CA ARG A 91 9.64 -0.60 -10.46
C ARG A 91 8.52 0.23 -9.85
N THR A 92 7.52 -0.44 -9.31
CA THR A 92 6.38 0.24 -8.70
C THR A 92 5.98 -0.42 -7.38
N LEU A 93 5.55 0.39 -6.42
CA LEU A 93 5.14 -0.12 -5.12
C LEU A 93 3.66 -0.49 -5.12
N ASP A 94 3.38 -1.79 -5.05
CA ASP A 94 2.01 -2.28 -5.04
C ASP A 94 1.43 -2.21 -3.64
N VAL A 95 0.65 -1.17 -3.37
CA VAL A 95 0.03 -0.99 -2.06
C VAL A 95 -1.49 -1.14 -2.15
N ALA A 96 -2.01 -2.22 -1.57
CA ALA A 96 -3.45 -2.48 -1.58
C ALA A 96 -3.94 -2.87 -0.19
N VAL A 97 -4.91 -2.12 0.32
CA VAL A 97 -5.48 -2.40 1.63
C VAL A 97 -6.82 -3.11 1.52
N LYS A 98 -6.81 -4.41 1.81
CA LYS A 98 -8.03 -5.21 1.74
C LYS A 98 -8.23 -6.00 3.03
N ASN A 99 -9.34 -6.72 3.11
CA ASN A 99 -9.66 -7.51 4.30
C ASN A 99 -9.03 -8.90 4.21
N SER A 100 -8.21 -9.23 5.19
CA SER A 100 -7.54 -10.53 5.22
C SER A 100 -8.53 -11.67 5.03
N GLY A 101 -8.31 -12.48 4.00
CA GLY A 101 -9.20 -13.58 3.72
C GLY A 101 -9.93 -13.43 2.40
N GLY A 102 -10.92 -14.30 2.16
CA GLY A 102 -11.67 -14.24 0.93
C GLY A 102 -11.18 -15.23 -0.10
N PHE A 103 -11.09 -16.50 0.30
CA PHE A 103 -10.63 -17.55 -0.61
C PHE A 103 -11.69 -18.62 -0.78
N LEU A 104 -12.76 -18.26 -1.48
CA LEU A 104 -13.86 -19.20 -1.72
C LEU A 104 -13.82 -19.72 -3.16
N SER A 105 -13.90 -18.82 -4.12
CA SER A 105 -13.87 -19.18 -5.53
C SER A 105 -13.36 -18.03 -6.39
N LYS A 106 -12.12 -18.15 -6.85
CA LYS A 106 -11.52 -17.12 -7.69
C LYS A 106 -12.01 -15.73 -7.29
N ASP A 107 -11.89 -15.41 -6.00
CA ASP A 107 -12.33 -14.12 -5.48
C ASP A 107 -11.12 -13.24 -5.15
N LYS A 108 -11.29 -11.94 -5.31
CA LYS A 108 -10.22 -10.99 -5.03
C LYS A 108 -10.62 -10.04 -3.90
N GLY A 109 -11.90 -9.66 -3.88
CA GLY A 109 -12.39 -8.76 -2.86
C GLY A 109 -11.34 -7.76 -2.41
N LEU A 110 -11.26 -6.64 -3.10
CA LEU A 110 -10.29 -5.60 -2.77
C LEU A 110 -10.99 -4.30 -2.38
N LEU A 111 -10.80 -3.88 -1.14
CA LEU A 111 -11.41 -2.66 -0.64
C LEU A 111 -10.93 -1.45 -1.44
N GLY A 112 -9.61 -1.33 -1.59
CA GLY A 112 -9.04 -0.22 -2.32
C GLY A 112 -7.53 -0.32 -2.45
N LYS A 113 -7.02 -0.03 -3.65
CA LYS A 113 -5.59 -0.09 -3.90
C LYS A 113 -5.09 1.20 -4.54
N VAL A 114 -3.84 1.55 -4.28
CA VAL A 114 -3.25 2.75 -4.84
C VAL A 114 -1.79 2.52 -5.22
N LEU A 115 -1.49 2.69 -6.51
CA LEU A 115 -0.13 2.51 -7.00
C LEU A 115 0.70 3.77 -6.81
N VAL A 116 2.01 3.59 -6.61
CA VAL A 116 2.91 4.72 -6.41
C VAL A 116 4.15 4.58 -7.30
N ALA A 117 4.21 5.42 -8.33
CA ALA A 117 5.35 5.40 -9.25
C ALA A 117 6.64 5.75 -8.53
N LEU A 118 7.43 4.73 -8.21
CA LEU A 118 8.71 4.94 -7.52
C LEU A 118 9.68 5.71 -8.40
N ALA A 119 9.31 5.91 -9.66
CA ALA A 119 10.15 6.64 -10.59
C ALA A 119 9.97 8.15 -10.44
N SER A 120 9.82 8.60 -9.19
CA SER A 120 9.64 10.02 -8.90
C SER A 120 10.98 10.75 -8.94
N GLU A 121 12.05 10.00 -9.12
CA GLU A 121 13.39 10.57 -9.17
C GLU A 121 13.61 11.52 -8.00
N GLU A 122 12.89 11.30 -6.91
CA GLU A 122 13.00 12.14 -5.72
C GLU A 122 13.09 11.29 -4.47
N LEU A 123 13.12 9.98 -4.64
CA LEU A 123 13.21 9.05 -3.52
C LEU A 123 14.45 9.33 -2.68
N ALA A 124 15.36 10.14 -3.21
CA ALA A 124 16.58 10.49 -2.51
C ALA A 124 16.29 11.37 -1.31
N LYS A 125 15.15 12.08 -1.36
CA LYS A 125 14.75 12.96 -0.27
C LYS A 125 13.68 12.31 0.60
N GLY A 126 12.67 11.73 -0.05
CA GLY A 126 11.59 11.07 0.68
C GLY A 126 10.40 11.99 0.88
N TRP A 127 9.20 11.42 0.77
CA TRP A 127 7.98 12.21 0.94
C TRP A 127 6.93 11.39 1.70
N THR A 128 6.00 12.09 2.34
CA THR A 128 4.94 11.44 3.10
C THR A 128 3.58 12.01 2.74
N GLN A 129 2.74 11.19 2.11
CA GLN A 129 1.41 11.62 1.71
C GLN A 129 0.39 10.48 1.87
N TRP A 130 -0.88 10.83 1.87
CA TRP A 130 -1.94 9.84 2.01
C TRP A 130 -2.44 9.37 0.65
N TYR A 131 -1.95 8.21 0.21
CA TYR A 131 -2.34 7.66 -1.07
C TYR A 131 -3.80 7.21 -1.05
N ASP A 132 -4.67 7.98 -1.69
CA ASP A 132 -6.09 7.66 -1.75
C ASP A 132 -6.33 6.40 -2.57
N LEU A 133 -6.96 5.41 -1.95
CA LEU A 133 -7.25 4.15 -2.64
C LEU A 133 -8.23 4.37 -3.79
N THR A 134 -8.12 3.53 -4.82
CA THR A 134 -8.99 3.64 -5.98
C THR A 134 -9.35 2.26 -6.51
N GLU A 135 -10.31 2.21 -7.42
CA GLU A 135 -10.75 0.96 -8.01
C GLU A 135 -9.66 0.35 -8.89
N ASP A 136 -9.71 -0.96 -9.07
CA ASP A 136 -8.72 -1.67 -9.89
C ASP A 136 -9.02 -1.50 -11.38
N SER A 137 -10.28 -1.67 -11.74
CA SER A 137 -10.71 -1.54 -13.14
C SER A 137 -9.89 -0.46 -13.84
N GLY A 138 -9.23 -0.84 -14.93
CA GLY A 138 -8.42 0.09 -15.68
C GLY A 138 -8.07 -0.41 -17.06
N PRO A 139 -8.98 -0.18 -18.03
CA PRO A 139 -8.79 -0.61 -19.42
C PRO A 139 -7.69 0.17 -20.12
N SER A 140 -7.06 -0.45 -21.11
CA SER A 140 -5.99 0.20 -21.86
C SER A 140 -5.02 0.91 -20.93
N SER A 141 -4.79 0.33 -19.76
CA SER A 141 -3.90 0.92 -18.77
C SER A 141 -2.60 1.39 -19.42
N GLY A 142 -2.02 0.53 -20.26
CA GLY A 142 -0.79 0.88 -20.95
C GLY A 142 0.44 0.60 -20.10
N GLY A 1 -8.85 13.10 -15.52
CA GLY A 1 -9.72 12.77 -16.64
C GLY A 1 -11.13 13.30 -16.45
N SER A 2 -12.11 12.42 -16.68
CA SER A 2 -13.51 12.80 -16.54
C SER A 2 -14.02 12.51 -15.14
N SER A 3 -13.28 12.99 -14.14
CA SER A 3 -13.65 12.78 -12.74
C SER A 3 -13.87 14.11 -12.03
N GLY A 4 -14.88 14.15 -11.16
CA GLY A 4 -15.17 15.37 -10.44
C GLY A 4 -15.49 15.11 -8.97
N SER A 5 -14.76 14.18 -8.37
CA SER A 5 -14.96 13.83 -6.97
C SER A 5 -13.84 14.39 -6.10
N SER A 6 -14.20 14.84 -4.90
CA SER A 6 -13.23 15.40 -3.97
C SER A 6 -13.21 14.62 -2.67
N GLY A 7 -13.25 13.29 -2.78
CA GLY A 7 -13.24 12.45 -1.59
C GLY A 7 -12.84 11.02 -1.90
N SER A 8 -12.77 10.19 -0.87
CA SER A 8 -12.38 8.80 -1.03
C SER A 8 -13.32 7.87 -0.25
N PRO A 9 -14.25 7.22 -0.97
CA PRO A 9 -15.21 6.30 -0.37
C PRO A 9 -14.56 5.02 0.14
N LEU A 10 -13.48 4.61 -0.51
CA LEU A 10 -12.76 3.40 -0.13
C LEU A 10 -11.88 3.66 1.09
N GLY A 11 -11.13 4.75 1.05
CA GLY A 11 -10.26 5.09 2.16
C GLY A 11 -8.93 5.65 1.70
N GLN A 12 -8.07 6.00 2.65
CA GLN A 12 -6.76 6.56 2.34
C GLN A 12 -5.66 5.84 3.11
N ILE A 13 -4.43 6.29 2.96
CA ILE A 13 -3.29 5.69 3.63
C ILE A 13 -2.05 6.57 3.51
N GLN A 14 -1.22 6.56 4.56
CA GLN A 14 0.00 7.36 4.57
C GLN A 14 1.23 6.46 4.54
N LEU A 15 2.05 6.62 3.52
CA LEU A 15 3.28 5.82 3.38
C LEU A 15 4.46 6.70 3.04
N THR A 16 5.50 6.62 3.87
CA THR A 16 6.71 7.42 3.66
C THR A 16 7.72 6.66 2.82
N ILE A 17 7.88 7.07 1.57
CA ILE A 17 8.82 6.44 0.66
C ILE A 17 10.12 7.23 0.56
N ARG A 18 11.23 6.56 0.88
CA ARG A 18 12.53 7.20 0.86
C ARG A 18 13.63 6.19 0.53
N HIS A 19 14.17 6.26 -0.67
CA HIS A 19 15.22 5.35 -1.11
C HIS A 19 16.60 5.98 -0.95
N SER A 20 17.38 5.47 -0.01
CA SER A 20 18.71 5.99 0.26
C SER A 20 19.69 5.59 -0.86
N SER A 21 20.27 6.58 -1.51
CA SER A 21 21.22 6.33 -2.60
C SER A 21 22.52 5.77 -2.06
N GLN A 22 22.73 5.91 -0.75
CA GLN A 22 23.95 5.42 -0.11
C GLN A 22 23.78 3.97 0.33
N ARG A 23 22.61 3.65 0.85
CA ARG A 23 22.32 2.29 1.30
C ARG A 23 21.74 1.44 0.16
N ASN A 24 21.20 2.11 -0.85
CA ASN A 24 20.61 1.42 -1.99
C ASN A 24 19.44 0.55 -1.55
N LYS A 25 18.67 1.05 -0.59
CA LYS A 25 17.50 0.31 -0.09
C LYS A 25 16.24 1.15 -0.19
N LEU A 26 15.09 0.49 -0.10
CA LEU A 26 13.80 1.18 -0.19
C LEU A 26 13.04 1.07 1.13
N ILE A 27 12.97 2.16 1.87
CA ILE A 27 12.27 2.19 3.15
C ILE A 27 10.83 2.68 2.97
N VAL A 28 9.90 2.02 3.66
CA VAL A 28 8.49 2.39 3.58
C VAL A 28 7.81 2.25 4.94
N VAL A 29 7.44 3.38 5.52
CA VAL A 29 6.77 3.40 6.82
C VAL A 29 5.26 3.41 6.66
N VAL A 30 4.60 2.37 7.19
CA VAL A 30 3.16 2.26 7.11
C VAL A 30 2.49 2.81 8.38
N HIS A 31 2.49 4.13 8.51
CA HIS A 31 1.88 4.78 9.67
C HIS A 31 0.58 4.09 10.05
N ALA A 32 -0.47 4.33 9.27
CA ALA A 32 -1.78 3.74 9.54
C ALA A 32 -2.76 4.07 8.43
N CYS A 33 -3.89 3.37 8.41
CA CYS A 33 -4.93 3.59 7.41
C CYS A 33 -6.24 4.00 8.05
N ARG A 34 -7.05 4.77 7.33
CA ARG A 34 -8.33 5.22 7.84
C ARG A 34 -9.39 5.20 6.73
N ASN A 35 -10.65 5.35 7.12
CA ASN A 35 -11.75 5.35 6.18
C ASN A 35 -11.79 4.04 5.39
N LEU A 36 -11.69 2.93 6.10
CA LEU A 36 -11.71 1.61 5.48
C LEU A 36 -13.06 0.94 5.69
N ILE A 37 -13.91 0.97 4.67
CA ILE A 37 -15.23 0.36 4.76
C ILE A 37 -15.12 -1.14 5.03
N ALA A 38 -15.84 -1.60 6.05
CA ALA A 38 -15.84 -3.01 6.42
C ALA A 38 -16.89 -3.79 5.64
N PHE A 39 -16.45 -4.84 4.96
CA PHE A 39 -17.36 -5.67 4.18
C PHE A 39 -18.61 -6.02 4.98
N SER A 40 -18.49 -5.96 6.30
CA SER A 40 -19.60 -6.29 7.18
C SER A 40 -19.55 -5.44 8.46
N GLU A 41 -20.71 -5.02 8.93
CA GLU A 41 -20.80 -4.21 10.13
C GLU A 41 -20.13 -4.92 11.31
N ASP A 42 -20.49 -6.17 11.52
CA ASP A 42 -19.93 -6.96 12.61
C ASP A 42 -18.46 -6.62 12.83
N GLY A 43 -17.71 -6.52 11.73
CA GLY A 43 -16.30 -6.20 11.82
C GLY A 43 -15.48 -6.89 10.75
N SER A 44 -14.35 -6.28 10.38
CA SER A 44 -13.48 -6.84 9.36
C SER A 44 -12.02 -6.80 9.81
N ASP A 45 -11.20 -7.64 9.17
CA ASP A 45 -9.78 -7.70 9.51
C ASP A 45 -8.93 -7.10 8.40
N PRO A 46 -8.78 -5.77 8.42
CA PRO A 46 -7.99 -5.04 7.42
C PRO A 46 -6.50 -5.31 7.55
N TYR A 47 -5.78 -5.16 6.45
CA TYR A 47 -4.34 -5.39 6.44
C TYR A 47 -3.71 -4.86 5.16
N VAL A 48 -2.55 -4.22 5.29
CA VAL A 48 -1.84 -3.67 4.15
C VAL A 48 -0.84 -4.67 3.58
N ARG A 49 -0.58 -4.57 2.28
CA ARG A 49 0.35 -5.47 1.61
C ARG A 49 1.29 -4.69 0.69
N MET A 50 2.55 -5.11 0.67
CA MET A 50 3.55 -4.45 -0.17
C MET A 50 4.22 -5.46 -1.11
N TYR A 51 4.23 -5.14 -2.40
CA TYR A 51 4.83 -6.02 -3.40
C TYR A 51 5.66 -5.22 -4.39
N LEU A 52 6.93 -5.56 -4.51
CA LEU A 52 7.83 -4.89 -5.42
C LEU A 52 7.62 -5.37 -6.86
N LEU A 53 6.87 -4.59 -7.63
CA LEU A 53 6.59 -4.93 -9.02
C LEU A 53 7.80 -4.67 -9.90
N PRO A 54 7.89 -5.41 -11.02
CA PRO A 54 6.87 -6.40 -11.40
C PRO A 54 6.90 -7.62 -10.50
N ASP A 55 8.10 -8.03 -10.10
CA ASP A 55 8.26 -9.20 -9.23
C ASP A 55 7.10 -9.30 -8.25
N LYS A 56 6.49 -10.48 -8.19
CA LYS A 56 5.36 -10.73 -7.30
C LYS A 56 5.74 -11.71 -6.20
N ARG A 57 6.99 -11.64 -5.74
CA ARG A 57 7.46 -12.53 -4.69
C ARG A 57 6.35 -12.86 -3.71
N ARG A 58 6.02 -14.15 -3.60
CA ARG A 58 4.97 -14.60 -2.70
C ARG A 58 5.56 -15.09 -1.38
N SER A 59 6.77 -15.64 -1.46
CA SER A 59 7.45 -16.15 -0.27
C SER A 59 8.20 -15.04 0.46
N GLY A 60 8.19 -13.85 -0.13
CA GLY A 60 8.87 -12.72 0.48
C GLY A 60 7.97 -11.51 0.65
N ARG A 61 6.67 -11.73 0.50
CA ARG A 61 5.70 -10.66 0.65
C ARG A 61 5.94 -9.87 1.93
N ARG A 62 5.55 -8.60 1.92
CA ARG A 62 5.73 -7.74 3.08
C ARG A 62 4.42 -7.04 3.45
N LYS A 63 3.85 -7.44 4.59
CA LYS A 63 2.60 -6.86 5.06
C LYS A 63 2.67 -6.53 6.55
N THR A 64 1.69 -5.79 7.04
CA THR A 64 1.64 -5.41 8.44
C THR A 64 0.69 -6.30 9.23
N HIS A 65 0.70 -6.16 10.55
CA HIS A 65 -0.17 -6.95 11.41
C HIS A 65 -1.64 -6.76 11.02
N VAL A 66 -2.45 -7.78 11.28
CA VAL A 66 -3.87 -7.73 10.96
C VAL A 66 -4.70 -7.32 12.18
N SER A 67 -5.35 -6.17 12.08
CA SER A 67 -6.18 -5.66 13.17
C SER A 67 -7.58 -6.26 13.11
N LYS A 68 -8.11 -6.61 14.28
CA LYS A 68 -9.45 -7.19 14.36
C LYS A 68 -10.40 -6.26 15.11
N LYS A 69 -11.65 -6.22 14.66
CA LYS A 69 -12.66 -5.37 15.28
C LYS A 69 -12.24 -3.91 15.24
N THR A 70 -11.91 -3.44 14.04
CA THR A 70 -11.49 -2.05 13.86
C THR A 70 -11.50 -1.66 12.38
N LEU A 71 -11.76 -0.38 12.12
CA LEU A 71 -11.80 0.12 10.76
C LEU A 71 -10.55 0.95 10.44
N ASN A 72 -9.91 1.47 11.48
CA ASN A 72 -8.72 2.28 11.33
C ASN A 72 -7.52 1.62 12.00
N PRO A 73 -6.89 0.67 11.30
CA PRO A 73 -5.73 -0.05 11.81
C PRO A 73 -4.49 0.83 11.91
N VAL A 74 -3.74 0.68 13.00
CA VAL A 74 -2.53 1.46 13.22
C VAL A 74 -1.33 0.56 13.50
N PHE A 75 -0.36 0.58 12.59
CA PHE A 75 0.84 -0.23 12.75
C PHE A 75 2.06 0.64 13.04
N ASP A 76 2.38 1.53 12.11
CA ASP A 76 3.52 2.42 12.27
C ASP A 76 4.83 1.66 12.11
N GLN A 77 4.80 0.60 11.31
CA GLN A 77 5.99 -0.22 11.08
C GLN A 77 6.79 0.32 9.90
N SER A 78 8.08 0.01 9.87
CA SER A 78 8.95 0.46 8.79
C SER A 78 9.67 -0.72 8.14
N PHE A 79 9.40 -0.91 6.85
CA PHE A 79 10.02 -2.00 6.10
C PHE A 79 11.07 -1.47 5.13
N ASP A 80 12.08 -2.29 4.87
CA ASP A 80 13.16 -1.90 3.95
C ASP A 80 13.44 -3.01 2.94
N PHE A 81 13.96 -2.63 1.78
CA PHE A 81 14.27 -3.60 0.74
C PHE A 81 15.56 -3.22 0.01
N SER A 82 16.50 -4.15 -0.06
CA SER A 82 17.78 -3.91 -0.73
C SER A 82 17.59 -3.82 -2.23
N VAL A 83 17.38 -2.60 -2.73
CA VAL A 83 17.19 -2.38 -4.16
C VAL A 83 17.82 -1.06 -4.60
N SER A 84 18.55 -1.11 -5.71
CA SER A 84 19.21 0.08 -6.23
C SER A 84 18.20 1.01 -6.90
N LEU A 85 18.46 2.31 -6.81
CA LEU A 85 17.58 3.30 -7.40
C LEU A 85 17.34 3.01 -8.88
N PRO A 86 18.42 2.66 -9.60
CA PRO A 86 18.35 2.35 -11.03
C PRO A 86 17.22 1.36 -11.35
N GLU A 87 16.93 0.47 -10.40
CA GLU A 87 15.89 -0.52 -10.59
C GLU A 87 14.55 -0.02 -10.04
N VAL A 88 14.57 0.39 -8.77
CA VAL A 88 13.36 0.90 -8.11
C VAL A 88 12.65 1.92 -8.99
N GLN A 89 13.44 2.69 -9.73
CA GLN A 89 12.87 3.71 -10.62
C GLN A 89 11.88 3.10 -11.59
N ARG A 90 12.34 2.13 -12.37
CA ARG A 90 11.49 1.46 -13.35
C ARG A 90 10.43 0.60 -12.64
N ARG A 91 10.72 0.20 -11.41
CA ARG A 91 9.81 -0.63 -10.64
C ARG A 91 8.72 0.22 -10.01
N THR A 92 7.76 -0.45 -9.37
CA THR A 92 6.65 0.25 -8.72
C THR A 92 6.28 -0.42 -7.41
N LEU A 93 5.66 0.34 -6.50
CA LEU A 93 5.24 -0.18 -5.21
C LEU A 93 3.76 -0.53 -5.21
N ASP A 94 3.46 -1.82 -5.14
CA ASP A 94 2.09 -2.30 -5.12
C ASP A 94 1.51 -2.25 -3.71
N VAL A 95 0.69 -1.23 -3.45
CA VAL A 95 0.07 -1.08 -2.14
C VAL A 95 -1.43 -1.34 -2.20
N ALA A 96 -1.84 -2.53 -1.79
CA ALA A 96 -3.26 -2.89 -1.79
C ALA A 96 -3.76 -3.18 -0.38
N VAL A 97 -4.71 -2.37 0.08
CA VAL A 97 -5.27 -2.54 1.41
C VAL A 97 -6.63 -3.26 1.34
N LYS A 98 -6.64 -4.51 1.79
CA LYS A 98 -7.85 -5.31 1.80
C LYS A 98 -8.05 -6.00 3.15
N ASN A 99 -9.17 -6.70 3.28
CA ASN A 99 -9.48 -7.41 4.52
C ASN A 99 -9.03 -8.86 4.44
N SER A 100 -8.15 -9.26 5.36
CA SER A 100 -7.64 -10.63 5.39
C SER A 100 -8.78 -11.62 5.61
N GLY A 101 -8.68 -12.77 4.94
CA GLY A 101 -9.71 -13.79 5.09
C GLY A 101 -11.05 -13.34 4.57
N GLY A 102 -12.12 -13.75 5.24
CA GLY A 102 -13.45 -13.36 4.83
C GLY A 102 -14.39 -14.55 4.73
N PHE A 103 -15.52 -14.36 4.05
CA PHE A 103 -16.50 -15.42 3.89
C PHE A 103 -16.04 -16.42 2.85
N LEU A 104 -15.62 -15.93 1.69
CA LEU A 104 -15.15 -16.79 0.61
C LEU A 104 -13.69 -17.19 0.82
N SER A 105 -13.35 -18.39 0.39
CA SER A 105 -11.99 -18.90 0.53
C SER A 105 -11.05 -18.24 -0.48
N LYS A 106 -11.52 -18.14 -1.73
CA LYS A 106 -10.73 -17.54 -2.80
C LYS A 106 -11.43 -16.31 -3.35
N ASP A 107 -10.92 -15.13 -3.02
CA ASP A 107 -11.49 -13.88 -3.50
C ASP A 107 -10.47 -12.76 -3.46
N LYS A 108 -10.88 -11.57 -3.84
CA LYS A 108 -10.00 -10.40 -3.85
C LYS A 108 -10.28 -9.50 -2.66
N GLY A 109 -11.55 -9.41 -2.27
CA GLY A 109 -11.92 -8.57 -1.14
C GLY A 109 -11.18 -7.26 -1.11
N LEU A 110 -10.97 -6.69 -2.29
CA LEU A 110 -10.26 -5.41 -2.41
C LEU A 110 -11.13 -4.26 -1.93
N LEU A 111 -10.66 -3.56 -0.89
CA LEU A 111 -11.39 -2.43 -0.33
C LEU A 111 -10.79 -1.11 -0.80
N GLY A 112 -9.49 -1.11 -1.03
CA GLY A 112 -8.81 0.10 -1.47
C GLY A 112 -7.36 -0.14 -1.82
N LYS A 113 -6.97 0.23 -3.03
CA LYS A 113 -5.60 0.05 -3.49
C LYS A 113 -5.10 1.29 -4.24
N VAL A 114 -3.78 1.42 -4.33
CA VAL A 114 -3.18 2.56 -5.02
C VAL A 114 -1.73 2.28 -5.39
N LEU A 115 -1.34 2.69 -6.59
CA LEU A 115 0.02 2.48 -7.07
C LEU A 115 0.87 3.73 -6.85
N VAL A 116 2.16 3.53 -6.61
CA VAL A 116 3.09 4.63 -6.40
C VAL A 116 4.30 4.53 -7.31
N ALA A 117 4.46 5.50 -8.19
CA ALA A 117 5.59 5.52 -9.12
C ALA A 117 6.86 5.98 -8.42
N LEU A 118 7.82 5.06 -8.29
CA LEU A 118 9.09 5.37 -7.63
C LEU A 118 10.11 5.87 -8.66
N ALA A 119 9.61 6.45 -9.75
CA ALA A 119 10.48 6.97 -10.79
C ALA A 119 10.76 8.46 -10.58
N SER A 120 10.70 8.90 -9.33
CA SER A 120 10.95 10.29 -8.98
C SER A 120 12.43 10.52 -8.67
N GLU A 121 12.75 11.75 -8.27
CA GLU A 121 14.13 12.09 -7.93
C GLU A 121 14.23 12.59 -6.49
N GLU A 122 13.07 12.75 -5.84
CA GLU A 122 13.03 13.23 -4.47
C GLU A 122 13.10 12.06 -3.48
N LEU A 123 13.56 10.91 -3.98
CA LEU A 123 13.68 9.72 -3.16
C LEU A 123 14.89 9.82 -2.22
N ALA A 124 15.91 10.54 -2.68
CA ALA A 124 17.12 10.72 -1.89
C ALA A 124 16.81 11.26 -0.49
N LYS A 125 15.84 12.16 -0.43
CA LYS A 125 15.44 12.76 0.84
C LYS A 125 14.19 12.08 1.38
N GLY A 126 13.20 11.88 0.52
CA GLY A 126 11.97 11.23 0.94
C GLY A 126 10.82 12.21 1.07
N TRP A 127 9.59 11.69 1.03
CA TRP A 127 8.41 12.53 1.14
C TRP A 127 7.28 11.78 1.83
N THR A 128 6.29 12.51 2.33
CA THR A 128 5.15 11.92 3.02
C THR A 128 3.84 12.52 2.52
N GLN A 129 2.89 11.64 2.19
CA GLN A 129 1.59 12.09 1.71
C GLN A 129 0.55 10.98 1.84
N TRP A 130 -0.72 11.34 1.72
CA TRP A 130 -1.81 10.38 1.83
C TRP A 130 -2.27 9.92 0.45
N TYR A 131 -2.11 8.63 0.18
CA TYR A 131 -2.52 8.06 -1.10
C TYR A 131 -3.95 7.57 -1.06
N ASP A 132 -4.87 8.35 -1.64
CA ASP A 132 -6.28 7.99 -1.67
C ASP A 132 -6.49 6.67 -2.41
N LEU A 133 -6.98 5.67 -1.69
CA LEU A 133 -7.23 4.36 -2.27
C LEU A 133 -8.32 4.44 -3.33
N THR A 134 -8.20 3.60 -4.37
CA THR A 134 -9.18 3.57 -5.45
C THR A 134 -9.57 2.15 -5.80
N GLU A 135 -10.44 1.99 -6.79
CA GLU A 135 -10.89 0.69 -7.23
C GLU A 135 -9.84 0.00 -8.10
N ASP A 136 -10.07 -1.27 -8.40
CA ASP A 136 -9.14 -2.03 -9.23
C ASP A 136 -9.22 -1.59 -10.69
N SER A 137 -10.39 -1.76 -11.29
CA SER A 137 -10.59 -1.38 -12.68
C SER A 137 -11.35 -0.06 -12.78
N GLY A 138 -10.78 0.88 -13.51
CA GLY A 138 -11.41 2.18 -13.68
C GLY A 138 -12.91 2.07 -13.86
N PRO A 139 -13.63 3.15 -13.49
CA PRO A 139 -15.09 3.19 -13.60
C PRO A 139 -15.56 3.25 -15.05
N SER A 140 -16.87 3.05 -15.26
CA SER A 140 -17.44 3.08 -16.60
C SER A 140 -18.95 3.30 -16.53
N SER A 141 -19.50 3.81 -17.62
CA SER A 141 -20.93 4.08 -17.69
C SER A 141 -21.42 4.77 -16.42
N GLY A 142 -20.63 5.72 -15.93
CA GLY A 142 -21.01 6.43 -14.72
C GLY A 142 -20.15 7.67 -14.49
N GLY A 1 -3.76 15.00 -14.46
CA GLY A 1 -4.68 15.25 -13.36
C GLY A 1 -3.96 15.67 -12.10
N SER A 2 -4.58 16.57 -11.34
CA SER A 2 -3.98 17.07 -10.10
C SER A 2 -3.78 15.94 -9.10
N SER A 3 -3.02 16.20 -8.05
CA SER A 3 -2.74 15.21 -7.02
C SER A 3 -3.11 15.73 -5.64
N GLY A 4 -3.86 14.92 -4.89
CA GLY A 4 -4.27 15.33 -3.56
C GLY A 4 -5.75 15.63 -3.47
N SER A 5 -6.58 14.64 -3.76
CA SER A 5 -8.02 14.80 -3.72
C SER A 5 -8.55 14.64 -2.29
N SER A 6 -9.29 15.63 -1.82
CA SER A 6 -9.85 15.60 -0.48
C SER A 6 -11.16 14.82 -0.45
N GLY A 7 -11.08 13.55 -0.07
CA GLY A 7 -12.26 12.72 -0.02
C GLY A 7 -12.09 11.40 -0.75
N SER A 8 -12.44 10.30 -0.09
CA SER A 8 -12.31 8.98 -0.69
C SER A 8 -13.27 7.99 -0.03
N PRO A 9 -14.16 7.40 -0.84
CA PRO A 9 -15.15 6.44 -0.36
C PRO A 9 -14.51 5.11 0.06
N LEU A 10 -13.32 4.85 -0.45
CA LEU A 10 -12.60 3.62 -0.13
C LEU A 10 -11.72 3.81 1.11
N GLY A 11 -10.94 4.89 1.10
CA GLY A 11 -10.07 5.17 2.23
C GLY A 11 -8.74 5.76 1.79
N GLN A 12 -7.86 5.99 2.76
CA GLN A 12 -6.54 6.56 2.47
C GLN A 12 -5.45 5.83 3.25
N ILE A 13 -4.21 6.28 3.08
CA ILE A 13 -3.08 5.67 3.77
C ILE A 13 -1.85 6.55 3.69
N GLN A 14 -1.12 6.67 4.80
CA GLN A 14 0.08 7.49 4.85
C GLN A 14 1.33 6.61 4.87
N LEU A 15 2.18 6.77 3.86
CA LEU A 15 3.41 6.00 3.76
C LEU A 15 4.59 6.90 3.40
N THR A 16 5.73 6.64 4.01
CA THR A 16 6.94 7.42 3.74
C THR A 16 7.92 6.64 2.87
N ILE A 17 7.98 7.01 1.60
CA ILE A 17 8.88 6.35 0.67
C ILE A 17 10.17 7.15 0.47
N ARG A 18 11.30 6.54 0.80
CA ARG A 18 12.59 7.20 0.66
C ARG A 18 13.68 6.19 0.33
N HIS A 19 14.27 6.33 -0.85
CA HIS A 19 15.33 5.44 -1.30
C HIS A 19 16.71 6.06 -1.09
N SER A 20 17.40 5.63 -0.04
CA SER A 20 18.72 6.16 0.27
C SER A 20 19.75 5.68 -0.75
N SER A 21 20.62 6.59 -1.17
CA SER A 21 21.65 6.27 -2.14
C SER A 21 22.86 5.61 -1.46
N GLN A 22 23.22 6.13 -0.29
CA GLN A 22 24.36 5.59 0.45
C GLN A 22 24.06 4.18 0.95
N ARG A 23 22.79 3.79 0.90
CA ARG A 23 22.39 2.46 1.34
C ARG A 23 21.75 1.67 0.20
N ASN A 24 21.12 2.39 -0.72
CA ASN A 24 20.47 1.76 -1.88
C ASN A 24 19.34 0.85 -1.42
N LYS A 25 18.53 1.33 -0.49
CA LYS A 25 17.41 0.56 0.03
C LYS A 25 16.13 1.40 0.04
N LEU A 26 15.00 0.74 -0.17
CA LEU A 26 13.71 1.42 -0.18
C LEU A 26 12.97 1.21 1.14
N ILE A 27 12.89 2.25 1.94
CA ILE A 27 12.21 2.19 3.23
C ILE A 27 10.78 2.73 3.13
N VAL A 28 9.82 1.95 3.63
CA VAL A 28 8.42 2.35 3.59
C VAL A 28 7.77 2.16 4.96
N VAL A 29 7.40 3.27 5.59
CA VAL A 29 6.76 3.23 6.89
C VAL A 29 5.24 3.32 6.77
N VAL A 30 4.54 2.43 7.47
CA VAL A 30 3.08 2.40 7.43
C VAL A 30 2.49 2.94 8.74
N HIS A 31 2.23 4.25 8.76
CA HIS A 31 1.66 4.88 9.94
C HIS A 31 0.36 4.21 10.35
N ALA A 32 -0.69 4.46 9.57
CA ALA A 32 -2.01 3.88 9.85
C ALA A 32 -2.99 4.16 8.71
N CYS A 33 -4.03 3.35 8.64
CA CYS A 33 -5.04 3.51 7.59
C CYS A 33 -6.36 3.98 8.19
N ARG A 34 -7.07 4.83 7.45
CA ARG A 34 -8.35 5.35 7.90
C ARG A 34 -9.39 5.28 6.79
N ASN A 35 -10.64 5.58 7.14
CA ASN A 35 -11.74 5.54 6.17
C ASN A 35 -11.77 4.21 5.44
N LEU A 36 -11.61 3.12 6.18
CA LEU A 36 -11.62 1.78 5.61
C LEU A 36 -12.97 1.11 5.83
N ILE A 37 -13.86 1.24 4.86
CA ILE A 37 -15.19 0.64 4.94
C ILE A 37 -15.09 -0.86 5.23
N ALA A 38 -16.10 -1.38 5.92
CA ALA A 38 -16.13 -2.81 6.25
C ALA A 38 -17.22 -3.52 5.47
N PHE A 39 -16.88 -4.65 4.88
CA PHE A 39 -17.82 -5.45 4.10
C PHE A 39 -19.09 -5.72 4.91
N SER A 40 -18.93 -5.78 6.23
CA SER A 40 -20.06 -6.06 7.11
C SER A 40 -19.91 -5.29 8.42
N GLU A 41 -20.86 -4.39 8.69
CA GLU A 41 -20.84 -3.58 9.90
C GLU A 41 -20.26 -4.38 11.07
N ASP A 42 -20.71 -5.62 11.20
CA ASP A 42 -20.24 -6.49 12.28
C ASP A 42 -18.77 -6.24 12.59
N GLY A 43 -17.95 -6.21 11.53
CA GLY A 43 -16.53 -5.98 11.72
C GLY A 43 -15.69 -6.62 10.64
N SER A 44 -14.52 -6.05 10.37
CA SER A 44 -13.62 -6.57 9.34
C SER A 44 -12.17 -6.53 9.82
N ASP A 45 -11.34 -7.35 9.19
CA ASP A 45 -9.93 -7.41 9.55
C ASP A 45 -9.06 -6.84 8.43
N PRO A 46 -8.90 -5.51 8.44
CA PRO A 46 -8.10 -4.81 7.43
C PRO A 46 -6.61 -5.07 7.58
N TYR A 47 -5.92 -5.23 6.46
CA TYR A 47 -4.49 -5.49 6.47
C TYR A 47 -3.80 -4.88 5.25
N VAL A 48 -2.68 -4.20 5.49
CA VAL A 48 -1.94 -3.56 4.41
C VAL A 48 -0.86 -4.49 3.86
N ARG A 49 -0.63 -4.41 2.55
CA ARG A 49 0.38 -5.25 1.91
C ARG A 49 1.24 -4.43 0.95
N MET A 50 2.49 -4.84 0.79
CA MET A 50 3.41 -4.14 -0.09
C MET A 50 4.23 -5.12 -0.91
N TYR A 51 4.66 -4.70 -2.10
CA TYR A 51 5.45 -5.55 -2.98
C TYR A 51 6.41 -4.71 -3.82
N LEU A 52 7.35 -5.39 -4.47
CA LEU A 52 8.34 -4.71 -5.31
C LEU A 52 8.31 -5.25 -6.73
N LEU A 53 7.45 -4.68 -7.56
CA LEU A 53 7.33 -5.11 -8.96
C LEU A 53 8.60 -4.80 -9.73
N PRO A 54 8.85 -5.58 -10.79
CA PRO A 54 7.97 -6.69 -11.19
C PRO A 54 7.99 -7.84 -10.19
N ASP A 55 9.20 -8.25 -9.79
CA ASP A 55 9.36 -9.34 -8.85
C ASP A 55 8.25 -9.32 -7.80
N LYS A 56 7.40 -10.35 -7.82
CA LYS A 56 6.30 -10.45 -6.87
C LYS A 56 6.58 -11.52 -5.83
N ARG A 57 7.76 -11.47 -5.23
CA ARG A 57 8.15 -12.44 -4.22
C ARG A 57 7.04 -12.62 -3.19
N ARG A 58 6.19 -13.62 -3.41
CA ARG A 58 5.08 -13.89 -2.50
C ARG A 58 5.55 -14.72 -1.31
N SER A 59 6.74 -15.30 -1.43
CA SER A 59 7.30 -16.13 -0.37
C SER A 59 7.80 -15.27 0.78
N GLY A 60 8.30 -14.08 0.45
CA GLY A 60 8.80 -13.18 1.48
C GLY A 60 8.16 -11.81 1.40
N ARG A 61 6.91 -11.77 0.97
CA ARG A 61 6.17 -10.52 0.86
C ARG A 61 6.24 -9.73 2.16
N ARG A 62 6.11 -8.41 2.06
CA ARG A 62 6.15 -7.55 3.24
C ARG A 62 4.80 -6.89 3.48
N LYS A 63 4.13 -7.31 4.55
CA LYS A 63 2.82 -6.77 4.90
C LYS A 63 2.72 -6.51 6.40
N THR A 64 1.66 -5.82 6.80
CA THR A 64 1.45 -5.51 8.21
C THR A 64 0.49 -6.50 8.86
N HIS A 65 0.59 -6.64 10.18
CA HIS A 65 -0.26 -7.57 10.91
C HIS A 65 -1.73 -7.32 10.60
N VAL A 66 -2.56 -8.35 10.79
CA VAL A 66 -3.99 -8.23 10.52
C VAL A 66 -4.76 -7.90 11.79
N SER A 67 -5.26 -6.66 11.87
CA SER A 67 -6.01 -6.21 13.03
C SER A 67 -7.49 -6.48 12.86
N LYS A 68 -8.18 -6.77 13.96
CA LYS A 68 -9.60 -7.05 13.93
C LYS A 68 -10.37 -6.05 14.78
N LYS A 69 -11.69 -6.00 14.59
CA LYS A 69 -12.54 -5.08 15.33
C LYS A 69 -11.96 -3.67 15.33
N THR A 70 -11.68 -3.16 14.13
CA THR A 70 -11.12 -1.83 13.99
C THR A 70 -11.13 -1.38 12.52
N LEU A 71 -11.68 -0.19 12.28
CA LEU A 71 -11.76 0.35 10.93
C LEU A 71 -10.51 1.17 10.60
N ASN A 72 -9.93 1.78 11.62
CA ASN A 72 -8.72 2.59 11.44
C ASN A 72 -7.54 1.97 12.17
N PRO A 73 -6.95 0.93 11.57
CA PRO A 73 -5.80 0.23 12.14
C PRO A 73 -4.53 1.08 12.12
N VAL A 74 -3.54 0.68 12.92
CA VAL A 74 -2.28 1.41 12.99
C VAL A 74 -1.12 0.48 13.34
N PHE A 75 -0.14 0.41 12.45
CA PHE A 75 1.02 -0.45 12.66
C PHE A 75 2.29 0.38 12.80
N ASP A 76 2.25 1.61 12.29
CA ASP A 76 3.40 2.50 12.37
C ASP A 76 4.70 1.73 12.22
N GLN A 77 4.64 0.64 11.45
CA GLN A 77 5.83 -0.18 11.21
C GLN A 77 6.69 0.40 10.10
N SER A 78 7.92 -0.07 10.00
CA SER A 78 8.85 0.40 8.98
C SER A 78 9.50 -0.77 8.25
N PHE A 79 9.25 -0.85 6.95
CA PHE A 79 9.81 -1.93 6.14
C PHE A 79 11.00 -1.43 5.31
N ASP A 80 11.66 -2.35 4.62
CA ASP A 80 12.80 -2.00 3.79
C ASP A 80 12.99 -3.00 2.67
N PHE A 81 13.60 -2.56 1.57
CA PHE A 81 13.84 -3.43 0.42
C PHE A 81 15.18 -3.11 -0.23
N SER A 82 16.07 -4.09 -0.24
CA SER A 82 17.40 -3.91 -0.83
C SER A 82 17.30 -3.77 -2.36
N VAL A 83 17.13 -2.54 -2.81
CA VAL A 83 17.02 -2.27 -4.25
C VAL A 83 17.69 -0.95 -4.61
N SER A 84 18.48 -0.97 -5.68
CA SER A 84 19.19 0.22 -6.13
C SER A 84 18.23 1.21 -6.79
N LEU A 85 18.50 2.50 -6.62
CA LEU A 85 17.66 3.54 -7.20
C LEU A 85 17.43 3.28 -8.69
N PRO A 86 18.50 2.93 -9.40
CA PRO A 86 18.43 2.65 -10.84
C PRO A 86 17.29 1.71 -11.19
N GLU A 87 17.10 0.68 -10.38
CA GLU A 87 16.04 -0.29 -10.60
C GLU A 87 14.70 0.22 -10.07
N VAL A 88 14.67 0.54 -8.78
CA VAL A 88 13.46 1.05 -8.14
C VAL A 88 12.73 2.03 -9.04
N GLN A 89 13.48 2.65 -9.96
CA GLN A 89 12.90 3.62 -10.89
C GLN A 89 11.84 2.96 -11.76
N ARG A 90 12.23 1.92 -12.48
CA ARG A 90 11.32 1.21 -13.36
C ARG A 90 10.35 0.36 -12.56
N ARG A 91 10.70 0.08 -11.31
CA ARG A 91 9.86 -0.72 -10.44
C ARG A 91 8.74 0.12 -9.83
N THR A 92 7.77 -0.55 -9.22
CA THR A 92 6.64 0.13 -8.60
C THR A 92 6.27 -0.51 -7.27
N LEU A 93 5.68 0.28 -6.38
CA LEU A 93 5.28 -0.21 -5.06
C LEU A 93 3.79 -0.56 -5.05
N ASP A 94 3.50 -1.85 -5.13
CA ASP A 94 2.12 -2.32 -5.12
C ASP A 94 1.53 -2.27 -3.72
N VAL A 95 0.71 -1.26 -3.47
CA VAL A 95 0.09 -1.09 -2.16
C VAL A 95 -1.42 -1.31 -2.24
N ALA A 96 -1.89 -2.41 -1.64
CA ALA A 96 -3.31 -2.73 -1.65
C ALA A 96 -3.80 -3.02 -0.24
N VAL A 97 -4.84 -2.31 0.19
CA VAL A 97 -5.41 -2.50 1.52
C VAL A 97 -6.73 -3.26 1.44
N LYS A 98 -6.69 -4.54 1.79
CA LYS A 98 -7.87 -5.38 1.78
C LYS A 98 -8.23 -5.87 3.17
N ASN A 99 -9.27 -6.68 3.27
CA ASN A 99 -9.70 -7.22 4.56
C ASN A 99 -9.42 -8.72 4.64
N SER A 100 -8.44 -9.08 5.47
CA SER A 100 -8.07 -10.48 5.64
C SER A 100 -9.19 -11.26 6.32
N GLY A 101 -9.62 -12.35 5.67
CA GLY A 101 -10.68 -13.17 6.22
C GLY A 101 -11.38 -13.99 5.16
N GLY A 102 -12.19 -13.33 4.33
CA GLY A 102 -12.91 -14.04 3.29
C GLY A 102 -13.83 -15.11 3.83
N PHE A 103 -15.12 -15.01 3.50
CA PHE A 103 -16.10 -15.99 3.96
C PHE A 103 -16.99 -16.46 2.81
N LEU A 104 -16.38 -16.63 1.63
CA LEU A 104 -17.12 -17.08 0.46
C LEU A 104 -16.35 -18.16 -0.29
N SER A 105 -16.97 -18.69 -1.34
CA SER A 105 -16.34 -19.73 -2.15
C SER A 105 -14.97 -19.28 -2.66
N LYS A 106 -14.99 -18.35 -3.61
CA LYS A 106 -13.76 -17.82 -4.20
C LYS A 106 -13.92 -16.34 -4.55
N ASP A 107 -13.09 -15.51 -3.92
CA ASP A 107 -13.12 -14.08 -4.17
C ASP A 107 -11.94 -13.38 -3.51
N LYS A 108 -11.55 -12.23 -4.07
CA LYS A 108 -10.43 -11.46 -3.54
C LYS A 108 -10.92 -10.41 -2.54
N GLY A 109 -12.14 -9.92 -2.75
CA GLY A 109 -12.69 -8.92 -1.86
C GLY A 109 -11.75 -7.75 -1.65
N LEU A 110 -11.47 -7.02 -2.71
CA LEU A 110 -10.58 -5.87 -2.63
C LEU A 110 -11.32 -4.64 -2.11
N LEU A 111 -10.76 -4.00 -1.09
CA LEU A 111 -11.36 -2.81 -0.50
C LEU A 111 -10.82 -1.55 -1.16
N GLY A 112 -9.50 -1.50 -1.32
CA GLY A 112 -8.88 -0.33 -1.94
C GLY A 112 -7.39 -0.54 -2.18
N LYS A 113 -6.90 0.04 -3.26
CA LYS A 113 -5.47 -0.08 -3.61
C LYS A 113 -5.00 1.15 -4.37
N VAL A 114 -3.72 1.47 -4.23
CA VAL A 114 -3.14 2.62 -4.91
C VAL A 114 -1.69 2.35 -5.29
N LEU A 115 -1.36 2.62 -6.56
CA LEU A 115 -0.02 2.41 -7.06
C LEU A 115 0.81 3.69 -6.96
N VAL A 116 2.11 3.54 -6.76
CA VAL A 116 3.02 4.68 -6.64
C VAL A 116 4.24 4.50 -7.53
N ALA A 117 4.40 5.39 -8.50
CA ALA A 117 5.53 5.35 -9.42
C ALA A 117 6.82 5.80 -8.74
N LEU A 118 7.72 4.86 -8.48
CA LEU A 118 8.99 5.17 -7.85
C LEU A 118 10.02 5.64 -8.86
N ALA A 119 9.54 6.17 -9.98
CA ALA A 119 10.43 6.65 -11.03
C ALA A 119 10.78 8.13 -10.84
N SER A 120 10.68 8.59 -9.58
CA SER A 120 10.97 9.97 -9.26
C SER A 120 12.36 10.10 -8.64
N GLU A 121 12.91 11.31 -8.68
CA GLU A 121 14.23 11.57 -8.12
C GLU A 121 14.13 11.99 -6.66
N GLU A 122 13.05 12.70 -6.33
CA GLU A 122 12.84 13.16 -4.95
C GLU A 122 13.17 12.07 -3.95
N LEU A 123 13.10 10.82 -4.39
CA LEU A 123 13.39 9.67 -3.53
C LEU A 123 14.65 9.93 -2.71
N ALA A 124 15.71 10.38 -3.38
CA ALA A 124 16.98 10.66 -2.71
C ALA A 124 16.74 11.26 -1.33
N LYS A 125 15.69 12.07 -1.21
CA LYS A 125 15.35 12.71 0.06
C LYS A 125 14.14 12.03 0.71
N GLY A 126 13.13 11.72 -0.10
CA GLY A 126 11.94 11.08 0.41
C GLY A 126 10.82 12.07 0.66
N TRP A 127 9.59 11.55 0.74
CA TRP A 127 8.42 12.40 0.97
C TRP A 127 7.37 11.64 1.79
N THR A 128 6.34 12.36 2.21
CA THR A 128 5.26 11.77 2.99
C THR A 128 3.91 12.39 2.63
N GLN A 129 2.97 11.54 2.24
CA GLN A 129 1.63 12.00 1.86
C GLN A 129 0.62 10.88 1.97
N TRP A 130 -0.67 11.23 1.93
CA TRP A 130 -1.74 10.25 2.02
C TRP A 130 -2.16 9.76 0.64
N TYR A 131 -1.83 8.51 0.33
CA TYR A 131 -2.17 7.93 -0.97
C TYR A 131 -3.62 7.47 -0.99
N ASP A 132 -4.46 8.25 -1.65
CA ASP A 132 -5.88 7.93 -1.75
C ASP A 132 -6.09 6.59 -2.45
N LEU A 133 -6.72 5.65 -1.76
CA LEU A 133 -6.98 4.33 -2.32
C LEU A 133 -8.00 4.40 -3.44
N THR A 134 -7.96 3.43 -4.34
CA THR A 134 -8.89 3.37 -5.46
C THR A 134 -9.19 1.93 -5.85
N GLU A 135 -10.29 1.74 -6.59
CA GLU A 135 -10.70 0.41 -7.02
C GLU A 135 -9.80 -0.08 -8.15
N ASP A 136 -9.78 -1.40 -8.34
CA ASP A 136 -8.96 -2.01 -9.39
C ASP A 136 -9.59 -1.77 -10.77
N SER A 137 -9.38 -0.57 -11.31
CA SER A 137 -9.92 -0.22 -12.61
C SER A 137 -8.93 -0.54 -13.72
N GLY A 138 -9.19 -1.62 -14.45
CA GLY A 138 -8.32 -2.02 -15.53
C GLY A 138 -8.78 -3.30 -16.21
N PRO A 139 -8.55 -3.38 -17.53
CA PRO A 139 -8.94 -4.56 -18.32
C PRO A 139 -8.09 -5.79 -18.00
N SER A 140 -8.70 -6.76 -17.34
CA SER A 140 -8.00 -7.98 -16.96
C SER A 140 -8.03 -9.00 -18.11
N SER A 141 -7.06 -9.91 -18.10
CA SER A 141 -6.98 -10.93 -19.14
C SER A 141 -7.39 -12.29 -18.60
N GLY A 142 -8.27 -12.97 -19.34
CA GLY A 142 -8.74 -14.27 -18.92
C GLY A 142 -9.88 -14.19 -17.92
#